data_6CKV
#
_entry.id   6CKV
#
_entity_poly.entity_id   1
_entity_poly.type   'polypeptide(L)'
_entity_poly.pdbx_seq_one_letter_code
;MSPTDKELVAQAKALGREYVHARLLRAGLSWSAPERAAPVPGRLAEVAAVLLRLGDELEMIRPSVYRNVARQLHISLQSE
RVVTDAFLAVAGHIFSAGITWGKVVSLYAVAAGLAVDAVRQAQPAMVHALVDALGEFVRKTLATWLRRRGGWTDVLKC
;
_entity_poly.pdbx_strand_id   A
#
# COMPACT_ATOMS: atom_id res chain seq x y z
N PRO A 3 2.61 1.73 -22.87
CA PRO A 3 2.25 2.81 -21.96
C PRO A 3 1.02 2.49 -21.13
N THR A 4 0.53 3.48 -20.38
CA THR A 4 -0.65 3.29 -19.53
C THR A 4 -0.32 2.44 -18.31
N ASP A 5 -0.03 1.15 -18.55
CA ASP A 5 0.30 0.25 -17.46
C ASP A 5 1.42 0.81 -16.60
N LYS A 6 2.35 1.52 -17.22
CA LYS A 6 3.46 2.11 -16.50
C LYS A 6 2.97 3.17 -15.51
N GLU A 7 1.90 3.85 -15.87
CA GLU A 7 1.33 4.89 -15.01
C GLU A 7 0.79 4.29 -13.72
N LEU A 8 0.07 3.18 -13.84
CA LEU A 8 -0.51 2.51 -12.68
C LEU A 8 0.59 1.90 -11.81
N VAL A 9 1.53 1.21 -12.46
CA VAL A 9 2.64 0.58 -11.75
C VAL A 9 3.50 1.63 -11.04
N ALA A 10 4.05 2.56 -11.81
CA ALA A 10 4.89 3.61 -11.26
C ALA A 10 4.18 4.35 -10.13
N GLN A 11 2.94 4.74 -10.38
CA GLN A 11 2.15 5.46 -9.37
C GLN A 11 1.90 4.58 -8.15
N ALA A 12 1.23 3.45 -8.36
CA ALA A 12 0.94 2.53 -7.27
C ALA A 12 2.17 2.29 -6.40
N LYS A 13 3.29 2.01 -7.05
CA LYS A 13 4.54 1.76 -6.33
C LYS A 13 4.93 2.96 -5.47
N ALA A 14 5.08 4.12 -6.10
CA ALA A 14 5.44 5.33 -5.38
C ALA A 14 4.56 5.53 -4.16
N LEU A 15 3.25 5.38 -4.34
CA LEU A 15 2.30 5.53 -3.24
C LEU A 15 2.63 4.59 -2.09
N GLY A 16 2.59 3.30 -2.36
CA GLY A 16 2.89 2.30 -1.35
C GLY A 16 4.25 2.53 -0.70
N ARG A 17 5.28 2.69 -1.53
CA ARG A 17 6.63 2.91 -1.05
C ARG A 17 6.65 4.00 0.03
N GLU A 18 6.30 5.21 -0.37
CA GLU A 18 6.28 6.34 0.55
C GLU A 18 5.39 6.05 1.76
N TYR A 19 4.33 5.27 1.53
CA TYR A 19 3.40 4.92 2.60
C TYR A 19 4.12 4.13 3.70
N VAL A 20 4.56 2.93 3.36
CA VAL A 20 5.26 2.08 4.32
C VAL A 20 6.40 2.83 4.99
N HIS A 21 7.22 3.49 4.18
CA HIS A 21 8.36 4.25 4.69
C HIS A 21 7.89 5.34 5.66
N ALA A 22 6.76 5.95 5.33
CA ALA A 22 6.21 7.01 6.17
C ALA A 22 5.87 6.49 7.57
N ARG A 23 4.96 5.52 7.63
CA ARG A 23 4.56 4.93 8.90
C ARG A 23 5.74 4.24 9.58
N LEU A 24 6.67 3.75 8.79
CA LEU A 24 7.85 3.07 9.31
C LEU A 24 8.80 4.06 9.99
N LEU A 25 9.09 5.15 9.30
CA LEU A 25 9.98 6.18 9.83
C LEU A 25 9.31 6.95 10.95
N ARG A 26 7.98 6.98 10.93
CA ARG A 26 7.21 7.69 11.95
C ARG A 26 7.13 6.88 13.24
N ALA A 27 6.91 5.58 13.10
CA ALA A 27 6.81 4.69 14.25
C ALA A 27 8.14 4.64 15.01
N GLY A 28 9.23 4.49 14.28
CA GLY A 28 10.54 4.43 14.91
C GLY A 28 11.59 3.83 13.99
N LEU A 29 12.62 3.23 14.58
CA LEU A 29 13.69 2.61 13.81
C LEU A 29 14.44 3.66 13.00
N SER A 30 15.65 3.32 12.57
CA SER A 30 16.47 4.23 11.78
C SER A 30 16.00 4.28 10.33
N TRP A 31 16.38 3.28 9.55
CA TRP A 31 16.00 3.21 8.14
C TRP A 31 16.49 4.44 7.39
N SER A 32 17.52 4.24 6.57
CA SER A 32 18.09 5.33 5.78
C SER A 32 17.41 5.44 4.43
N ALA A 33 16.61 4.43 4.09
CA ALA A 33 15.90 4.40 2.81
C ALA A 33 16.87 4.32 1.64
N PRO A 34 16.35 3.92 0.47
CA PRO A 34 17.16 3.77 -0.74
C PRO A 34 17.61 5.13 -1.30
N GLU A 35 17.15 6.20 -0.66
CA GLU A 35 17.51 7.55 -1.10
C GLU A 35 17.56 7.64 -2.61
N ARG A 36 16.42 7.37 -3.25
CA ARG A 36 16.33 7.43 -4.71
C ARG A 36 15.32 8.48 -5.15
N ALA A 37 15.58 9.73 -4.77
CA ALA A 37 14.70 10.83 -5.13
C ALA A 37 14.41 10.84 -6.63
N ALA A 38 13.44 11.66 -7.03
CA ALA A 38 13.07 11.76 -8.44
C ALA A 38 11.97 12.79 -8.64
N PRO A 39 11.82 13.26 -9.89
CA PRO A 39 10.81 14.26 -10.25
C PRO A 39 9.40 13.70 -10.19
N VAL A 40 8.46 14.49 -9.66
CA VAL A 40 7.07 14.07 -9.55
C VAL A 40 6.13 15.26 -9.69
N PRO A 41 5.09 15.08 -10.52
CA PRO A 41 4.09 16.12 -10.76
C PRO A 41 3.20 16.37 -9.54
N GLY A 42 2.18 17.21 -9.73
CA GLY A 42 1.28 17.52 -8.64
C GLY A 42 0.24 16.44 -8.41
N ARG A 43 -0.12 15.74 -9.50
CA ARG A 43 -1.10 14.68 -9.42
C ARG A 43 -0.66 13.58 -8.46
N LEU A 44 0.52 13.02 -8.72
CA LEU A 44 1.07 11.95 -7.89
C LEU A 44 1.13 12.39 -6.43
N ALA A 45 1.83 13.49 -6.17
CA ALA A 45 1.96 14.01 -4.81
C ALA A 45 0.59 14.19 -4.16
N GLU A 46 -0.38 14.61 -4.97
CA GLU A 46 -1.73 14.83 -4.48
C GLU A 46 -2.34 13.53 -3.94
N VAL A 47 -2.37 12.51 -4.80
CA VAL A 47 -2.92 11.22 -4.41
C VAL A 47 -2.19 10.65 -3.21
N ALA A 48 -0.88 10.53 -3.32
CA ALA A 48 -0.05 10.00 -2.24
C ALA A 48 -0.38 10.68 -0.91
N ALA A 49 -0.38 12.01 -0.91
CA ALA A 49 -0.69 12.78 0.29
C ALA A 49 -2.05 12.42 0.84
N VAL A 50 -3.06 12.43 -0.02
CA VAL A 50 -4.42 12.10 0.38
C VAL A 50 -4.47 10.78 1.15
N LEU A 51 -3.77 9.77 0.62
CA LEU A 51 -3.73 8.46 1.26
C LEU A 51 -3.00 8.52 2.60
N LEU A 52 -1.93 9.31 2.64
CA LEU A 52 -1.15 9.46 3.87
C LEU A 52 -1.99 10.07 4.98
N ARG A 53 -2.45 11.31 4.76
CA ARG A 53 -3.27 12.00 5.73
C ARG A 53 -4.48 11.16 6.13
N LEU A 54 -5.18 10.64 5.12
CA LEU A 54 -6.36 9.82 5.35
C LEU A 54 -6.04 8.64 6.28
N GLY A 55 -5.15 7.77 5.83
CA GLY A 55 -4.76 6.62 6.62
C GLY A 55 -4.22 7.01 7.98
N ASP A 56 -3.20 7.86 7.98
CA ASP A 56 -2.59 8.31 9.22
C ASP A 56 -3.64 8.82 10.20
N GLU A 57 -4.50 9.72 9.73
CA GLU A 57 -5.55 10.28 10.57
C GLU A 57 -6.37 9.17 11.24
N LEU A 58 -7.00 8.34 10.41
CA LEU A 58 -7.80 7.23 10.92
C LEU A 58 -7.00 6.36 11.88
N GLU A 59 -5.79 5.99 11.46
CA GLU A 59 -4.93 5.15 12.29
C GLU A 59 -4.60 5.84 13.61
N MET A 60 -4.71 7.17 13.61
CA MET A 60 -4.42 7.96 14.81
C MET A 60 -5.64 8.00 15.73
N ILE A 61 -6.83 8.01 15.13
CA ILE A 61 -8.06 8.04 15.90
C ILE A 61 -8.33 6.72 16.59
N ARG A 62 -8.56 5.68 15.81
CA ARG A 62 -8.82 4.35 16.35
C ARG A 62 -9.06 3.33 15.23
N PRO A 63 -7.96 2.89 14.59
CA PRO A 63 -8.03 1.91 13.50
C PRO A 63 -8.43 0.53 13.98
N SER A 64 -9.28 -0.14 13.19
CA SER A 64 -9.75 -1.47 13.54
C SER A 64 -8.59 -2.44 13.70
N VAL A 65 -7.76 -2.53 12.66
CA VAL A 65 -6.60 -3.42 12.68
C VAL A 65 -5.53 -2.96 11.70
N TYR A 66 -4.98 -1.77 11.96
CA TYR A 66 -3.95 -1.22 11.09
C TYR A 66 -2.56 -1.69 11.52
N ARG A 67 -2.53 -2.65 12.43
CA ARG A 67 -1.27 -3.20 12.93
C ARG A 67 -1.51 -4.43 13.78
N ASN A 68 -2.16 -5.44 13.19
CA ASN A 68 -2.46 -6.68 13.90
C ASN A 68 -3.28 -7.63 13.02
N VAL A 69 -4.01 -7.05 12.07
CA VAL A 69 -4.83 -7.84 11.16
C VAL A 69 -4.08 -9.09 10.68
N ALA A 70 -2.80 -8.91 10.38
CA ALA A 70 -1.97 -10.02 9.92
C ALA A 70 -2.16 -11.25 10.80
N ARG A 71 -2.07 -11.06 12.11
CA ARG A 71 -2.24 -12.16 13.05
C ARG A 71 -3.61 -12.79 12.92
N GLN A 72 -4.62 -11.97 12.63
CA GLN A 72 -5.99 -12.44 12.48
C GLN A 72 -6.08 -13.49 11.37
N LEU A 73 -5.08 -13.50 10.49
CA LEU A 73 -5.05 -14.45 9.38
C LEU A 73 -3.74 -15.22 9.37
N HIS A 74 -2.94 -15.04 10.41
CA HIS A 74 -1.65 -15.72 10.51
C HIS A 74 -0.88 -15.63 9.19
N ILE A 75 -0.83 -14.43 8.63
CA ILE A 75 -0.12 -14.21 7.39
C ILE A 75 1.29 -14.81 7.42
N SER A 76 1.93 -14.69 8.58
CA SER A 76 3.28 -15.22 8.76
C SER A 76 4.27 -14.47 7.88
N LEU A 77 4.73 -13.32 8.36
CA LEU A 77 5.68 -12.50 7.62
C LEU A 77 7.02 -13.22 7.49
N GLN A 78 7.19 -14.29 8.26
CA GLN A 78 8.43 -15.06 8.23
C GLN A 78 8.82 -15.41 6.79
N SER A 79 7.83 -15.82 6.00
CA SER A 79 8.07 -16.18 4.61
C SER A 79 7.70 -15.04 3.68
N GLU A 80 7.92 -15.25 2.37
CA GLU A 80 7.61 -14.23 1.38
C GLU A 80 6.46 -14.68 0.48
N ARG A 81 6.39 -15.97 0.22
CA ARG A 81 5.34 -16.53 -0.63
C ARG A 81 4.00 -16.52 0.11
N VAL A 82 4.04 -16.70 1.42
CA VAL A 82 2.84 -16.72 2.24
C VAL A 82 2.25 -15.31 2.39
N VAL A 83 3.14 -14.33 2.58
CA VAL A 83 2.72 -12.95 2.74
C VAL A 83 2.19 -12.38 1.42
N THR A 84 2.84 -12.74 0.33
CA THR A 84 2.42 -12.27 -0.99
C THR A 84 1.11 -12.90 -1.42
N ASP A 85 1.04 -14.23 -1.35
CA ASP A 85 -0.16 -14.95 -1.72
C ASP A 85 -1.35 -14.55 -0.85
N ALA A 86 -1.11 -14.48 0.46
CA ALA A 86 -2.16 -14.09 1.40
C ALA A 86 -2.67 -12.68 1.11
N PHE A 87 -1.74 -11.73 1.04
CA PHE A 87 -2.09 -10.34 0.77
C PHE A 87 -2.81 -10.21 -0.57
N LEU A 88 -2.26 -10.85 -1.59
CA LEU A 88 -2.85 -10.81 -2.93
C LEU A 88 -4.27 -11.38 -2.92
N ALA A 89 -4.47 -12.42 -2.11
CA ALA A 89 -5.78 -13.05 -2.01
C ALA A 89 -6.80 -12.11 -1.37
N VAL A 90 -6.52 -11.68 -0.15
CA VAL A 90 -7.42 -10.78 0.57
C VAL A 90 -7.71 -9.53 -0.26
N ALA A 91 -6.70 -9.04 -0.96
CA ALA A 91 -6.84 -7.85 -1.80
C ALA A 91 -7.81 -8.12 -2.95
N GLY A 92 -7.42 -9.01 -3.86
CA GLY A 92 -8.25 -9.32 -4.99
C GLY A 92 -9.63 -9.82 -4.58
N HIS A 93 -9.72 -10.40 -3.39
CA HIS A 93 -10.98 -10.91 -2.88
C HIS A 93 -11.92 -9.77 -2.50
N ILE A 94 -11.42 -8.85 -1.68
CA ILE A 94 -12.21 -7.71 -1.24
C ILE A 94 -12.42 -6.71 -2.38
N PHE A 95 -11.51 -6.75 -3.36
CA PHE A 95 -11.58 -5.84 -4.50
C PHE A 95 -12.45 -6.43 -5.61
N SER A 96 -12.55 -7.76 -5.62
CA SER A 96 -13.33 -8.46 -6.63
C SER A 96 -14.80 -8.05 -6.55
N ALA A 97 -15.23 -7.64 -5.36
CA ALA A 97 -16.60 -7.23 -5.14
C ALA A 97 -16.77 -5.73 -5.37
N GLY A 98 -15.81 -5.13 -6.08
CA GLY A 98 -15.88 -3.71 -6.34
C GLY A 98 -14.63 -2.98 -5.86
N ILE A 99 -13.79 -2.56 -6.80
CA ILE A 99 -12.57 -1.84 -6.46
C ILE A 99 -12.86 -0.61 -5.62
N THR A 100 -13.49 0.39 -6.24
CA THR A 100 -13.83 1.63 -5.55
C THR A 100 -12.59 2.29 -4.96
N TRP A 101 -12.74 3.53 -4.51
CA TRP A 101 -11.63 4.27 -3.93
C TRP A 101 -11.47 3.92 -2.46
N GLY A 102 -12.58 3.80 -1.74
CA GLY A 102 -12.53 3.48 -0.33
C GLY A 102 -11.69 2.23 -0.05
N LYS A 103 -12.03 1.14 -0.73
CA LYS A 103 -11.31 -0.12 -0.55
C LYS A 103 -9.80 0.10 -0.70
N VAL A 104 -9.42 0.97 -1.61
CA VAL A 104 -8.01 1.27 -1.85
C VAL A 104 -7.37 1.91 -0.63
N VAL A 105 -7.99 2.98 -0.14
CA VAL A 105 -7.47 3.68 1.04
C VAL A 105 -7.20 2.71 2.19
N SER A 106 -8.25 1.99 2.60
CA SER A 106 -8.13 1.03 3.69
C SER A 106 -7.07 -0.02 3.38
N LEU A 107 -7.07 -0.49 2.14
CA LEU A 107 -6.11 -1.50 1.71
C LEU A 107 -4.67 -1.04 1.96
N TYR A 108 -4.25 -0.02 1.23
CA TYR A 108 -2.90 0.52 1.39
C TYR A 108 -2.54 0.67 2.86
N ALA A 109 -3.45 1.24 3.63
CA ALA A 109 -3.24 1.44 5.07
C ALA A 109 -2.82 0.15 5.74
N VAL A 110 -3.60 -0.91 5.54
CA VAL A 110 -3.31 -2.21 6.13
C VAL A 110 -1.92 -2.69 5.74
N ALA A 111 -1.64 -2.67 4.44
CA ALA A 111 -0.35 -3.10 3.93
C ALA A 111 0.79 -2.43 4.68
N ALA A 112 0.70 -1.12 4.85
CA ALA A 112 1.72 -0.35 5.56
C ALA A 112 1.90 -0.87 6.98
N GLY A 113 0.78 -1.17 7.64
CA GLY A 113 0.84 -1.68 9.00
C GLY A 113 1.64 -2.95 9.12
N LEU A 114 1.34 -3.93 8.26
CA LEU A 114 2.03 -5.21 8.28
C LEU A 114 3.52 -5.02 8.01
N ALA A 115 3.84 -4.22 6.99
CA ALA A 115 5.23 -3.96 6.63
C ALA A 115 6.00 -3.35 7.80
N VAL A 116 5.41 -2.32 8.40
CA VAL A 116 6.04 -1.64 9.54
C VAL A 116 6.33 -2.62 10.67
N ASP A 117 5.30 -3.36 11.08
CA ASP A 117 5.46 -4.34 12.15
C ASP A 117 6.64 -5.27 11.88
N ALA A 118 6.66 -5.86 10.68
CA ALA A 118 7.73 -6.77 10.30
C ALA A 118 9.10 -6.10 10.43
N VAL A 119 9.20 -4.88 9.93
CA VAL A 119 10.45 -4.13 10.00
C VAL A 119 10.95 -4.03 11.45
N ARG A 120 10.05 -3.68 12.36
CA ARG A 120 10.40 -3.54 13.76
C ARG A 120 10.69 -4.91 14.38
N GLN A 121 10.11 -5.95 13.79
CA GLN A 121 10.30 -7.31 14.29
C GLN A 121 11.45 -7.99 13.56
N ALA A 122 12.32 -7.20 12.95
CA ALA A 122 13.46 -7.73 12.22
C ALA A 122 13.01 -8.52 11.00
N GLN A 123 12.36 -7.84 10.07
CA GLN A 123 11.88 -8.48 8.86
C GLN A 123 11.28 -7.46 7.90
N PRO A 124 12.11 -6.52 7.43
CA PRO A 124 11.69 -5.46 6.50
C PRO A 124 11.36 -6.01 5.12
N ALA A 125 11.66 -7.29 4.90
CA ALA A 125 11.40 -7.93 3.61
C ALA A 125 9.94 -7.73 3.20
N MET A 126 9.05 -7.62 4.18
CA MET A 126 7.63 -7.43 3.91
C MET A 126 7.41 -6.17 3.09
N VAL A 127 8.29 -5.19 3.24
CA VAL A 127 8.18 -3.94 2.50
C VAL A 127 8.22 -4.18 1.00
N HIS A 128 9.29 -4.81 0.53
CA HIS A 128 9.45 -5.10 -0.90
C HIS A 128 8.40 -6.10 -1.35
N ALA A 129 8.13 -7.10 -0.52
CA ALA A 129 7.16 -8.13 -0.85
C ALA A 129 5.77 -7.53 -1.05
N LEU A 130 5.30 -6.78 -0.07
CA LEU A 130 3.99 -6.14 -0.14
C LEU A 130 3.91 -5.21 -1.35
N VAL A 131 4.87 -4.30 -1.45
CA VAL A 131 4.91 -3.35 -2.56
C VAL A 131 4.80 -4.07 -3.90
N ASP A 132 5.52 -5.17 -4.03
CA ASP A 132 5.51 -5.96 -5.27
C ASP A 132 4.11 -6.49 -5.56
N ALA A 133 3.56 -7.23 -4.60
CA ALA A 133 2.22 -7.80 -4.75
C ALA A 133 1.19 -6.71 -5.04
N LEU A 134 1.27 -5.60 -4.30
CA LEU A 134 0.34 -4.49 -4.49
C LEU A 134 0.37 -3.99 -5.92
N GLY A 135 1.55 -3.57 -6.37
CA GLY A 135 1.68 -3.06 -7.72
C GLY A 135 1.15 -4.03 -8.76
N GLU A 136 1.70 -5.24 -8.78
CA GLU A 136 1.27 -6.27 -9.72
C GLU A 136 -0.24 -6.44 -9.67
N PHE A 137 -0.80 -6.47 -8.47
CA PHE A 137 -2.23 -6.64 -8.28
C PHE A 137 -2.99 -5.42 -8.80
N VAL A 138 -2.34 -4.27 -8.79
CA VAL A 138 -2.95 -3.03 -9.25
C VAL A 138 -2.84 -2.90 -10.77
N ARG A 139 -1.86 -3.59 -11.35
CA ARG A 139 -1.64 -3.54 -12.79
C ARG A 139 -2.15 -4.82 -13.45
N LYS A 140 -2.76 -5.69 -12.66
CA LYS A 140 -3.30 -6.94 -13.16
C LYS A 140 -4.80 -7.03 -12.94
N THR A 141 -5.21 -6.83 -11.68
CA THR A 141 -6.63 -6.88 -11.33
C THR A 141 -7.26 -5.49 -11.39
N LEU A 142 -6.52 -4.48 -10.95
CA LEU A 142 -6.99 -3.11 -10.95
C LEU A 142 -6.52 -2.36 -12.20
N ALA A 143 -5.68 -3.03 -13.00
CA ALA A 143 -5.16 -2.44 -14.23
C ALA A 143 -6.28 -1.81 -15.05
N THR A 144 -7.30 -2.60 -15.35
CA THR A 144 -8.44 -2.12 -16.13
C THR A 144 -9.15 -0.98 -15.43
N TRP A 145 -9.36 -1.14 -14.13
CA TRP A 145 -10.04 -0.11 -13.33
C TRP A 145 -9.32 1.23 -13.44
N LEU A 146 -8.04 1.24 -13.07
CA LEU A 146 -7.23 2.46 -13.13
C LEU A 146 -7.05 2.91 -14.57
N ARG A 147 -7.16 1.98 -15.50
CA ARG A 147 -7.00 2.28 -16.92
C ARG A 147 -8.26 2.94 -17.47
N ARG A 148 -9.40 2.64 -16.87
CA ARG A 148 -10.67 3.20 -17.31
C ARG A 148 -10.93 4.55 -16.65
N ARG A 149 -10.42 4.71 -15.43
CA ARG A 149 -10.59 5.95 -14.68
C ARG A 149 -9.64 7.03 -15.20
N GLY A 150 -8.59 6.60 -15.88
CA GLY A 150 -7.62 7.55 -16.42
C GLY A 150 -6.47 7.82 -15.47
N GLY A 151 -6.77 7.82 -14.17
CA GLY A 151 -5.74 8.06 -13.18
C GLY A 151 -6.29 8.10 -11.76
N TRP A 152 -5.42 8.30 -10.79
CA TRP A 152 -5.83 8.34 -9.39
C TRP A 152 -6.37 9.73 -9.04
N THR A 153 -6.16 10.69 -9.92
CA THR A 153 -6.63 12.05 -9.70
C THR A 153 -8.10 12.06 -9.30
N ASP A 154 -8.86 11.10 -9.80
CA ASP A 154 -10.28 11.00 -9.50
C ASP A 154 -10.50 10.86 -7.99
N VAL A 155 -9.64 10.08 -7.35
CA VAL A 155 -9.74 9.86 -5.90
C VAL A 155 -9.57 11.17 -5.14
N LEU A 156 -9.02 12.18 -5.81
CA LEU A 156 -8.80 13.48 -5.20
C LEU A 156 -10.10 14.28 -5.13
N LYS A 157 -11.04 13.93 -6.00
CA LYS A 157 -12.33 14.61 -6.03
C LYS A 157 -13.08 14.44 -4.72
N CYS A 158 -12.80 13.34 -4.02
CA CYS A 158 -13.44 13.05 -2.75
C CYS A 158 -12.80 13.85 -1.62
N PRO A 3 3.22 3.67 -24.04
CA PRO A 3 2.95 3.46 -22.62
C PRO A 3 1.57 2.84 -22.38
N THR A 4 1.30 2.49 -21.12
CA THR A 4 0.03 1.88 -20.77
C THR A 4 -0.03 1.58 -19.26
N ASP A 5 0.64 0.52 -18.86
CA ASP A 5 0.67 0.12 -17.45
C ASP A 5 1.69 0.95 -16.67
N LYS A 6 2.64 1.52 -17.39
CA LYS A 6 3.68 2.33 -16.77
C LYS A 6 3.07 3.39 -15.86
N GLU A 7 2.04 4.06 -16.35
CA GLU A 7 1.37 5.10 -15.57
C GLU A 7 0.90 4.55 -14.22
N LEU A 8 0.08 3.50 -14.26
CA LEU A 8 -0.44 2.89 -13.05
C LEU A 8 0.71 2.37 -12.18
N VAL A 9 1.56 1.53 -12.77
CA VAL A 9 2.69 0.96 -12.04
C VAL A 9 3.49 2.04 -11.33
N ALA A 10 3.99 2.99 -12.11
CA ALA A 10 4.78 4.09 -11.54
C ALA A 10 4.06 4.74 -10.38
N GLN A 11 2.80 5.11 -10.59
CA GLN A 11 1.99 5.75 -9.55
C GLN A 11 1.90 4.85 -8.32
N ALA A 12 1.33 3.66 -8.50
CA ALA A 12 1.19 2.72 -7.39
C ALA A 12 2.49 2.57 -6.62
N LYS A 13 3.60 2.46 -7.34
CA LYS A 13 4.91 2.31 -6.72
C LYS A 13 5.20 3.48 -5.79
N ALA A 14 5.15 4.69 -6.34
CA ALA A 14 5.42 5.90 -5.55
C ALA A 14 4.46 6.00 -4.37
N LEU A 15 3.17 5.82 -4.64
CA LEU A 15 2.16 5.88 -3.60
C LEU A 15 2.44 4.88 -2.49
N GLY A 16 2.46 3.59 -2.85
CA GLY A 16 2.73 2.56 -1.88
C GLY A 16 4.06 2.74 -1.17
N ARG A 17 5.11 2.94 -1.95
CA ARG A 17 6.45 3.14 -1.39
C ARG A 17 6.42 4.19 -0.28
N GLU A 18 6.07 5.42 -0.65
CA GLU A 18 6.01 6.51 0.31
C GLU A 18 5.11 6.16 1.49
N TYR A 19 4.04 5.44 1.20
CA TYR A 19 3.09 5.03 2.24
C TYR A 19 3.80 4.25 3.34
N VAL A 20 4.28 3.06 3.01
CA VAL A 20 4.98 2.22 3.97
C VAL A 20 6.10 2.99 4.66
N HIS A 21 6.97 3.60 3.86
CA HIS A 21 8.09 4.37 4.39
C HIS A 21 7.61 5.37 5.44
N ALA A 22 6.51 6.04 5.14
CA ALA A 22 5.94 7.02 6.06
C ALA A 22 5.59 6.40 7.40
N ARG A 23 4.70 5.41 7.38
CA ARG A 23 4.28 4.73 8.59
C ARG A 23 5.48 4.18 9.35
N LEU A 24 6.47 3.69 8.60
CA LEU A 24 7.68 3.14 9.21
C LEU A 24 8.49 4.22 9.89
N LEU A 25 8.74 5.32 9.18
CA LEU A 25 9.51 6.42 9.73
C LEU A 25 8.76 7.09 10.87
N ARG A 26 7.44 6.89 10.92
CA ARG A 26 6.61 7.47 11.96
C ARG A 26 6.72 6.66 13.25
N ALA A 27 6.57 5.35 13.14
CA ALA A 27 6.66 4.46 14.29
C ALA A 27 7.93 4.73 15.10
N GLY A 28 9.06 4.25 14.58
CA GLY A 28 10.31 4.45 15.26
C GLY A 28 11.31 3.33 14.97
N LEU A 29 12.20 3.58 14.01
CA LEU A 29 13.21 2.59 13.63
C LEU A 29 14.19 3.17 12.63
N SER A 30 15.31 2.49 12.44
CA SER A 30 16.33 2.94 11.51
C SER A 30 15.94 2.60 10.06
N TRP A 31 15.96 3.62 9.21
CA TRP A 31 15.61 3.44 7.81
C TRP A 31 16.25 4.51 6.93
N SER A 32 16.99 4.09 5.94
CA SER A 32 17.67 5.01 5.03
C SER A 32 17.26 4.76 3.59
N ALA A 33 16.19 3.99 3.41
CA ALA A 33 15.69 3.68 2.08
C ALA A 33 16.70 2.86 1.28
N PRO A 34 16.23 2.18 0.23
CA PRO A 34 17.09 1.35 -0.63
C PRO A 34 18.04 2.19 -1.47
N GLU A 35 17.50 3.21 -2.13
CA GLU A 35 18.32 4.09 -2.97
C GLU A 35 18.27 5.53 -2.46
N ARG A 36 17.16 6.21 -2.73
CA ARG A 36 17.01 7.59 -2.29
C ARG A 36 15.66 8.14 -2.73
N ALA A 37 15.47 9.46 -2.58
CA ALA A 37 14.24 10.11 -2.98
C ALA A 37 14.06 10.11 -4.49
N ALA A 38 13.08 10.86 -4.97
CA ALA A 38 12.80 10.95 -6.40
C ALA A 38 11.75 12.01 -6.69
N PRO A 39 11.69 12.45 -7.96
CA PRO A 39 10.74 13.47 -8.40
C PRO A 39 9.30 12.95 -8.41
N VAL A 40 8.35 13.84 -8.66
CA VAL A 40 6.94 13.47 -8.70
C VAL A 40 6.07 14.68 -9.07
N PRO A 41 5.14 14.46 -10.00
CA PRO A 41 4.22 15.51 -10.46
C PRO A 41 3.20 15.90 -9.39
N GLY A 42 2.20 16.69 -9.78
CA GLY A 42 1.18 17.11 -8.84
C GLY A 42 0.12 16.04 -8.62
N ARG A 43 -0.16 15.28 -9.66
CA ARG A 43 -1.17 14.22 -9.58
C ARG A 43 -0.80 13.20 -8.51
N LEU A 44 0.38 12.60 -8.66
CA LEU A 44 0.86 11.61 -7.70
C LEU A 44 0.85 12.17 -6.29
N ALA A 45 1.44 13.35 -6.12
CA ALA A 45 1.50 14.00 -4.81
C ALA A 45 0.12 14.08 -4.17
N GLU A 46 -0.86 14.57 -4.93
CA GLU A 46 -2.22 14.69 -4.43
C GLU A 46 -2.75 13.35 -3.95
N VAL A 47 -2.62 12.33 -4.80
CA VAL A 47 -3.09 10.99 -4.46
C VAL A 47 -2.37 10.45 -3.23
N ALA A 48 -1.05 10.32 -3.33
CA ALA A 48 -0.24 9.82 -2.23
C ALA A 48 -0.58 10.54 -0.92
N ALA A 49 -0.72 11.86 -1.00
CA ALA A 49 -1.06 12.66 0.17
C ALA A 49 -2.39 12.22 0.78
N VAL A 50 -3.42 12.17 -0.06
CA VAL A 50 -4.75 11.77 0.39
C VAL A 50 -4.69 10.46 1.17
N LEU A 51 -3.95 9.50 0.64
CA LEU A 51 -3.82 8.19 1.29
C LEU A 51 -3.04 8.31 2.59
N LEU A 52 -2.02 9.18 2.59
CA LEU A 52 -1.20 9.40 3.77
C LEU A 52 -2.02 10.00 4.91
N ARG A 53 -2.58 11.17 4.67
CA ARG A 53 -3.40 11.85 5.67
C ARG A 53 -4.54 10.96 6.14
N LEU A 54 -5.24 10.35 5.18
CA LEU A 54 -6.36 9.47 5.49
C LEU A 54 -5.95 8.40 6.49
N GLY A 55 -5.03 7.54 6.08
CA GLY A 55 -4.57 6.48 6.96
C GLY A 55 -3.93 7.01 8.23
N ASP A 56 -3.22 8.12 8.11
CA ASP A 56 -2.56 8.73 9.26
C ASP A 56 -3.58 9.14 10.32
N GLU A 57 -4.50 10.03 9.94
CA GLU A 57 -5.52 10.50 10.86
C GLU A 57 -6.25 9.34 11.51
N LEU A 58 -6.58 8.32 10.71
CA LEU A 58 -7.27 7.15 11.21
C LEU A 58 -6.41 6.38 12.21
N GLU A 59 -5.18 6.09 11.82
CA GLU A 59 -4.25 5.37 12.69
C GLU A 59 -3.92 6.18 13.94
N MET A 60 -4.17 7.49 13.86
CA MET A 60 -3.89 8.39 14.98
C MET A 60 -5.10 8.45 15.93
N ILE A 61 -6.30 8.45 15.34
CA ILE A 61 -7.52 8.51 16.13
C ILE A 61 -7.75 7.21 16.89
N ARG A 62 -7.93 6.12 16.16
CA ARG A 62 -8.16 4.82 16.77
C ARG A 62 -8.39 3.75 15.70
N PRO A 63 -7.29 3.25 15.11
CA PRO A 63 -7.35 2.22 14.07
C PRO A 63 -7.80 0.87 14.61
N SER A 64 -8.67 0.19 13.87
CA SER A 64 -9.18 -1.10 14.26
C SER A 64 -8.06 -2.14 14.33
N VAL A 65 -7.34 -2.28 13.21
CA VAL A 65 -6.25 -3.23 13.14
C VAL A 65 -5.23 -2.82 12.07
N TYR A 66 -4.49 -1.75 12.36
CA TYR A 66 -3.49 -1.25 11.43
C TYR A 66 -2.11 -1.82 11.75
N ARG A 67 -2.08 -3.08 12.19
CA ARG A 67 -0.83 -3.75 12.54
C ARG A 67 -1.10 -5.15 13.07
N ASN A 68 -2.15 -5.28 13.88
CA ASN A 68 -2.51 -6.58 14.45
C ASN A 68 -3.35 -7.39 13.49
N VAL A 69 -3.89 -6.73 12.46
CA VAL A 69 -4.72 -7.39 11.46
C VAL A 69 -4.05 -8.66 10.96
N ALA A 70 -2.75 -8.58 10.69
CA ALA A 70 -2.00 -9.73 10.20
C ALA A 70 -2.28 -10.96 11.04
N ARG A 71 -2.21 -10.80 12.36
CA ARG A 71 -2.46 -11.91 13.28
C ARG A 71 -3.87 -12.45 13.11
N GLN A 72 -4.81 -11.56 12.83
CA GLN A 72 -6.21 -11.95 12.64
C GLN A 72 -6.35 -12.95 11.50
N LEU A 73 -5.33 -13.00 10.64
CA LEU A 73 -5.35 -13.92 9.51
C LEU A 73 -4.09 -14.78 9.49
N HIS A 74 -3.29 -14.67 10.55
CA HIS A 74 -2.06 -15.44 10.66
C HIS A 74 -1.27 -15.40 9.36
N ILE A 75 -1.20 -14.21 8.75
CA ILE A 75 -0.48 -14.04 7.51
C ILE A 75 0.92 -14.64 7.58
N SER A 76 1.56 -14.50 8.74
CA SER A 76 2.90 -15.04 8.95
C SER A 76 3.92 -14.33 8.06
N LEU A 77 4.36 -13.15 8.51
CA LEU A 77 5.33 -12.37 7.75
C LEU A 77 6.68 -13.09 7.68
N GLN A 78 6.83 -14.13 8.50
CA GLN A 78 8.07 -14.90 8.52
C GLN A 78 8.44 -15.37 7.11
N SER A 79 7.45 -15.88 6.38
CA SER A 79 7.68 -16.36 5.03
C SER A 79 7.50 -15.24 4.01
N GLU A 80 7.45 -15.61 2.73
CA GLU A 80 7.28 -14.63 1.66
C GLU A 80 6.08 -14.98 0.79
N ARG A 81 6.01 -16.25 0.37
CA ARG A 81 4.92 -16.72 -0.47
C ARG A 81 3.59 -16.66 0.28
N VAL A 82 3.67 -16.70 1.61
CA VAL A 82 2.47 -16.65 2.45
C VAL A 82 1.93 -15.24 2.56
N VAL A 83 2.84 -14.28 2.75
CA VAL A 83 2.46 -12.88 2.89
C VAL A 83 1.97 -12.32 1.55
N THR A 84 2.59 -12.75 0.46
CA THR A 84 2.21 -12.29 -0.87
C THR A 84 0.90 -12.92 -1.32
N ASP A 85 0.82 -14.24 -1.20
CA ASP A 85 -0.39 -14.97 -1.59
C ASP A 85 -1.58 -14.53 -0.76
N ALA A 86 -1.35 -14.37 0.54
CA ALA A 86 -2.42 -13.95 1.45
C ALA A 86 -2.91 -12.54 1.13
N PHE A 87 -1.96 -11.60 1.01
CA PHE A 87 -2.29 -10.22 0.71
C PHE A 87 -2.95 -10.11 -0.66
N LEU A 88 -2.38 -10.81 -1.65
CA LEU A 88 -2.91 -10.79 -3.00
C LEU A 88 -4.32 -11.38 -3.04
N ALA A 89 -4.54 -12.44 -2.28
CA ALA A 89 -5.85 -13.09 -2.22
C ALA A 89 -6.90 -12.15 -1.66
N VAL A 90 -6.67 -11.66 -0.45
CA VAL A 90 -7.59 -10.75 0.21
C VAL A 90 -7.84 -9.50 -0.64
N ALA A 91 -6.79 -9.06 -1.34
CA ALA A 91 -6.89 -7.89 -2.19
C ALA A 91 -7.86 -8.12 -3.34
N GLY A 92 -7.50 -9.05 -4.23
CA GLY A 92 -8.35 -9.36 -5.36
C GLY A 92 -9.72 -9.86 -4.95
N HIS A 93 -9.81 -10.45 -3.76
CA HIS A 93 -11.07 -10.97 -3.25
C HIS A 93 -12.01 -9.85 -2.87
N ILE A 94 -11.49 -8.87 -2.13
CA ILE A 94 -12.29 -7.72 -1.70
C ILE A 94 -12.51 -6.75 -2.85
N PHE A 95 -11.57 -6.71 -3.78
CA PHE A 95 -11.66 -5.81 -4.93
C PHE A 95 -12.50 -6.44 -6.04
N SER A 96 -12.59 -7.77 -6.03
CA SER A 96 -13.35 -8.49 -7.04
C SER A 96 -14.78 -7.96 -7.11
N ALA A 97 -15.42 -7.82 -5.94
CA ALA A 97 -16.78 -7.33 -5.87
C ALA A 97 -16.85 -5.85 -6.22
N GLY A 98 -15.69 -5.22 -6.33
CA GLY A 98 -15.64 -3.80 -6.66
C GLY A 98 -14.40 -3.13 -6.11
N ILE A 99 -13.55 -2.64 -7.01
CA ILE A 99 -12.32 -1.96 -6.62
C ILE A 99 -12.61 -0.78 -5.70
N THR A 100 -13.22 0.25 -6.27
CA THR A 100 -13.56 1.45 -5.49
C THR A 100 -12.32 2.11 -4.92
N TRP A 101 -12.45 3.36 -4.51
CA TRP A 101 -11.33 4.10 -3.94
C TRP A 101 -11.16 3.77 -2.46
N GLY A 102 -12.27 3.63 -1.75
CA GLY A 102 -12.23 3.32 -0.33
C GLY A 102 -11.38 2.10 -0.04
N LYS A 103 -11.64 1.01 -0.76
CA LYS A 103 -10.89 -0.22 -0.57
C LYS A 103 -9.39 0.02 -0.71
N VAL A 104 -9.02 0.93 -1.60
CA VAL A 104 -7.62 1.25 -1.82
C VAL A 104 -7.01 1.89 -0.58
N VAL A 105 -7.65 2.95 -0.09
CA VAL A 105 -7.16 3.65 1.10
C VAL A 105 -6.96 2.69 2.27
N SER A 106 -8.01 1.93 2.59
CA SER A 106 -7.95 0.98 3.69
C SER A 106 -6.85 -0.05 3.45
N LEU A 107 -6.80 -0.58 2.24
CA LEU A 107 -5.79 -1.57 1.88
C LEU A 107 -4.38 -1.06 2.17
N TYR A 108 -4.13 0.18 1.76
CA TYR A 108 -2.82 0.80 1.98
C TYR A 108 -2.50 0.89 3.46
N ALA A 109 -3.47 1.33 4.24
CA ALA A 109 -3.30 1.47 5.69
C ALA A 109 -2.87 0.14 6.32
N VAL A 110 -3.60 -0.92 6.01
CA VAL A 110 -3.29 -2.25 6.54
C VAL A 110 -1.90 -2.70 6.10
N ALA A 111 -1.66 -2.69 4.80
CA ALA A 111 -0.38 -3.10 4.26
C ALA A 111 0.78 -2.41 4.99
N ALA A 112 0.64 -1.11 5.21
CA ALA A 112 1.66 -0.34 5.91
C ALA A 112 1.89 -0.88 7.32
N GLY A 113 0.79 -1.18 8.01
CA GLY A 113 0.90 -1.70 9.37
C GLY A 113 1.70 -2.98 9.44
N LEU A 114 1.45 -3.88 8.50
CA LEU A 114 2.16 -5.16 8.46
C LEU A 114 3.64 -4.96 8.10
N ALA A 115 3.91 -4.00 7.23
CA ALA A 115 5.27 -3.70 6.81
C ALA A 115 6.09 -3.17 7.99
N VAL A 116 5.59 -2.11 8.62
CA VAL A 116 6.28 -1.51 9.75
C VAL A 116 6.52 -2.53 10.86
N ASP A 117 5.49 -3.31 11.17
CA ASP A 117 5.59 -4.32 12.21
C ASP A 117 6.69 -5.34 11.88
N ALA A 118 6.74 -5.75 10.62
CA ALA A 118 7.74 -6.72 10.18
C ALA A 118 9.14 -6.13 10.27
N VAL A 119 9.38 -5.04 9.55
CA VAL A 119 10.68 -4.39 9.55
C VAL A 119 11.16 -4.13 10.98
N ARG A 120 10.22 -3.86 11.88
CA ARG A 120 10.54 -3.60 13.27
C ARG A 120 10.92 -4.88 13.99
N GLN A 121 10.29 -5.98 13.61
CA GLN A 121 10.56 -7.27 14.22
C GLN A 121 11.61 -8.04 13.43
N ALA A 122 12.45 -7.31 12.71
CA ALA A 122 13.51 -7.93 11.91
C ALA A 122 12.93 -8.67 10.71
N GLN A 123 12.11 -7.97 9.92
CA GLN A 123 11.49 -8.58 8.75
C GLN A 123 11.13 -7.51 7.73
N PRO A 124 12.14 -6.78 7.25
CA PRO A 124 11.94 -5.71 6.26
C PRO A 124 11.56 -6.26 4.89
N ALA A 125 11.61 -7.58 4.74
CA ALA A 125 11.28 -8.23 3.49
C ALA A 125 9.81 -8.02 3.13
N MET A 126 8.99 -7.79 4.16
CA MET A 126 7.56 -7.57 3.96
C MET A 126 7.31 -6.30 3.16
N VAL A 127 8.17 -5.30 3.36
CA VAL A 127 8.05 -4.03 2.66
C VAL A 127 8.11 -4.23 1.15
N HIS A 128 9.16 -4.89 0.69
CA HIS A 128 9.34 -5.14 -0.74
C HIS A 128 8.28 -6.12 -1.25
N ALA A 129 7.99 -7.14 -0.45
CA ALA A 129 7.00 -8.14 -0.82
C ALA A 129 5.64 -7.51 -1.03
N LEU A 130 5.17 -6.77 -0.02
CA LEU A 130 3.87 -6.11 -0.09
C LEU A 130 3.82 -5.13 -1.26
N VAL A 131 4.78 -4.22 -1.32
CA VAL A 131 4.84 -3.24 -2.40
C VAL A 131 4.74 -3.92 -3.76
N ASP A 132 5.46 -5.03 -3.91
CA ASP A 132 5.45 -5.77 -5.17
C ASP A 132 4.07 -6.31 -5.48
N ALA A 133 3.45 -6.96 -4.49
CA ALA A 133 2.12 -7.52 -4.67
C ALA A 133 1.10 -6.43 -5.00
N LEU A 134 1.10 -5.36 -4.19
CA LEU A 134 0.18 -4.25 -4.39
C LEU A 134 0.30 -3.70 -5.82
N GLY A 135 1.49 -3.25 -6.17
CA GLY A 135 1.71 -2.70 -7.50
C GLY A 135 1.25 -3.65 -8.60
N GLU A 136 1.82 -4.85 -8.62
CA GLU A 136 1.46 -5.84 -9.62
C GLU A 136 -0.05 -6.06 -9.67
N PHE A 137 -0.65 -6.25 -8.49
CA PHE A 137 -2.09 -6.46 -8.40
C PHE A 137 -2.86 -5.25 -8.91
N VAL A 138 -2.24 -4.08 -8.81
CA VAL A 138 -2.86 -2.84 -9.27
C VAL A 138 -2.67 -2.64 -10.76
N ARG A 139 -1.60 -3.22 -11.29
CA ARG A 139 -1.29 -3.11 -12.72
C ARG A 139 -1.80 -4.32 -13.48
N LYS A 140 -2.49 -5.21 -12.77
CA LYS A 140 -3.03 -6.42 -13.39
C LYS A 140 -4.53 -6.52 -13.14
N THR A 141 -4.91 -6.68 -11.87
CA THR A 141 -6.32 -6.78 -11.51
C THR A 141 -7.01 -5.42 -11.55
N LEU A 142 -6.31 -4.40 -11.08
CA LEU A 142 -6.85 -3.05 -11.07
C LEU A 142 -6.38 -2.25 -12.29
N ALA A 143 -5.49 -2.86 -13.07
CA ALA A 143 -4.96 -2.22 -14.27
C ALA A 143 -6.08 -1.60 -15.10
N THR A 144 -7.07 -2.41 -15.43
CA THR A 144 -8.20 -1.95 -16.22
C THR A 144 -8.96 -0.83 -15.51
N TRP A 145 -9.12 -0.98 -14.20
CA TRP A 145 -9.83 0.02 -13.40
C TRP A 145 -9.11 1.36 -13.46
N LEU A 146 -7.85 1.37 -13.04
CA LEU A 146 -7.05 2.60 -13.05
C LEU A 146 -6.85 3.11 -14.47
N ARG A 147 -6.96 2.21 -15.44
CA ARG A 147 -6.79 2.58 -16.84
C ARG A 147 -8.07 3.20 -17.40
N ARG A 148 -9.21 2.77 -16.85
CA ARG A 148 -10.50 3.28 -17.30
C ARG A 148 -10.85 4.58 -16.58
N ARG A 149 -10.27 4.77 -15.40
CA ARG A 149 -10.53 5.97 -14.60
C ARG A 149 -9.69 7.14 -15.11
N GLY A 150 -8.61 6.82 -15.82
CA GLY A 150 -7.74 7.86 -16.34
C GLY A 150 -6.54 8.11 -15.45
N GLY A 151 -6.76 8.02 -14.14
CA GLY A 151 -5.67 8.24 -13.19
C GLY A 151 -6.14 8.13 -11.75
N TRP A 152 -5.21 8.32 -10.82
CA TRP A 152 -5.53 8.24 -9.40
C TRP A 152 -6.13 9.55 -8.90
N THR A 153 -5.91 10.63 -9.66
CA THR A 153 -6.44 11.93 -9.28
C THR A 153 -7.94 11.87 -8.99
N ASP A 154 -8.61 10.89 -9.59
CA ASP A 154 -10.04 10.72 -9.40
C ASP A 154 -10.36 10.42 -7.93
N VAL A 155 -9.44 9.73 -7.27
CA VAL A 155 -9.63 9.39 -5.86
C VAL A 155 -9.79 10.63 -5.00
N LEU A 156 -9.38 11.77 -5.53
CA LEU A 156 -9.48 13.04 -4.82
C LEU A 156 -10.92 13.31 -4.41
N LYS A 157 -11.87 12.72 -5.15
CA LYS A 157 -13.29 12.90 -4.86
C LYS A 157 -13.71 12.03 -3.68
N CYS A 158 -13.01 10.92 -3.48
CA CYS A 158 -13.32 10.00 -2.39
C CYS A 158 -12.08 9.20 -2.00
N PRO A 3 3.22 4.69 -23.41
CA PRO A 3 2.98 4.23 -22.04
C PRO A 3 1.61 3.59 -21.88
N THR A 4 1.40 2.95 -20.73
CA THR A 4 0.13 2.29 -20.45
C THR A 4 0.08 1.75 -19.02
N ASP A 5 0.82 0.67 -18.78
CA ASP A 5 0.87 0.07 -17.46
C ASP A 5 1.87 0.80 -16.56
N LYS A 6 2.91 1.34 -17.17
CA LYS A 6 3.94 2.06 -16.43
C LYS A 6 3.32 3.12 -15.51
N GLU A 7 2.22 3.71 -15.97
CA GLU A 7 1.52 4.73 -15.19
C GLU A 7 1.01 4.15 -13.87
N LEU A 8 0.21 3.08 -13.97
CA LEU A 8 -0.34 2.44 -12.78
C LEU A 8 0.76 1.82 -11.93
N VAL A 9 1.75 1.23 -12.61
CA VAL A 9 2.87 0.60 -11.92
C VAL A 9 3.69 1.61 -11.13
N ALA A 10 4.28 2.56 -11.84
CA ALA A 10 5.08 3.60 -11.20
C ALA A 10 4.30 4.32 -10.13
N GLN A 11 3.04 4.66 -10.44
CA GLN A 11 2.19 5.35 -9.48
C GLN A 11 1.92 4.49 -8.26
N ALA A 12 1.27 3.35 -8.47
CA ALA A 12 0.95 2.44 -7.38
C ALA A 12 2.17 2.21 -6.48
N LYS A 13 3.32 1.96 -7.10
CA LYS A 13 4.55 1.72 -6.36
C LYS A 13 4.89 2.92 -5.49
N ALA A 14 4.97 4.09 -6.10
CA ALA A 14 5.28 5.32 -5.37
C ALA A 14 4.39 5.48 -4.15
N LEU A 15 3.08 5.25 -4.34
CA LEU A 15 2.12 5.36 -3.25
C LEU A 15 2.47 4.42 -2.11
N GLY A 16 2.46 3.13 -2.39
CA GLY A 16 2.78 2.14 -1.37
C GLY A 16 4.14 2.38 -0.73
N ARG A 17 5.17 2.52 -1.55
CA ARG A 17 6.52 2.76 -1.06
C ARG A 17 6.53 3.90 -0.06
N GLU A 18 6.21 5.10 -0.53
CA GLU A 18 6.18 6.28 0.33
C GLU A 18 5.37 6.02 1.59
N TYR A 19 4.23 5.34 1.42
CA TYR A 19 3.37 5.03 2.55
C TYR A 19 4.10 4.21 3.61
N VAL A 20 4.52 3.01 3.22
CA VAL A 20 5.25 2.12 4.13
C VAL A 20 6.33 2.88 4.88
N HIS A 21 7.14 3.63 4.13
CA HIS A 21 8.23 4.39 4.73
C HIS A 21 7.70 5.34 5.79
N ALA A 22 6.63 6.05 5.47
CA ALA A 22 6.03 7.00 6.41
C ALA A 22 5.68 6.30 7.72
N ARG A 23 4.79 5.32 7.66
CA ARG A 23 4.36 4.59 8.84
C ARG A 23 5.56 3.97 9.56
N LEU A 24 6.45 3.35 8.78
CA LEU A 24 7.64 2.72 9.35
C LEU A 24 8.46 3.72 10.15
N LEU A 25 8.74 4.87 9.55
CA LEU A 25 9.51 5.91 10.21
C LEU A 25 8.70 6.57 11.32
N ARG A 26 7.38 6.42 11.26
CA ARG A 26 6.50 7.00 12.26
C ARG A 26 6.63 6.27 13.59
N ALA A 27 6.49 4.95 13.55
CA ALA A 27 6.60 4.14 14.76
C ALA A 27 7.88 4.46 15.52
N GLY A 28 8.92 4.87 14.80
CA GLY A 28 10.18 5.20 15.43
C GLY A 28 11.11 4.01 15.53
N LEU A 29 11.57 3.53 14.38
CA LEU A 29 12.47 2.37 14.34
C LEU A 29 13.73 2.70 13.53
N SER A 30 14.61 1.72 13.41
CA SER A 30 15.85 1.90 12.66
C SER A 30 15.60 1.75 11.16
N TRP A 31 15.81 2.84 10.42
CA TRP A 31 15.60 2.84 8.98
C TRP A 31 16.32 4.01 8.32
N SER A 32 17.08 3.73 7.28
CA SER A 32 17.82 4.76 6.56
C SER A 32 17.40 4.82 5.10
N ALA A 33 16.51 3.90 4.70
CA ALA A 33 16.03 3.85 3.33
C ALA A 33 17.15 3.51 2.37
N PRO A 34 16.79 3.04 1.16
CA PRO A 34 17.76 2.66 0.13
C PRO A 34 18.48 3.87 -0.46
N GLU A 35 18.02 5.06 -0.08
CA GLU A 35 18.62 6.30 -0.57
C GLU A 35 18.51 6.40 -2.09
N ARG A 36 17.43 7.02 -2.56
CA ARG A 36 17.20 7.18 -3.99
C ARG A 36 15.96 8.01 -4.26
N ALA A 37 16.02 9.28 -3.90
CA ALA A 37 14.90 10.20 -4.09
C ALA A 37 14.60 10.37 -5.58
N ALA A 38 13.61 11.21 -5.88
CA ALA A 38 13.22 11.47 -7.26
C ALA A 38 12.09 12.49 -7.33
N PRO A 39 11.92 13.12 -8.51
CA PRO A 39 10.88 14.12 -8.72
C PRO A 39 9.48 13.51 -8.74
N VAL A 40 8.46 14.37 -8.84
CA VAL A 40 7.08 13.92 -8.86
C VAL A 40 6.14 15.06 -9.20
N PRO A 41 5.19 14.81 -10.12
CA PRO A 41 4.22 15.81 -10.55
C PRO A 41 3.19 16.11 -9.47
N GLY A 42 2.17 16.88 -9.83
CA GLY A 42 1.13 17.23 -8.86
C GLY A 42 0.12 16.12 -8.66
N ARG A 43 -0.15 15.36 -9.73
CA ARG A 43 -1.10 14.27 -9.66
C ARG A 43 -0.68 13.24 -8.61
N LEU A 44 0.52 12.70 -8.78
CA LEU A 44 1.05 11.72 -7.84
C LEU A 44 1.02 12.23 -6.41
N ALA A 45 1.54 13.44 -6.22
CA ALA A 45 1.57 14.05 -4.89
C ALA A 45 0.18 14.13 -4.29
N GLU A 46 -0.81 14.44 -5.13
CA GLU A 46 -2.19 14.54 -4.68
C GLU A 46 -2.70 13.20 -4.17
N VAL A 47 -2.62 12.18 -5.03
CA VAL A 47 -3.06 10.85 -4.65
C VAL A 47 -2.36 10.35 -3.40
N ALA A 48 -1.04 10.24 -3.47
CA ALA A 48 -0.24 9.78 -2.34
C ALA A 48 -0.62 10.52 -1.07
N ALA A 49 -0.68 11.85 -1.15
CA ALA A 49 -1.02 12.67 -0.01
C ALA A 49 -2.38 12.26 0.57
N VAL A 50 -3.40 12.21 -0.27
CA VAL A 50 -4.73 11.84 0.15
C VAL A 50 -4.70 10.56 0.98
N LEU A 51 -3.98 9.56 0.49
CA LEU A 51 -3.87 8.29 1.19
C LEU A 51 -3.10 8.45 2.50
N LEU A 52 -2.05 9.27 2.48
CA LEU A 52 -1.23 9.51 3.65
C LEU A 52 -2.06 10.16 4.76
N ARG A 53 -2.61 11.33 4.47
CA ARG A 53 -3.42 12.06 5.44
C ARG A 53 -4.59 11.20 5.91
N LEU A 54 -5.30 10.59 4.96
CA LEU A 54 -6.44 9.75 5.27
C LEU A 54 -6.07 8.70 6.33
N GLY A 55 -5.17 7.81 5.98
CA GLY A 55 -4.74 6.78 6.91
C GLY A 55 -4.11 7.35 8.16
N ASP A 56 -3.22 8.31 7.98
CA ASP A 56 -2.54 8.94 9.12
C ASP A 56 -3.55 9.43 10.14
N GLU A 57 -4.56 10.16 9.68
CA GLU A 57 -5.59 10.70 10.56
C GLU A 57 -6.29 9.57 11.32
N LEU A 58 -6.86 8.63 10.58
CA LEU A 58 -7.57 7.50 11.18
C LEU A 58 -6.67 6.77 12.16
N GLU A 59 -5.51 6.33 11.69
CA GLU A 59 -4.56 5.61 12.54
C GLU A 59 -4.15 6.46 13.73
N MET A 60 -4.33 7.77 13.61
CA MET A 60 -3.96 8.70 14.68
C MET A 60 -5.08 8.77 15.72
N ILE A 61 -6.32 8.65 15.27
CA ILE A 61 -7.46 8.70 16.17
C ILE A 61 -7.58 7.44 17.00
N ARG A 62 -7.79 6.31 16.34
CA ARG A 62 -7.91 5.02 17.01
C ARG A 62 -8.21 3.91 16.01
N PRO A 63 -7.16 3.44 15.31
CA PRO A 63 -7.29 2.38 14.32
C PRO A 63 -7.58 1.02 14.95
N SER A 64 -8.47 0.26 14.33
CA SER A 64 -8.85 -1.05 14.84
C SER A 64 -7.60 -1.88 15.14
N VAL A 65 -6.72 -2.00 14.16
CA VAL A 65 -5.49 -2.77 14.32
C VAL A 65 -4.35 -2.18 13.49
N TYR A 66 -4.63 -1.92 12.22
CA TYR A 66 -3.63 -1.34 11.32
C TYR A 66 -2.26 -1.98 11.56
N ARG A 67 -2.26 -3.27 11.88
CA ARG A 67 -1.02 -4.00 12.13
C ARG A 67 -1.32 -5.40 12.65
N ASN A 68 -2.15 -5.48 13.68
CA ASN A 68 -2.50 -6.77 14.27
C ASN A 68 -3.34 -7.61 13.31
N VAL A 69 -3.94 -6.93 12.32
CA VAL A 69 -4.76 -7.61 11.33
C VAL A 69 -4.02 -8.82 10.74
N ALA A 70 -2.73 -8.65 10.48
CA ALA A 70 -1.92 -9.72 9.92
C ALA A 70 -2.13 -11.03 10.68
N ARG A 71 -2.05 -10.96 12.00
CA ARG A 71 -2.24 -12.14 12.84
C ARG A 71 -3.64 -12.71 12.67
N GLN A 72 -4.61 -11.84 12.45
CA GLN A 72 -6.00 -12.26 12.26
C GLN A 72 -6.14 -13.16 11.05
N LEU A 73 -5.13 -13.13 10.17
CA LEU A 73 -5.13 -13.94 8.97
C LEU A 73 -3.90 -14.84 8.91
N HIS A 74 -3.13 -14.84 9.99
CA HIS A 74 -1.93 -15.66 10.05
C HIS A 74 -1.08 -15.49 8.80
N ILE A 75 -0.97 -14.26 8.33
CA ILE A 75 -0.19 -13.96 7.13
C ILE A 75 1.20 -14.58 7.21
N SER A 76 1.79 -14.52 8.41
CA SER A 76 3.13 -15.06 8.63
C SER A 76 4.16 -14.31 7.80
N LEU A 77 4.58 -13.15 8.30
CA LEU A 77 5.56 -12.33 7.60
C LEU A 77 6.89 -13.08 7.46
N GLN A 78 7.05 -14.13 8.25
CA GLN A 78 8.27 -14.93 8.22
C GLN A 78 8.54 -15.47 6.81
N SER A 79 7.47 -15.56 6.02
CA SER A 79 7.59 -16.06 4.65
C SER A 79 7.34 -14.94 3.63
N GLU A 80 7.69 -15.20 2.38
CA GLU A 80 7.51 -14.22 1.33
C GLU A 80 6.37 -14.62 0.41
N ARG A 81 6.32 -15.90 0.03
CA ARG A 81 5.28 -16.41 -0.85
C ARG A 81 3.92 -16.37 -0.16
N VAL A 82 3.93 -16.54 1.17
CA VAL A 82 2.70 -16.53 1.94
C VAL A 82 2.15 -15.12 2.09
N VAL A 83 3.02 -14.19 2.48
CA VAL A 83 2.63 -12.80 2.67
C VAL A 83 2.12 -12.19 1.36
N THR A 84 2.79 -12.53 0.26
CA THR A 84 2.41 -12.03 -1.06
C THR A 84 1.11 -12.67 -1.53
N ASP A 85 1.08 -14.00 -1.54
CA ASP A 85 -0.11 -14.73 -1.96
C ASP A 85 -1.31 -14.36 -1.12
N ALA A 86 -1.12 -14.31 0.20
CA ALA A 86 -2.19 -13.96 1.12
C ALA A 86 -2.72 -12.56 0.85
N PHE A 87 -1.82 -11.59 0.84
CA PHE A 87 -2.19 -10.20 0.59
C PHE A 87 -2.85 -10.04 -0.78
N LEU A 88 -2.24 -10.66 -1.78
CA LEU A 88 -2.77 -10.60 -3.14
C LEU A 88 -4.15 -11.24 -3.23
N ALA A 89 -4.32 -12.37 -2.55
CA ALA A 89 -5.59 -13.07 -2.54
C ALA A 89 -6.70 -12.21 -1.92
N VAL A 90 -6.49 -11.81 -0.67
CA VAL A 90 -7.48 -10.97 0.03
C VAL A 90 -7.76 -9.70 -0.76
N ALA A 91 -6.74 -9.17 -1.42
CA ALA A 91 -6.89 -7.95 -2.21
C ALA A 91 -7.87 -8.15 -3.35
N GLY A 92 -7.57 -9.10 -4.22
CA GLY A 92 -8.44 -9.38 -5.35
C GLY A 92 -9.81 -9.88 -4.92
N HIS A 93 -9.88 -10.49 -3.74
CA HIS A 93 -11.13 -11.01 -3.22
C HIS A 93 -12.06 -9.88 -2.81
N ILE A 94 -11.52 -8.90 -2.08
CA ILE A 94 -12.30 -7.76 -1.62
C ILE A 94 -12.59 -6.80 -2.78
N PHE A 95 -11.68 -6.75 -3.74
CA PHE A 95 -11.84 -5.86 -4.89
C PHE A 95 -12.72 -6.52 -5.95
N SER A 96 -12.77 -7.85 -5.94
CA SER A 96 -13.56 -8.60 -6.91
C SER A 96 -15.02 -8.15 -6.88
N ALA A 97 -15.49 -7.76 -5.69
CA ALA A 97 -16.86 -7.31 -5.53
C ALA A 97 -16.96 -5.80 -5.66
N GLY A 98 -15.95 -5.20 -6.29
CA GLY A 98 -15.94 -3.76 -6.47
C GLY A 98 -14.67 -3.10 -5.95
N ILE A 99 -13.81 -2.67 -6.87
CA ILE A 99 -12.56 -2.04 -6.49
C ILE A 99 -12.80 -0.82 -5.61
N THR A 100 -13.40 0.22 -6.19
CA THR A 100 -13.69 1.44 -5.46
C THR A 100 -12.41 2.08 -4.91
N TRP A 101 -12.51 3.35 -4.52
CA TRP A 101 -11.36 4.07 -3.99
C TRP A 101 -11.17 3.76 -2.51
N GLY A 102 -12.28 3.64 -1.78
CA GLY A 102 -12.20 3.35 -0.35
C GLY A 102 -11.35 2.13 -0.06
N LYS A 103 -11.67 1.02 -0.72
CA LYS A 103 -10.94 -0.22 -0.51
C LYS A 103 -9.44 0.01 -0.69
N VAL A 104 -9.08 0.91 -1.59
CA VAL A 104 -7.68 1.21 -1.85
C VAL A 104 -7.04 1.91 -0.64
N VAL A 105 -7.67 2.97 -0.18
CA VAL A 105 -7.17 3.72 0.97
C VAL A 105 -6.95 2.82 2.16
N SER A 106 -8.00 2.08 2.54
CA SER A 106 -7.92 1.17 3.68
C SER A 106 -6.82 0.13 3.47
N LEU A 107 -6.87 -0.55 2.33
CA LEU A 107 -5.89 -1.58 2.00
C LEU A 107 -4.47 -1.04 2.14
N TYR A 108 -4.23 0.15 1.60
CA TYR A 108 -2.93 0.78 1.67
C TYR A 108 -2.48 0.94 3.12
N ALA A 109 -3.31 1.60 3.92
CA ALA A 109 -3.00 1.83 5.32
C ALA A 109 -2.57 0.54 6.01
N VAL A 110 -3.39 -0.51 5.87
CA VAL A 110 -3.09 -1.80 6.47
C VAL A 110 -1.72 -2.30 6.05
N ALA A 111 -1.48 -2.32 4.74
CA ALA A 111 -0.20 -2.77 4.20
C ALA A 111 0.96 -2.11 4.93
N ALA A 112 0.89 -0.78 5.07
CA ALA A 112 1.94 -0.03 5.75
C ALA A 112 2.17 -0.55 7.16
N GLY A 113 1.08 -0.80 7.88
CA GLY A 113 1.19 -1.29 9.24
C GLY A 113 1.94 -2.62 9.31
N LEU A 114 1.54 -3.57 8.50
CA LEU A 114 2.17 -4.88 8.48
C LEU A 114 3.67 -4.75 8.22
N ALA A 115 4.03 -3.96 7.21
CA ALA A 115 5.42 -3.75 6.87
C ALA A 115 6.21 -3.18 8.04
N VAL A 116 5.60 -2.24 8.76
CA VAL A 116 6.24 -1.63 9.91
C VAL A 116 6.58 -2.66 10.97
N ASP A 117 5.58 -3.43 11.37
CA ASP A 117 5.77 -4.47 12.38
C ASP A 117 6.91 -5.41 11.99
N ALA A 118 6.87 -5.88 10.74
CA ALA A 118 7.90 -6.78 10.25
C ALA A 118 9.29 -6.16 10.38
N VAL A 119 9.45 -4.94 9.88
CA VAL A 119 10.73 -4.24 9.95
C VAL A 119 11.25 -4.19 11.38
N ARG A 120 10.37 -3.85 12.32
CA ARG A 120 10.74 -3.77 13.73
C ARG A 120 11.05 -5.17 14.29
N GLN A 121 10.44 -6.19 13.70
CA GLN A 121 10.66 -7.56 14.14
C GLN A 121 11.78 -8.22 13.35
N ALA A 122 12.62 -7.39 12.73
CA ALA A 122 13.74 -7.90 11.94
C ALA A 122 13.25 -8.65 10.70
N GLN A 123 12.52 -7.96 9.84
CA GLN A 123 11.99 -8.56 8.63
C GLN A 123 11.36 -7.52 7.72
N PRO A 124 12.20 -6.58 7.23
CA PRO A 124 11.74 -5.51 6.35
C PRO A 124 11.35 -6.01 4.96
N ALA A 125 11.62 -7.29 4.71
CA ALA A 125 11.29 -7.91 3.43
C ALA A 125 9.81 -7.68 3.08
N MET A 126 8.98 -7.55 4.10
CA MET A 126 7.55 -7.34 3.90
C MET A 126 7.31 -6.05 3.11
N VAL A 127 8.22 -5.10 3.23
CA VAL A 127 8.11 -3.82 2.52
C VAL A 127 8.10 -4.04 1.02
N HIS A 128 9.15 -4.66 0.50
CA HIS A 128 9.27 -4.92 -0.92
C HIS A 128 8.22 -5.94 -1.38
N ALA A 129 7.94 -6.90 -0.52
CA ALA A 129 6.95 -7.94 -0.83
C ALA A 129 5.56 -7.34 -0.99
N LEU A 130 5.12 -6.60 0.02
CA LEU A 130 3.80 -5.98 -0.01
C LEU A 130 3.69 -5.00 -1.17
N VAL A 131 4.62 -4.05 -1.23
CA VAL A 131 4.62 -3.06 -2.30
C VAL A 131 4.54 -3.72 -3.66
N ASP A 132 5.34 -4.76 -3.87
CA ASP A 132 5.36 -5.48 -5.14
C ASP A 132 4.00 -6.11 -5.42
N ALA A 133 3.41 -6.70 -4.38
CA ALA A 133 2.10 -7.34 -4.52
C ALA A 133 1.03 -6.32 -4.88
N LEU A 134 1.00 -5.22 -4.15
CA LEU A 134 0.02 -4.17 -4.39
C LEU A 134 0.10 -3.66 -5.82
N GLY A 135 1.29 -3.24 -6.24
CA GLY A 135 1.47 -2.74 -7.59
C GLY A 135 1.07 -3.76 -8.64
N GLU A 136 1.71 -4.93 -8.60
CA GLU A 136 1.42 -5.99 -9.56
C GLU A 136 -0.08 -6.29 -9.59
N PHE A 137 -0.72 -6.19 -8.43
CA PHE A 137 -2.16 -6.44 -8.33
C PHE A 137 -2.97 -5.29 -8.90
N VAL A 138 -2.40 -4.08 -8.82
CA VAL A 138 -3.06 -2.89 -9.34
C VAL A 138 -2.85 -2.73 -10.84
N ARG A 139 -1.77 -3.31 -11.33
CA ARG A 139 -1.44 -3.24 -12.75
C ARG A 139 -1.98 -4.46 -13.50
N LYS A 140 -2.60 -5.37 -12.76
CA LYS A 140 -3.15 -6.58 -13.35
C LYS A 140 -4.66 -6.68 -13.09
N THR A 141 -5.02 -6.83 -11.81
CA THR A 141 -6.42 -6.94 -11.43
C THR A 141 -7.12 -5.58 -11.52
N LEU A 142 -6.53 -4.56 -10.90
CA LEU A 142 -7.11 -3.22 -10.92
C LEU A 142 -6.66 -2.47 -12.18
N ALA A 143 -5.79 -3.09 -12.95
CA ALA A 143 -5.28 -2.47 -14.18
C ALA A 143 -6.43 -1.91 -15.00
N THR A 144 -7.41 -2.75 -15.30
CA THR A 144 -8.57 -2.33 -16.10
C THR A 144 -9.32 -1.20 -15.41
N TRP A 145 -9.50 -1.31 -14.11
CA TRP A 145 -10.20 -0.30 -13.34
C TRP A 145 -9.51 1.06 -13.46
N LEU A 146 -8.23 1.09 -13.08
CA LEU A 146 -7.45 2.32 -13.15
C LEU A 146 -7.27 2.78 -14.59
N ARG A 147 -7.41 1.83 -15.53
CA ARG A 147 -7.26 2.14 -16.94
C ARG A 147 -8.53 2.74 -17.51
N ARG A 148 -9.67 2.38 -16.91
CA ARG A 148 -10.96 2.88 -17.36
C ARG A 148 -11.28 4.22 -16.71
N ARG A 149 -10.76 4.43 -15.50
CA ARG A 149 -10.99 5.67 -14.77
C ARG A 149 -10.11 6.79 -15.32
N GLY A 150 -9.05 6.42 -16.01
CA GLY A 150 -8.15 7.41 -16.58
C GLY A 150 -6.95 7.67 -15.69
N GLY A 151 -7.15 7.63 -14.38
CA GLY A 151 -6.07 7.88 -13.45
C GLY A 151 -6.54 7.88 -12.01
N TRP A 152 -5.61 8.14 -11.09
CA TRP A 152 -5.93 8.17 -9.67
C TRP A 152 -6.56 9.50 -9.28
N THR A 153 -6.51 10.47 -10.19
CA THR A 153 -7.06 11.79 -9.93
C THR A 153 -8.48 11.70 -9.40
N ASP A 154 -9.21 10.66 -9.83
CA ASP A 154 -10.58 10.46 -9.39
C ASP A 154 -10.65 10.33 -7.88
N VAL A 155 -9.69 9.60 -7.30
CA VAL A 155 -9.64 9.40 -5.86
C VAL A 155 -9.49 10.74 -5.13
N LEU A 156 -9.07 11.77 -5.85
CA LEU A 156 -8.88 13.09 -5.27
C LEU A 156 -10.21 13.83 -5.14
N LYS A 157 -11.18 13.41 -5.94
CA LYS A 157 -12.51 14.03 -5.92
C LYS A 157 -13.19 13.80 -4.58
N CYS A 158 -12.81 12.72 -3.91
CA CYS A 158 -13.38 12.38 -2.60
C CYS A 158 -12.50 12.89 -1.48
N PRO A 3 4.96 0.88 -21.60
CA PRO A 3 4.14 2.10 -21.55
C PRO A 3 2.66 1.79 -21.32
N THR A 4 1.83 2.83 -21.32
CA THR A 4 0.40 2.67 -21.12
C THR A 4 0.08 2.34 -19.66
N ASP A 5 0.48 1.14 -19.23
CA ASP A 5 0.24 0.69 -17.87
C ASP A 5 1.26 1.32 -16.92
N LYS A 6 2.36 1.79 -17.47
CA LYS A 6 3.42 2.42 -16.66
C LYS A 6 2.83 3.45 -15.70
N GLU A 7 1.76 4.11 -16.14
CA GLU A 7 1.10 5.12 -15.31
C GLU A 7 0.57 4.51 -14.01
N LEU A 8 -0.11 3.38 -14.14
CA LEU A 8 -0.66 2.69 -12.97
C LEU A 8 0.44 2.07 -12.12
N VAL A 9 1.38 1.38 -12.78
CA VAL A 9 2.49 0.75 -12.08
C VAL A 9 3.30 1.78 -11.30
N ALA A 10 3.77 2.81 -12.00
CA ALA A 10 4.56 3.86 -11.38
C ALA A 10 3.78 4.56 -10.28
N GLN A 11 2.55 4.97 -10.59
CA GLN A 11 1.70 5.65 -9.61
C GLN A 11 1.48 4.77 -8.39
N ALA A 12 0.87 3.60 -8.60
CA ALA A 12 0.60 2.68 -7.51
C ALA A 12 1.83 2.49 -6.64
N LYS A 13 2.97 2.26 -7.28
CA LYS A 13 4.22 2.05 -6.55
C LYS A 13 4.51 3.22 -5.61
N ALA A 14 4.59 4.42 -6.18
CA ALA A 14 4.85 5.62 -5.40
C ALA A 14 3.93 5.69 -4.17
N LEU A 15 2.66 5.39 -4.39
CA LEU A 15 1.68 5.42 -3.30
C LEU A 15 2.09 4.48 -2.18
N GLY A 16 2.18 3.19 -2.49
CA GLY A 16 2.56 2.21 -1.50
C GLY A 16 3.90 2.51 -0.86
N ARG A 17 4.90 2.77 -1.70
CA ARG A 17 6.24 3.07 -1.21
C ARG A 17 6.19 4.13 -0.11
N GLU A 18 5.74 5.33 -0.46
CA GLU A 18 5.65 6.43 0.49
C GLU A 18 4.82 6.01 1.71
N TYR A 19 3.77 5.25 1.46
CA TYR A 19 2.90 4.79 2.54
C TYR A 19 3.69 4.02 3.59
N VAL A 20 4.20 2.86 3.21
CA VAL A 20 4.98 2.02 4.12
C VAL A 20 6.05 2.84 4.82
N HIS A 21 6.82 3.59 4.05
CA HIS A 21 7.89 4.43 4.59
C HIS A 21 7.34 5.37 5.66
N ALA A 22 6.18 5.96 5.38
CA ALA A 22 5.55 6.89 6.32
C ALA A 22 5.26 6.21 7.66
N ARG A 23 4.45 5.16 7.62
CA ARG A 23 4.08 4.42 8.82
C ARG A 23 5.33 3.87 9.51
N LEU A 24 6.25 3.34 8.71
CA LEU A 24 7.48 2.78 9.25
C LEU A 24 8.28 3.82 10.03
N LEU A 25 8.48 4.98 9.42
CA LEU A 25 9.21 6.06 10.05
C LEU A 25 8.38 6.72 11.14
N ARG A 26 7.06 6.52 11.08
CA ARG A 26 6.16 7.09 12.06
C ARG A 26 6.31 6.40 13.41
N ALA A 27 6.16 5.08 13.41
CA ALA A 27 6.29 4.30 14.65
C ALA A 27 7.59 4.63 15.37
N GLY A 28 8.62 4.99 14.61
CA GLY A 28 9.90 5.32 15.19
C GLY A 28 10.81 4.12 15.32
N LEU A 29 11.36 3.67 14.20
CA LEU A 29 12.25 2.52 14.18
C LEU A 29 13.47 2.78 13.32
N SER A 30 14.35 1.78 13.20
CA SER A 30 15.55 1.90 12.40
C SER A 30 15.23 1.82 10.91
N TRP A 31 15.62 2.85 10.17
CA TRP A 31 15.36 2.89 8.74
C TRP A 31 16.26 3.93 8.06
N SER A 32 16.78 3.58 6.89
CA SER A 32 17.65 4.48 6.15
C SER A 32 17.48 4.29 4.64
N ALA A 33 16.35 3.71 4.25
CA ALA A 33 16.07 3.47 2.85
C ALA A 33 17.03 2.44 2.26
N PRO A 34 16.65 1.86 1.11
CA PRO A 34 17.47 0.85 0.43
C PRO A 34 18.74 1.45 -0.18
N GLU A 35 18.57 2.55 -0.91
CA GLU A 35 19.71 3.21 -1.54
C GLU A 35 19.49 4.72 -1.61
N ARG A 36 18.27 5.12 -1.96
CA ARG A 36 17.93 6.53 -2.06
C ARG A 36 16.44 6.71 -2.37
N ALA A 37 16.05 7.94 -2.71
CA ALA A 37 14.67 8.24 -3.02
C ALA A 37 14.57 9.40 -4.01
N ALA A 38 13.35 9.90 -4.21
CA ALA A 38 13.13 11.00 -5.14
C ALA A 38 11.76 11.64 -4.91
N PRO A 39 11.62 12.90 -5.32
CA PRO A 39 10.35 13.65 -5.17
C PRO A 39 9.25 13.12 -6.09
N VAL A 40 8.16 13.87 -6.19
CA VAL A 40 7.04 13.47 -7.03
C VAL A 40 6.36 14.69 -7.64
N PRO A 41 5.66 14.48 -8.76
CA PRO A 41 4.93 15.55 -9.45
C PRO A 41 3.72 16.04 -8.67
N GLY A 42 2.86 16.80 -9.35
CA GLY A 42 1.67 17.32 -8.70
C GLY A 42 0.57 16.28 -8.58
N ARG A 43 0.39 15.48 -9.64
CA ARG A 43 -0.63 14.45 -9.64
C ARG A 43 -0.35 13.39 -8.58
N LEU A 44 0.80 12.75 -8.70
CA LEU A 44 1.20 11.71 -7.75
C LEU A 44 1.18 12.24 -6.32
N ALA A 45 1.97 13.28 -6.07
CA ALA A 45 2.03 13.89 -4.75
C ALA A 45 0.64 14.16 -4.20
N GLU A 46 -0.24 14.67 -5.06
CA GLU A 46 -1.60 14.98 -4.66
C GLU A 46 -2.31 13.75 -4.13
N VAL A 47 -2.38 12.71 -4.96
CA VAL A 47 -3.03 11.46 -4.56
C VAL A 47 -2.35 10.84 -3.35
N ALA A 48 -1.04 10.59 -3.47
CA ALA A 48 -0.27 10.00 -2.39
C ALA A 48 -0.49 10.76 -1.09
N ALA A 49 -0.66 12.08 -1.19
CA ALA A 49 -0.88 12.92 -0.03
C ALA A 49 -2.23 12.62 0.62
N VAL A 50 -3.30 12.75 -0.16
CA VAL A 50 -4.64 12.51 0.34
C VAL A 50 -4.71 11.17 1.06
N LEU A 51 -4.09 10.15 0.49
CA LEU A 51 -4.08 8.81 1.09
C LEU A 51 -3.28 8.79 2.38
N LEU A 52 -2.07 9.36 2.32
CA LEU A 52 -1.21 9.42 3.50
C LEU A 52 -1.93 10.01 4.69
N ARG A 53 -2.39 11.25 4.56
CA ARG A 53 -3.10 11.93 5.63
C ARG A 53 -4.33 11.14 6.05
N LEU A 54 -5.07 10.64 5.07
CA LEU A 54 -6.27 9.86 5.32
C LEU A 54 -5.99 8.72 6.30
N GLY A 55 -5.12 7.81 5.89
CA GLY A 55 -4.76 6.68 6.73
C GLY A 55 -4.12 7.12 8.04
N ASP A 56 -3.18 8.06 7.94
CA ASP A 56 -2.48 8.56 9.12
C ASP A 56 -3.48 9.06 10.17
N GLU A 57 -4.30 10.04 9.78
CA GLU A 57 -5.28 10.60 10.69
C GLU A 57 -6.11 9.50 11.35
N LEU A 58 -6.63 8.59 10.54
CA LEU A 58 -7.44 7.48 11.05
C LEU A 58 -6.64 6.63 12.01
N GLU A 59 -5.39 6.33 11.66
CA GLU A 59 -4.53 5.52 12.50
C GLU A 59 -4.26 6.20 13.83
N MET A 60 -4.39 7.53 13.84
CA MET A 60 -4.16 8.31 15.05
C MET A 60 -5.44 8.44 15.86
N ILE A 61 -6.58 8.40 15.17
CA ILE A 61 -7.88 8.52 15.82
C ILE A 61 -8.20 7.27 16.62
N ARG A 62 -8.32 6.13 15.94
CA ARG A 62 -8.62 4.87 16.59
C ARG A 62 -8.75 3.75 15.57
N PRO A 63 -7.62 3.34 14.99
CA PRO A 63 -7.58 2.27 13.99
C PRO A 63 -7.89 0.90 14.58
N SER A 64 -8.73 0.14 13.90
CA SER A 64 -9.11 -1.19 14.37
C SER A 64 -7.87 -2.02 14.73
N VAL A 65 -6.94 -2.10 13.79
CA VAL A 65 -5.71 -2.86 13.99
C VAL A 65 -4.55 -2.25 13.21
N TYR A 66 -4.78 -2.01 11.92
CA TYR A 66 -3.76 -1.43 11.06
C TYR A 66 -2.39 -2.05 11.35
N ARG A 67 -2.39 -3.33 11.69
CA ARG A 67 -1.14 -4.03 11.99
C ARG A 67 -1.43 -5.43 12.55
N ASN A 68 -2.27 -5.49 13.58
CA ASN A 68 -2.62 -6.75 14.21
C ASN A 68 -3.42 -7.63 13.25
N VAL A 69 -3.96 -7.01 12.20
CA VAL A 69 -4.74 -7.72 11.21
C VAL A 69 -4.00 -8.96 10.71
N ALA A 70 -2.72 -8.79 10.41
CA ALA A 70 -1.90 -9.90 9.92
C ALA A 70 -2.07 -11.13 10.80
N ARG A 71 -2.00 -10.93 12.11
CA ARG A 71 -2.13 -12.03 13.07
C ARG A 71 -3.51 -12.69 12.94
N GLN A 72 -4.52 -11.88 12.65
CA GLN A 72 -5.89 -12.38 12.50
C GLN A 72 -5.97 -13.39 11.35
N LEU A 73 -4.97 -13.36 10.48
CA LEU A 73 -4.93 -14.27 9.34
C LEU A 73 -3.63 -15.08 9.33
N HIS A 74 -2.84 -14.93 10.38
CA HIS A 74 -1.58 -15.64 10.50
C HIS A 74 -0.78 -15.55 9.19
N ILE A 75 -0.73 -14.35 8.62
CA ILE A 75 0.00 -14.12 7.37
C ILE A 75 1.41 -14.68 7.46
N SER A 76 2.04 -14.54 8.63
CA SER A 76 3.39 -15.03 8.83
C SER A 76 4.38 -14.29 7.95
N LEU A 77 4.79 -13.11 8.39
CA LEU A 77 5.74 -12.29 7.64
C LEU A 77 7.09 -12.99 7.52
N GLN A 78 7.29 -14.03 8.32
CA GLN A 78 8.53 -14.78 8.31
C GLN A 78 8.79 -15.38 6.93
N SER A 79 7.73 -15.50 6.14
CA SER A 79 7.85 -16.05 4.79
C SER A 79 7.53 -14.99 3.73
N GLU A 80 7.97 -15.25 2.50
CA GLU A 80 7.73 -14.31 1.41
C GLU A 80 6.58 -14.78 0.54
N ARG A 81 6.56 -16.07 0.24
CA ARG A 81 5.51 -16.65 -0.60
C ARG A 81 4.16 -16.61 0.12
N VAL A 82 4.19 -16.71 1.44
CA VAL A 82 2.97 -16.67 2.24
C VAL A 82 2.41 -15.26 2.33
N VAL A 83 3.28 -14.31 2.66
CA VAL A 83 2.88 -12.92 2.78
C VAL A 83 2.33 -12.39 1.47
N THR A 84 2.97 -12.78 0.37
CA THR A 84 2.55 -12.34 -0.96
C THR A 84 1.24 -13.01 -1.37
N ASP A 85 1.23 -14.34 -1.33
CA ASP A 85 0.04 -15.10 -1.70
C ASP A 85 -1.15 -14.70 -0.84
N ALA A 86 -0.93 -14.61 0.47
CA ALA A 86 -1.99 -14.23 1.40
C ALA A 86 -2.51 -12.84 1.10
N PHE A 87 -1.59 -11.87 1.04
CA PHE A 87 -1.96 -10.48 0.76
C PHE A 87 -2.68 -10.36 -0.57
N LEU A 88 -2.13 -11.02 -1.59
CA LEU A 88 -2.71 -11.00 -2.92
C LEU A 88 -4.11 -11.61 -2.92
N ALA A 89 -4.27 -12.70 -2.18
CA ALA A 89 -5.56 -13.38 -2.09
C ALA A 89 -6.61 -12.47 -1.47
N VAL A 90 -6.35 -12.02 -0.25
CA VAL A 90 -7.29 -11.14 0.45
C VAL A 90 -7.60 -9.90 -0.37
N ALA A 91 -6.59 -9.42 -1.10
CA ALA A 91 -6.76 -8.23 -1.93
C ALA A 91 -7.78 -8.47 -3.04
N GLY A 92 -7.50 -9.44 -3.91
CA GLY A 92 -8.41 -9.75 -4.99
C GLY A 92 -9.78 -10.18 -4.50
N HIS A 93 -9.81 -10.76 -3.30
CA HIS A 93 -11.07 -11.23 -2.71
C HIS A 93 -11.96 -10.05 -2.33
N ILE A 94 -11.38 -9.07 -1.64
CA ILE A 94 -12.14 -7.90 -1.22
C ILE A 94 -12.42 -6.97 -2.40
N PHE A 95 -11.56 -7.03 -3.41
CA PHE A 95 -11.73 -6.21 -4.61
C PHE A 95 -12.63 -6.90 -5.62
N SER A 96 -12.79 -8.20 -5.49
CA SER A 96 -13.63 -8.98 -6.39
C SER A 96 -15.05 -8.43 -6.40
N ALA A 97 -15.46 -7.83 -5.30
CA ALA A 97 -16.80 -7.25 -5.19
C ALA A 97 -16.80 -5.78 -5.57
N GLY A 98 -15.77 -5.36 -6.29
CA GLY A 98 -15.67 -3.97 -6.71
C GLY A 98 -14.45 -3.28 -6.16
N ILE A 99 -13.67 -2.68 -7.05
CA ILE A 99 -12.44 -1.98 -6.64
C ILE A 99 -12.76 -0.88 -5.61
N THR A 100 -13.45 0.15 -6.05
CA THR A 100 -13.81 1.27 -5.18
C THR A 100 -12.57 1.98 -4.65
N TRP A 101 -12.74 3.24 -4.26
CA TRP A 101 -11.63 4.03 -3.75
C TRP A 101 -11.37 3.71 -2.27
N GLY A 102 -12.44 3.69 -1.48
CA GLY A 102 -12.31 3.40 -0.07
C GLY A 102 -11.49 2.15 0.19
N LYS A 103 -11.84 1.07 -0.50
CA LYS A 103 -11.13 -0.20 -0.34
C LYS A 103 -9.64 -0.02 -0.56
N VAL A 104 -9.28 0.86 -1.48
CA VAL A 104 -7.88 1.13 -1.78
C VAL A 104 -7.17 1.78 -0.60
N VAL A 105 -7.77 2.85 -0.07
CA VAL A 105 -7.19 3.56 1.08
C VAL A 105 -6.97 2.61 2.24
N SER A 106 -8.02 1.88 2.63
CA SER A 106 -7.93 0.95 3.74
C SER A 106 -6.84 -0.10 3.50
N LEU A 107 -6.88 -0.72 2.32
CA LEU A 107 -5.90 -1.73 1.96
C LEU A 107 -4.48 -1.21 2.16
N TYR A 108 -4.21 -0.03 1.61
CA TYR A 108 -2.88 0.57 1.72
C TYR A 108 -2.47 0.70 3.19
N ALA A 109 -3.36 1.26 4.00
CA ALA A 109 -3.09 1.43 5.43
C ALA A 109 -2.65 0.12 6.07
N VAL A 110 -3.42 -0.94 5.81
CA VAL A 110 -3.10 -2.25 6.37
C VAL A 110 -1.71 -2.70 5.97
N ALA A 111 -1.42 -2.66 4.68
CA ALA A 111 -0.11 -3.05 4.17
C ALA A 111 1.01 -2.36 4.94
N ALA A 112 0.88 -1.05 5.10
CA ALA A 112 1.88 -0.27 5.81
C ALA A 112 2.11 -0.82 7.22
N GLY A 113 1.02 -1.13 7.91
CA GLY A 113 1.12 -1.67 9.25
C GLY A 113 1.94 -2.94 9.31
N LEU A 114 1.60 -3.90 8.46
CA LEU A 114 2.30 -5.18 8.41
C LEU A 114 3.80 -4.97 8.17
N ALA A 115 4.12 -4.10 7.22
CA ALA A 115 5.51 -3.80 6.89
C ALA A 115 6.26 -3.27 8.10
N VAL A 116 5.64 -2.33 8.81
CA VAL A 116 6.24 -1.74 10.00
C VAL A 116 6.59 -2.82 11.03
N ASP A 117 5.60 -3.60 11.40
CA ASP A 117 5.80 -4.67 12.39
C ASP A 117 6.92 -5.61 11.94
N ALA A 118 7.00 -5.86 10.64
CA ALA A 118 8.02 -6.74 10.09
C ALA A 118 9.41 -6.13 10.26
N VAL A 119 9.62 -4.97 9.65
CA VAL A 119 10.91 -4.29 9.74
C VAL A 119 11.35 -4.12 11.18
N ARG A 120 10.37 -4.04 12.08
CA ARG A 120 10.66 -3.88 13.50
C ARG A 120 11.06 -5.20 14.14
N GLN A 121 10.48 -6.29 13.64
CA GLN A 121 10.78 -7.63 14.16
C GLN A 121 11.89 -8.29 13.34
N ALA A 122 12.71 -7.47 12.68
CA ALA A 122 13.80 -7.98 11.87
C ALA A 122 13.27 -8.70 10.62
N GLN A 123 12.44 -7.99 9.86
CA GLN A 123 11.86 -8.55 8.65
C GLN A 123 11.44 -7.45 7.67
N PRO A 124 12.43 -6.64 7.26
CA PRO A 124 12.19 -5.53 6.33
C PRO A 124 11.85 -6.02 4.92
N ALA A 125 11.99 -7.32 4.70
CA ALA A 125 11.71 -7.91 3.40
C ALA A 125 10.23 -7.78 3.05
N MET A 126 9.39 -7.63 4.08
CA MET A 126 7.95 -7.49 3.86
C MET A 126 7.64 -6.23 3.06
N VAL A 127 8.44 -5.19 3.26
CA VAL A 127 8.25 -3.92 2.56
C VAL A 127 8.29 -4.13 1.05
N HIS A 128 9.36 -4.74 0.57
CA HIS A 128 9.51 -5.01 -0.86
C HIS A 128 8.49 -6.03 -1.34
N ALA A 129 8.30 -7.08 -0.55
CA ALA A 129 7.33 -8.13 -0.89
C ALA A 129 5.94 -7.55 -1.09
N LEU A 130 5.49 -6.76 -0.12
CA LEU A 130 4.16 -6.16 -0.19
C LEU A 130 4.06 -5.21 -1.38
N VAL A 131 4.98 -4.27 -1.48
CA VAL A 131 5.00 -3.31 -2.57
C VAL A 131 4.90 -4.02 -3.91
N ASP A 132 5.60 -5.14 -4.04
CA ASP A 132 5.60 -5.91 -5.29
C ASP A 132 4.21 -6.50 -5.55
N ALA A 133 3.67 -7.21 -4.56
CA ALA A 133 2.35 -7.82 -4.68
C ALA A 133 1.29 -6.78 -5.01
N LEU A 134 1.32 -5.66 -4.30
CA LEU A 134 0.36 -4.58 -4.53
C LEU A 134 0.45 -4.07 -5.96
N GLY A 135 1.65 -3.67 -6.37
CA GLY A 135 1.86 -3.16 -7.71
C GLY A 135 1.30 -4.09 -8.77
N GLU A 136 1.79 -5.32 -8.79
CA GLU A 136 1.34 -6.31 -9.77
C GLU A 136 -0.19 -6.46 -9.72
N PHE A 137 -0.74 -6.53 -8.51
CA PHE A 137 -2.17 -6.68 -8.33
C PHE A 137 -2.91 -5.43 -8.81
N VAL A 138 -2.21 -4.30 -8.83
CA VAL A 138 -2.80 -3.04 -9.27
C VAL A 138 -2.74 -2.91 -10.79
N ARG A 139 -1.72 -3.51 -11.39
CA ARG A 139 -1.54 -3.46 -12.83
C ARG A 139 -1.99 -4.78 -13.48
N LYS A 140 -2.88 -5.49 -12.80
CA LYS A 140 -3.38 -6.76 -13.30
C LYS A 140 -4.88 -6.87 -13.09
N THR A 141 -5.30 -6.74 -11.83
CA THR A 141 -6.72 -6.82 -11.49
C THR A 141 -7.37 -5.45 -11.50
N LEU A 142 -6.59 -4.43 -11.16
CA LEU A 142 -7.09 -3.06 -11.12
C LEU A 142 -6.65 -2.28 -12.36
N ALA A 143 -5.80 -2.91 -13.17
CA ALA A 143 -5.30 -2.28 -14.39
C ALA A 143 -6.44 -1.70 -15.21
N THR A 144 -7.50 -2.49 -15.39
CA THR A 144 -8.66 -2.05 -16.16
C THR A 144 -9.41 -0.93 -15.44
N TRP A 145 -9.63 -1.10 -14.14
CA TRP A 145 -10.33 -0.11 -13.35
C TRP A 145 -9.72 1.28 -13.55
N LEU A 146 -8.44 1.41 -13.23
CA LEU A 146 -7.74 2.68 -13.38
C LEU A 146 -7.67 3.10 -14.85
N ARG A 147 -7.49 2.12 -15.72
CA ARG A 147 -7.41 2.39 -17.15
C ARG A 147 -8.71 3.01 -17.67
N ARG A 148 -9.81 2.68 -17.00
CA ARG A 148 -11.12 3.22 -17.39
C ARG A 148 -11.37 4.57 -16.73
N ARG A 149 -10.85 4.73 -15.52
CA ARG A 149 -11.03 5.98 -14.78
C ARG A 149 -10.08 7.06 -15.30
N GLY A 150 -9.01 6.63 -15.97
CA GLY A 150 -8.05 7.58 -16.50
C GLY A 150 -6.90 7.84 -15.54
N GLY A 151 -7.21 7.85 -14.26
CA GLY A 151 -6.18 8.10 -13.26
C GLY A 151 -6.75 8.17 -11.84
N TRP A 152 -5.88 8.41 -10.87
CA TRP A 152 -6.30 8.50 -9.48
C TRP A 152 -6.87 9.88 -9.17
N THR A 153 -6.85 10.77 -10.18
CA THR A 153 -7.36 12.12 -10.01
C THR A 153 -8.75 12.11 -9.39
N ASP A 154 -9.46 11.00 -9.56
CA ASP A 154 -10.81 10.86 -9.02
C ASP A 154 -10.84 11.22 -7.53
N VAL A 155 -9.92 10.64 -6.77
CA VAL A 155 -9.85 10.89 -5.34
C VAL A 155 -9.39 12.32 -5.06
N LEU A 156 -8.92 13.00 -6.10
CA LEU A 156 -8.45 14.37 -5.98
C LEU A 156 -9.57 15.36 -6.27
N LYS A 157 -10.72 14.83 -6.68
CA LYS A 157 -11.87 15.67 -6.99
C LYS A 157 -12.78 15.82 -5.77
N CYS A 158 -12.75 14.84 -4.88
CA CYS A 158 -13.56 14.86 -3.68
C CYS A 158 -12.68 14.82 -2.43
N PRO A 3 4.97 0.07 -21.34
CA PRO A 3 4.06 1.22 -21.38
C PRO A 3 2.64 0.85 -20.97
N THR A 4 1.76 1.84 -20.93
CA THR A 4 0.36 1.62 -20.55
C THR A 4 0.24 1.36 -19.06
N ASP A 5 0.76 0.22 -18.60
CA ASP A 5 0.71 -0.14 -17.20
C ASP A 5 1.78 0.60 -16.40
N LYS A 6 2.80 1.09 -17.11
CA LYS A 6 3.89 1.82 -16.48
C LYS A 6 3.36 2.92 -15.57
N GLU A 7 2.40 3.69 -16.08
CA GLU A 7 1.81 4.79 -15.30
C GLU A 7 1.18 4.26 -14.02
N LEU A 8 0.17 3.41 -14.16
CA LEU A 8 -0.52 2.84 -13.02
C LEU A 8 0.47 2.20 -12.05
N VAL A 9 1.29 1.29 -12.56
CA VAL A 9 2.29 0.61 -11.75
C VAL A 9 3.13 1.61 -10.96
N ALA A 10 3.86 2.46 -11.67
CA ALA A 10 4.71 3.45 -11.04
C ALA A 10 3.93 4.25 -9.98
N GLN A 11 2.63 4.40 -10.22
CA GLN A 11 1.78 5.14 -9.29
C GLN A 11 1.50 4.31 -8.04
N ALA A 12 0.93 3.13 -8.23
CA ALA A 12 0.61 2.24 -7.12
C ALA A 12 1.82 2.03 -6.22
N LYS A 13 2.96 1.73 -6.82
CA LYS A 13 4.19 1.51 -6.08
C LYS A 13 4.62 2.78 -5.34
N ALA A 14 4.57 3.90 -6.05
CA ALA A 14 4.95 5.19 -5.47
C ALA A 14 4.19 5.45 -4.17
N LEU A 15 2.89 5.17 -4.20
CA LEU A 15 2.05 5.38 -3.02
C LEU A 15 2.42 4.40 -1.91
N GLY A 16 2.25 3.11 -2.18
CA GLY A 16 2.57 2.09 -1.20
C GLY A 16 3.95 2.28 -0.60
N ARG A 17 4.92 2.64 -1.45
CA ARG A 17 6.28 2.84 -1.00
C ARG A 17 6.37 4.02 -0.03
N GLU A 18 6.04 5.20 -0.52
CA GLU A 18 6.08 6.40 0.30
C GLU A 18 5.21 6.24 1.56
N TYR A 19 4.17 5.43 1.45
CA TYR A 19 3.27 5.19 2.56
C TYR A 19 3.98 4.40 3.67
N VAL A 20 4.32 3.15 3.37
CA VAL A 20 5.00 2.30 4.33
C VAL A 20 6.18 3.02 4.98
N HIS A 21 6.97 3.71 4.16
CA HIS A 21 8.13 4.45 4.65
C HIS A 21 7.69 5.55 5.61
N ALA A 22 6.62 6.24 5.25
CA ALA A 22 6.10 7.33 6.08
C ALA A 22 5.75 6.84 7.48
N ARG A 23 4.83 5.89 7.56
CA ARG A 23 4.42 5.33 8.85
C ARG A 23 5.59 4.67 9.56
N LEU A 24 6.52 4.14 8.79
CA LEU A 24 7.70 3.47 9.34
C LEU A 24 8.64 4.49 9.97
N LEU A 25 8.85 5.61 9.29
CA LEU A 25 9.73 6.66 9.77
C LEU A 25 9.09 7.40 10.95
N ARG A 26 7.77 7.47 10.95
CA ARG A 26 7.03 8.14 12.01
C ARG A 26 6.83 7.21 13.21
N ALA A 27 6.87 5.91 12.95
CA ALA A 27 6.69 4.92 14.00
C ALA A 27 7.98 4.70 14.77
N GLY A 28 9.11 4.85 14.09
CA GLY A 28 10.39 4.66 14.72
C GLY A 28 11.34 3.84 13.88
N LEU A 29 12.24 3.10 14.54
CA LEU A 29 13.21 2.25 13.84
C LEU A 29 14.14 3.10 13.00
N SER A 30 15.29 2.53 12.65
CA SER A 30 16.29 3.23 11.85
C SER A 30 16.10 2.92 10.36
N TRP A 31 15.73 3.94 9.59
CA TRP A 31 15.52 3.78 8.16
C TRP A 31 15.98 5.00 7.40
N SER A 32 16.99 4.82 6.55
CA SER A 32 17.53 5.93 5.76
C SER A 32 17.05 5.85 4.31
N ALA A 33 16.36 4.77 3.99
CA ALA A 33 15.84 4.56 2.64
C ALA A 33 16.98 4.43 1.63
N PRO A 34 16.66 3.87 0.45
CA PRO A 34 17.65 3.67 -0.62
C PRO A 34 18.08 4.99 -1.25
N GLU A 35 17.19 5.97 -1.23
CA GLU A 35 17.49 7.28 -1.80
C GLU A 35 18.01 7.15 -3.24
N ARG A 36 17.08 7.07 -4.18
CA ARG A 36 17.44 6.93 -5.59
C ARG A 36 16.96 8.13 -6.39
N ALA A 37 16.00 8.87 -5.83
CA ALA A 37 15.46 10.05 -6.50
C ALA A 37 14.75 9.68 -7.79
N ALA A 38 13.76 10.47 -8.17
CA ALA A 38 12.99 10.22 -9.38
C ALA A 38 11.92 11.29 -9.58
N PRO A 39 11.51 11.50 -10.85
CA PRO A 39 10.49 12.48 -11.20
C PRO A 39 9.10 12.08 -10.73
N VAL A 40 8.20 13.05 -10.66
CA VAL A 40 6.83 12.78 -10.22
C VAL A 40 5.97 14.04 -10.33
N PRO A 41 4.88 13.95 -11.10
CA PRO A 41 3.94 15.07 -11.29
C PRO A 41 3.15 15.39 -10.03
N GLY A 42 2.16 16.26 -10.18
CA GLY A 42 1.33 16.63 -9.04
C GLY A 42 0.26 15.61 -8.74
N ARG A 43 -0.13 14.86 -9.75
CA ARG A 43 -1.16 13.83 -9.58
C ARG A 43 -0.70 12.75 -8.62
N LEU A 44 0.52 12.25 -8.82
CA LEU A 44 1.08 11.21 -7.97
C LEU A 44 1.22 11.70 -6.53
N ALA A 45 2.00 12.77 -6.35
CA ALA A 45 2.21 13.34 -5.02
C ALA A 45 0.88 13.62 -4.32
N GLU A 46 -0.08 14.18 -5.07
CA GLU A 46 -1.38 14.49 -4.52
C GLU A 46 -2.04 13.24 -3.93
N VAL A 47 -2.15 12.20 -4.76
CA VAL A 47 -2.76 10.95 -4.33
C VAL A 47 -2.09 10.42 -3.07
N ALA A 48 -0.77 10.33 -3.09
CA ALA A 48 -0.01 9.84 -1.96
C ALA A 48 -0.40 10.56 -0.68
N ALA A 49 -0.44 11.90 -0.75
CA ALA A 49 -0.80 12.71 0.40
C ALA A 49 -2.19 12.35 0.91
N VAL A 50 -3.16 12.29 0.00
CA VAL A 50 -4.53 11.95 0.35
C VAL A 50 -4.59 10.68 1.18
N LEU A 51 -3.91 9.64 0.69
CA LEU A 51 -3.88 8.36 1.39
C LEU A 51 -3.14 8.47 2.72
N LEU A 52 -2.15 9.34 2.77
CA LEU A 52 -1.37 9.55 3.98
C LEU A 52 -2.21 10.20 5.07
N ARG A 53 -2.71 11.40 4.78
CA ARG A 53 -3.53 12.14 5.74
C ARG A 53 -4.74 11.31 6.16
N LEU A 54 -5.43 10.73 5.17
CA LEU A 54 -6.61 9.91 5.45
C LEU A 54 -6.26 8.76 6.38
N GLY A 55 -5.40 7.85 5.91
CA GLY A 55 -5.01 6.72 6.72
C GLY A 55 -4.44 7.14 8.07
N ASP A 56 -3.46 8.04 8.04
CA ASP A 56 -2.83 8.51 9.26
C ASP A 56 -3.88 8.95 10.28
N GLU A 57 -4.76 9.85 9.86
CA GLU A 57 -5.81 10.36 10.73
C GLU A 57 -6.58 9.22 11.38
N LEU A 58 -6.98 8.24 10.55
CA LEU A 58 -7.74 7.09 11.04
C LEU A 58 -6.90 6.26 12.01
N GLU A 59 -5.63 6.03 11.64
CA GLU A 59 -4.74 5.25 12.48
C GLU A 59 -4.41 5.99 13.77
N MET A 60 -4.63 7.31 13.76
CA MET A 60 -4.37 8.13 14.93
C MET A 60 -5.59 8.19 15.85
N ILE A 61 -6.78 8.12 15.24
CA ILE A 61 -8.02 8.17 16.00
C ILE A 61 -8.30 6.83 16.67
N ARG A 62 -8.48 5.79 15.86
CA ARG A 62 -8.76 4.46 16.38
C ARG A 62 -8.98 3.47 15.23
N PRO A 63 -7.87 3.00 14.65
CA PRO A 63 -7.92 2.03 13.53
C PRO A 63 -8.39 0.66 13.98
N SER A 64 -9.18 0.01 13.13
CA SER A 64 -9.71 -1.32 13.43
C SER A 64 -8.58 -2.34 13.53
N VAL A 65 -7.76 -2.42 12.48
CA VAL A 65 -6.65 -3.36 12.45
C VAL A 65 -5.56 -2.87 11.51
N TYR A 66 -4.95 -1.73 11.85
CA TYR A 66 -3.89 -1.17 11.03
C TYR A 66 -2.52 -1.66 11.49
N ARG A 67 -2.52 -2.75 12.25
CA ARG A 67 -1.29 -3.32 12.76
C ARG A 67 -1.56 -4.61 13.55
N ASN A 68 -2.23 -5.56 12.90
CA ASN A 68 -2.55 -6.82 13.54
C ASN A 68 -3.40 -7.70 12.61
N VAL A 69 -4.11 -7.06 11.69
CA VAL A 69 -4.95 -7.78 10.75
C VAL A 69 -4.24 -9.01 10.20
N ALA A 70 -2.95 -8.86 9.89
CA ALA A 70 -2.16 -9.97 9.37
C ALA A 70 -2.34 -11.23 10.22
N ARG A 71 -2.25 -11.07 11.53
CA ARG A 71 -2.40 -12.19 12.45
C ARG A 71 -3.78 -12.83 12.29
N GLN A 72 -4.78 -12.02 11.99
CA GLN A 72 -6.14 -12.51 11.82
C GLN A 72 -6.20 -13.54 10.70
N LEU A 73 -5.25 -13.46 9.77
CA LEU A 73 -5.20 -14.38 8.65
C LEU A 73 -3.96 -15.25 8.71
N HIS A 74 -3.19 -15.10 9.78
CA HIS A 74 -1.96 -15.88 9.97
C HIS A 74 -1.09 -15.83 8.72
N ILE A 75 -1.05 -14.66 8.09
CA ILE A 75 -0.25 -14.47 6.88
C ILE A 75 1.18 -14.96 7.09
N SER A 76 1.72 -14.73 8.28
CA SER A 76 3.07 -15.15 8.60
C SER A 76 4.10 -14.38 7.77
N LEU A 77 4.60 -13.28 8.34
CA LEU A 77 5.59 -12.46 7.66
C LEU A 77 6.99 -13.02 7.84
N GLN A 78 7.15 -14.32 7.57
CA GLN A 78 8.44 -14.97 7.70
C GLN A 78 8.93 -15.49 6.36
N SER A 79 8.03 -15.52 5.38
CA SER A 79 8.37 -16.01 4.04
C SER A 79 8.12 -14.93 3.00
N GLU A 80 8.19 -15.32 1.73
CA GLU A 80 7.97 -14.38 0.63
C GLU A 80 6.73 -14.76 -0.17
N ARG A 81 6.71 -15.99 -0.68
CA ARG A 81 5.58 -16.47 -1.47
C ARG A 81 4.31 -16.49 -0.63
N VAL A 82 4.46 -16.65 0.69
CA VAL A 82 3.33 -16.69 1.60
C VAL A 82 2.73 -15.30 1.78
N VAL A 83 3.55 -14.37 2.25
CA VAL A 83 3.10 -13.00 2.48
C VAL A 83 2.51 -12.39 1.20
N THR A 84 3.13 -12.70 0.07
CA THR A 84 2.67 -12.19 -1.21
C THR A 84 1.37 -12.84 -1.63
N ASP A 85 1.34 -14.17 -1.63
CA ASP A 85 0.16 -14.92 -2.01
C ASP A 85 -1.03 -14.54 -1.11
N ALA A 86 -0.81 -14.56 0.19
CA ALA A 86 -1.85 -14.22 1.15
C ALA A 86 -2.36 -12.81 0.91
N PHE A 87 -1.45 -11.84 0.91
CA PHE A 87 -1.81 -10.44 0.70
C PHE A 87 -2.54 -10.26 -0.62
N LEU A 88 -1.99 -10.88 -1.67
CA LEU A 88 -2.60 -10.79 -3.00
C LEU A 88 -4.02 -11.34 -3.00
N ALA A 89 -4.21 -12.48 -2.35
CA ALA A 89 -5.52 -13.10 -2.26
C ALA A 89 -6.53 -12.18 -1.57
N VAL A 90 -6.25 -11.86 -0.31
CA VAL A 90 -7.12 -10.99 0.46
C VAL A 90 -7.39 -9.69 -0.28
N ALA A 91 -6.39 -9.21 -1.00
CA ALA A 91 -6.52 -7.96 -1.76
C ALA A 91 -7.59 -8.08 -2.83
N GLY A 92 -7.35 -8.96 -3.81
CA GLY A 92 -8.29 -9.16 -4.89
C GLY A 92 -9.68 -9.50 -4.39
N HIS A 93 -9.74 -10.21 -3.26
CA HIS A 93 -11.02 -10.61 -2.67
C HIS A 93 -11.80 -9.39 -2.19
N ILE A 94 -11.13 -8.54 -1.41
CA ILE A 94 -11.76 -7.34 -0.88
C ILE A 94 -12.21 -6.41 -2.01
N PHE A 95 -11.37 -6.27 -3.02
CA PHE A 95 -11.68 -5.42 -4.15
C PHE A 95 -12.74 -6.06 -5.05
N SER A 96 -12.80 -7.40 -5.02
CA SER A 96 -13.75 -8.14 -5.83
C SER A 96 -15.18 -7.69 -5.53
N ALA A 97 -15.40 -7.20 -4.31
CA ALA A 97 -16.72 -6.73 -3.90
C ALA A 97 -16.86 -5.23 -4.13
N GLY A 98 -15.76 -4.58 -4.44
CA GLY A 98 -15.78 -3.14 -4.68
C GLY A 98 -14.40 -2.57 -4.92
N ILE A 99 -14.22 -1.91 -6.06
CA ILE A 99 -12.94 -1.31 -6.41
C ILE A 99 -12.92 0.18 -6.07
N THR A 100 -14.00 0.67 -5.50
CA THR A 100 -14.11 2.07 -5.13
C THR A 100 -12.83 2.56 -4.47
N TRP A 101 -12.61 3.87 -4.53
CA TRP A 101 -11.42 4.47 -3.94
C TRP A 101 -11.30 4.10 -2.46
N GLY A 102 -12.44 4.02 -1.78
CA GLY A 102 -12.45 3.67 -0.38
C GLY A 102 -11.64 2.40 -0.09
N LYS A 103 -11.96 1.33 -0.80
CA LYS A 103 -11.28 0.06 -0.62
C LYS A 103 -9.76 0.24 -0.78
N VAL A 104 -9.37 1.13 -1.67
CA VAL A 104 -7.96 1.40 -1.93
C VAL A 104 -7.29 2.00 -0.70
N VAL A 105 -7.87 3.08 -0.19
CA VAL A 105 -7.32 3.75 0.99
C VAL A 105 -7.13 2.77 2.15
N SER A 106 -8.18 2.01 2.45
CA SER A 106 -8.13 1.04 3.53
C SER A 106 -7.02 0.02 3.30
N LEU A 107 -7.02 -0.60 2.13
CA LEU A 107 -6.01 -1.59 1.78
C LEU A 107 -4.61 -1.04 1.99
N TYR A 108 -4.37 0.17 1.47
CA TYR A 108 -3.06 0.82 1.61
C TYR A 108 -2.64 0.88 3.07
N ALA A 109 -3.50 1.46 3.90
CA ALA A 109 -3.21 1.59 5.32
C ALA A 109 -2.81 0.25 5.92
N VAL A 110 -3.57 -0.80 5.59
CA VAL A 110 -3.29 -2.13 6.10
C VAL A 110 -1.88 -2.58 5.74
N ALA A 111 -1.55 -2.51 4.45
CA ALA A 111 -0.23 -2.90 3.97
C ALA A 111 0.87 -2.22 4.77
N ALA A 112 0.73 -0.90 4.97
CA ALA A 112 1.71 -0.13 5.72
C ALA A 112 1.89 -0.70 7.12
N GLY A 113 0.78 -1.06 7.76
CA GLY A 113 0.85 -1.60 9.10
C GLY A 113 1.64 -2.89 9.17
N LEU A 114 1.35 -3.81 8.25
CA LEU A 114 2.05 -5.09 8.21
C LEU A 114 3.55 -4.89 8.01
N ALA A 115 3.91 -4.00 7.10
CA ALA A 115 5.31 -3.72 6.82
C ALA A 115 6.02 -3.20 8.07
N VAL A 116 5.38 -2.27 8.76
CA VAL A 116 5.95 -1.68 9.97
C VAL A 116 6.24 -2.76 11.02
N ASP A 117 5.24 -3.59 11.28
CA ASP A 117 5.39 -4.68 12.26
C ASP A 117 6.51 -5.63 11.85
N ALA A 118 6.64 -5.84 10.55
CA ALA A 118 7.68 -6.73 10.03
C ALA A 118 9.06 -6.20 10.34
N VAL A 119 9.36 -4.99 9.86
CA VAL A 119 10.65 -4.37 10.09
C VAL A 119 10.97 -4.28 11.57
N ARG A 120 9.92 -4.11 12.39
CA ARG A 120 10.09 -4.00 13.83
C ARG A 120 10.39 -5.37 14.44
N GLN A 121 9.85 -6.41 13.83
CA GLN A 121 10.05 -7.78 14.31
C GLN A 121 11.22 -8.44 13.59
N ALA A 122 12.11 -7.63 13.05
CA ALA A 122 13.28 -8.13 12.34
C ALA A 122 12.88 -8.82 11.03
N GLN A 123 12.29 -8.04 10.13
CA GLN A 123 11.85 -8.59 8.85
C GLN A 123 11.33 -7.46 7.94
N PRO A 124 12.21 -6.52 7.60
CA PRO A 124 11.87 -5.38 6.74
C PRO A 124 11.61 -5.80 5.30
N ALA A 125 11.92 -7.07 4.99
CA ALA A 125 11.72 -7.60 3.65
C ALA A 125 10.26 -7.49 3.22
N MET A 126 9.36 -7.51 4.20
CA MET A 126 7.93 -7.42 3.92
C MET A 126 7.61 -6.14 3.16
N VAL A 127 8.42 -5.11 3.36
CA VAL A 127 8.23 -3.83 2.69
C VAL A 127 8.31 -3.98 1.18
N HIS A 128 9.42 -4.55 0.71
CA HIS A 128 9.62 -4.76 -0.73
C HIS A 128 8.64 -5.79 -1.27
N ALA A 129 8.42 -6.85 -0.51
CA ALA A 129 7.51 -7.91 -0.91
C ALA A 129 6.08 -7.37 -1.08
N LEU A 130 5.60 -6.66 -0.07
CA LEU A 130 4.26 -6.09 -0.11
C LEU A 130 4.12 -5.11 -1.27
N VAL A 131 5.02 -4.14 -1.34
CA VAL A 131 4.99 -3.14 -2.41
C VAL A 131 4.93 -3.81 -3.78
N ASP A 132 5.73 -4.86 -3.95
CA ASP A 132 5.76 -5.59 -5.22
C ASP A 132 4.40 -6.20 -5.53
N ALA A 133 3.86 -6.97 -4.58
CA ALA A 133 2.57 -7.61 -4.76
C ALA A 133 1.47 -6.57 -5.01
N LEU A 134 1.56 -5.45 -4.31
CA LEU A 134 0.58 -4.37 -4.46
C LEU A 134 0.55 -3.85 -5.89
N GLY A 135 1.71 -3.38 -6.36
CA GLY A 135 1.80 -2.86 -7.71
C GLY A 135 1.33 -3.86 -8.75
N GLU A 136 1.81 -5.09 -8.64
CA GLU A 136 1.44 -6.15 -9.57
C GLU A 136 -0.07 -6.40 -9.55
N PHE A 137 -0.63 -6.40 -8.35
CA PHE A 137 -2.06 -6.63 -8.18
C PHE A 137 -2.87 -5.43 -8.65
N VAL A 138 -2.26 -4.24 -8.58
CA VAL A 138 -2.91 -3.02 -9.01
C VAL A 138 -2.78 -2.82 -10.51
N ARG A 139 -1.77 -3.43 -11.10
CA ARG A 139 -1.54 -3.32 -12.54
C ARG A 139 -2.17 -4.50 -13.28
N LYS A 140 -2.90 -5.33 -12.55
CA LYS A 140 -3.56 -6.48 -13.14
C LYS A 140 -5.04 -6.51 -12.78
N THR A 141 -5.33 -6.45 -11.49
CA THR A 141 -6.70 -6.47 -11.01
C THR A 141 -7.30 -5.07 -11.02
N LEU A 142 -6.49 -4.07 -10.71
CA LEU A 142 -6.93 -2.69 -10.68
C LEU A 142 -6.50 -1.95 -11.95
N ALA A 143 -5.72 -2.63 -12.79
CA ALA A 143 -5.25 -2.04 -14.04
C ALA A 143 -6.40 -1.54 -14.88
N THR A 144 -7.38 -2.41 -15.12
CA THR A 144 -8.56 -2.05 -15.91
C THR A 144 -9.31 -0.89 -15.29
N TRP A 145 -9.70 -1.05 -14.03
CA TRP A 145 -10.43 -0.01 -13.32
C TRP A 145 -9.68 1.32 -13.37
N LEU A 146 -8.48 1.33 -12.82
CA LEU A 146 -7.66 2.54 -12.80
C LEU A 146 -7.50 3.10 -14.21
N ARG A 147 -7.48 2.22 -15.20
CA ARG A 147 -7.33 2.63 -16.58
C ARG A 147 -8.60 3.34 -17.08
N ARG A 148 -9.75 2.73 -16.82
CA ARG A 148 -11.02 3.29 -17.23
C ARG A 148 -11.28 4.63 -16.53
N ARG A 149 -10.69 4.79 -15.36
CA ARG A 149 -10.86 6.03 -14.59
C ARG A 149 -9.97 7.14 -15.14
N GLY A 150 -8.94 6.75 -15.88
CA GLY A 150 -8.03 7.73 -16.46
C GLY A 150 -6.82 7.98 -15.58
N GLY A 151 -7.03 7.94 -14.27
CA GLY A 151 -5.93 8.17 -13.34
C GLY A 151 -6.39 8.17 -11.90
N TRP A 152 -5.44 8.37 -10.98
CA TRP A 152 -5.75 8.39 -9.56
C TRP A 152 -6.31 9.74 -9.14
N THR A 153 -6.19 10.73 -10.02
CA THR A 153 -6.67 12.07 -9.74
C THR A 153 -8.11 12.04 -9.21
N ASP A 154 -8.88 11.06 -9.67
CA ASP A 154 -10.26 10.92 -9.25
C ASP A 154 -10.36 10.76 -7.73
N VAL A 155 -9.43 9.98 -7.16
CA VAL A 155 -9.40 9.75 -5.73
C VAL A 155 -9.18 11.05 -4.96
N LEU A 156 -8.70 12.07 -5.67
CA LEU A 156 -8.44 13.37 -5.06
C LEU A 156 -9.74 14.16 -4.89
N LYS A 157 -10.74 13.81 -5.68
CA LYS A 157 -12.04 14.48 -5.62
C LYS A 157 -12.86 13.98 -4.44
N CYS A 158 -12.61 12.73 -4.04
CA CYS A 158 -13.32 12.13 -2.93
C CYS A 158 -14.83 12.25 -3.12
N PRO A 3 3.16 4.33 -22.36
CA PRO A 3 3.40 3.48 -21.19
C PRO A 3 2.22 2.57 -20.89
N THR A 4 1.05 3.17 -20.68
CA THR A 4 -0.16 2.41 -20.37
C THR A 4 -0.08 1.78 -18.99
N ASP A 5 0.75 0.74 -18.87
CA ASP A 5 0.92 0.03 -17.61
C ASP A 5 1.88 0.80 -16.70
N LYS A 6 3.01 1.21 -17.24
CA LYS A 6 4.01 1.94 -16.47
C LYS A 6 3.36 3.07 -15.66
N GLU A 7 2.29 3.64 -16.21
CA GLU A 7 1.58 4.72 -15.55
C GLU A 7 1.01 4.24 -14.22
N LEU A 8 0.11 3.27 -14.28
CA LEU A 8 -0.52 2.73 -13.07
C LEU A 8 0.53 2.10 -12.16
N VAL A 9 1.48 1.38 -12.75
CA VAL A 9 2.54 0.73 -11.99
C VAL A 9 3.35 1.76 -11.21
N ALA A 10 4.01 2.66 -11.93
CA ALA A 10 4.82 3.69 -11.31
C ALA A 10 4.06 4.43 -10.23
N GLN A 11 2.84 4.85 -10.56
CA GLN A 11 1.99 5.58 -9.61
C GLN A 11 1.70 4.72 -8.39
N ALA A 12 1.07 3.57 -8.61
CA ALA A 12 0.74 2.66 -7.52
C ALA A 12 1.94 2.40 -6.62
N LYS A 13 3.09 2.13 -7.25
CA LYS A 13 4.32 1.87 -6.51
C LYS A 13 4.67 3.04 -5.60
N ALA A 14 4.69 4.24 -6.17
CA ALA A 14 5.01 5.44 -5.40
C ALA A 14 4.10 5.57 -4.18
N LEU A 15 2.81 5.36 -4.38
CA LEU A 15 1.84 5.46 -3.29
C LEU A 15 2.19 4.47 -2.18
N GLY A 16 2.18 3.18 -2.51
CA GLY A 16 2.49 2.16 -1.51
C GLY A 16 3.84 2.38 -0.87
N ARG A 17 4.87 2.55 -1.69
CA ARG A 17 6.22 2.77 -1.18
C ARG A 17 6.23 3.86 -0.11
N GLU A 18 5.89 5.08 -0.51
CA GLU A 18 5.86 6.21 0.42
C GLU A 18 5.00 5.88 1.64
N TYR A 19 3.95 5.11 1.42
CA TYR A 19 3.04 4.72 2.50
C TYR A 19 3.79 4.00 3.61
N VAL A 20 4.28 2.80 3.30
CA VAL A 20 5.02 2.00 4.27
C VAL A 20 6.16 2.81 4.89
N HIS A 21 6.95 3.44 4.04
CA HIS A 21 8.08 4.25 4.50
C HIS A 21 7.63 5.23 5.57
N ALA A 22 6.53 5.92 5.31
CA ALA A 22 6.00 6.90 6.25
C ALA A 22 5.61 6.25 7.57
N ARG A 23 4.65 5.32 7.51
CA ARG A 23 4.19 4.62 8.69
C ARG A 23 5.36 4.02 9.46
N LEU A 24 6.37 3.56 8.73
CA LEU A 24 7.55 2.95 9.34
C LEU A 24 8.41 4.01 10.02
N LEU A 25 8.71 5.08 9.31
CA LEU A 25 9.52 6.17 9.86
C LEU A 25 8.89 6.74 11.11
N ARG A 26 7.56 6.82 11.11
CA ARG A 26 6.82 7.36 12.25
C ARG A 26 6.64 6.29 13.32
N ALA A 27 6.66 5.03 12.91
CA ALA A 27 6.49 3.91 13.84
C ALA A 27 7.44 4.04 15.02
N GLY A 28 8.61 4.62 14.78
CA GLY A 28 9.59 4.80 15.85
C GLY A 28 10.92 4.17 15.52
N LEU A 29 11.44 4.47 14.34
CA LEU A 29 12.73 3.93 13.90
C LEU A 29 13.15 4.53 12.56
N SER A 30 14.45 4.54 12.31
CA SER A 30 14.99 5.09 11.06
C SER A 30 14.86 4.08 9.93
N TRP A 31 15.33 4.47 8.75
CA TRP A 31 15.27 3.60 7.58
C TRP A 31 15.87 4.28 6.36
N SER A 32 16.45 3.48 5.46
CA SER A 32 17.07 4.01 4.26
C SER A 32 16.60 3.25 3.03
N ALA A 33 16.40 3.97 1.93
CA ALA A 33 15.95 3.38 0.68
C ALA A 33 16.80 2.16 0.32
N PRO A 34 16.26 1.31 -0.57
CA PRO A 34 16.95 0.10 -1.02
C PRO A 34 18.15 0.41 -1.90
N GLU A 35 17.94 1.27 -2.89
CA GLU A 35 19.01 1.65 -3.81
C GLU A 35 19.16 3.17 -3.87
N ARG A 36 18.02 3.87 -3.89
CA ARG A 36 18.02 5.33 -3.95
C ARG A 36 16.60 5.87 -3.99
N ALA A 37 16.47 7.17 -4.26
CA ALA A 37 15.17 7.81 -4.34
C ALA A 37 14.89 8.31 -5.75
N ALA A 38 13.83 9.10 -5.89
CA ALA A 38 13.45 9.65 -7.18
C ALA A 38 12.45 10.80 -7.02
N PRO A 39 12.33 11.63 -8.07
CA PRO A 39 11.42 12.78 -8.07
C PRO A 39 9.95 12.35 -8.11
N VAL A 40 9.07 13.32 -8.30
CA VAL A 40 7.64 13.05 -8.37
C VAL A 40 6.87 14.29 -8.82
N PRO A 41 5.94 14.09 -9.78
CA PRO A 41 5.12 15.18 -10.30
C PRO A 41 4.10 15.69 -9.29
N GLY A 42 3.18 16.52 -9.76
CA GLY A 42 2.15 17.07 -8.88
C GLY A 42 1.01 16.11 -8.64
N ARG A 43 0.50 15.52 -9.72
CA ARG A 43 -0.60 14.57 -9.63
C ARG A 43 -0.31 13.49 -8.59
N LEU A 44 0.88 12.91 -8.69
CA LEU A 44 1.28 11.86 -7.76
C LEU A 44 1.28 12.36 -6.33
N ALA A 45 2.04 13.44 -6.07
CA ALA A 45 2.11 14.03 -4.75
C ALA A 45 0.72 14.30 -4.18
N GLU A 46 -0.19 14.73 -5.04
CA GLU A 46 -1.56 15.04 -4.63
C GLU A 46 -2.25 13.78 -4.11
N VAL A 47 -2.31 12.75 -4.95
CA VAL A 47 -2.94 11.49 -4.57
C VAL A 47 -2.24 10.85 -3.36
N ALA A 48 -0.93 10.65 -3.50
CA ALA A 48 -0.15 10.05 -2.43
C ALA A 48 -0.37 10.79 -1.10
N ALA A 49 -0.49 12.11 -1.18
CA ALA A 49 -0.71 12.92 0.01
C ALA A 49 -2.06 12.62 0.64
N VAL A 50 -3.13 12.78 -0.13
CA VAL A 50 -4.48 12.51 0.36
C VAL A 50 -4.56 11.16 1.06
N LEU A 51 -3.93 10.15 0.47
CA LEU A 51 -3.93 8.81 1.03
C LEU A 51 -3.13 8.77 2.34
N LEU A 52 -1.91 9.32 2.30
CA LEU A 52 -1.05 9.35 3.47
C LEU A 52 -1.80 9.92 4.68
N ARG A 53 -2.22 11.17 4.56
CA ARG A 53 -2.94 11.84 5.64
C ARG A 53 -4.18 11.04 6.03
N LEU A 54 -4.94 10.60 5.04
CA LEU A 54 -6.15 9.81 5.27
C LEU A 54 -5.87 8.66 6.22
N GLY A 55 -5.00 7.74 5.79
CA GLY A 55 -4.67 6.60 6.61
C GLY A 55 -4.09 7.00 7.95
N ASP A 56 -3.12 7.90 7.94
CA ASP A 56 -2.49 8.37 9.17
C ASP A 56 -3.53 8.85 10.17
N GLU A 57 -4.36 9.80 9.76
CA GLU A 57 -5.40 10.34 10.63
C GLU A 57 -6.21 9.21 11.26
N LEU A 58 -6.79 8.37 10.42
CA LEU A 58 -7.60 7.25 10.89
C LEU A 58 -6.81 6.38 11.87
N GLU A 59 -5.59 6.00 11.47
CA GLU A 59 -4.74 5.18 12.31
C GLU A 59 -4.46 5.86 13.65
N MET A 60 -4.56 7.19 13.65
CA MET A 60 -4.32 7.97 14.86
C MET A 60 -5.58 8.05 15.73
N ILE A 61 -6.74 8.01 15.07
CA ILE A 61 -8.01 8.07 15.78
C ILE A 61 -8.30 6.77 16.50
N ARG A 62 -8.50 5.70 15.73
CA ARG A 62 -8.79 4.39 16.29
C ARG A 62 -8.97 3.34 15.19
N PRO A 63 -7.84 2.91 14.60
CA PRO A 63 -7.84 1.92 13.53
C PRO A 63 -8.24 0.54 14.03
N SER A 64 -9.06 -0.17 13.24
CA SER A 64 -9.52 -1.50 13.60
C SER A 64 -8.34 -2.48 13.66
N VAL A 65 -7.60 -2.57 12.57
CA VAL A 65 -6.44 -3.46 12.51
C VAL A 65 -5.43 -2.98 11.48
N TYR A 66 -4.73 -1.91 11.82
CA TYR A 66 -3.72 -1.34 10.92
C TYR A 66 -2.33 -1.89 11.25
N ARG A 67 -2.29 -3.14 11.72
CA ARG A 67 -1.03 -3.77 12.07
C ARG A 67 -1.26 -5.18 12.62
N ASN A 68 -2.28 -5.32 13.46
CA ASN A 68 -2.62 -6.61 14.05
C ASN A 68 -3.41 -7.47 13.08
N VAL A 69 -3.91 -6.84 12.02
CA VAL A 69 -4.70 -7.54 11.01
C VAL A 69 -4.02 -8.84 10.60
N ALA A 70 -2.70 -8.79 10.44
CA ALA A 70 -1.93 -9.96 10.05
C ALA A 70 -2.32 -11.18 10.89
N ARG A 71 -2.37 -10.99 12.21
CA ARG A 71 -2.72 -12.08 13.11
C ARG A 71 -4.14 -12.57 12.85
N GLN A 72 -5.02 -11.65 12.46
CA GLN A 72 -6.40 -11.99 12.17
C GLN A 72 -6.49 -13.05 11.09
N LEU A 73 -5.43 -13.19 10.30
CA LEU A 73 -5.38 -14.17 9.23
C LEU A 73 -4.11 -15.02 9.32
N HIS A 74 -3.38 -14.85 10.42
CA HIS A 74 -2.15 -15.61 10.63
C HIS A 74 -1.28 -15.62 9.37
N ILE A 75 -1.24 -14.47 8.69
CA ILE A 75 -0.44 -14.34 7.47
C ILE A 75 0.97 -14.85 7.67
N SER A 76 1.53 -14.59 8.85
CA SER A 76 2.88 -15.03 9.17
C SER A 76 3.90 -14.33 8.28
N LEU A 77 4.52 -13.28 8.79
CA LEU A 77 5.51 -12.53 8.03
C LEU A 77 6.90 -13.15 8.20
N GLN A 78 6.97 -14.46 8.10
CA GLN A 78 8.24 -15.17 8.23
C GLN A 78 8.70 -15.75 6.90
N SER A 79 7.77 -15.84 5.96
CA SER A 79 8.08 -16.37 4.63
C SER A 79 7.84 -15.31 3.55
N GLU A 80 7.87 -15.74 2.29
CA GLU A 80 7.66 -14.84 1.18
C GLU A 80 6.41 -15.22 0.40
N ARG A 81 6.35 -16.47 -0.05
CA ARG A 81 5.21 -16.97 -0.81
C ARG A 81 3.93 -16.88 0.01
N VAL A 82 4.06 -17.02 1.33
CA VAL A 82 2.92 -16.95 2.22
C VAL A 82 2.40 -15.53 2.35
N VAL A 83 3.24 -14.64 2.85
CA VAL A 83 2.87 -13.23 3.02
C VAL A 83 2.29 -12.66 1.73
N THR A 84 2.93 -12.98 0.61
CA THR A 84 2.49 -12.49 -0.70
C THR A 84 1.14 -13.11 -1.07
N ASP A 85 1.07 -14.43 -1.05
CA ASP A 85 -0.15 -15.14 -1.39
C ASP A 85 -1.31 -14.66 -0.53
N ALA A 86 -1.15 -14.75 0.79
CA ALA A 86 -2.19 -14.33 1.72
C ALA A 86 -2.65 -12.91 1.40
N PHE A 87 -1.71 -11.98 1.37
CA PHE A 87 -2.02 -10.59 1.08
C PHE A 87 -2.76 -10.45 -0.25
N LEU A 88 -2.15 -10.98 -1.31
CA LEU A 88 -2.75 -10.92 -2.64
C LEU A 88 -4.18 -11.46 -2.62
N ALA A 89 -4.37 -12.59 -1.95
CA ALA A 89 -5.69 -13.22 -1.85
C ALA A 89 -6.71 -12.24 -1.26
N VAL A 90 -6.37 -11.67 -0.10
CA VAL A 90 -7.25 -10.73 0.57
C VAL A 90 -7.53 -9.52 -0.31
N ALA A 91 -6.51 -9.07 -1.04
CA ALA A 91 -6.64 -7.92 -1.92
C ALA A 91 -7.69 -8.18 -3.00
N GLY A 92 -7.42 -9.15 -3.86
CA GLY A 92 -8.34 -9.48 -4.93
C GLY A 92 -9.70 -9.92 -4.41
N HIS A 93 -9.71 -10.47 -3.20
CA HIS A 93 -10.95 -10.94 -2.59
C HIS A 93 -11.85 -9.77 -2.22
N ILE A 94 -11.27 -8.73 -1.63
CA ILE A 94 -12.03 -7.55 -1.23
C ILE A 94 -12.36 -6.68 -2.43
N PHE A 95 -11.44 -6.63 -3.39
CA PHE A 95 -11.63 -5.84 -4.60
C PHE A 95 -12.46 -6.60 -5.63
N SER A 96 -12.62 -7.90 -5.41
CA SER A 96 -13.39 -8.74 -6.31
C SER A 96 -14.78 -8.16 -6.53
N ALA A 97 -15.46 -7.82 -5.45
CA ALA A 97 -16.80 -7.26 -5.52
C ALA A 97 -16.77 -5.83 -6.08
N GLY A 98 -15.56 -5.28 -6.19
CA GLY A 98 -15.42 -3.93 -6.70
C GLY A 98 -14.16 -3.25 -6.19
N ILE A 99 -13.55 -2.43 -7.03
CA ILE A 99 -12.34 -1.71 -6.64
C ILE A 99 -12.65 -0.56 -5.70
N THR A 100 -13.33 0.46 -6.22
CA THR A 100 -13.70 1.63 -5.41
C THR A 100 -12.46 2.31 -4.84
N TRP A 101 -12.63 3.53 -4.36
CA TRP A 101 -11.53 4.30 -3.78
C TRP A 101 -11.33 3.92 -2.32
N GLY A 102 -12.41 3.90 -1.55
CA GLY A 102 -12.31 3.54 -0.14
C GLY A 102 -11.50 2.29 0.09
N LYS A 103 -11.66 1.31 -0.80
CA LYS A 103 -10.93 0.06 -0.68
C LYS A 103 -9.43 0.28 -0.81
N VAL A 104 -9.03 1.11 -1.78
CA VAL A 104 -7.63 1.42 -2.00
C VAL A 104 -7.01 2.10 -0.78
N VAL A 105 -7.81 2.92 -0.11
CA VAL A 105 -7.33 3.63 1.08
C VAL A 105 -7.07 2.67 2.23
N SER A 106 -8.10 1.93 2.63
CA SER A 106 -7.97 0.97 3.72
C SER A 106 -6.91 -0.07 3.41
N LEU A 107 -6.89 -0.55 2.17
CA LEU A 107 -5.91 -1.55 1.75
C LEU A 107 -4.49 -1.05 1.98
N TYR A 108 -4.17 0.11 1.40
CA TYR A 108 -2.84 0.68 1.55
C TYR A 108 -2.45 0.79 3.03
N ALA A 109 -3.37 1.28 3.85
CA ALA A 109 -3.12 1.43 5.27
C ALA A 109 -2.69 0.09 5.89
N VAL A 110 -3.47 -0.95 5.65
CA VAL A 110 -3.16 -2.28 6.18
C VAL A 110 -1.76 -2.71 5.78
N ALA A 111 -1.49 -2.67 4.48
CA ALA A 111 -0.19 -3.07 3.96
C ALA A 111 0.94 -2.41 4.75
N ALA A 112 0.84 -1.10 4.95
CA ALA A 112 1.85 -0.36 5.69
C ALA A 112 2.02 -0.91 7.09
N GLY A 113 0.89 -1.25 7.74
CA GLY A 113 0.95 -1.79 9.08
C GLY A 113 1.82 -3.03 9.18
N LEU A 114 1.51 -4.03 8.36
CA LEU A 114 2.28 -5.28 8.36
C LEU A 114 3.74 -5.01 8.04
N ALA A 115 3.98 -4.22 7.02
CA ALA A 115 5.35 -3.89 6.61
C ALA A 115 6.13 -3.28 7.77
N VAL A 116 5.52 -2.30 8.45
CA VAL A 116 6.16 -1.64 9.57
C VAL A 116 6.53 -2.63 10.66
N ASP A 117 5.54 -3.40 11.11
CA ASP A 117 5.76 -4.39 12.15
C ASP A 117 6.94 -5.29 11.81
N ALA A 118 7.00 -5.75 10.57
CA ALA A 118 8.08 -6.61 10.12
C ALA A 118 9.42 -5.93 10.28
N VAL A 119 9.57 -4.74 9.68
CA VAL A 119 10.81 -4.00 9.76
C VAL A 119 11.28 -3.87 11.20
N ARG A 120 10.35 -3.65 12.12
CA ARG A 120 10.66 -3.51 13.53
C ARG A 120 11.09 -4.85 14.13
N GLN A 121 10.51 -5.93 13.60
CA GLN A 121 10.82 -7.27 14.08
C GLN A 121 11.92 -7.91 13.24
N ALA A 122 12.71 -7.07 12.58
CA ALA A 122 13.81 -7.56 11.75
C ALA A 122 13.29 -8.32 10.55
N GLN A 123 12.44 -7.69 9.76
CA GLN A 123 11.87 -8.32 8.58
C GLN A 123 11.54 -7.29 7.51
N PRO A 124 12.58 -6.62 7.00
CA PRO A 124 12.44 -5.59 5.96
C PRO A 124 12.03 -6.18 4.61
N ALA A 125 12.05 -7.51 4.53
CA ALA A 125 11.69 -8.20 3.30
C ALA A 125 10.20 -8.05 3.01
N MET A 126 9.41 -7.82 4.06
CA MET A 126 7.97 -7.66 3.91
C MET A 126 7.65 -6.40 3.11
N VAL A 127 8.50 -5.39 3.23
CA VAL A 127 8.30 -4.13 2.51
C VAL A 127 8.33 -4.35 1.01
N HIS A 128 9.39 -5.00 0.53
CA HIS A 128 9.54 -5.27 -0.91
C HIS A 128 8.51 -6.30 -1.37
N ALA A 129 8.28 -7.31 -0.54
CA ALA A 129 7.32 -8.36 -0.87
C ALA A 129 5.91 -7.80 -0.99
N LEU A 130 5.49 -7.05 0.03
CA LEU A 130 4.16 -6.46 0.04
C LEU A 130 3.99 -5.47 -1.13
N VAL A 131 4.87 -4.48 -1.19
CA VAL A 131 4.82 -3.48 -2.25
C VAL A 131 4.79 -4.14 -3.63
N ASP A 132 5.57 -5.19 -3.79
CA ASP A 132 5.62 -5.91 -5.06
C ASP A 132 4.27 -6.53 -5.40
N ALA A 133 3.73 -7.30 -4.46
CA ALA A 133 2.42 -7.94 -4.65
C ALA A 133 1.34 -6.90 -4.90
N LEU A 134 1.31 -5.87 -4.06
CA LEU A 134 0.32 -4.81 -4.19
C LEU A 134 0.36 -4.18 -5.57
N GLY A 135 1.55 -3.74 -5.98
CA GLY A 135 1.71 -3.12 -7.28
C GLY A 135 1.23 -4.01 -8.41
N GLU A 136 1.81 -5.21 -8.49
CA GLU A 136 1.43 -6.15 -9.54
C GLU A 136 -0.08 -6.37 -9.57
N PHE A 137 -0.69 -6.44 -8.38
CA PHE A 137 -2.12 -6.64 -8.28
C PHE A 137 -2.88 -5.39 -8.72
N VAL A 138 -2.26 -4.23 -8.55
CA VAL A 138 -2.88 -2.96 -8.94
C VAL A 138 -2.69 -2.71 -10.44
N ARG A 139 -1.66 -3.29 -11.02
CA ARG A 139 -1.37 -3.12 -12.43
C ARG A 139 -2.01 -4.23 -13.25
N LYS A 140 -2.76 -5.10 -12.58
CA LYS A 140 -3.42 -6.21 -13.25
C LYS A 140 -4.91 -6.25 -12.91
N THR A 141 -5.21 -6.49 -11.64
CA THR A 141 -6.59 -6.55 -11.17
C THR A 141 -7.23 -5.17 -11.17
N LEU A 142 -6.45 -4.17 -10.78
CA LEU A 142 -6.94 -2.79 -10.73
C LEU A 142 -6.51 -2.01 -11.97
N ALA A 143 -5.70 -2.65 -12.80
CA ALA A 143 -5.21 -2.02 -14.03
C ALA A 143 -6.38 -1.50 -14.86
N THR A 144 -7.30 -2.39 -15.20
CA THR A 144 -8.46 -2.01 -16.00
C THR A 144 -9.24 -0.88 -15.35
N TRP A 145 -9.61 -1.08 -14.09
CA TRP A 145 -10.36 -0.07 -13.34
C TRP A 145 -9.64 1.28 -13.38
N LEU A 146 -8.42 1.31 -12.87
CA LEU A 146 -7.63 2.54 -12.85
C LEU A 146 -7.43 3.08 -14.26
N ARG A 147 -7.52 2.19 -15.24
CA ARG A 147 -7.34 2.58 -16.63
C ARG A 147 -8.60 3.25 -17.18
N ARG A 148 -9.75 2.75 -16.75
CA ARG A 148 -11.03 3.29 -17.19
C ARG A 148 -11.30 4.64 -16.54
N ARG A 149 -10.80 4.83 -15.33
CA ARG A 149 -10.98 6.07 -14.60
C ARG A 149 -10.06 7.16 -15.14
N GLY A 150 -9.00 6.74 -15.82
CA GLY A 150 -8.07 7.71 -16.38
C GLY A 150 -6.90 7.99 -15.45
N GLY A 151 -7.18 7.99 -14.14
CA GLY A 151 -6.14 8.25 -13.17
C GLY A 151 -6.67 8.26 -11.74
N TRP A 152 -5.78 8.46 -10.78
CA TRP A 152 -6.17 8.51 -9.38
C TRP A 152 -6.71 9.88 -9.00
N THR A 153 -6.56 10.83 -9.91
CA THR A 153 -7.04 12.19 -9.68
C THR A 153 -8.49 12.19 -9.20
N ASP A 154 -9.26 11.21 -9.66
CA ASP A 154 -10.66 11.10 -9.27
C ASP A 154 -10.79 10.92 -7.76
N VAL A 155 -9.88 10.15 -7.18
CA VAL A 155 -9.90 9.90 -5.74
C VAL A 155 -9.69 11.19 -4.95
N LEU A 156 -9.21 12.23 -5.64
CA LEU A 156 -8.97 13.52 -5.01
C LEU A 156 -10.28 14.27 -4.79
N LYS A 157 -11.31 13.89 -5.54
CA LYS A 157 -12.61 14.53 -5.43
C LYS A 157 -13.26 14.21 -4.09
N CYS A 158 -12.89 13.06 -3.51
CA CYS A 158 -13.44 12.64 -2.23
C CYS A 158 -12.52 13.07 -1.08
N PRO A 3 3.24 2.21 -22.03
CA PRO A 3 3.19 3.31 -21.05
C PRO A 3 1.94 3.26 -20.18
N THR A 4 0.85 2.77 -20.77
CA THR A 4 -0.43 2.68 -20.06
C THR A 4 -0.24 1.97 -18.71
N ASP A 5 0.54 0.90 -18.71
CA ASP A 5 0.80 0.14 -17.49
C ASP A 5 1.79 0.87 -16.60
N LYS A 6 2.85 1.40 -17.20
CA LYS A 6 3.88 2.12 -16.47
C LYS A 6 3.26 3.15 -15.53
N GLU A 7 2.14 3.72 -15.96
CA GLU A 7 1.44 4.73 -15.17
C GLU A 7 0.91 4.13 -13.87
N LEU A 8 0.07 3.11 -14.00
CA LEU A 8 -0.50 2.44 -12.84
C LEU A 8 0.58 1.79 -11.99
N VAL A 9 1.60 1.25 -12.66
CA VAL A 9 2.70 0.60 -11.96
C VAL A 9 3.50 1.59 -11.13
N ALA A 10 4.13 2.55 -11.82
CA ALA A 10 4.93 3.56 -11.15
C ALA A 10 4.13 4.28 -10.07
N GLN A 11 2.84 4.49 -10.34
CA GLN A 11 1.96 5.16 -9.39
C GLN A 11 1.68 4.27 -8.19
N ALA A 12 1.11 3.09 -8.45
CA ALA A 12 0.79 2.15 -7.39
C ALA A 12 1.99 1.91 -6.49
N LYS A 13 3.15 1.66 -7.10
CA LYS A 13 4.38 1.42 -6.35
C LYS A 13 4.80 2.68 -5.59
N ALA A 14 4.65 3.82 -6.23
CA ALA A 14 5.03 5.10 -5.61
C ALA A 14 4.20 5.37 -4.37
N LEU A 15 2.88 5.27 -4.51
CA LEU A 15 1.97 5.51 -3.40
C LEU A 15 2.26 4.56 -2.25
N GLY A 16 2.28 3.26 -2.55
CA GLY A 16 2.55 2.26 -1.53
C GLY A 16 3.91 2.44 -0.89
N ARG A 17 4.95 2.57 -1.72
CA ARG A 17 6.30 2.74 -1.23
C ARG A 17 6.37 3.86 -0.21
N GLU A 18 6.04 5.08 -0.65
CA GLU A 18 6.07 6.24 0.23
C GLU A 18 5.27 5.98 1.51
N TYR A 19 4.13 5.32 1.35
CA TYR A 19 3.26 5.01 2.49
C TYR A 19 4.03 4.27 3.57
N VAL A 20 4.49 3.06 3.24
CA VAL A 20 5.24 2.25 4.19
C VAL A 20 6.38 3.05 4.82
N HIS A 21 7.14 3.74 3.98
CA HIS A 21 8.26 4.55 4.46
C HIS A 21 7.80 5.54 5.51
N ALA A 22 6.62 6.11 5.30
CA ALA A 22 6.07 7.09 6.24
C ALA A 22 5.68 6.42 7.56
N ARG A 23 4.76 5.46 7.48
CA ARG A 23 4.29 4.74 8.67
C ARG A 23 5.48 4.22 9.47
N LEU A 24 6.50 3.75 8.77
CA LEU A 24 7.69 3.21 9.43
C LEU A 24 8.49 4.32 10.10
N LEU A 25 8.69 5.42 9.38
CA LEU A 25 9.44 6.55 9.91
C LEU A 25 8.76 7.12 11.15
N ARG A 26 7.43 7.20 11.11
CA ARG A 26 6.67 7.72 12.24
C ARG A 26 6.49 6.66 13.31
N ALA A 27 6.59 5.39 12.91
CA ALA A 27 6.44 4.28 13.85
C ALA A 27 7.53 4.31 14.91
N GLY A 28 8.77 4.49 14.48
CA GLY A 28 9.89 4.52 15.41
C GLY A 28 11.17 3.99 14.81
N LEU A 29 11.40 4.31 13.54
CA LEU A 29 12.60 3.84 12.85
C LEU A 29 13.14 4.92 11.90
N SER A 30 14.43 4.88 11.64
CA SER A 30 15.06 5.86 10.76
C SER A 30 14.76 5.53 9.29
N TRP A 31 15.48 4.54 8.75
CA TRP A 31 15.29 4.14 7.37
C TRP A 31 15.63 5.28 6.41
N SER A 32 16.13 4.92 5.23
CA SER A 32 16.50 5.91 4.23
C SER A 32 15.88 5.59 2.87
N ALA A 33 16.20 4.40 2.35
CA ALA A 33 15.67 3.97 1.07
C ALA A 33 16.21 2.60 0.69
N PRO A 34 15.52 1.93 -0.26
CA PRO A 34 15.91 0.60 -0.73
C PRO A 34 17.19 0.64 -1.56
N GLU A 35 17.29 1.60 -2.46
CA GLU A 35 18.46 1.74 -3.30
C GLU A 35 18.72 3.21 -3.64
N ARG A 36 17.77 3.84 -4.32
CA ARG A 36 17.89 5.24 -4.71
C ARG A 36 16.55 5.95 -4.59
N ALA A 37 16.50 7.18 -5.10
CA ALA A 37 15.28 7.97 -5.05
C ALA A 37 14.89 8.46 -6.44
N ALA A 38 13.91 9.37 -6.50
CA ALA A 38 13.45 9.91 -7.77
C ALA A 38 12.41 11.01 -7.55
N PRO A 39 12.22 11.85 -8.57
CA PRO A 39 11.24 12.96 -8.51
C PRO A 39 9.80 12.45 -8.51
N VAL A 40 8.86 13.39 -8.64
CA VAL A 40 7.44 13.05 -8.66
C VAL A 40 6.59 14.26 -8.99
N PRO A 41 5.64 14.09 -9.92
CA PRO A 41 4.73 15.15 -10.34
C PRO A 41 3.74 15.55 -9.25
N GLY A 42 2.75 16.36 -9.61
CA GLY A 42 1.76 16.80 -8.65
C GLY A 42 0.68 15.77 -8.43
N ARG A 43 0.22 15.15 -9.51
CA ARG A 43 -0.82 14.13 -9.43
C ARG A 43 -0.46 13.06 -8.40
N LEU A 44 0.74 12.52 -8.52
CA LEU A 44 1.21 11.48 -7.62
C LEU A 44 1.25 12.00 -6.18
N ALA A 45 1.90 13.15 -5.99
CA ALA A 45 2.00 13.75 -4.66
C ALA A 45 0.62 13.96 -4.05
N GLU A 46 -0.34 14.34 -4.88
CA GLU A 46 -1.71 14.58 -4.41
C GLU A 46 -2.33 13.30 -3.89
N VAL A 47 -2.34 12.26 -4.72
CA VAL A 47 -2.91 10.98 -4.34
C VAL A 47 -2.19 10.39 -3.12
N ALA A 48 -0.88 10.28 -3.22
CA ALA A 48 -0.06 9.75 -2.13
C ALA A 48 -0.39 10.44 -0.82
N ALA A 49 -0.44 11.77 -0.85
CA ALA A 49 -0.74 12.55 0.34
C ALA A 49 -2.11 12.20 0.90
N VAL A 50 -3.12 12.19 0.03
CA VAL A 50 -4.48 11.87 0.45
C VAL A 50 -4.52 10.57 1.23
N LEU A 51 -3.86 9.55 0.70
CA LEU A 51 -3.82 8.23 1.36
C LEU A 51 -3.03 8.30 2.66
N LEU A 52 -1.98 9.13 2.67
CA LEU A 52 -1.15 9.29 3.86
C LEU A 52 -1.94 9.94 4.99
N ARG A 53 -2.43 11.14 4.75
CA ARG A 53 -3.20 11.87 5.75
C ARG A 53 -4.42 11.07 6.18
N LEU A 54 -5.14 10.52 5.22
CA LEU A 54 -6.34 9.73 5.50
C LEU A 54 -6.02 8.60 6.48
N GLY A 55 -5.14 7.69 6.07
CA GLY A 55 -4.77 6.58 6.92
C GLY A 55 -4.12 7.03 8.21
N ASP A 56 -3.27 8.04 8.12
CA ASP A 56 -2.59 8.57 9.29
C ASP A 56 -3.59 9.05 10.34
N GLU A 57 -4.56 9.84 9.90
CA GLU A 57 -5.58 10.38 10.80
C GLU A 57 -6.34 9.24 11.49
N LEU A 58 -6.80 8.28 10.69
CA LEU A 58 -7.54 7.14 11.22
C LEU A 58 -6.68 6.32 12.18
N GLU A 59 -5.46 6.01 11.74
CA GLU A 59 -4.53 5.23 12.56
C GLU A 59 -4.10 6.02 13.80
N MET A 60 -4.27 7.34 13.74
CA MET A 60 -3.90 8.20 14.85
C MET A 60 -5.03 8.29 15.87
N ILE A 61 -6.26 8.20 15.38
CA ILE A 61 -7.43 8.27 16.26
C ILE A 61 -7.66 6.93 16.97
N ARG A 62 -7.93 5.90 16.19
CA ARG A 62 -8.17 4.56 16.74
C ARG A 62 -8.46 3.56 15.64
N PRO A 63 -7.40 3.06 14.99
CA PRO A 63 -7.52 2.09 13.91
C PRO A 63 -7.97 0.73 14.40
N SER A 64 -8.97 0.15 13.74
CA SER A 64 -9.51 -1.15 14.10
C SER A 64 -8.39 -2.19 14.18
N VAL A 65 -7.44 -2.09 13.27
CA VAL A 65 -6.32 -3.02 13.23
C VAL A 65 -5.38 -2.71 12.06
N TYR A 66 -4.47 -1.77 12.28
CA TYR A 66 -3.51 -1.39 11.24
C TYR A 66 -2.14 -2.00 11.50
N ARG A 67 -2.14 -3.28 11.86
CA ARG A 67 -0.89 -3.98 12.14
C ARG A 67 -1.16 -5.42 12.59
N ASN A 68 -2.18 -5.59 13.42
CA ASN A 68 -2.56 -6.91 13.91
C ASN A 68 -3.28 -7.72 12.84
N VAL A 69 -3.55 -7.07 11.71
CA VAL A 69 -4.24 -7.72 10.60
C VAL A 69 -3.61 -9.06 10.27
N ALA A 70 -2.28 -9.10 10.24
CA ALA A 70 -1.55 -10.33 9.95
C ALA A 70 -2.08 -11.50 10.76
N ARG A 71 -2.21 -11.30 12.06
CA ARG A 71 -2.71 -12.33 12.96
C ARG A 71 -4.15 -12.71 12.60
N GLN A 72 -4.92 -11.72 12.15
CA GLN A 72 -6.31 -11.95 11.78
C GLN A 72 -6.41 -13.04 10.72
N LEU A 73 -5.32 -13.30 10.03
CA LEU A 73 -5.29 -14.31 8.99
C LEU A 73 -4.01 -15.15 9.07
N HIS A 74 -3.33 -15.06 10.20
CA HIS A 74 -2.09 -15.80 10.42
C HIS A 74 -1.23 -15.80 9.16
N ILE A 75 -1.19 -14.66 8.47
CA ILE A 75 -0.41 -14.52 7.25
C ILE A 75 0.99 -15.08 7.43
N SER A 76 1.57 -14.82 8.61
CA SER A 76 2.92 -15.29 8.91
C SER A 76 3.95 -14.64 7.99
N LEU A 77 4.40 -13.46 8.38
CA LEU A 77 5.39 -12.72 7.58
C LEU A 77 6.72 -13.46 7.56
N GLN A 78 6.85 -14.47 8.40
CA GLN A 78 8.08 -15.26 8.47
C GLN A 78 8.51 -15.72 7.09
N SER A 79 7.53 -15.91 6.20
CA SER A 79 7.81 -16.35 4.84
C SER A 79 7.60 -15.22 3.84
N GLU A 80 7.91 -15.49 2.58
CA GLU A 80 7.75 -14.49 1.53
C GLU A 80 6.61 -14.87 0.58
N ARG A 81 6.65 -16.10 0.07
CA ARG A 81 5.62 -16.58 -0.83
C ARG A 81 4.26 -16.63 -0.15
N VAL A 82 4.27 -16.78 1.17
CA VAL A 82 3.04 -16.83 1.95
C VAL A 82 2.41 -15.45 2.08
N VAL A 83 3.21 -14.49 2.53
CA VAL A 83 2.74 -13.12 2.71
C VAL A 83 2.24 -12.53 1.38
N THR A 84 2.96 -12.85 0.30
CA THR A 84 2.61 -12.35 -1.01
C THR A 84 1.32 -13.01 -1.53
N ASP A 85 1.33 -14.34 -1.58
CA ASP A 85 0.18 -15.09 -2.05
C ASP A 85 -1.06 -14.77 -1.19
N ALA A 86 -0.90 -14.89 0.13
CA ALA A 86 -2.00 -14.60 1.05
C ALA A 86 -2.55 -13.21 0.84
N PHE A 87 -1.67 -12.21 0.92
CA PHE A 87 -2.07 -10.82 0.73
C PHE A 87 -2.75 -10.62 -0.62
N LEU A 88 -2.09 -11.07 -1.68
CA LEU A 88 -2.63 -10.94 -3.03
C LEU A 88 -4.04 -11.54 -3.12
N ALA A 89 -4.20 -12.73 -2.55
CA ALA A 89 -5.50 -13.40 -2.55
C ALA A 89 -6.56 -12.54 -1.90
N VAL A 90 -6.28 -12.05 -0.69
CA VAL A 90 -7.21 -11.22 0.04
C VAL A 90 -7.52 -9.94 -0.73
N ALA A 91 -6.50 -9.37 -1.36
CA ALA A 91 -6.68 -8.14 -2.13
C ALA A 91 -7.70 -8.34 -3.24
N GLY A 92 -7.45 -9.32 -4.10
CA GLY A 92 -8.36 -9.58 -5.20
C GLY A 92 -9.71 -10.09 -4.73
N HIS A 93 -9.73 -10.75 -3.58
CA HIS A 93 -10.96 -11.29 -3.02
C HIS A 93 -11.87 -10.17 -2.54
N ILE A 94 -11.28 -9.13 -1.97
CA ILE A 94 -12.04 -7.99 -1.48
C ILE A 94 -12.44 -7.06 -2.62
N PHE A 95 -11.54 -6.89 -3.59
CA PHE A 95 -11.80 -6.03 -4.73
C PHE A 95 -12.69 -6.74 -5.75
N SER A 96 -12.74 -8.05 -5.66
CA SER A 96 -13.55 -8.85 -6.58
C SER A 96 -15.00 -8.40 -6.57
N ALA A 97 -15.46 -7.94 -5.41
CA ALA A 97 -16.83 -7.47 -5.25
C ALA A 97 -16.93 -5.96 -5.48
N GLY A 98 -15.91 -5.40 -6.14
CA GLY A 98 -15.89 -3.98 -6.41
C GLY A 98 -14.65 -3.30 -5.89
N ILE A 99 -13.85 -2.76 -6.80
CA ILE A 99 -12.62 -2.08 -6.43
C ILE A 99 -12.89 -0.87 -5.54
N THR A 100 -13.52 0.16 -6.12
CA THR A 100 -13.85 1.36 -5.37
C THR A 100 -12.59 2.03 -4.83
N TRP A 101 -12.73 3.29 -4.43
CA TRP A 101 -11.60 4.04 -3.88
C TRP A 101 -11.39 3.71 -2.40
N GLY A 102 -12.50 3.58 -1.67
CA GLY A 102 -12.42 3.27 -0.25
C GLY A 102 -11.58 2.04 0.02
N LYS A 103 -11.90 0.94 -0.65
CA LYS A 103 -11.16 -0.31 -0.48
C LYS A 103 -9.67 -0.10 -0.65
N VAL A 104 -9.31 0.82 -1.56
CA VAL A 104 -7.91 1.12 -1.82
C VAL A 104 -7.25 1.79 -0.62
N VAL A 105 -7.83 2.90 -0.17
CA VAL A 105 -7.30 3.64 0.97
C VAL A 105 -7.08 2.71 2.16
N SER A 106 -8.13 1.99 2.55
CA SER A 106 -8.05 1.07 3.67
C SER A 106 -6.98 0.01 3.44
N LEU A 107 -7.04 -0.64 2.27
CA LEU A 107 -6.08 -1.67 1.92
C LEU A 107 -4.65 -1.16 2.09
N TYR A 108 -4.36 -0.02 1.50
CA TYR A 108 -3.02 0.57 1.59
C TYR A 108 -2.59 0.71 3.03
N ALA A 109 -3.44 1.32 3.85
CA ALA A 109 -3.14 1.52 5.27
C ALA A 109 -2.73 0.20 5.92
N VAL A 110 -3.53 -0.84 5.72
CA VAL A 110 -3.25 -2.15 6.29
C VAL A 110 -1.86 -2.63 5.89
N ALA A 111 -1.59 -2.63 4.60
CA ALA A 111 -0.30 -3.07 4.08
C ALA A 111 0.85 -2.40 4.82
N ALA A 112 0.75 -1.09 4.99
CA ALA A 112 1.78 -0.33 5.69
C ALA A 112 1.97 -0.85 7.11
N GLY A 113 0.87 -1.22 7.76
CA GLY A 113 0.95 -1.72 9.11
C GLY A 113 1.76 -3.01 9.21
N LEU A 114 1.54 -3.91 8.27
CA LEU A 114 2.26 -5.18 8.24
C LEU A 114 3.75 -4.97 7.98
N ALA A 115 4.05 -4.02 7.09
CA ALA A 115 5.44 -3.71 6.75
C ALA A 115 6.19 -3.19 7.96
N VAL A 116 5.69 -2.11 8.55
CA VAL A 116 6.32 -1.51 9.72
C VAL A 116 6.51 -2.54 10.83
N ASP A 117 5.46 -3.31 11.10
CA ASP A 117 5.51 -4.33 12.14
C ASP A 117 6.67 -5.29 11.91
N ALA A 118 6.72 -5.89 10.72
CA ALA A 118 7.78 -6.83 10.37
C ALA A 118 9.15 -6.17 10.50
N VAL A 119 9.28 -4.97 9.95
CA VAL A 119 10.55 -4.24 10.01
C VAL A 119 11.07 -4.16 11.43
N ARG A 120 10.20 -3.80 12.36
CA ARG A 120 10.58 -3.69 13.76
C ARG A 120 10.86 -5.06 14.36
N GLN A 121 10.22 -6.09 13.81
CA GLN A 121 10.42 -7.45 14.29
C GLN A 121 11.51 -8.16 13.50
N ALA A 122 12.36 -7.38 12.84
CA ALA A 122 13.45 -7.92 12.05
C ALA A 122 12.93 -8.66 10.83
N GLN A 123 12.24 -7.93 9.96
CA GLN A 123 11.68 -8.52 8.74
C GLN A 123 11.20 -7.44 7.78
N PRO A 124 12.14 -6.60 7.33
CA PRO A 124 11.84 -5.50 6.40
C PRO A 124 11.48 -6.01 5.01
N ALA A 125 11.64 -7.31 4.79
CA ALA A 125 11.33 -7.92 3.51
C ALA A 125 9.87 -7.70 3.13
N MET A 126 9.03 -7.48 4.14
CA MET A 126 7.61 -7.26 3.92
C MET A 126 7.38 -5.98 3.12
N VAL A 127 8.31 -5.04 3.24
CA VAL A 127 8.20 -3.77 2.53
C VAL A 127 8.20 -3.99 1.02
N HIS A 128 9.27 -4.61 0.51
CA HIS A 128 9.38 -4.88 -0.92
C HIS A 128 8.37 -5.93 -1.36
N ALA A 129 8.14 -6.91 -0.49
CA ALA A 129 7.19 -7.98 -0.79
C ALA A 129 5.77 -7.43 -0.95
N LEU A 130 5.29 -6.75 0.08
CA LEU A 130 3.95 -6.17 0.06
C LEU A 130 3.81 -5.18 -1.08
N VAL A 131 4.69 -4.19 -1.11
CA VAL A 131 4.66 -3.17 -2.16
C VAL A 131 4.63 -3.81 -3.54
N ASP A 132 5.43 -4.85 -3.72
CA ASP A 132 5.49 -5.55 -5.00
C ASP A 132 4.13 -6.17 -5.36
N ALA A 133 3.54 -6.86 -4.39
CA ALA A 133 2.25 -7.50 -4.59
C ALA A 133 1.16 -6.46 -4.84
N LEU A 134 1.19 -5.38 -4.06
CA LEU A 134 0.21 -4.31 -4.20
C LEU A 134 0.22 -3.74 -5.61
N GLY A 135 1.38 -3.25 -6.04
CA GLY A 135 1.50 -2.69 -7.37
C GLY A 135 1.15 -3.67 -8.47
N GLU A 136 1.63 -4.90 -8.32
CA GLU A 136 1.35 -5.94 -9.31
C GLU A 136 -0.14 -6.25 -9.38
N PHE A 137 -0.77 -6.32 -8.22
CA PHE A 137 -2.21 -6.61 -8.15
C PHE A 137 -3.02 -5.42 -8.67
N VAL A 138 -2.47 -4.22 -8.52
CA VAL A 138 -3.14 -3.01 -8.97
C VAL A 138 -2.91 -2.77 -10.46
N ARG A 139 -1.82 -3.31 -10.98
CA ARG A 139 -1.48 -3.16 -12.38
C ARG A 139 -2.02 -4.32 -13.20
N LYS A 140 -2.73 -5.23 -12.54
CA LYS A 140 -3.31 -6.39 -13.20
C LYS A 140 -4.81 -6.49 -12.93
N THR A 141 -5.16 -6.73 -11.67
CA THR A 141 -6.55 -6.84 -11.28
C THR A 141 -7.26 -5.49 -11.33
N LEU A 142 -6.59 -4.47 -10.80
CA LEU A 142 -7.16 -3.12 -10.79
C LEU A 142 -6.68 -2.33 -12.00
N ALA A 143 -5.78 -2.92 -12.78
CA ALA A 143 -5.25 -2.27 -13.97
C ALA A 143 -6.38 -1.68 -14.81
N THR A 144 -7.36 -2.51 -15.16
CA THR A 144 -8.49 -2.08 -15.96
C THR A 144 -9.23 -0.93 -15.29
N TRP A 145 -9.50 -1.08 -14.01
CA TRP A 145 -10.22 -0.06 -13.25
C TRP A 145 -9.50 1.28 -13.35
N LEU A 146 -8.25 1.32 -12.93
CA LEU A 146 -7.45 2.55 -12.97
C LEU A 146 -7.22 2.99 -14.41
N ARG A 147 -7.35 2.05 -15.34
CA ARG A 147 -7.15 2.34 -16.76
C ARG A 147 -8.40 2.99 -17.36
N ARG A 148 -9.56 2.69 -16.79
CA ARG A 148 -10.81 3.24 -17.27
C ARG A 148 -11.08 4.60 -16.63
N ARG A 149 -10.60 4.79 -15.41
CA ARG A 149 -10.79 6.04 -14.69
C ARG A 149 -9.82 7.11 -15.20
N GLY A 150 -8.73 6.65 -15.83
CA GLY A 150 -7.74 7.58 -16.34
C GLY A 150 -6.60 7.81 -15.37
N GLY A 151 -6.91 7.82 -14.08
CA GLY A 151 -5.89 8.02 -13.07
C GLY A 151 -6.47 8.09 -11.67
N TRP A 152 -5.60 8.31 -10.68
CA TRP A 152 -6.04 8.38 -9.30
C TRP A 152 -6.57 9.77 -8.97
N THR A 153 -6.48 10.67 -9.95
CA THR A 153 -6.97 12.04 -9.77
C THR A 153 -8.39 12.06 -9.23
N ASP A 154 -9.11 10.97 -9.44
CA ASP A 154 -10.49 10.86 -8.99
C ASP A 154 -10.59 11.17 -7.49
N VAL A 155 -9.71 10.57 -6.71
CA VAL A 155 -9.69 10.78 -5.26
C VAL A 155 -9.28 12.21 -4.92
N LEU A 156 -8.77 12.92 -5.92
CA LEU A 156 -8.34 14.30 -5.73
C LEU A 156 -9.46 15.28 -6.01
N LYS A 157 -10.58 14.76 -6.51
CA LYS A 157 -11.75 15.58 -6.82
C LYS A 157 -12.49 15.98 -5.55
N CYS A 158 -12.36 15.16 -4.52
CA CYS A 158 -13.02 15.42 -3.25
C CYS A 158 -12.38 16.62 -2.55
N PRO A 3 3.47 2.01 -22.67
CA PRO A 3 3.82 3.01 -21.64
C PRO A 3 2.67 3.27 -20.67
N THR A 4 1.44 3.04 -21.15
CA THR A 4 0.26 3.24 -20.33
C THR A 4 0.38 2.53 -18.99
N ASP A 5 0.65 1.23 -19.03
CA ASP A 5 0.80 0.44 -17.83
C ASP A 5 1.89 1.01 -16.92
N LYS A 6 3.01 1.40 -17.53
CA LYS A 6 4.12 1.97 -16.78
C LYS A 6 3.65 3.10 -15.87
N GLU A 7 2.71 3.89 -16.37
CA GLU A 7 2.18 5.01 -15.59
C GLU A 7 1.48 4.51 -14.33
N LEU A 8 0.67 3.48 -14.47
CA LEU A 8 -0.06 2.90 -13.35
C LEU A 8 0.89 2.20 -12.39
N VAL A 9 1.73 1.33 -12.94
CA VAL A 9 2.70 0.59 -12.13
C VAL A 9 3.64 1.53 -11.40
N ALA A 10 4.10 2.56 -12.10
CA ALA A 10 5.01 3.53 -11.51
C ALA A 10 4.34 4.31 -10.38
N GLN A 11 3.26 5.01 -10.71
CA GLN A 11 2.52 5.79 -9.73
C GLN A 11 2.06 4.91 -8.57
N ALA A 12 1.70 3.67 -8.88
CA ALA A 12 1.24 2.73 -7.86
C ALA A 12 2.36 2.42 -6.86
N LYS A 13 3.55 2.14 -7.37
CA LYS A 13 4.69 1.83 -6.53
C LYS A 13 5.06 3.02 -5.65
N ALA A 14 5.01 4.22 -6.23
CA ALA A 14 5.32 5.44 -5.49
C ALA A 14 4.37 5.64 -4.32
N LEU A 15 3.09 5.35 -4.55
CA LEU A 15 2.08 5.50 -3.52
C LEU A 15 2.30 4.50 -2.39
N GLY A 16 2.35 3.22 -2.73
CA GLY A 16 2.56 2.19 -1.74
C GLY A 16 3.89 2.32 -1.03
N ARG A 17 4.94 2.66 -1.79
CA ARG A 17 6.26 2.82 -1.23
C ARG A 17 6.31 4.01 -0.26
N GLU A 18 5.98 5.19 -0.77
CA GLU A 18 5.98 6.41 0.04
C GLU A 18 5.10 6.24 1.28
N TYR A 19 4.02 5.46 1.12
CA TYR A 19 3.09 5.23 2.22
C TYR A 19 3.74 4.36 3.30
N VAL A 20 4.08 3.13 2.93
CA VAL A 20 4.70 2.20 3.87
C VAL A 20 5.90 2.84 4.56
N HIS A 21 6.68 3.60 3.79
CA HIS A 21 7.86 4.27 4.32
C HIS A 21 7.47 5.33 5.35
N ALA A 22 6.42 6.08 5.05
CA ALA A 22 5.94 7.12 5.96
C ALA A 22 5.57 6.54 7.32
N ARG A 23 4.76 5.48 7.30
CA ARG A 23 4.33 4.84 8.53
C ARG A 23 5.49 4.10 9.19
N LEU A 24 6.35 3.51 8.38
CA LEU A 24 7.51 2.77 8.88
C LEU A 24 8.49 3.70 9.59
N LEU A 25 8.74 4.86 8.97
CA LEU A 25 9.66 5.84 9.54
C LEU A 25 9.05 6.51 10.76
N ARG A 26 7.76 6.83 10.66
CA ARG A 26 7.06 7.49 11.77
C ARG A 26 6.80 6.51 12.91
N ALA A 27 6.82 5.21 12.59
CA ALA A 27 6.60 4.17 13.59
C ALA A 27 7.45 4.42 14.84
N GLY A 28 8.68 4.86 14.62
CA GLY A 28 9.57 5.13 15.74
C GLY A 28 11.00 4.67 15.47
N LEU A 29 11.18 3.96 14.37
CA LEU A 29 12.51 3.45 14.00
C LEU A 29 13.04 4.19 12.77
N SER A 30 14.21 3.75 12.30
CA SER A 30 14.82 4.37 11.13
C SER A 30 14.65 3.48 9.90
N TRP A 31 14.91 4.05 8.73
CA TRP A 31 14.78 3.31 7.47
C TRP A 31 15.11 4.20 6.28
N SER A 32 15.69 3.59 5.25
CA SER A 32 16.07 4.33 4.05
C SER A 32 15.25 3.86 2.84
N ALA A 33 14.46 4.77 2.29
CA ALA A 33 13.63 4.46 1.13
C ALA A 33 14.46 4.41 -0.15
N PRO A 34 14.57 3.20 -0.73
CA PRO A 34 15.34 2.99 -1.97
C PRO A 34 14.68 3.62 -3.18
N GLU A 35 14.23 4.87 -3.02
CA GLU A 35 13.58 5.59 -4.10
C GLU A 35 14.48 5.65 -5.34
N ARG A 36 15.47 6.54 -5.30
CA ARG A 36 16.40 6.69 -6.42
C ARG A 36 15.64 6.80 -7.73
N ALA A 37 14.56 7.58 -7.74
CA ALA A 37 13.75 7.76 -8.94
C ALA A 37 13.39 9.24 -9.13
N ALA A 38 12.98 9.59 -10.34
CA ALA A 38 12.60 10.95 -10.66
C ALA A 38 11.65 11.52 -9.60
N PRO A 39 11.52 12.85 -9.57
CA PRO A 39 10.64 13.54 -8.63
C PRO A 39 9.16 13.30 -8.93
N VAL A 40 8.38 13.07 -7.88
CA VAL A 40 6.95 12.83 -8.02
C VAL A 40 6.23 14.09 -8.50
N PRO A 41 5.34 13.93 -9.50
CA PRO A 41 4.57 15.04 -10.05
C PRO A 41 3.52 15.56 -9.08
N GLY A 42 2.62 16.41 -9.59
CA GLY A 42 1.58 16.97 -8.75
C GLY A 42 0.45 15.99 -8.49
N ARG A 43 0.05 15.27 -9.54
CA ARG A 43 -1.03 14.31 -9.43
C ARG A 43 -0.74 13.28 -8.33
N LEU A 44 0.37 12.57 -8.47
CA LEU A 44 0.78 11.57 -7.50
C LEU A 44 0.92 12.17 -6.11
N ALA A 45 1.54 13.34 -6.04
CA ALA A 45 1.73 14.03 -4.77
C ALA A 45 0.41 14.21 -4.04
N GLU A 46 -0.60 14.71 -4.76
CA GLU A 46 -1.91 14.94 -4.17
C GLU A 46 -2.51 13.62 -3.67
N VAL A 47 -2.52 12.62 -4.52
CA VAL A 47 -3.07 11.31 -4.16
C VAL A 47 -2.36 10.74 -2.94
N ALA A 48 -1.03 10.67 -3.00
CA ALA A 48 -0.25 10.15 -1.89
C ALA A 48 -0.60 10.84 -0.59
N ALA A 49 -0.68 12.17 -0.62
CA ALA A 49 -1.02 12.96 0.56
C ALA A 49 -2.37 12.53 1.13
N VAL A 50 -3.37 12.45 0.27
CA VAL A 50 -4.72 12.06 0.69
C VAL A 50 -4.68 10.73 1.43
N LEU A 51 -3.96 9.77 0.87
CA LEU A 51 -3.85 8.44 1.48
C LEU A 51 -3.08 8.51 2.80
N LEU A 52 -2.10 9.41 2.86
CA LEU A 52 -1.29 9.57 4.07
C LEU A 52 -2.13 10.13 5.20
N ARG A 53 -2.69 11.31 4.99
CA ARG A 53 -3.51 11.96 6.01
C ARG A 53 -4.70 11.07 6.40
N LEU A 54 -5.34 10.48 5.39
CA LEU A 54 -6.48 9.60 5.63
C LEU A 54 -6.11 8.46 6.57
N GLY A 55 -5.18 7.61 6.12
CA GLY A 55 -4.75 6.49 6.94
C GLY A 55 -4.17 6.92 8.26
N ASP A 56 -3.28 7.91 8.22
CA ASP A 56 -2.63 8.43 9.42
C ASP A 56 -3.68 8.89 10.44
N GLU A 57 -4.54 9.81 10.01
CA GLU A 57 -5.58 10.34 10.89
C GLU A 57 -6.37 9.21 11.55
N LEU A 58 -6.81 8.25 10.74
CA LEU A 58 -7.57 7.11 11.24
C LEU A 58 -6.73 6.29 12.22
N GLU A 59 -5.49 6.00 11.84
CA GLU A 59 -4.59 5.22 12.69
C GLU A 59 -4.25 5.98 13.96
N MET A 60 -4.45 7.29 13.93
CA MET A 60 -4.17 8.14 15.09
C MET A 60 -5.39 8.24 16.00
N ILE A 61 -6.58 8.16 15.41
CA ILE A 61 -7.81 8.24 16.18
C ILE A 61 -8.09 6.94 16.91
N ARG A 62 -8.27 5.86 16.14
CA ARG A 62 -8.54 4.55 16.73
C ARG A 62 -8.76 3.51 15.63
N PRO A 63 -7.66 3.04 15.03
CA PRO A 63 -7.70 2.03 13.97
C PRO A 63 -8.13 0.66 14.48
N SER A 64 -8.94 -0.03 13.68
CA SER A 64 -9.42 -1.35 14.06
C SER A 64 -8.27 -2.34 14.18
N VAL A 65 -7.48 -2.44 13.12
CA VAL A 65 -6.34 -3.35 13.10
C VAL A 65 -5.28 -2.89 12.09
N TYR A 66 -4.68 -1.74 12.36
CA TYR A 66 -3.66 -1.19 11.49
C TYR A 66 -2.27 -1.65 11.91
N ARG A 67 -2.22 -2.72 12.70
CA ARG A 67 -0.95 -3.27 13.17
C ARG A 67 -1.19 -4.50 14.05
N ASN A 68 -1.88 -5.49 13.49
CA ASN A 68 -2.17 -6.72 14.23
C ASN A 68 -3.02 -7.66 13.37
N VAL A 69 -3.79 -7.10 12.45
CA VAL A 69 -4.65 -7.89 11.58
C VAL A 69 -3.92 -9.13 11.07
N ALA A 70 -2.64 -8.97 10.75
CA ALA A 70 -1.83 -10.08 10.26
C ALA A 70 -2.00 -11.31 11.13
N ARG A 71 -1.89 -11.13 12.45
CA ARG A 71 -2.04 -12.22 13.39
C ARG A 71 -3.42 -12.87 13.28
N GLN A 72 -4.42 -12.05 12.99
CA GLN A 72 -5.79 -12.55 12.85
C GLN A 72 -5.87 -13.63 11.77
N LEU A 73 -4.91 -13.60 10.85
CA LEU A 73 -4.87 -14.59 9.77
C LEU A 73 -3.55 -15.34 9.76
N HIS A 74 -2.75 -15.13 10.79
CA HIS A 74 -1.46 -15.79 10.90
C HIS A 74 -0.69 -15.72 9.59
N ILE A 75 -0.62 -14.52 9.01
CA ILE A 75 0.07 -14.31 7.75
C ILE A 75 1.47 -14.90 7.80
N SER A 76 2.14 -14.75 8.94
CA SER A 76 3.49 -15.27 9.12
C SER A 76 4.47 -14.58 8.17
N LEU A 77 4.96 -13.41 8.58
CA LEU A 77 5.91 -12.65 7.77
C LEU A 77 7.24 -13.37 7.66
N GLN A 78 7.42 -14.41 8.49
CA GLN A 78 8.65 -15.18 8.48
C GLN A 78 9.01 -15.64 7.07
N SER A 79 7.97 -15.84 6.24
CA SER A 79 8.17 -16.29 4.87
C SER A 79 7.92 -15.15 3.89
N GLU A 80 7.87 -15.48 2.61
CA GLU A 80 7.63 -14.48 1.56
C GLU A 80 6.42 -14.87 0.71
N ARG A 81 6.53 -16.00 0.01
CA ARG A 81 5.46 -16.46 -0.84
C ARG A 81 4.13 -16.52 -0.07
N VAL A 82 4.23 -16.64 1.24
CA VAL A 82 3.04 -16.71 2.09
C VAL A 82 2.38 -15.34 2.21
N VAL A 83 3.11 -14.39 2.78
CA VAL A 83 2.60 -13.03 2.95
C VAL A 83 2.05 -12.48 1.64
N THR A 84 2.74 -12.78 0.54
CA THR A 84 2.33 -12.32 -0.78
C THR A 84 1.03 -12.99 -1.22
N ASP A 85 1.03 -14.32 -1.19
CA ASP A 85 -0.15 -15.08 -1.59
C ASP A 85 -1.36 -14.69 -0.74
N ALA A 86 -1.19 -14.72 0.57
CA ALA A 86 -2.27 -14.38 1.49
C ALA A 86 -2.82 -12.99 1.19
N PHE A 87 -1.93 -12.00 1.14
CA PHE A 87 -2.32 -10.62 0.86
C PHE A 87 -3.04 -10.53 -0.48
N LEU A 88 -2.40 -11.01 -1.53
CA LEU A 88 -2.97 -10.98 -2.87
C LEU A 88 -4.37 -11.60 -2.87
N ALA A 89 -4.51 -12.75 -2.22
CA ALA A 89 -5.79 -13.44 -2.16
C ALA A 89 -6.86 -12.54 -1.55
N VAL A 90 -6.56 -11.96 -0.38
CA VAL A 90 -7.50 -11.08 0.29
C VAL A 90 -7.85 -9.87 -0.57
N ALA A 91 -6.85 -9.32 -1.24
CA ALA A 91 -7.03 -8.17 -2.10
C ALA A 91 -8.07 -8.47 -3.19
N GLY A 92 -7.73 -9.40 -4.08
CA GLY A 92 -8.63 -9.76 -5.15
C GLY A 92 -9.99 -10.20 -4.65
N HIS A 93 -10.01 -10.87 -3.50
CA HIS A 93 -11.25 -11.34 -2.92
C HIS A 93 -12.17 -10.18 -2.58
N ILE A 94 -11.62 -9.15 -1.95
CA ILE A 94 -12.39 -7.97 -1.58
C ILE A 94 -12.69 -7.10 -2.80
N PHE A 95 -11.65 -6.80 -3.57
CA PHE A 95 -11.81 -5.98 -4.76
C PHE A 95 -12.74 -6.64 -5.78
N SER A 96 -12.87 -7.96 -5.66
CA SER A 96 -13.73 -8.72 -6.56
C SER A 96 -15.15 -8.18 -6.55
N ALA A 97 -15.57 -7.63 -5.40
CA ALA A 97 -16.91 -7.08 -5.26
C ALA A 97 -16.91 -5.58 -5.56
N GLY A 98 -15.88 -5.13 -6.27
CA GLY A 98 -15.79 -3.71 -6.62
C GLY A 98 -14.52 -3.07 -6.10
N ILE A 99 -13.68 -2.60 -7.01
CA ILE A 99 -12.43 -1.96 -6.64
C ILE A 99 -12.67 -0.78 -5.70
N THR A 100 -13.26 0.28 -6.23
CA THR A 100 -13.55 1.48 -5.44
C THR A 100 -12.28 2.06 -4.86
N TRP A 101 -12.37 3.31 -4.40
CA TRP A 101 -11.21 3.99 -3.81
C TRP A 101 -11.05 3.62 -2.34
N GLY A 102 -12.17 3.44 -1.65
CA GLY A 102 -12.13 3.08 -0.25
C GLY A 102 -11.22 1.90 0.02
N LYS A 103 -11.45 0.81 -0.70
CA LYS A 103 -10.65 -0.40 -0.54
C LYS A 103 -9.16 -0.09 -0.68
N VAL A 104 -8.84 0.82 -1.59
CA VAL A 104 -7.45 1.21 -1.82
C VAL A 104 -6.83 1.83 -0.57
N VAL A 105 -7.50 2.84 -0.03
CA VAL A 105 -7.03 3.51 1.16
C VAL A 105 -6.83 2.53 2.32
N SER A 106 -7.89 1.78 2.63
CA SER A 106 -7.84 0.80 3.71
C SER A 106 -6.74 -0.23 3.46
N LEU A 107 -6.72 -0.77 2.24
CA LEU A 107 -5.73 -1.77 1.87
C LEU A 107 -4.32 -1.29 2.21
N TYR A 108 -4.00 -0.07 1.80
CA TYR A 108 -2.69 0.51 2.06
C TYR A 108 -2.41 0.58 3.56
N ALA A 109 -3.37 1.13 4.31
CA ALA A 109 -3.22 1.26 5.75
C ALA A 109 -2.79 -0.07 6.38
N VAL A 110 -3.53 -1.13 6.06
CA VAL A 110 -3.22 -2.46 6.60
C VAL A 110 -1.82 -2.89 6.20
N ALA A 111 -1.54 -2.87 4.90
CA ALA A 111 -0.24 -3.27 4.39
C ALA A 111 0.89 -2.50 5.09
N ALA A 112 0.67 -1.21 5.31
CA ALA A 112 1.67 -0.38 5.98
C ALA A 112 1.95 -0.88 7.39
N GLY A 113 0.89 -1.20 8.12
CA GLY A 113 1.05 -1.70 9.48
C GLY A 113 1.87 -2.98 9.54
N LEU A 114 1.54 -3.93 8.66
CA LEU A 114 2.24 -5.20 8.61
C LEU A 114 3.72 -5.00 8.32
N ALA A 115 4.01 -4.18 7.32
CA ALA A 115 5.39 -3.89 6.94
C ALA A 115 6.17 -3.29 8.11
N VAL A 116 5.57 -2.34 8.80
CA VAL A 116 6.20 -1.68 9.92
C VAL A 116 6.58 -2.70 11.00
N ASP A 117 5.60 -3.49 11.43
CA ASP A 117 5.83 -4.51 12.45
C ASP A 117 6.99 -5.42 12.06
N ALA A 118 6.95 -5.91 10.83
CA ALA A 118 8.00 -6.79 10.33
C ALA A 118 9.37 -6.13 10.41
N VAL A 119 9.47 -4.93 9.84
CA VAL A 119 10.72 -4.18 9.85
C VAL A 119 11.30 -4.10 11.26
N ARG A 120 10.44 -3.79 12.22
CA ARG A 120 10.87 -3.67 13.61
C ARG A 120 11.19 -5.04 14.20
N GLN A 121 10.57 -6.08 13.64
CA GLN A 121 10.78 -7.45 14.11
C GLN A 121 11.88 -8.13 13.31
N ALA A 122 12.71 -7.32 12.64
CA ALA A 122 13.81 -7.86 11.84
C ALA A 122 13.28 -8.64 10.65
N GLN A 123 12.56 -7.94 9.76
CA GLN A 123 12.01 -8.57 8.57
C GLN A 123 11.35 -7.54 7.66
N PRO A 124 12.14 -6.59 7.17
CA PRO A 124 11.66 -5.53 6.29
C PRO A 124 11.26 -6.05 4.91
N ALA A 125 11.56 -7.31 4.66
CA ALA A 125 11.22 -7.95 3.39
C ALA A 125 9.76 -7.74 3.04
N MET A 126 8.92 -7.61 4.06
CA MET A 126 7.49 -7.41 3.86
C MET A 126 7.23 -6.21 2.96
N VAL A 127 7.91 -5.10 3.24
CA VAL A 127 7.76 -3.88 2.45
C VAL A 127 7.90 -4.18 0.96
N HIS A 128 8.96 -4.89 0.60
CA HIS A 128 9.21 -5.24 -0.80
C HIS A 128 8.11 -6.14 -1.34
N ALA A 129 7.78 -7.18 -0.58
CA ALA A 129 6.74 -8.12 -0.98
C ALA A 129 5.42 -7.41 -1.22
N LEU A 130 4.92 -6.73 -0.19
CA LEU A 130 3.66 -6.01 -0.28
C LEU A 130 3.65 -5.09 -1.50
N VAL A 131 4.64 -4.20 -1.58
CA VAL A 131 4.75 -3.28 -2.69
C VAL A 131 4.65 -4.00 -4.03
N ASP A 132 5.33 -5.13 -4.14
CA ASP A 132 5.31 -5.92 -5.36
C ASP A 132 3.91 -6.44 -5.66
N ALA A 133 3.33 -7.16 -4.69
CA ALA A 133 2.00 -7.71 -4.84
C ALA A 133 0.99 -6.62 -5.19
N LEU A 134 0.96 -5.57 -4.37
CA LEU A 134 0.04 -4.46 -4.60
C LEU A 134 0.14 -3.94 -6.04
N GLY A 135 1.36 -3.53 -6.42
CA GLY A 135 1.57 -3.02 -7.77
C GLY A 135 1.04 -3.95 -8.83
N GLU A 136 1.56 -5.17 -8.86
CA GLU A 136 1.12 -6.16 -9.84
C GLU A 136 -0.40 -6.33 -9.82
N PHE A 137 -0.95 -6.38 -8.61
CA PHE A 137 -2.40 -6.54 -8.45
C PHE A 137 -3.14 -5.31 -8.96
N VAL A 138 -2.45 -4.17 -8.96
CA VAL A 138 -3.05 -2.92 -9.41
C VAL A 138 -2.97 -2.79 -10.93
N ARG A 139 -1.97 -3.46 -11.52
CA ARG A 139 -1.79 -3.42 -12.96
C ARG A 139 -2.30 -4.70 -13.61
N LYS A 140 -2.90 -5.56 -12.80
CA LYS A 140 -3.44 -6.82 -13.30
C LYS A 140 -4.93 -6.93 -13.02
N THR A 141 -5.31 -6.72 -11.76
CA THR A 141 -6.71 -6.79 -11.36
C THR A 141 -7.38 -5.43 -11.42
N LEU A 142 -6.61 -4.38 -11.11
CA LEU A 142 -7.12 -3.02 -11.14
C LEU A 142 -6.65 -2.29 -12.39
N ALA A 143 -5.81 -2.95 -13.18
CA ALA A 143 -5.30 -2.37 -14.41
C ALA A 143 -6.41 -1.71 -15.21
N THR A 144 -7.44 -2.49 -15.54
CA THR A 144 -8.57 -1.98 -16.30
C THR A 144 -9.27 -0.85 -15.57
N TRP A 145 -9.41 -0.99 -14.25
CA TRP A 145 -10.05 0.01 -13.44
C TRP A 145 -9.34 1.35 -13.54
N LEU A 146 -8.06 1.36 -13.18
CA LEU A 146 -7.26 2.58 -13.24
C LEU A 146 -7.07 3.04 -14.69
N ARG A 147 -7.22 2.11 -15.62
CA ARG A 147 -7.07 2.42 -17.04
C ARG A 147 -8.34 3.07 -17.59
N ARG A 148 -9.46 2.75 -16.98
CA ARG A 148 -10.75 3.30 -17.41
C ARG A 148 -11.03 4.64 -16.75
N ARG A 149 -10.51 4.80 -15.54
CA ARG A 149 -10.70 6.05 -14.80
C ARG A 149 -9.75 7.13 -15.31
N GLY A 150 -8.68 6.72 -15.96
CA GLY A 150 -7.71 7.66 -16.48
C GLY A 150 -6.58 7.93 -15.52
N GLY A 151 -6.90 7.95 -14.23
CA GLY A 151 -5.90 8.20 -13.21
C GLY A 151 -6.47 8.23 -11.81
N TRP A 152 -5.61 8.44 -10.82
CA TRP A 152 -6.04 8.48 -9.43
C TRP A 152 -6.61 9.86 -9.08
N THR A 153 -6.55 10.78 -10.04
CA THR A 153 -7.06 12.13 -9.83
C THR A 153 -8.49 12.10 -9.30
N ASP A 154 -9.17 10.99 -9.52
CA ASP A 154 -10.55 10.84 -9.06
C ASP A 154 -10.67 11.18 -7.57
N VAL A 155 -9.77 10.61 -6.77
CA VAL A 155 -9.78 10.85 -5.33
C VAL A 155 -9.40 12.30 -5.01
N LEU A 156 -8.89 13.00 -6.03
CA LEU A 156 -8.49 14.39 -5.85
C LEU A 156 -9.60 15.34 -6.29
N LYS A 157 -10.70 14.78 -6.76
CA LYS A 157 -11.83 15.56 -7.21
C LYS A 157 -12.79 15.88 -6.05
N CYS A 158 -12.78 15.00 -5.05
CA CYS A 158 -13.64 15.19 -3.88
C CYS A 158 -13.14 16.34 -3.02
N PRO A 3 2.58 3.87 -22.42
CA PRO A 3 2.28 4.82 -21.34
C PRO A 3 0.92 4.58 -20.72
N THR A 4 0.52 3.32 -20.65
CA THR A 4 -0.77 2.95 -20.07
C THR A 4 -0.59 2.15 -18.79
N ASP A 5 0.19 1.09 -18.86
CA ASP A 5 0.46 0.24 -17.70
C ASP A 5 1.49 0.88 -16.79
N LYS A 6 2.62 1.27 -17.36
CA LYS A 6 3.70 1.89 -16.60
C LYS A 6 3.15 2.98 -15.68
N GLU A 7 2.11 3.67 -16.13
CA GLU A 7 1.50 4.72 -15.33
C GLU A 7 0.94 4.17 -14.03
N LEU A 8 0.09 3.14 -14.14
CA LEU A 8 -0.52 2.52 -12.97
C LEU A 8 0.52 1.76 -12.15
N VAL A 9 1.49 1.18 -12.84
CA VAL A 9 2.56 0.43 -12.17
C VAL A 9 3.44 1.36 -11.33
N ALA A 10 4.04 2.34 -11.98
CA ALA A 10 4.91 3.29 -11.30
C ALA A 10 4.14 4.05 -10.23
N GLN A 11 2.89 4.38 -10.51
CA GLN A 11 2.05 5.11 -9.57
C GLN A 11 1.69 4.23 -8.37
N ALA A 12 1.28 3.01 -8.65
CA ALA A 12 0.90 2.07 -7.59
C ALA A 12 2.06 1.84 -6.63
N LYS A 13 3.23 1.54 -7.18
CA LYS A 13 4.41 1.30 -6.36
C LYS A 13 4.80 2.54 -5.58
N ALA A 14 4.76 3.70 -6.23
CA ALA A 14 5.11 4.96 -5.59
C ALA A 14 4.23 5.20 -4.36
N LEU A 15 2.94 4.99 -4.51
CA LEU A 15 2.00 5.18 -3.41
C LEU A 15 2.34 4.28 -2.23
N GLY A 16 2.34 2.96 -2.49
CA GLY A 16 2.66 2.01 -1.44
C GLY A 16 4.02 2.26 -0.81
N ARG A 17 5.02 2.47 -1.66
CA ARG A 17 6.38 2.72 -1.19
C ARG A 17 6.40 3.84 -0.16
N GLU A 18 6.03 5.05 -0.60
CA GLU A 18 6.00 6.20 0.28
C GLU A 18 5.19 5.92 1.55
N TYR A 19 4.08 5.21 1.37
CA TYR A 19 3.21 4.87 2.50
C TYR A 19 3.97 4.05 3.54
N VAL A 20 4.42 2.87 3.13
CA VAL A 20 5.17 1.99 4.03
C VAL A 20 6.25 2.76 4.77
N HIS A 21 7.04 3.53 4.03
CA HIS A 21 8.12 4.33 4.62
C HIS A 21 7.59 5.26 5.69
N ALA A 22 6.50 5.96 5.38
CA ALA A 22 5.90 6.89 6.32
C ALA A 22 5.56 6.19 7.64
N ARG A 23 4.68 5.19 7.56
CA ARG A 23 4.28 4.44 8.75
C ARG A 23 5.48 3.82 9.45
N LEU A 24 6.37 3.25 8.65
CA LEU A 24 7.58 2.61 9.19
C LEU A 24 8.41 3.61 9.99
N LEU A 25 8.60 4.80 9.43
CA LEU A 25 9.37 5.84 10.09
C LEU A 25 8.57 6.48 11.23
N ARG A 26 7.25 6.32 11.17
CA ARG A 26 6.37 6.88 12.19
C ARG A 26 6.51 6.12 13.51
N ALA A 27 6.47 4.79 13.42
CA ALA A 27 6.59 3.95 14.61
C ALA A 27 7.83 4.34 15.43
N GLY A 28 8.85 4.84 14.74
CA GLY A 28 10.07 5.24 15.43
C GLY A 28 11.22 4.31 15.14
N LEU A 29 11.01 3.36 14.23
CA LEU A 29 12.05 2.40 13.87
C LEU A 29 13.22 3.10 13.20
N SER A 30 14.22 2.32 12.80
CA SER A 30 15.41 2.87 12.14
C SER A 30 15.39 2.57 10.66
N TRP A 31 15.02 3.57 9.87
CA TRP A 31 14.96 3.42 8.41
C TRP A 31 15.43 4.68 7.71
N SER A 32 16.48 4.54 6.90
CA SER A 32 17.03 5.68 6.17
C SER A 32 16.96 5.45 4.66
N ALA A 33 16.14 4.49 4.26
CA ALA A 33 15.97 4.17 2.85
C ALA A 33 17.26 3.61 2.26
N PRO A 34 17.14 2.91 1.12
CA PRO A 34 18.28 2.30 0.44
C PRO A 34 19.20 3.34 -0.19
N GLU A 35 18.61 4.28 -0.93
CA GLU A 35 19.37 5.34 -1.58
C GLU A 35 18.98 6.71 -1.04
N ARG A 36 17.82 7.19 -1.46
CA ARG A 36 17.33 8.50 -1.01
C ARG A 36 15.97 8.81 -1.63
N ALA A 37 15.54 10.05 -1.49
CA ALA A 37 14.25 10.48 -2.03
C ALA A 37 14.21 10.30 -3.55
N ALA A 38 13.18 10.85 -4.19
CA ALA A 38 13.03 10.75 -5.63
C ALA A 38 12.04 11.79 -6.15
N PRO A 39 12.10 12.06 -7.46
CA PRO A 39 11.21 13.03 -8.11
C PRO A 39 9.77 12.55 -8.17
N VAL A 40 8.85 13.47 -8.40
CA VAL A 40 7.43 13.14 -8.49
C VAL A 40 6.60 14.37 -8.85
N PRO A 41 5.68 14.20 -9.81
CA PRO A 41 4.80 15.27 -10.28
C PRO A 41 3.77 15.67 -9.22
N GLY A 42 2.80 16.48 -9.64
CA GLY A 42 1.76 16.92 -8.71
C GLY A 42 0.68 15.87 -8.52
N ARG A 43 0.24 15.27 -9.63
CA ARG A 43 -0.80 14.26 -9.58
C ARG A 43 -0.44 13.17 -8.57
N LEU A 44 0.75 12.62 -8.69
CA LEU A 44 1.22 11.57 -7.79
C LEU A 44 1.23 12.06 -6.35
N ALA A 45 1.98 13.13 -6.10
CA ALA A 45 2.08 13.70 -4.77
C ALA A 45 0.70 13.94 -4.18
N GLU A 46 -0.24 14.35 -5.03
CA GLU A 46 -1.60 14.62 -4.59
C GLU A 46 -2.26 13.36 -4.04
N VAL A 47 -2.33 12.33 -4.87
CA VAL A 47 -2.93 11.06 -4.47
C VAL A 47 -2.24 10.48 -3.24
N ALA A 48 -0.91 10.33 -3.33
CA ALA A 48 -0.13 9.79 -2.23
C ALA A 48 -0.46 10.51 -0.92
N ALA A 49 -0.43 11.83 -0.96
CA ALA A 49 -0.72 12.64 0.22
C ALA A 49 -2.10 12.31 0.78
N VAL A 50 -3.11 12.32 -0.08
CA VAL A 50 -4.47 12.02 0.33
C VAL A 50 -4.53 10.72 1.13
N LEU A 51 -3.84 9.70 0.63
CA LEU A 51 -3.82 8.40 1.29
C LEU A 51 -3.08 8.49 2.63
N LEU A 52 -2.00 9.26 2.65
CA LEU A 52 -1.20 9.43 3.86
C LEU A 52 -2.04 10.05 4.98
N ARG A 53 -2.54 11.26 4.74
CA ARG A 53 -3.35 11.97 5.72
C ARG A 53 -4.54 11.12 6.14
N LEU A 54 -5.26 10.59 5.16
CA LEU A 54 -6.43 9.77 5.42
C LEU A 54 -6.11 8.67 6.42
N GLY A 55 -5.22 7.77 6.02
CA GLY A 55 -4.83 6.67 6.90
C GLY A 55 -4.20 7.16 8.19
N ASP A 56 -3.51 8.29 8.12
CA ASP A 56 -2.86 8.86 9.30
C ASP A 56 -3.88 9.26 10.35
N GLU A 57 -4.88 10.03 9.94
CA GLU A 57 -5.93 10.49 10.85
C GLU A 57 -6.66 9.30 11.46
N LEU A 58 -6.96 8.31 10.63
CA LEU A 58 -7.66 7.11 11.09
C LEU A 58 -6.79 6.31 12.06
N GLU A 59 -5.57 5.98 11.63
CA GLU A 59 -4.65 5.21 12.45
C GLU A 59 -4.29 5.99 13.71
N MET A 60 -4.49 7.30 13.68
CA MET A 60 -4.18 8.16 14.82
C MET A 60 -5.31 8.13 15.84
N ILE A 61 -6.55 8.19 15.36
CA ILE A 61 -7.71 8.17 16.23
C ILE A 61 -7.89 6.81 16.89
N ARG A 62 -8.10 5.78 16.07
CA ARG A 62 -8.29 4.43 16.57
C ARG A 62 -8.59 3.46 15.43
N PRO A 63 -7.52 2.96 14.80
CA PRO A 63 -7.65 2.02 13.68
C PRO A 63 -8.14 0.65 14.12
N SER A 64 -9.00 0.04 13.32
CA SER A 64 -9.55 -1.27 13.63
C SER A 64 -8.44 -2.29 13.85
N VAL A 65 -7.57 -2.43 12.86
CA VAL A 65 -6.45 -3.37 12.93
C VAL A 65 -5.33 -2.97 11.97
N TYR A 66 -4.75 -1.81 12.20
CA TYR A 66 -3.67 -1.31 11.36
C TYR A 66 -2.33 -1.90 11.79
N ARG A 67 -2.37 -2.79 12.78
CA ARG A 67 -1.16 -3.42 13.29
C ARG A 67 -1.51 -4.65 14.13
N ASN A 68 -2.18 -5.61 13.50
CA ASN A 68 -2.57 -6.84 14.19
C ASN A 68 -3.40 -7.73 13.27
N VAL A 69 -4.09 -7.13 12.31
CA VAL A 69 -4.91 -7.86 11.37
C VAL A 69 -4.19 -9.11 10.87
N ALA A 70 -2.90 -8.96 10.56
CA ALA A 70 -2.10 -10.07 10.07
C ALA A 70 -2.28 -11.31 10.94
N ARG A 71 -2.19 -11.11 12.26
CA ARG A 71 -2.35 -12.21 13.21
C ARG A 71 -3.73 -12.84 13.09
N GLN A 72 -4.73 -12.01 12.79
CA GLN A 72 -6.10 -12.48 12.65
C GLN A 72 -6.21 -13.53 11.55
N LEU A 73 -5.23 -13.55 10.66
CA LEU A 73 -5.21 -14.50 9.55
C LEU A 73 -3.93 -15.33 9.58
N HIS A 74 -3.15 -15.18 10.64
CA HIS A 74 -1.90 -15.93 10.79
C HIS A 74 -1.09 -15.88 9.50
N ILE A 75 -1.04 -14.71 8.86
CA ILE A 75 -0.30 -14.54 7.62
C ILE A 75 1.12 -15.08 7.76
N SER A 76 1.74 -14.84 8.91
CA SER A 76 3.09 -15.30 9.16
C SER A 76 4.08 -14.61 8.23
N LEU A 77 4.61 -13.47 8.67
CA LEU A 77 5.57 -12.71 7.87
C LEU A 77 6.95 -13.36 7.92
N GLN A 78 7.06 -14.46 8.67
CA GLN A 78 8.33 -15.17 8.80
C GLN A 78 8.93 -15.47 7.42
N SER A 79 8.06 -15.62 6.43
CA SER A 79 8.51 -15.92 5.06
C SER A 79 8.12 -14.79 4.11
N GLU A 80 8.41 -14.98 2.83
CA GLU A 80 8.09 -13.98 1.82
C GLU A 80 6.97 -14.46 0.91
N ARG A 81 7.04 -15.72 0.50
CA ARG A 81 6.04 -16.31 -0.37
C ARG A 81 4.67 -16.32 0.30
N VAL A 82 4.66 -16.54 1.61
CA VAL A 82 3.42 -16.57 2.38
C VAL A 82 2.81 -15.18 2.51
N VAL A 83 3.57 -14.26 3.10
CA VAL A 83 3.11 -12.89 3.28
C VAL A 83 2.57 -12.32 1.97
N THR A 84 3.27 -12.58 0.88
CA THR A 84 2.86 -12.09 -0.43
C THR A 84 1.56 -12.75 -0.89
N ASP A 85 1.54 -14.08 -0.86
CA ASP A 85 0.36 -14.83 -1.27
C ASP A 85 -0.85 -14.41 -0.45
N ALA A 86 -0.74 -14.53 0.87
CA ALA A 86 -1.83 -14.16 1.77
C ALA A 86 -2.34 -12.75 1.46
N PHE A 87 -1.43 -11.78 1.45
CA PHE A 87 -1.79 -10.40 1.18
C PHE A 87 -2.49 -10.28 -0.17
N LEU A 88 -1.83 -10.77 -1.21
CA LEU A 88 -2.38 -10.71 -2.56
C LEU A 88 -3.79 -11.29 -2.61
N ALA A 89 -3.97 -12.44 -1.97
CA ALA A 89 -5.27 -13.09 -1.92
C ALA A 89 -6.33 -12.17 -1.31
N VAL A 90 -6.04 -11.66 -0.12
CA VAL A 90 -6.97 -10.77 0.57
C VAL A 90 -7.27 -9.53 -0.28
N ALA A 91 -6.25 -9.05 -0.99
CA ALA A 91 -6.41 -7.87 -1.84
C ALA A 91 -7.42 -8.13 -2.95
N GLY A 92 -7.09 -9.07 -3.83
CA GLY A 92 -7.98 -9.40 -4.93
C GLY A 92 -9.33 -9.88 -4.46
N HIS A 93 -9.37 -10.44 -3.25
CA HIS A 93 -10.60 -10.95 -2.68
C HIS A 93 -11.55 -9.82 -2.31
N ILE A 94 -11.02 -8.81 -1.62
CA ILE A 94 -11.81 -7.67 -1.20
C ILE A 94 -12.14 -6.77 -2.39
N PHE A 95 -11.24 -6.73 -3.37
CA PHE A 95 -11.43 -5.91 -4.56
C PHE A 95 -12.32 -6.63 -5.58
N SER A 96 -12.35 -7.95 -5.49
CA SER A 96 -13.15 -8.76 -6.41
C SER A 96 -14.61 -8.34 -6.36
N ALA A 97 -15.05 -7.86 -5.20
CA ALA A 97 -16.43 -7.41 -5.03
C ALA A 97 -16.56 -5.92 -5.29
N GLY A 98 -15.59 -5.36 -6.01
CA GLY A 98 -15.62 -3.94 -6.33
C GLY A 98 -14.38 -3.21 -5.86
N ILE A 99 -13.69 -2.56 -6.79
CA ILE A 99 -12.47 -1.81 -6.47
C ILE A 99 -12.78 -0.61 -5.59
N THR A 100 -13.44 0.39 -6.18
CA THR A 100 -13.80 1.60 -5.44
C THR A 100 -12.56 2.28 -4.88
N TRP A 101 -12.72 3.52 -4.44
CA TRP A 101 -11.62 4.30 -3.88
C TRP A 101 -11.41 3.96 -2.41
N GLY A 102 -12.51 3.97 -1.65
CA GLY A 102 -12.43 3.67 -0.23
C GLY A 102 -11.65 2.41 0.05
N LYS A 103 -11.84 1.39 -0.78
CA LYS A 103 -11.14 0.12 -0.61
C LYS A 103 -9.63 0.31 -0.76
N VAL A 104 -9.23 1.10 -1.74
CA VAL A 104 -7.81 1.37 -1.99
C VAL A 104 -7.18 2.10 -0.81
N VAL A 105 -7.97 2.94 -0.15
CA VAL A 105 -7.48 3.70 1.00
C VAL A 105 -7.22 2.77 2.19
N SER A 106 -8.25 2.04 2.61
CA SER A 106 -8.12 1.13 3.73
C SER A 106 -7.04 0.08 3.47
N LEU A 107 -7.08 -0.51 2.28
CA LEU A 107 -6.10 -1.53 1.91
C LEU A 107 -4.68 -0.99 2.03
N TYR A 108 -4.42 0.15 1.40
CA TYR A 108 -3.10 0.77 1.44
C TYR A 108 -2.62 0.93 2.89
N ALA A 109 -3.46 1.54 3.71
CA ALA A 109 -3.12 1.76 5.11
C ALA A 109 -2.69 0.45 5.78
N VAL A 110 -3.49 -0.58 5.61
CA VAL A 110 -3.19 -1.88 6.20
C VAL A 110 -1.81 -2.37 5.76
N ALA A 111 -1.55 -2.33 4.46
CA ALA A 111 -0.27 -2.76 3.92
C ALA A 111 0.89 -2.11 4.66
N ALA A 112 0.81 -0.79 4.85
CA ALA A 112 1.85 -0.05 5.55
C ALA A 112 2.07 -0.60 6.95
N GLY A 113 0.98 -0.88 7.65
CA GLY A 113 1.07 -1.41 8.99
C GLY A 113 1.79 -2.74 9.05
N LEU A 114 1.38 -3.67 8.19
CA LEU A 114 2.00 -5.00 8.14
C LEU A 114 3.50 -4.89 7.89
N ALA A 115 3.88 -4.04 6.95
CA ALA A 115 5.28 -3.84 6.61
C ALA A 115 6.06 -3.33 7.82
N VAL A 116 5.49 -2.34 8.51
CA VAL A 116 6.14 -1.77 9.69
C VAL A 116 6.47 -2.84 10.71
N ASP A 117 5.46 -3.61 11.10
CA ASP A 117 5.64 -4.68 12.08
C ASP A 117 6.72 -5.66 11.63
N ALA A 118 6.62 -6.09 10.38
CA ALA A 118 7.59 -7.04 9.83
C ALA A 118 9.01 -6.52 10.00
N VAL A 119 9.21 -5.24 9.70
CA VAL A 119 10.53 -4.63 9.82
C VAL A 119 11.01 -4.65 11.27
N ARG A 120 10.13 -4.26 12.19
CA ARG A 120 10.47 -4.24 13.60
C ARG A 120 10.83 -5.63 14.10
N GLN A 121 10.28 -6.65 13.44
CA GLN A 121 10.54 -8.04 13.83
C GLN A 121 11.73 -8.60 13.05
N ALA A 122 12.57 -7.71 12.53
CA ALA A 122 13.74 -8.11 11.76
C ALA A 122 13.34 -8.81 10.48
N GLN A 123 12.64 -8.08 9.60
CA GLN A 123 12.20 -8.64 8.33
C GLN A 123 11.59 -7.55 7.45
N PRO A 124 12.43 -6.62 6.99
CA PRO A 124 11.99 -5.51 6.14
C PRO A 124 11.61 -5.98 4.74
N ALA A 125 11.92 -7.23 4.43
CA ALA A 125 11.60 -7.80 3.13
C ALA A 125 10.13 -7.59 2.78
N MET A 126 9.26 -7.70 3.78
CA MET A 126 7.83 -7.50 3.59
C MET A 126 7.56 -6.19 2.85
N VAL A 127 8.43 -5.21 3.07
CA VAL A 127 8.27 -3.90 2.43
C VAL A 127 8.33 -4.02 0.91
N HIS A 128 9.38 -4.69 0.42
CA HIS A 128 9.55 -4.87 -1.02
C HIS A 128 8.51 -5.84 -1.58
N ALA A 129 8.27 -6.92 -0.83
CA ALA A 129 7.30 -7.93 -1.26
C ALA A 129 5.89 -7.34 -1.32
N LEU A 130 5.56 -6.50 -0.36
CA LEU A 130 4.25 -5.87 -0.30
C LEU A 130 4.08 -4.88 -1.45
N VAL A 131 5.01 -3.93 -1.55
CA VAL A 131 4.98 -2.92 -2.61
C VAL A 131 4.87 -3.57 -3.98
N ASP A 132 5.64 -4.63 -4.19
CA ASP A 132 5.63 -5.35 -5.46
C ASP A 132 4.27 -6.00 -5.71
N ALA A 133 3.80 -6.76 -4.74
CA ALA A 133 2.51 -7.44 -4.86
C ALA A 133 1.40 -6.45 -5.15
N LEU A 134 1.41 -5.33 -4.43
CA LEU A 134 0.39 -4.29 -4.61
C LEU A 134 0.42 -3.74 -6.03
N GLY A 135 1.59 -3.24 -6.44
CA GLY A 135 1.73 -2.69 -7.78
C GLY A 135 1.23 -3.65 -8.85
N GLU A 136 1.82 -4.84 -8.91
CA GLU A 136 1.43 -5.83 -9.90
C GLU A 136 -0.07 -6.10 -9.84
N PHE A 137 -0.57 -6.34 -8.65
CA PHE A 137 -2.00 -6.61 -8.46
C PHE A 137 -2.84 -5.42 -8.92
N VAL A 138 -2.26 -4.23 -8.85
CA VAL A 138 -2.96 -3.01 -9.26
C VAL A 138 -2.84 -2.80 -10.77
N ARG A 139 -1.77 -3.31 -11.35
CA ARG A 139 -1.56 -3.18 -12.79
C ARG A 139 -2.20 -4.32 -13.56
N LYS A 140 -2.91 -5.18 -12.83
CA LYS A 140 -3.59 -6.33 -13.44
C LYS A 140 -5.06 -6.37 -13.03
N THR A 141 -5.31 -6.58 -11.75
CA THR A 141 -6.68 -6.64 -11.24
C THR A 141 -7.35 -5.28 -11.32
N LEU A 142 -6.62 -4.23 -10.97
CA LEU A 142 -7.14 -2.88 -11.00
C LEU A 142 -6.75 -2.17 -12.29
N ALA A 143 -5.92 -2.83 -13.09
CA ALA A 143 -5.48 -2.27 -14.36
C ALA A 143 -6.65 -1.74 -15.18
N THR A 144 -7.62 -2.61 -15.44
CA THR A 144 -8.80 -2.24 -16.21
C THR A 144 -9.55 -1.08 -15.55
N TRP A 145 -9.90 -1.27 -14.28
CA TRP A 145 -10.63 -0.24 -13.54
C TRP A 145 -9.92 1.11 -13.66
N LEU A 146 -8.67 1.16 -13.22
CA LEU A 146 -7.89 2.39 -13.29
C LEU A 146 -7.88 2.96 -14.70
N ARG A 147 -7.82 2.08 -15.69
CA ARG A 147 -7.80 2.49 -17.08
C ARG A 147 -9.09 3.21 -17.46
N ARG A 148 -10.22 2.66 -17.01
CA ARG A 148 -11.52 3.24 -17.29
C ARG A 148 -11.69 4.57 -16.57
N ARG A 149 -11.01 4.72 -15.43
CA ARG A 149 -11.09 5.95 -14.65
C ARG A 149 -10.07 6.97 -15.15
N GLY A 150 -9.04 6.48 -15.84
CA GLY A 150 -8.01 7.37 -16.36
C GLY A 150 -6.85 7.53 -15.40
N GLY A 151 -7.15 7.57 -14.10
CA GLY A 151 -6.11 7.71 -13.10
C GLY A 151 -6.67 7.88 -11.71
N TRP A 152 -5.79 8.13 -10.74
CA TRP A 152 -6.19 8.31 -9.35
C TRP A 152 -6.68 9.73 -9.11
N THR A 153 -6.55 10.58 -10.12
CA THR A 153 -6.97 11.97 -10.02
C THR A 153 -8.39 12.08 -9.49
N ASP A 154 -9.16 11.01 -9.67
CA ASP A 154 -10.54 10.98 -9.20
C ASP A 154 -10.63 11.36 -7.72
N VAL A 155 -9.79 10.73 -6.92
CA VAL A 155 -9.76 11.00 -5.48
C VAL A 155 -9.26 12.41 -5.19
N LEU A 156 -8.74 13.07 -6.22
CA LEU A 156 -8.22 14.42 -6.08
C LEU A 156 -9.28 15.45 -6.42
N LYS A 157 -10.44 14.98 -6.88
CA LYS A 157 -11.54 15.86 -7.24
C LYS A 157 -12.56 15.92 -6.12
N CYS A 158 -12.62 14.87 -5.31
CA CYS A 158 -13.56 14.81 -4.19
C CYS A 158 -14.99 15.12 -4.66
N PRO A 3 3.81 2.85 -21.58
CA PRO A 3 2.93 3.97 -21.96
C PRO A 3 1.47 3.71 -21.61
N THR A 4 1.23 2.62 -20.88
CA THR A 4 -0.13 2.25 -20.48
C THR A 4 -0.17 1.85 -19.00
N ASP A 5 0.36 0.67 -18.70
CA ASP A 5 0.38 0.18 -17.33
C ASP A 5 1.47 0.87 -16.52
N LYS A 6 2.47 1.41 -17.21
CA LYS A 6 3.57 2.10 -16.55
C LYS A 6 3.05 3.15 -15.57
N GLU A 7 1.99 3.84 -15.97
CA GLU A 7 1.39 4.88 -15.13
C GLU A 7 0.88 4.27 -13.82
N LEU A 8 0.06 3.23 -13.94
CA LEU A 8 -0.50 2.57 -12.77
C LEU A 8 0.59 1.94 -11.92
N VAL A 9 1.52 1.27 -12.57
CA VAL A 9 2.63 0.61 -11.88
C VAL A 9 3.49 1.64 -11.15
N ALA A 10 4.05 2.58 -11.89
CA ALA A 10 4.89 3.62 -11.32
C ALA A 10 4.21 4.29 -10.13
N GLN A 11 2.98 4.73 -10.34
CA GLN A 11 2.21 5.39 -9.29
C GLN A 11 1.97 4.45 -8.11
N ALA A 12 1.39 3.30 -8.40
CA ALA A 12 1.10 2.30 -7.37
C ALA A 12 2.33 2.06 -6.50
N LYS A 13 3.49 1.91 -7.14
CA LYS A 13 4.73 1.66 -6.42
C LYS A 13 5.08 2.84 -5.52
N ALA A 14 5.21 4.01 -6.11
CA ALA A 14 5.54 5.22 -5.36
C ALA A 14 4.60 5.41 -4.18
N LEU A 15 3.30 5.25 -4.44
CA LEU A 15 2.29 5.39 -3.39
C LEU A 15 2.52 4.40 -2.26
N GLY A 16 2.79 3.15 -2.63
CA GLY A 16 3.04 2.12 -1.63
C GLY A 16 4.33 2.35 -0.87
N ARG A 17 5.45 2.39 -1.59
CA ARG A 17 6.75 2.60 -0.98
C ARG A 17 6.73 3.82 -0.07
N GLU A 18 6.10 4.90 -0.54
CA GLU A 18 6.02 6.14 0.23
C GLU A 18 5.20 5.93 1.50
N TYR A 19 4.06 5.25 1.36
CA TYR A 19 3.20 4.98 2.50
C TYR A 19 3.93 4.20 3.59
N VAL A 20 4.37 2.99 3.25
CA VAL A 20 5.10 2.15 4.19
C VAL A 20 6.22 2.93 4.87
N HIS A 21 7.05 3.59 4.08
CA HIS A 21 8.16 4.36 4.61
C HIS A 21 7.67 5.45 5.56
N ALA A 22 6.61 6.15 5.15
CA ALA A 22 6.03 7.21 5.97
C ALA A 22 5.70 6.70 7.37
N ARG A 23 4.80 5.73 7.45
CA ARG A 23 4.41 5.16 8.73
C ARG A 23 5.61 4.54 9.45
N LEU A 24 6.39 3.77 8.71
CA LEU A 24 7.57 3.11 9.26
C LEU A 24 8.48 4.13 9.96
N LEU A 25 8.71 5.25 9.29
CA LEU A 25 9.56 6.31 9.84
C LEU A 25 8.82 7.11 10.90
N ARG A 26 7.49 7.07 10.84
CA ARG A 26 6.67 7.80 11.81
C ARG A 26 6.82 7.22 13.21
N ALA A 27 6.62 5.90 13.32
CA ALA A 27 6.73 5.23 14.60
C ALA A 27 8.06 5.55 15.28
N GLY A 28 9.14 4.96 14.78
CA GLY A 28 10.45 5.19 15.36
C GLY A 28 11.37 3.99 15.24
N LEU A 29 12.32 4.07 14.32
CA LEU A 29 13.27 2.97 14.12
C LEU A 29 14.39 3.39 13.17
N SER A 30 15.25 2.44 12.83
CA SER A 30 16.37 2.71 11.93
C SER A 30 15.96 2.49 10.47
N TRP A 31 16.10 3.54 9.67
CA TRP A 31 15.74 3.46 8.25
C TRP A 31 16.18 4.72 7.52
N SER A 32 16.81 4.53 6.36
CA SER A 32 17.27 5.66 5.56
C SER A 32 16.72 5.58 4.14
N ALA A 33 15.93 4.54 3.87
CA ALA A 33 15.34 4.35 2.56
C ALA A 33 16.41 4.11 1.50
N PRO A 34 16.01 3.52 0.37
CA PRO A 34 16.92 3.22 -0.74
C PRO A 34 17.38 4.48 -1.46
N GLU A 35 16.44 5.35 -1.80
CA GLU A 35 16.76 6.59 -2.50
C GLU A 35 15.78 7.70 -2.10
N ARG A 36 16.15 8.48 -1.10
CA ARG A 36 15.31 9.57 -0.62
C ARG A 36 15.09 10.61 -1.73
N ALA A 37 14.20 11.56 -1.47
CA ALA A 37 13.89 12.61 -2.43
C ALA A 37 13.26 12.03 -3.69
N ALA A 38 12.48 12.85 -4.39
CA ALA A 38 11.82 12.42 -5.61
C ALA A 38 11.01 13.56 -6.22
N PRO A 39 10.70 13.43 -7.53
CA PRO A 39 9.93 14.44 -8.26
C PRO A 39 8.47 14.48 -7.82
N VAL A 40 7.82 13.32 -7.80
CA VAL A 40 6.42 13.23 -7.40
C VAL A 40 5.65 14.48 -7.81
N PRO A 41 5.02 14.42 -9.00
CA PRO A 41 4.23 15.53 -9.54
C PRO A 41 2.95 15.76 -8.75
N GLY A 42 2.23 16.83 -9.11
CA GLY A 42 0.99 17.13 -8.43
C GLY A 42 0.07 15.93 -8.30
N ARG A 43 0.03 15.11 -9.35
CA ARG A 43 -0.81 13.93 -9.36
C ARG A 43 -0.43 12.98 -8.24
N LEU A 44 0.84 12.56 -8.22
CA LEU A 44 1.33 11.64 -7.20
C LEU A 44 1.23 12.27 -5.81
N ALA A 45 1.88 13.42 -5.65
CA ALA A 45 1.85 14.13 -4.37
C ALA A 45 0.43 14.22 -3.82
N GLU A 46 -0.52 14.49 -4.70
CA GLU A 46 -1.92 14.61 -4.30
C GLU A 46 -2.45 13.28 -3.77
N VAL A 47 -2.41 12.26 -4.62
CA VAL A 47 -2.88 10.93 -4.23
C VAL A 47 -2.17 10.43 -2.98
N ALA A 48 -0.84 10.35 -3.06
CA ALA A 48 -0.03 9.89 -1.93
C ALA A 48 -0.42 10.61 -0.65
N ALA A 49 -0.44 11.94 -0.71
CA ALA A 49 -0.80 12.75 0.44
C ALA A 49 -2.15 12.34 1.01
N VAL A 50 -3.16 12.28 0.15
CA VAL A 50 -4.50 11.90 0.57
C VAL A 50 -4.48 10.62 1.40
N LEU A 51 -3.78 9.61 0.89
CA LEU A 51 -3.67 8.33 1.57
C LEU A 51 -2.93 8.49 2.90
N LEU A 52 -1.92 9.35 2.91
CA LEU A 52 -1.14 9.59 4.12
C LEU A 52 -1.99 10.25 5.20
N ARG A 53 -2.49 11.45 4.91
CA ARG A 53 -3.32 12.18 5.85
C ARG A 53 -4.51 11.34 6.30
N LEU A 54 -5.21 10.75 5.34
CA LEU A 54 -6.37 9.92 5.64
C LEU A 54 -6.01 8.82 6.63
N GLY A 55 -5.12 7.91 6.22
CA GLY A 55 -4.71 6.83 7.09
C GLY A 55 -4.09 7.33 8.38
N ASP A 56 -3.43 8.48 8.32
CA ASP A 56 -2.80 9.07 9.49
C ASP A 56 -3.82 9.40 10.56
N GLU A 57 -4.78 10.25 10.21
CA GLU A 57 -5.83 10.65 11.15
C GLU A 57 -6.54 9.44 11.72
N LEU A 58 -6.80 8.45 10.85
CA LEU A 58 -7.49 7.24 11.26
C LEU A 58 -6.62 6.43 12.23
N GLU A 59 -5.39 6.13 11.82
CA GLU A 59 -4.47 5.37 12.63
C GLU A 59 -4.13 6.12 13.92
N MET A 60 -4.37 7.44 13.91
CA MET A 60 -4.09 8.27 15.07
C MET A 60 -5.26 8.25 16.06
N ILE A 61 -6.47 8.24 15.52
CA ILE A 61 -7.67 8.21 16.35
C ILE A 61 -7.88 6.84 16.98
N ARG A 62 -8.15 5.85 16.12
CA ARG A 62 -8.37 4.48 16.59
C ARG A 62 -8.68 3.55 15.42
N PRO A 63 -7.62 3.06 14.76
CA PRO A 63 -7.75 2.15 13.62
C PRO A 63 -8.25 0.78 14.03
N SER A 64 -9.12 0.21 13.20
CA SER A 64 -9.70 -1.10 13.47
C SER A 64 -8.59 -2.16 13.60
N VAL A 65 -7.77 -2.27 12.56
CA VAL A 65 -6.67 -3.22 12.55
C VAL A 65 -5.55 -2.78 11.62
N TYR A 66 -5.04 -1.57 11.84
CA TYR A 66 -3.98 -1.02 11.02
C TYR A 66 -2.62 -1.59 11.45
N ARG A 67 -2.63 -2.46 12.46
CA ARG A 67 -1.42 -3.07 12.95
C ARG A 67 -1.72 -4.32 13.78
N ASN A 68 -2.37 -5.29 13.14
CA ASN A 68 -2.73 -6.54 13.81
C ASN A 68 -3.52 -7.45 12.88
N VAL A 69 -4.20 -6.85 11.91
CA VAL A 69 -4.99 -7.61 10.95
C VAL A 69 -4.24 -8.84 10.47
N ALA A 70 -2.94 -8.68 10.22
CA ALA A 70 -2.11 -9.78 9.76
C ALA A 70 -2.33 -11.03 10.62
N ARG A 71 -2.30 -10.87 11.93
CA ARG A 71 -2.49 -11.98 12.85
C ARG A 71 -3.87 -12.60 12.68
N GLN A 72 -4.85 -11.76 12.36
CA GLN A 72 -6.22 -12.22 12.16
C GLN A 72 -6.29 -13.24 11.03
N LEU A 73 -5.26 -13.25 10.18
CA LEU A 73 -5.21 -14.18 9.06
C LEU A 73 -3.92 -15.00 9.09
N HIS A 74 -3.15 -14.85 10.17
CA HIS A 74 -1.90 -15.57 10.32
C HIS A 74 -1.05 -15.47 9.05
N ILE A 75 -0.96 -14.27 8.50
CA ILE A 75 -0.18 -14.05 7.28
C ILE A 75 1.21 -14.65 7.40
N SER A 76 1.81 -14.54 8.58
CA SER A 76 3.14 -15.08 8.82
C SER A 76 4.18 -14.37 7.95
N LEU A 77 4.60 -13.19 8.40
CA LEU A 77 5.60 -12.41 7.67
C LEU A 77 6.91 -13.16 7.56
N GLN A 78 7.07 -14.18 8.39
CA GLN A 78 8.29 -14.99 8.39
C GLN A 78 8.56 -15.56 7.01
N SER A 79 7.50 -15.70 6.21
CA SER A 79 7.62 -16.24 4.86
C SER A 79 7.36 -15.17 3.82
N GLU A 80 7.76 -15.44 2.58
CA GLU A 80 7.57 -14.50 1.49
C GLU A 80 6.44 -14.93 0.58
N ARG A 81 6.41 -16.23 0.25
CA ARG A 81 5.37 -16.77 -0.61
C ARG A 81 3.99 -16.71 0.07
N VAL A 82 3.99 -16.84 1.39
CA VAL A 82 2.76 -16.79 2.16
C VAL A 82 2.20 -15.37 2.24
N VAL A 83 3.07 -14.44 2.62
CA VAL A 83 2.68 -13.04 2.74
C VAL A 83 2.17 -12.50 1.41
N THR A 84 2.86 -12.86 0.33
CA THR A 84 2.49 -12.41 -1.00
C THR A 84 1.17 -13.05 -1.45
N ASP A 85 1.15 -14.37 -1.45
CA ASP A 85 -0.05 -15.10 -1.85
C ASP A 85 -1.26 -14.69 -1.01
N ALA A 86 -1.10 -14.77 0.31
CA ALA A 86 -2.17 -14.40 1.22
C ALA A 86 -2.67 -13.00 0.95
N PHE A 87 -1.76 -12.03 0.94
CA PHE A 87 -2.12 -10.63 0.69
C PHE A 87 -2.82 -10.49 -0.67
N LEU A 88 -2.18 -11.00 -1.71
CA LEU A 88 -2.74 -10.92 -3.05
C LEU A 88 -4.17 -11.47 -3.08
N ALA A 89 -4.35 -12.63 -2.45
CA ALA A 89 -5.66 -13.27 -2.41
C ALA A 89 -6.70 -12.34 -1.76
N VAL A 90 -6.36 -11.81 -0.59
CA VAL A 90 -7.26 -10.91 0.12
C VAL A 90 -7.54 -9.66 -0.69
N ALA A 91 -6.50 -9.09 -1.29
CA ALA A 91 -6.64 -7.89 -2.10
C ALA A 91 -7.68 -8.09 -3.20
N GLY A 92 -7.45 -9.08 -4.05
CA GLY A 92 -8.37 -9.36 -5.13
C GLY A 92 -9.73 -9.83 -4.64
N HIS A 93 -9.74 -10.46 -3.47
CA HIS A 93 -10.98 -10.95 -2.88
C HIS A 93 -11.86 -9.80 -2.40
N ILE A 94 -11.24 -8.81 -1.76
CA ILE A 94 -11.97 -7.66 -1.26
C ILE A 94 -12.34 -6.72 -2.39
N PHE A 95 -11.48 -6.63 -3.39
CA PHE A 95 -11.72 -5.75 -4.54
C PHE A 95 -12.69 -6.40 -5.52
N SER A 96 -12.73 -7.73 -5.51
CA SER A 96 -13.61 -8.47 -6.40
C SER A 96 -15.07 -8.05 -6.20
N ALA A 97 -15.45 -7.81 -4.95
CA ALA A 97 -16.80 -7.40 -4.63
C ALA A 97 -16.92 -5.88 -4.59
N GLY A 98 -15.94 -5.20 -5.19
CA GLY A 98 -15.96 -3.75 -5.21
C GLY A 98 -14.57 -3.15 -5.02
N ILE A 99 -14.12 -2.39 -6.01
CA ILE A 99 -12.81 -1.76 -5.93
C ILE A 99 -12.91 -0.34 -5.38
N THR A 100 -13.54 0.54 -6.15
CA THR A 100 -13.70 1.93 -5.74
C THR A 100 -12.40 2.49 -5.18
N TRP A 101 -12.48 3.69 -4.61
CA TRP A 101 -11.30 4.35 -4.04
C TRP A 101 -11.17 4.00 -2.56
N GLY A 102 -12.30 3.87 -1.87
CA GLY A 102 -12.28 3.53 -0.46
C GLY A 102 -11.39 2.35 -0.16
N LYS A 103 -11.65 1.23 -0.83
CA LYS A 103 -10.86 0.02 -0.63
C LYS A 103 -9.38 0.29 -0.80
N VAL A 104 -9.05 1.19 -1.72
CA VAL A 104 -7.66 1.55 -1.97
C VAL A 104 -7.01 2.18 -0.74
N VAL A 105 -7.68 3.19 -0.18
CA VAL A 105 -7.17 3.87 1.00
C VAL A 105 -7.00 2.90 2.16
N SER A 106 -8.07 2.16 2.48
CA SER A 106 -8.03 1.20 3.58
C SER A 106 -6.95 0.15 3.34
N LEU A 107 -7.03 -0.53 2.20
CA LEU A 107 -6.07 -1.57 1.85
C LEU A 107 -4.64 -1.05 2.00
N TYR A 108 -4.39 0.14 1.43
CA TYR A 108 -3.06 0.74 1.50
C TYR A 108 -2.59 0.85 2.93
N ALA A 109 -3.41 1.46 3.78
CA ALA A 109 -3.07 1.62 5.20
C ALA A 109 -2.70 0.28 5.84
N VAL A 110 -3.47 -0.76 5.51
CA VAL A 110 -3.22 -2.09 6.04
C VAL A 110 -1.82 -2.58 5.67
N ALA A 111 -1.53 -2.59 4.37
CA ALA A 111 -0.24 -3.03 3.89
C ALA A 111 0.90 -2.32 4.61
N ALA A 112 0.75 -1.00 4.77
CA ALA A 112 1.76 -0.20 5.44
C ALA A 112 2.00 -0.69 6.87
N GLY A 113 0.91 -0.99 7.58
CA GLY A 113 1.02 -1.47 8.94
C GLY A 113 1.79 -2.78 9.04
N LEU A 114 1.47 -3.72 8.17
CA LEU A 114 2.13 -5.01 8.15
C LEU A 114 3.63 -4.87 7.89
N ALA A 115 3.96 -4.09 6.87
CA ALA A 115 5.36 -3.85 6.52
C ALA A 115 6.13 -3.25 7.69
N VAL A 116 5.55 -2.23 8.31
CA VAL A 116 6.18 -1.57 9.45
C VAL A 116 6.48 -2.56 10.56
N ASP A 117 5.45 -3.29 10.98
CA ASP A 117 5.60 -4.28 12.05
C ASP A 117 6.76 -5.23 11.75
N ALA A 118 6.77 -5.79 10.56
CA ALA A 118 7.83 -6.71 10.14
C ALA A 118 9.20 -6.07 10.28
N VAL A 119 9.33 -4.86 9.72
CA VAL A 119 10.60 -4.13 9.78
C VAL A 119 11.11 -4.03 11.21
N ARG A 120 10.22 -3.67 12.13
CA ARG A 120 10.58 -3.53 13.54
C ARG A 120 10.83 -4.89 14.17
N GLN A 121 10.24 -5.92 13.59
CA GLN A 121 10.39 -7.29 14.10
C GLN A 121 11.52 -8.01 13.37
N ALA A 122 12.43 -7.25 12.79
CA ALA A 122 13.56 -7.81 12.06
C ALA A 122 13.09 -8.62 10.86
N GLN A 123 12.43 -7.93 9.92
CA GLN A 123 11.93 -8.59 8.72
C GLN A 123 11.34 -7.56 7.75
N PRO A 124 12.20 -6.66 7.26
CA PRO A 124 11.80 -5.61 6.32
C PRO A 124 11.44 -6.16 4.94
N ALA A 125 11.71 -7.46 4.75
CA ALA A 125 11.41 -8.11 3.47
C ALA A 125 9.95 -7.93 3.09
N MET A 126 9.09 -7.74 4.09
CA MET A 126 7.68 -7.55 3.86
C MET A 126 7.42 -6.30 3.02
N VAL A 127 8.28 -5.30 3.19
CA VAL A 127 8.16 -4.05 2.44
C VAL A 127 8.23 -4.28 0.94
N HIS A 128 9.31 -4.93 0.51
CA HIS A 128 9.51 -5.23 -0.91
C HIS A 128 8.46 -6.22 -1.41
N ALA A 129 8.18 -7.23 -0.58
CA ALA A 129 7.21 -8.25 -0.94
C ALA A 129 5.83 -7.64 -1.16
N LEU A 130 5.35 -6.91 -0.17
CA LEU A 130 4.03 -6.27 -0.25
C LEU A 130 3.97 -5.33 -1.44
N VAL A 131 4.93 -4.42 -1.53
CA VAL A 131 4.97 -3.46 -2.63
C VAL A 131 4.90 -4.17 -3.98
N ASP A 132 5.62 -5.28 -4.09
CA ASP A 132 5.64 -6.05 -5.33
C ASP A 132 4.24 -6.57 -5.67
N ALA A 133 3.63 -7.27 -4.72
CA ALA A 133 2.29 -7.82 -4.90
C ALA A 133 1.28 -6.72 -5.19
N LEU A 134 1.36 -5.64 -4.43
CA LEU A 134 0.45 -4.52 -4.61
C LEU A 134 0.50 -3.99 -6.04
N GLY A 135 1.70 -3.62 -6.49
CA GLY A 135 1.86 -3.11 -7.84
C GLY A 135 1.35 -4.08 -8.89
N GLU A 136 1.91 -5.28 -8.90
CA GLU A 136 1.51 -6.30 -9.85
C GLU A 136 0.00 -6.53 -9.82
N PHE A 137 -0.59 -6.37 -8.65
CA PHE A 137 -2.03 -6.55 -8.48
C PHE A 137 -2.79 -5.31 -8.96
N VAL A 138 -2.13 -4.16 -8.92
CA VAL A 138 -2.74 -2.92 -9.34
C VAL A 138 -2.65 -2.75 -10.86
N ARG A 139 -1.58 -3.31 -11.44
CA ARG A 139 -1.38 -3.22 -12.88
C ARG A 139 -2.01 -4.40 -13.60
N LYS A 140 -2.66 -5.27 -12.83
CA LYS A 140 -3.31 -6.45 -13.40
C LYS A 140 -4.79 -6.48 -13.03
N THR A 141 -5.08 -6.62 -11.74
CA THR A 141 -6.45 -6.67 -11.27
C THR A 141 -7.09 -5.28 -11.32
N LEU A 142 -6.32 -4.26 -10.95
CA LEU A 142 -6.82 -2.89 -10.94
C LEU A 142 -6.43 -2.18 -12.24
N ALA A 143 -5.67 -2.87 -13.08
CA ALA A 143 -5.24 -2.30 -14.35
C ALA A 143 -6.42 -1.73 -15.13
N THR A 144 -7.43 -2.57 -15.37
CA THR A 144 -8.61 -2.16 -16.10
C THR A 144 -9.34 -1.04 -15.38
N TRP A 145 -9.60 -1.23 -14.09
CA TRP A 145 -10.29 -0.23 -13.29
C TRP A 145 -9.61 1.13 -13.42
N LEU A 146 -8.34 1.20 -13.05
CA LEU A 146 -7.58 2.44 -13.13
C LEU A 146 -7.49 2.93 -14.57
N ARG A 147 -7.55 1.99 -15.51
CA ARG A 147 -7.47 2.34 -16.93
C ARG A 147 -8.77 2.99 -17.40
N ARG A 148 -9.88 2.60 -16.78
CA ARG A 148 -11.19 3.14 -17.13
C ARG A 148 -11.43 4.47 -16.42
N ARG A 149 -10.79 4.65 -15.28
CA ARG A 149 -10.94 5.87 -14.50
C ARG A 149 -10.08 7.00 -15.08
N GLY A 150 -9.07 6.63 -15.85
CA GLY A 150 -8.19 7.62 -16.45
C GLY A 150 -6.94 7.86 -15.64
N GLY A 151 -7.08 7.82 -14.31
CA GLY A 151 -5.93 8.03 -13.44
C GLY A 151 -6.32 8.05 -11.98
N TRP A 152 -5.35 8.32 -11.11
CA TRP A 152 -5.59 8.36 -9.68
C TRP A 152 -6.18 9.71 -9.27
N THR A 153 -6.01 10.70 -10.12
CA THR A 153 -6.52 12.04 -9.84
C THR A 153 -8.01 12.01 -9.50
N ASP A 154 -8.69 10.98 -9.97
CA ASP A 154 -10.12 10.82 -9.71
C ASP A 154 -10.39 10.61 -8.22
N VAL A 155 -9.42 9.99 -7.54
CA VAL A 155 -9.55 9.73 -6.11
C VAL A 155 -9.57 11.03 -5.31
N LEU A 156 -9.21 12.12 -5.97
CA LEU A 156 -9.17 13.42 -5.32
C LEU A 156 -10.57 14.05 -5.28
N LYS A 157 -11.49 13.48 -6.06
CA LYS A 157 -12.86 13.97 -6.11
C LYS A 157 -13.69 13.36 -4.99
N CYS A 158 -13.30 12.18 -4.55
CA CYS A 158 -14.03 11.49 -3.48
C CYS A 158 -13.13 10.45 -2.81
N PRO A 3 2.86 4.67 -23.83
CA PRO A 3 2.67 4.36 -22.41
C PRO A 3 1.37 3.63 -22.15
N THR A 4 1.20 3.14 -20.92
CA THR A 4 -0.02 2.42 -20.55
C THR A 4 0.05 1.96 -19.09
N ASP A 5 0.81 0.90 -18.86
CA ASP A 5 0.95 0.36 -17.51
C ASP A 5 1.99 1.15 -16.71
N LYS A 6 3.00 1.66 -17.41
CA LYS A 6 4.06 2.44 -16.78
C LYS A 6 3.47 3.49 -15.84
N GLU A 7 2.43 4.18 -16.31
CA GLU A 7 1.77 5.21 -15.53
C GLU A 7 1.15 4.63 -14.26
N LEU A 8 0.41 3.53 -14.42
CA LEU A 8 -0.23 2.86 -13.29
C LEU A 8 0.80 2.34 -12.31
N VAL A 9 1.66 1.43 -12.78
CA VAL A 9 2.70 0.85 -11.94
C VAL A 9 3.46 1.93 -11.19
N ALA A 10 4.02 2.88 -11.93
CA ALA A 10 4.76 3.98 -11.33
C ALA A 10 3.96 4.68 -10.24
N GLN A 11 2.70 4.96 -10.55
CA GLN A 11 1.81 5.63 -9.61
C GLN A 11 1.58 4.77 -8.37
N ALA A 12 0.96 3.62 -8.57
CA ALA A 12 0.68 2.70 -7.47
C ALA A 12 1.92 2.49 -6.60
N LYS A 13 3.06 2.27 -7.24
CA LYS A 13 4.31 2.05 -6.53
C LYS A 13 4.64 3.24 -5.63
N ALA A 14 4.66 4.44 -6.24
CA ALA A 14 4.95 5.66 -5.49
C ALA A 14 4.11 5.74 -4.22
N LEU A 15 2.81 5.54 -4.36
CA LEU A 15 1.89 5.59 -3.23
C LEU A 15 2.29 4.58 -2.16
N GLY A 16 2.29 3.30 -2.53
CA GLY A 16 2.64 2.25 -1.60
C GLY A 16 3.97 2.53 -0.91
N ARG A 17 5.03 2.69 -1.70
CA ARG A 17 6.36 2.95 -1.16
C ARG A 17 6.31 4.05 -0.11
N GLU A 18 5.96 5.26 -0.53
CA GLU A 18 5.87 6.39 0.38
C GLU A 18 5.01 6.05 1.60
N TYR A 19 4.01 5.21 1.39
CA TYR A 19 3.11 4.80 2.47
C TYR A 19 3.89 4.09 3.57
N VAL A 20 4.40 2.91 3.26
CA VAL A 20 5.16 2.12 4.22
C VAL A 20 6.27 2.95 4.86
N HIS A 21 7.05 3.63 4.02
CA HIS A 21 8.15 4.46 4.50
C HIS A 21 7.65 5.48 5.52
N ALA A 22 6.47 6.04 5.26
CA ALA A 22 5.88 7.03 6.15
C ALA A 22 5.57 6.42 7.51
N ARG A 23 4.70 5.41 7.51
CA ARG A 23 4.31 4.75 8.75
C ARG A 23 5.52 4.15 9.45
N LEU A 24 6.55 3.81 8.67
CA LEU A 24 7.77 3.23 9.22
C LEU A 24 8.63 4.30 9.87
N LEU A 25 9.12 5.23 9.06
CA LEU A 25 9.97 6.33 9.55
C LEU A 25 9.28 7.06 10.69
N ARG A 26 7.95 7.06 10.68
CA ARG A 26 7.17 7.73 11.72
C ARG A 26 7.00 6.84 12.94
N ALA A 27 6.81 5.54 12.70
CA ALA A 27 6.63 4.59 13.78
C ALA A 27 7.73 4.74 14.83
N GLY A 28 8.93 4.28 14.49
CA GLY A 28 10.05 4.37 15.41
C GLY A 28 11.07 3.27 15.21
N LEU A 29 12.09 3.55 14.41
CA LEU A 29 13.13 2.58 14.13
C LEU A 29 14.22 3.17 13.24
N SER A 30 15.21 2.36 12.90
CA SER A 30 16.31 2.81 12.04
C SER A 30 16.05 2.46 10.58
N TRP A 31 15.99 3.48 9.74
CA TRP A 31 15.75 3.29 8.31
C TRP A 31 16.42 4.38 7.49
N SER A 32 17.26 3.98 6.55
CA SER A 32 17.96 4.92 5.69
C SER A 32 17.63 4.69 4.22
N ALA A 33 16.61 3.86 3.98
CA ALA A 33 16.19 3.55 2.62
C ALA A 33 17.29 2.84 1.85
N PRO A 34 16.91 2.15 0.76
CA PRO A 34 17.85 1.41 -0.08
C PRO A 34 18.77 2.33 -0.86
N GLU A 35 18.19 3.33 -1.52
CA GLU A 35 18.96 4.29 -2.31
C GLU A 35 18.76 5.71 -1.79
N ARG A 36 17.60 6.29 -2.08
CA ARG A 36 17.29 7.65 -1.65
C ARG A 36 15.90 8.05 -2.12
N ALA A 37 15.59 9.34 -1.97
CA ALA A 37 14.29 9.87 -2.38
C ALA A 37 14.17 9.91 -3.90
N ALA A 38 13.13 10.56 -4.39
CA ALA A 38 12.90 10.68 -5.81
C ALA A 38 11.90 11.79 -6.13
N PRO A 39 11.90 12.26 -7.38
CA PRO A 39 11.00 13.33 -7.84
C PRO A 39 9.55 12.86 -7.91
N VAL A 40 8.64 13.78 -8.22
CA VAL A 40 7.23 13.47 -8.33
C VAL A 40 6.42 14.69 -8.77
N PRO A 41 5.53 14.49 -9.74
CA PRO A 41 4.69 15.57 -10.27
C PRO A 41 3.63 16.01 -9.26
N GLY A 42 2.69 16.84 -9.73
CA GLY A 42 1.64 17.32 -8.85
C GLY A 42 0.53 16.31 -8.66
N ARG A 43 0.25 15.53 -9.70
CA ARG A 43 -0.80 14.51 -9.64
C ARG A 43 -0.46 13.45 -8.59
N LEU A 44 0.70 12.82 -8.75
CA LEU A 44 1.13 11.79 -7.81
C LEU A 44 1.15 12.31 -6.38
N ALA A 45 1.77 13.48 -6.20
CA ALA A 45 1.86 14.10 -4.88
C ALA A 45 0.48 14.32 -4.29
N GLU A 46 -0.47 14.75 -5.12
CA GLU A 46 -1.83 15.00 -4.69
C GLU A 46 -2.47 13.73 -4.14
N VAL A 47 -2.46 12.67 -4.95
CA VAL A 47 -3.04 11.39 -4.55
C VAL A 47 -2.30 10.80 -3.36
N ALA A 48 -0.99 10.65 -3.51
CA ALA A 48 -0.16 10.09 -2.45
C ALA A 48 -0.40 10.82 -1.12
N ALA A 49 -0.59 12.13 -1.22
CA ALA A 49 -0.82 12.95 -0.03
C ALA A 49 -2.17 12.61 0.61
N VAL A 50 -3.23 12.72 -0.16
CA VAL A 50 -4.58 12.43 0.33
C VAL A 50 -4.60 11.08 1.05
N LEU A 51 -3.95 10.08 0.47
CA LEU A 51 -3.90 8.76 1.05
C LEU A 51 -3.11 8.76 2.35
N LEU A 52 -1.92 9.34 2.31
CA LEU A 52 -1.06 9.41 3.49
C LEU A 52 -1.82 10.00 4.68
N ARG A 53 -2.29 11.23 4.53
CA ARG A 53 -3.04 11.90 5.59
C ARG A 53 -4.27 11.09 5.97
N LEU A 54 -4.95 10.54 4.98
CA LEU A 54 -6.15 9.76 5.22
C LEU A 54 -5.88 8.63 6.20
N GLY A 55 -4.97 7.73 5.82
CA GLY A 55 -4.64 6.60 6.68
C GLY A 55 -4.08 7.06 8.02
N ASP A 56 -3.17 8.03 7.98
CA ASP A 56 -2.56 8.56 9.19
C ASP A 56 -3.63 9.05 10.17
N GLU A 57 -4.53 9.90 9.67
CA GLU A 57 -5.59 10.45 10.49
C GLU A 57 -6.41 9.34 11.15
N LEU A 58 -6.89 8.40 10.35
CA LEU A 58 -7.68 7.28 10.85
C LEU A 58 -6.88 6.47 11.86
N GLU A 59 -5.66 6.10 11.49
CA GLU A 59 -4.80 5.31 12.36
C GLU A 59 -4.45 6.10 13.63
N MET A 60 -4.61 7.41 13.56
CA MET A 60 -4.32 8.27 14.71
C MET A 60 -5.54 8.40 15.61
N ILE A 61 -6.73 8.31 15.02
CA ILE A 61 -7.97 8.43 15.77
C ILE A 61 -8.22 7.17 16.61
N ARG A 62 -8.35 6.04 15.93
CA ARG A 62 -8.59 4.77 16.62
C ARG A 62 -8.78 3.63 15.61
N PRO A 63 -7.67 3.21 14.99
CA PRO A 63 -7.70 2.13 14.00
C PRO A 63 -7.99 0.76 14.62
N SER A 64 -8.80 -0.03 13.93
CA SER A 64 -9.17 -1.36 14.42
C SER A 64 -7.92 -2.16 14.81
N VAL A 65 -6.96 -2.23 13.89
CA VAL A 65 -5.73 -2.96 14.13
C VAL A 65 -4.56 -2.34 13.38
N TYR A 66 -4.76 -2.09 12.09
CA TYR A 66 -3.73 -1.50 11.26
C TYR A 66 -2.36 -2.09 11.58
N ARG A 67 -2.34 -3.38 11.89
CA ARG A 67 -1.10 -4.07 12.21
C ARG A 67 -1.37 -5.49 12.69
N ASN A 68 -2.24 -5.62 13.69
CA ASN A 68 -2.58 -6.92 14.25
C ASN A 68 -3.39 -7.74 13.24
N VAL A 69 -3.91 -7.06 12.22
CA VAL A 69 -4.71 -7.73 11.19
C VAL A 69 -3.99 -8.95 10.66
N ALA A 70 -2.69 -8.82 10.41
CA ALA A 70 -1.89 -9.93 9.90
C ALA A 70 -2.15 -11.21 10.69
N ARG A 71 -2.11 -11.10 12.02
CA ARG A 71 -2.34 -12.24 12.88
C ARG A 71 -3.75 -12.81 12.69
N GLN A 72 -4.70 -11.92 12.43
CA GLN A 72 -6.09 -12.32 12.22
C GLN A 72 -6.20 -13.24 11.00
N LEU A 73 -5.19 -13.23 10.16
CA LEU A 73 -5.18 -14.07 8.96
C LEU A 73 -3.94 -14.96 8.92
N HIS A 74 -3.17 -14.94 10.00
CA HIS A 74 -1.96 -15.75 10.10
C HIS A 74 -1.12 -15.61 8.84
N ILE A 75 -1.02 -14.39 8.33
CA ILE A 75 -0.25 -14.12 7.13
C ILE A 75 1.14 -14.75 7.21
N SER A 76 1.73 -14.69 8.41
CA SER A 76 3.06 -15.25 8.63
C SER A 76 4.11 -14.51 7.80
N LEU A 77 4.60 -13.39 8.33
CA LEU A 77 5.60 -12.60 7.65
C LEU A 77 6.93 -13.33 7.57
N GLN A 78 7.03 -14.45 8.30
CA GLN A 78 8.25 -15.24 8.32
C GLN A 78 8.70 -15.57 6.90
N SER A 79 7.75 -15.95 6.05
CA SER A 79 8.06 -16.29 4.67
C SER A 79 7.71 -15.14 3.73
N GLU A 80 8.01 -15.32 2.45
CA GLU A 80 7.71 -14.30 1.45
C GLU A 80 6.58 -14.73 0.53
N ARG A 81 6.53 -16.03 0.24
CA ARG A 81 5.49 -16.58 -0.63
C ARG A 81 4.14 -16.59 0.07
N VAL A 82 4.17 -16.78 1.39
CA VAL A 82 2.93 -16.81 2.17
C VAL A 82 2.35 -15.41 2.33
N VAL A 83 3.22 -14.43 2.56
CA VAL A 83 2.78 -13.04 2.73
C VAL A 83 2.27 -12.48 1.42
N THR A 84 2.94 -12.81 0.32
CA THR A 84 2.55 -12.32 -0.99
C THR A 84 1.25 -12.98 -1.45
N ASP A 85 1.22 -14.30 -1.44
CA ASP A 85 0.04 -15.05 -1.84
C ASP A 85 -1.17 -14.66 -1.00
N ALA A 86 -0.99 -14.64 0.31
CA ALA A 86 -2.06 -14.29 1.24
C ALA A 86 -2.58 -12.88 0.96
N PHE A 87 -1.67 -11.91 0.93
CA PHE A 87 -2.04 -10.52 0.69
C PHE A 87 -2.72 -10.38 -0.68
N LEU A 88 -2.13 -10.99 -1.70
CA LEU A 88 -2.67 -10.93 -3.05
C LEU A 88 -4.07 -11.56 -3.09
N ALA A 89 -4.23 -12.69 -2.41
CA ALA A 89 -5.50 -13.38 -2.36
C ALA A 89 -6.59 -12.51 -1.74
N VAL A 90 -6.38 -12.13 -0.49
CA VAL A 90 -7.34 -11.28 0.22
C VAL A 90 -7.64 -10.01 -0.55
N ALA A 91 -6.63 -9.49 -1.24
CA ALA A 91 -6.79 -8.28 -2.04
C ALA A 91 -7.79 -8.48 -3.16
N GLY A 92 -7.48 -9.41 -4.06
CA GLY A 92 -8.36 -9.68 -5.18
C GLY A 92 -9.73 -10.18 -4.73
N HIS A 93 -9.77 -10.80 -3.55
CA HIS A 93 -11.02 -11.32 -3.01
C HIS A 93 -11.95 -10.20 -2.60
N ILE A 94 -11.40 -9.23 -1.86
CA ILE A 94 -12.19 -8.09 -1.40
C ILE A 94 -12.54 -7.16 -2.56
N PHE A 95 -11.64 -7.06 -3.53
CA PHE A 95 -11.85 -6.21 -4.69
C PHE A 95 -12.71 -6.91 -5.74
N SER A 96 -12.78 -8.25 -5.64
CA SER A 96 -13.56 -9.04 -6.58
C SER A 96 -15.01 -8.57 -6.62
N ALA A 97 -15.52 -8.13 -5.47
CA ALA A 97 -16.89 -7.64 -5.38
C ALA A 97 -16.95 -6.13 -5.57
N GLY A 98 -15.91 -5.57 -6.17
CA GLY A 98 -15.86 -4.14 -6.40
C GLY A 98 -14.60 -3.50 -5.87
N ILE A 99 -13.84 -2.87 -6.75
CA ILE A 99 -12.59 -2.20 -6.36
C ILE A 99 -12.87 -1.00 -5.47
N THR A 100 -13.48 0.03 -6.05
CA THR A 100 -13.80 1.23 -5.31
C THR A 100 -12.54 1.90 -4.76
N TRP A 101 -12.66 3.17 -4.36
CA TRP A 101 -11.53 3.90 -3.83
C TRP A 101 -11.31 3.58 -2.35
N GLY A 102 -12.40 3.45 -1.61
CA GLY A 102 -12.31 3.13 -0.20
C GLY A 102 -11.46 1.91 0.07
N LYS A 103 -11.80 0.80 -0.60
CA LYS A 103 -11.06 -0.45 -0.43
C LYS A 103 -9.56 -0.23 -0.63
N VAL A 104 -9.21 0.68 -1.52
CA VAL A 104 -7.81 0.99 -1.80
C VAL A 104 -7.16 1.66 -0.61
N VAL A 105 -7.72 2.78 -0.17
CA VAL A 105 -7.19 3.52 0.96
C VAL A 105 -6.96 2.61 2.16
N SER A 106 -8.01 1.88 2.55
CA SER A 106 -7.93 0.97 3.68
C SER A 106 -6.86 -0.09 3.45
N LEU A 107 -6.90 -0.72 2.28
CA LEU A 107 -5.93 -1.75 1.93
C LEU A 107 -4.50 -1.26 2.14
N TYR A 108 -4.19 -0.10 1.55
CA TYR A 108 -2.86 0.48 1.67
C TYR A 108 -2.47 0.65 3.14
N ALA A 109 -3.35 1.28 3.91
CA ALA A 109 -3.09 1.50 5.32
C ALA A 109 -2.68 0.21 6.02
N VAL A 110 -3.45 -0.86 5.80
CA VAL A 110 -3.15 -2.15 6.40
C VAL A 110 -1.76 -2.63 6.01
N ALA A 111 -1.48 -2.62 4.71
CA ALA A 111 -0.18 -3.06 4.22
C ALA A 111 0.96 -2.37 4.97
N ALA A 112 0.80 -1.07 5.20
CA ALA A 112 1.81 -0.30 5.90
C ALA A 112 2.02 -0.82 7.33
N GLY A 113 0.92 -1.12 8.00
CA GLY A 113 1.00 -1.63 9.36
C GLY A 113 1.77 -2.94 9.44
N LEU A 114 1.52 -3.83 8.48
CA LEU A 114 2.19 -5.12 8.46
C LEU A 114 3.68 -4.96 8.17
N ALA A 115 4.01 -4.04 7.27
CA ALA A 115 5.40 -3.78 6.91
C ALA A 115 6.19 -3.28 8.11
N VAL A 116 5.72 -2.20 8.72
CA VAL A 116 6.39 -1.62 9.88
C VAL A 116 6.57 -2.66 10.98
N ASP A 117 5.51 -3.42 11.25
CA ASP A 117 5.55 -4.45 12.28
C ASP A 117 6.70 -5.43 12.04
N ALA A 118 6.73 -6.01 10.84
CA ALA A 118 7.78 -6.95 10.48
C ALA A 118 9.15 -6.32 10.59
N VAL A 119 9.31 -5.13 10.03
CA VAL A 119 10.57 -4.42 10.08
C VAL A 119 11.11 -4.34 11.50
N ARG A 120 10.24 -3.98 12.44
CA ARG A 120 10.63 -3.87 13.84
C ARG A 120 10.90 -5.26 14.44
N GLN A 121 10.23 -6.26 13.89
CA GLN A 121 10.39 -7.63 14.37
C GLN A 121 11.47 -8.37 13.58
N ALA A 122 12.35 -7.60 12.94
CA ALA A 122 13.42 -8.18 12.15
C ALA A 122 12.89 -8.90 10.92
N GLN A 123 12.21 -8.15 10.05
CA GLN A 123 11.64 -8.71 8.84
C GLN A 123 11.19 -7.61 7.88
N PRO A 124 12.14 -6.79 7.43
CA PRO A 124 11.86 -5.67 6.51
C PRO A 124 11.49 -6.16 5.11
N ALA A 125 11.75 -7.44 4.85
CA ALA A 125 11.43 -8.02 3.55
C ALA A 125 9.97 -7.83 3.20
N MET A 126 9.13 -7.69 4.23
CA MET A 126 7.70 -7.50 4.03
C MET A 126 7.43 -6.21 3.27
N VAL A 127 8.32 -5.23 3.41
CA VAL A 127 8.18 -3.96 2.73
C VAL A 127 8.17 -4.13 1.21
N HIS A 128 9.24 -4.71 0.68
CA HIS A 128 9.36 -4.94 -0.75
C HIS A 128 8.36 -5.98 -1.22
N ALA A 129 8.12 -6.99 -0.37
CA ALA A 129 7.18 -8.05 -0.70
C ALA A 129 5.77 -7.50 -0.85
N LEU A 130 5.27 -6.85 0.19
CA LEU A 130 3.94 -6.27 0.18
C LEU A 130 3.79 -5.26 -0.95
N VAL A 131 4.67 -4.27 -0.97
CA VAL A 131 4.64 -3.24 -2.00
C VAL A 131 4.61 -3.85 -3.39
N ASP A 132 5.41 -4.89 -3.60
CA ASP A 132 5.47 -5.57 -4.88
C ASP A 132 4.13 -6.20 -5.23
N ALA A 133 3.54 -6.91 -4.27
CA ALA A 133 2.26 -7.56 -4.48
C ALA A 133 1.16 -6.53 -4.74
N LEU A 134 1.13 -5.49 -3.92
CA LEU A 134 0.13 -4.43 -4.05
C LEU A 134 0.17 -3.82 -5.45
N GLY A 135 1.34 -3.29 -5.82
CA GLY A 135 1.50 -2.68 -7.13
C GLY A 135 1.11 -3.63 -8.25
N GLU A 136 1.64 -4.85 -8.20
CA GLU A 136 1.35 -5.85 -9.23
C GLU A 136 -0.14 -6.14 -9.30
N PHE A 137 -0.76 -6.31 -8.15
CA PHE A 137 -2.19 -6.61 -8.08
C PHE A 137 -3.01 -5.42 -8.58
N VAL A 138 -2.44 -4.22 -8.45
CA VAL A 138 -3.12 -3.00 -8.89
C VAL A 138 -2.92 -2.78 -10.38
N ARG A 139 -1.78 -3.22 -10.90
CA ARG A 139 -1.47 -3.06 -12.32
C ARG A 139 -1.93 -4.28 -13.11
N LYS A 140 -2.52 -5.25 -12.41
CA LYS A 140 -3.01 -6.45 -13.06
C LYS A 140 -4.52 -6.61 -12.85
N THR A 141 -4.91 -6.81 -11.60
CA THR A 141 -6.33 -6.96 -11.27
C THR A 141 -7.07 -5.64 -11.37
N LEU A 142 -6.59 -4.63 -10.66
CA LEU A 142 -7.20 -3.32 -10.68
C LEU A 142 -6.76 -2.52 -11.91
N ALA A 143 -5.83 -3.09 -12.67
CA ALA A 143 -5.33 -2.44 -13.88
C ALA A 143 -6.46 -1.89 -14.73
N THR A 144 -7.43 -2.75 -15.04
CA THR A 144 -8.57 -2.36 -15.85
C THR A 144 -9.34 -1.21 -15.19
N TRP A 145 -9.56 -1.33 -13.89
CA TRP A 145 -10.29 -0.30 -13.15
C TRP A 145 -9.60 1.06 -13.29
N LEU A 146 -8.35 1.12 -12.88
CA LEU A 146 -7.58 2.36 -12.97
C LEU A 146 -7.36 2.78 -14.41
N ARG A 147 -7.49 1.81 -15.32
CA ARG A 147 -7.31 2.08 -16.75
C ARG A 147 -8.57 2.68 -17.35
N ARG A 148 -9.72 2.35 -16.77
CA ARG A 148 -11.01 2.86 -17.25
C ARG A 148 -11.30 4.23 -16.65
N ARG A 149 -10.82 4.45 -15.43
CA ARG A 149 -11.03 5.73 -14.75
C ARG A 149 -10.09 6.80 -15.29
N GLY A 150 -9.00 6.37 -15.92
CA GLY A 150 -8.05 7.30 -16.47
C GLY A 150 -6.90 7.59 -15.52
N GLY A 151 -7.20 7.63 -14.22
CA GLY A 151 -6.18 7.90 -13.23
C GLY A 151 -6.75 7.98 -11.82
N TRP A 152 -5.88 8.25 -10.86
CA TRP A 152 -6.30 8.36 -9.46
C TRP A 152 -6.87 9.74 -9.18
N THR A 153 -6.84 10.61 -10.18
CA THR A 153 -7.36 11.96 -10.03
C THR A 153 -8.76 11.96 -9.44
N ASP A 154 -9.46 10.84 -9.60
CA ASP A 154 -10.82 10.71 -9.09
C ASP A 154 -10.87 11.06 -7.61
N VAL A 155 -9.95 10.49 -6.82
CA VAL A 155 -9.89 10.75 -5.40
C VAL A 155 -9.47 12.19 -5.11
N LEU A 156 -9.01 12.87 -6.15
CA LEU A 156 -8.58 14.26 -6.01
C LEU A 156 -9.71 15.23 -6.36
N LYS A 157 -10.83 14.67 -6.76
CA LYS A 157 -12.00 15.48 -7.12
C LYS A 157 -12.95 15.62 -5.94
N CYS A 158 -12.42 15.45 -4.74
CA CYS A 158 -13.23 15.56 -3.53
C CYS A 158 -12.42 16.14 -2.38
N PRO A 3 4.12 3.03 -21.49
CA PRO A 3 3.36 4.18 -21.97
C PRO A 3 1.86 4.02 -21.76
N THR A 4 1.48 2.97 -21.02
CA THR A 4 0.07 2.69 -20.75
C THR A 4 -0.13 2.34 -19.28
N ASP A 5 0.25 1.12 -18.91
CA ASP A 5 0.11 0.65 -17.54
C ASP A 5 1.22 1.22 -16.66
N LYS A 6 2.30 1.66 -17.29
CA LYS A 6 3.44 2.22 -16.56
C LYS A 6 2.97 3.27 -15.55
N GLU A 7 2.05 4.13 -15.98
CA GLU A 7 1.52 5.18 -15.11
C GLU A 7 0.93 4.58 -13.85
N LEU A 8 0.18 3.50 -14.00
CA LEU A 8 -0.45 2.83 -12.87
C LEU A 8 0.59 2.20 -11.96
N VAL A 9 1.37 1.27 -12.50
CA VAL A 9 2.41 0.60 -11.74
C VAL A 9 3.31 1.60 -11.03
N ALA A 10 3.73 2.63 -11.77
CA ALA A 10 4.60 3.66 -11.22
C ALA A 10 3.92 4.40 -10.07
N GLN A 11 2.65 4.75 -10.27
CA GLN A 11 1.89 5.46 -9.25
C GLN A 11 1.69 4.59 -8.02
N ALA A 12 1.05 3.44 -8.21
CA ALA A 12 0.79 2.51 -7.12
C ALA A 12 2.07 2.26 -6.30
N LYS A 13 3.17 2.00 -7.01
CA LYS A 13 4.45 1.73 -6.36
C LYS A 13 4.87 2.92 -5.50
N ALA A 14 5.01 4.08 -6.14
CA ALA A 14 5.42 5.30 -5.43
C ALA A 14 4.51 5.57 -4.24
N LEU A 15 3.21 5.34 -4.43
CA LEU A 15 2.22 5.57 -3.37
C LEU A 15 2.45 4.59 -2.22
N GLY A 16 2.37 3.30 -2.50
CA GLY A 16 2.56 2.30 -1.48
C GLY A 16 3.91 2.41 -0.81
N ARG A 17 4.96 2.61 -1.60
CA ARG A 17 6.31 2.73 -1.08
C ARG A 17 6.40 3.89 -0.09
N GLU A 18 6.11 5.10 -0.55
CA GLU A 18 6.16 6.28 0.29
C GLU A 18 5.27 6.11 1.52
N TYR A 19 4.20 5.35 1.38
CA TYR A 19 3.28 5.10 2.48
C TYR A 19 3.96 4.30 3.59
N VAL A 20 4.33 3.07 3.26
CA VAL A 20 5.00 2.21 4.24
C VAL A 20 6.15 2.92 4.92
N HIS A 21 6.94 3.65 4.13
CA HIS A 21 8.08 4.39 4.67
C HIS A 21 7.63 5.40 5.71
N ALA A 22 6.55 6.13 5.40
CA ALA A 22 6.02 7.14 6.31
C ALA A 22 5.61 6.51 7.64
N ARG A 23 4.75 5.49 7.56
CA ARG A 23 4.27 4.81 8.75
C ARG A 23 5.43 4.14 9.50
N LEU A 24 6.43 3.69 8.74
CA LEU A 24 7.59 3.02 9.33
C LEU A 24 8.46 4.02 10.07
N LEU A 25 8.76 5.14 9.43
CA LEU A 25 9.59 6.18 10.03
C LEU A 25 8.87 6.83 11.21
N ARG A 26 7.55 6.90 11.12
CA ARG A 26 6.75 7.51 12.19
C ARG A 26 6.47 6.49 13.29
N ALA A 27 6.49 5.21 12.93
CA ALA A 27 6.24 4.15 13.90
C ALA A 27 7.11 4.32 15.14
N GLY A 28 8.39 4.60 14.93
CA GLY A 28 9.31 4.78 16.04
C GLY A 28 10.54 3.90 15.93
N LEU A 29 11.18 3.93 14.77
CA LEU A 29 12.39 3.13 14.54
C LEU A 29 13.35 3.84 13.59
N SER A 30 14.44 3.17 13.26
CA SER A 30 15.44 3.75 12.37
C SER A 30 15.17 3.33 10.92
N TRP A 31 15.74 4.08 9.99
CA TRP A 31 15.58 3.80 8.56
C TRP A 31 16.37 4.79 7.71
N SER A 32 17.14 4.26 6.77
CA SER A 32 17.95 5.10 5.89
C SER A 32 17.64 4.81 4.43
N ALA A 33 16.63 3.97 4.20
CA ALA A 33 16.22 3.61 2.84
C ALA A 33 17.33 2.87 2.12
N PRO A 34 16.97 2.15 1.04
CA PRO A 34 17.92 1.38 0.24
C PRO A 34 18.86 2.28 -0.57
N GLU A 35 18.29 3.26 -1.26
CA GLU A 35 19.08 4.18 -2.05
C GLU A 35 18.89 5.62 -1.59
N ARG A 36 17.75 6.22 -1.93
CA ARG A 36 17.45 7.58 -1.54
C ARG A 36 16.08 8.01 -2.08
N ALA A 37 15.79 9.30 -1.99
CA ALA A 37 14.52 9.84 -2.46
C ALA A 37 14.39 9.68 -3.98
N ALA A 38 13.38 10.33 -4.55
CA ALA A 38 13.16 10.26 -5.99
C ALA A 38 12.17 11.33 -6.43
N PRO A 39 12.17 11.64 -7.74
CA PRO A 39 11.29 12.64 -8.33
C PRO A 39 9.82 12.20 -8.33
N VAL A 40 8.92 13.14 -8.59
CA VAL A 40 7.50 12.84 -8.62
C VAL A 40 6.69 14.08 -9.00
N PRO A 41 5.75 13.91 -9.93
CA PRO A 41 4.88 15.01 -10.39
C PRO A 41 3.89 15.46 -9.33
N GLY A 42 2.94 16.30 -9.72
CA GLY A 42 1.95 16.79 -8.78
C GLY A 42 0.83 15.79 -8.54
N ARG A 43 0.48 15.04 -9.58
CA ARG A 43 -0.57 14.03 -9.48
C ARG A 43 -0.26 13.02 -8.39
N LEU A 44 0.88 12.35 -8.52
CA LEU A 44 1.30 11.35 -7.55
C LEU A 44 1.32 11.93 -6.14
N ALA A 45 2.03 13.04 -5.98
CA ALA A 45 2.13 13.71 -4.68
C ALA A 45 0.74 13.93 -4.07
N GLU A 46 -0.19 14.37 -4.90
CA GLU A 46 -1.56 14.62 -4.45
C GLU A 46 -2.19 13.35 -3.87
N VAL A 47 -2.20 12.30 -4.68
CA VAL A 47 -2.78 11.02 -4.27
C VAL A 47 -2.08 10.49 -3.02
N ALA A 48 -0.76 10.42 -3.08
CA ALA A 48 0.03 9.93 -1.95
C ALA A 48 -0.35 10.65 -0.66
N ALA A 49 -0.47 11.97 -0.73
CA ALA A 49 -0.83 12.77 0.42
C ALA A 49 -2.20 12.37 0.96
N VAL A 50 -3.19 12.33 0.07
CA VAL A 50 -4.55 11.97 0.45
C VAL A 50 -4.57 10.67 1.25
N LEU A 51 -3.84 9.66 0.75
CA LEU A 51 -3.78 8.37 1.41
C LEU A 51 -3.04 8.48 2.74
N LEU A 52 -2.02 9.33 2.78
CA LEU A 52 -1.24 9.53 4.00
C LEU A 52 -2.08 10.15 5.10
N ARG A 53 -2.61 11.35 4.83
CA ARG A 53 -3.44 12.05 5.80
C ARG A 53 -4.63 11.20 6.21
N LEU A 54 -5.31 10.63 5.22
CA LEU A 54 -6.48 9.79 5.48
C LEU A 54 -6.14 8.69 6.48
N GLY A 55 -5.24 7.80 6.08
CA GLY A 55 -4.84 6.70 6.93
C GLY A 55 -4.28 7.18 8.26
N ASP A 56 -3.34 8.12 8.20
CA ASP A 56 -2.72 8.66 9.41
C ASP A 56 -3.77 9.10 10.41
N GLU A 57 -4.73 9.90 9.95
CA GLU A 57 -5.79 10.40 10.81
C GLU A 57 -6.52 9.23 11.49
N LEU A 58 -7.11 8.35 10.69
CA LEU A 58 -7.83 7.20 11.20
C LEU A 58 -6.97 6.40 12.17
N GLU A 59 -5.77 6.05 11.71
CA GLU A 59 -4.84 5.28 12.54
C GLU A 59 -4.48 6.04 13.81
N MET A 60 -4.67 7.35 13.78
CA MET A 60 -4.36 8.20 14.93
C MET A 60 -5.56 8.28 15.87
N ILE A 61 -6.75 8.06 15.33
CA ILE A 61 -7.97 8.12 16.12
C ILE A 61 -8.15 6.84 16.95
N ARG A 62 -8.26 5.71 16.26
CA ARG A 62 -8.43 4.43 16.93
C ARG A 62 -8.60 3.30 15.91
N PRO A 63 -7.50 2.95 15.23
CA PRO A 63 -7.49 1.89 14.23
C PRO A 63 -7.67 0.51 14.84
N SER A 64 -8.43 -0.34 14.17
CA SER A 64 -8.69 -1.70 14.65
C SER A 64 -7.38 -2.41 14.97
N VAL A 65 -6.43 -2.34 14.05
CA VAL A 65 -5.13 -2.98 14.25
C VAL A 65 -4.05 -2.28 13.42
N TYR A 66 -4.35 -2.04 12.14
CA TYR A 66 -3.40 -1.37 11.26
C TYR A 66 -1.99 -1.87 11.51
N ARG A 67 -1.85 -3.17 11.79
CA ARG A 67 -0.55 -3.77 12.05
C ARG A 67 -0.70 -5.21 12.50
N ASN A 68 -1.52 -5.44 13.51
CA ASN A 68 -1.76 -6.78 14.04
C ASN A 68 -2.67 -7.58 13.10
N VAL A 69 -3.26 -6.89 12.13
CA VAL A 69 -4.14 -7.54 11.17
C VAL A 69 -3.56 -8.85 10.68
N ALA A 70 -2.25 -8.86 10.45
CA ALA A 70 -1.57 -10.07 9.98
C ALA A 70 -1.97 -11.28 10.81
N ARG A 71 -1.91 -11.14 12.12
CA ARG A 71 -2.27 -12.23 13.03
C ARG A 71 -3.73 -12.63 12.85
N GLN A 72 -4.57 -11.66 12.54
CA GLN A 72 -5.99 -11.92 12.34
C GLN A 72 -6.20 -12.95 11.23
N LEU A 73 -5.20 -13.11 10.37
CA LEU A 73 -5.28 -14.07 9.27
C LEU A 73 -4.06 -14.97 9.26
N HIS A 74 -3.25 -14.90 10.32
CA HIS A 74 -2.06 -15.72 10.42
C HIS A 74 -1.27 -15.73 9.11
N ILE A 75 -1.20 -14.55 8.47
CA ILE A 75 -0.48 -14.42 7.21
C ILE A 75 0.91 -15.01 7.31
N SER A 76 1.56 -14.82 8.47
CA SER A 76 2.90 -15.34 8.69
C SER A 76 3.91 -14.64 7.77
N LEU A 77 4.44 -13.51 8.23
CA LEU A 77 5.40 -12.75 7.45
C LEU A 77 6.75 -13.48 7.41
N GLN A 78 6.86 -14.55 8.17
CA GLN A 78 8.09 -15.34 8.20
C GLN A 78 8.56 -15.70 6.80
N SER A 79 7.61 -15.83 5.89
CA SER A 79 7.92 -16.17 4.50
C SER A 79 7.58 -15.02 3.57
N GLU A 80 7.89 -15.20 2.28
CA GLU A 80 7.62 -14.16 1.28
C GLU A 80 6.49 -14.60 0.35
N ARG A 81 6.53 -15.86 -0.07
CA ARG A 81 5.51 -16.39 -0.96
C ARG A 81 4.14 -16.40 -0.28
N VAL A 82 4.14 -16.64 1.03
CA VAL A 82 2.90 -16.69 1.78
C VAL A 82 2.30 -15.29 1.95
N VAL A 83 3.11 -14.38 2.46
CA VAL A 83 2.65 -12.99 2.67
C VAL A 83 2.12 -12.39 1.37
N THR A 84 2.82 -12.67 0.27
CA THR A 84 2.41 -12.16 -1.04
C THR A 84 1.11 -12.80 -1.49
N ASP A 85 1.05 -14.13 -1.44
CA ASP A 85 -0.14 -14.86 -1.87
C ASP A 85 -1.35 -14.44 -1.04
N ALA A 86 -1.19 -14.45 0.28
CA ALA A 86 -2.28 -14.07 1.18
C ALA A 86 -2.77 -12.66 0.88
N PHE A 87 -1.85 -11.70 0.88
CA PHE A 87 -2.20 -10.31 0.61
C PHE A 87 -2.84 -10.17 -0.77
N LEU A 88 -2.23 -10.79 -1.77
CA LEU A 88 -2.76 -10.74 -3.13
C LEU A 88 -4.16 -11.32 -3.20
N ALA A 89 -4.36 -12.45 -2.52
CA ALA A 89 -5.66 -13.11 -2.50
C ALA A 89 -6.72 -12.22 -1.87
N VAL A 90 -6.53 -11.89 -0.59
CA VAL A 90 -7.47 -11.04 0.12
C VAL A 90 -7.73 -9.74 -0.64
N ALA A 91 -6.71 -9.27 -1.34
CA ALA A 91 -6.84 -8.03 -2.11
C ALA A 91 -7.84 -8.19 -3.26
N GLY A 92 -7.57 -9.16 -4.13
CA GLY A 92 -8.46 -9.40 -5.26
C GLY A 92 -9.83 -9.89 -4.83
N HIS A 93 -9.88 -10.50 -3.65
CA HIS A 93 -11.15 -11.02 -3.11
C HIS A 93 -12.05 -9.88 -2.64
N ILE A 94 -11.46 -8.95 -1.88
CA ILE A 94 -12.21 -7.82 -1.35
C ILE A 94 -12.50 -6.79 -2.46
N PHE A 95 -11.59 -6.71 -3.42
CA PHE A 95 -11.74 -5.77 -4.53
C PHE A 95 -12.75 -6.30 -5.55
N SER A 96 -12.74 -7.61 -5.76
CA SER A 96 -13.65 -8.25 -6.71
C SER A 96 -15.10 -7.93 -6.36
N ALA A 97 -15.37 -7.71 -5.08
CA ALA A 97 -16.71 -7.40 -4.61
C ALA A 97 -16.95 -5.89 -4.57
N GLY A 98 -16.09 -5.15 -5.25
CA GLY A 98 -16.22 -3.70 -5.28
C GLY A 98 -14.90 -2.99 -5.02
N ILE A 99 -14.12 -2.79 -6.08
CA ILE A 99 -12.83 -2.13 -5.97
C ILE A 99 -12.99 -0.74 -5.36
N THR A 100 -13.65 0.16 -6.09
CA THR A 100 -13.86 1.52 -5.62
C THR A 100 -12.58 2.12 -5.05
N TRP A 101 -12.68 3.33 -4.51
CA TRP A 101 -11.53 4.01 -3.95
C TRP A 101 -11.37 3.68 -2.46
N GLY A 102 -12.50 3.51 -1.77
CA GLY A 102 -12.46 3.18 -0.36
C GLY A 102 -11.53 2.03 -0.06
N LYS A 103 -11.73 0.91 -0.74
CA LYS A 103 -10.90 -0.27 -0.54
C LYS A 103 -9.42 0.07 -0.71
N VAL A 104 -9.13 0.96 -1.65
CA VAL A 104 -7.75 1.37 -1.90
C VAL A 104 -7.15 2.04 -0.67
N VAL A 105 -7.94 2.90 -0.03
CA VAL A 105 -7.48 3.62 1.16
C VAL A 105 -7.23 2.65 2.32
N SER A 106 -8.25 1.86 2.65
CA SER A 106 -8.14 0.91 3.74
C SER A 106 -7.03 -0.11 3.47
N LEU A 107 -7.04 -0.67 2.27
CA LEU A 107 -6.02 -1.65 1.88
C LEU A 107 -4.62 -1.11 2.09
N TYR A 108 -4.36 0.06 1.50
CA TYR A 108 -3.05 0.69 1.63
C TYR A 108 -2.64 0.82 3.09
N ALA A 109 -3.52 1.39 3.90
CA ALA A 109 -3.25 1.57 5.32
C ALA A 109 -2.79 0.27 5.96
N VAL A 110 -3.60 -0.78 5.81
CA VAL A 110 -3.28 -2.08 6.38
C VAL A 110 -1.88 -2.53 5.94
N ALA A 111 -1.63 -2.49 4.64
CA ALA A 111 -0.34 -2.90 4.10
C ALA A 111 0.80 -2.23 4.85
N ALA A 112 0.69 -0.91 5.03
CA ALA A 112 1.72 -0.16 5.73
C ALA A 112 1.94 -0.70 7.15
N GLY A 113 0.85 -1.07 7.81
CA GLY A 113 0.94 -1.60 9.16
C GLY A 113 1.76 -2.88 9.22
N LEU A 114 1.45 -3.83 8.34
CA LEU A 114 2.17 -5.09 8.31
C LEU A 114 3.65 -4.87 8.03
N ALA A 115 3.96 -4.10 7.01
CA ALA A 115 5.34 -3.80 6.65
C ALA A 115 6.10 -3.22 7.84
N VAL A 116 5.52 -2.21 8.47
CA VAL A 116 6.15 -1.58 9.62
C VAL A 116 6.47 -2.59 10.71
N ASP A 117 5.47 -3.38 11.10
CA ASP A 117 5.65 -4.39 12.13
C ASP A 117 6.85 -5.28 11.81
N ALA A 118 6.86 -5.85 10.61
CA ALA A 118 7.95 -6.71 10.18
C ALA A 118 9.29 -6.00 10.29
N VAL A 119 9.37 -4.80 9.74
CA VAL A 119 10.59 -4.01 9.77
C VAL A 119 11.15 -3.91 11.19
N ARG A 120 10.26 -3.62 12.14
CA ARG A 120 10.66 -3.50 13.53
C ARG A 120 11.03 -4.86 14.12
N GLN A 121 10.45 -5.91 13.57
CA GLN A 121 10.71 -7.26 14.04
C GLN A 121 11.83 -7.91 13.23
N ALA A 122 12.63 -7.07 12.56
CA ALA A 122 13.74 -7.56 11.75
C ALA A 122 13.24 -8.35 10.55
N GLN A 123 12.46 -7.68 9.69
CA GLN A 123 11.92 -8.33 8.50
C GLN A 123 11.36 -7.29 7.53
N PRO A 124 12.25 -6.44 7.00
CA PRO A 124 11.86 -5.39 6.05
C PRO A 124 11.45 -5.95 4.69
N ALA A 125 11.65 -7.26 4.52
CA ALA A 125 11.29 -7.92 3.27
C ALA A 125 9.82 -7.71 2.93
N MET A 126 9.02 -7.46 3.97
CA MET A 126 7.59 -7.23 3.78
C MET A 126 7.33 -5.95 2.98
N VAL A 127 8.23 -4.98 3.12
CA VAL A 127 8.10 -3.72 2.42
C VAL A 127 8.13 -3.93 0.91
N HIS A 128 9.19 -4.56 0.42
CA HIS A 128 9.34 -4.82 -1.01
C HIS A 128 8.32 -5.84 -1.48
N ALA A 129 8.07 -6.85 -0.65
CA ALA A 129 7.10 -7.89 -0.97
C ALA A 129 5.70 -7.32 -1.14
N LEU A 130 5.27 -6.55 -0.16
CA LEU A 130 3.94 -5.94 -0.18
C LEU A 130 3.81 -4.98 -1.37
N VAL A 131 4.72 -4.02 -1.46
CA VAL A 131 4.71 -3.06 -2.55
C VAL A 131 4.63 -3.74 -3.90
N ASP A 132 5.42 -4.80 -4.08
CA ASP A 132 5.43 -5.55 -5.32
C ASP A 132 4.07 -6.18 -5.59
N ALA A 133 3.51 -6.84 -4.57
CA ALA A 133 2.22 -7.49 -4.70
C ALA A 133 1.13 -6.47 -5.06
N LEU A 134 1.12 -5.35 -4.36
CA LEU A 134 0.13 -4.31 -4.61
C LEU A 134 0.21 -3.82 -6.05
N GLY A 135 1.38 -3.35 -6.46
CA GLY A 135 1.55 -2.87 -7.82
C GLY A 135 1.09 -3.88 -8.86
N GLU A 136 1.70 -5.06 -8.82
CA GLU A 136 1.34 -6.12 -9.78
C GLU A 136 -0.15 -6.39 -9.76
N PHE A 137 -0.73 -6.41 -8.57
CA PHE A 137 -2.16 -6.66 -8.42
C PHE A 137 -2.98 -5.49 -8.97
N VAL A 138 -2.38 -4.31 -8.98
CA VAL A 138 -3.04 -3.12 -9.48
C VAL A 138 -2.94 -3.03 -11.01
N ARG A 139 -1.88 -3.61 -11.55
CA ARG A 139 -1.67 -3.61 -13.00
C ARG A 139 -2.02 -4.96 -13.61
N LYS A 140 -2.84 -5.74 -12.90
CA LYS A 140 -3.25 -7.05 -13.37
C LYS A 140 -4.74 -7.28 -13.11
N THR A 141 -5.13 -7.24 -11.84
CA THR A 141 -6.52 -7.44 -11.46
C THR A 141 -7.29 -6.13 -11.47
N LEU A 142 -6.58 -5.04 -11.17
CA LEU A 142 -7.20 -3.71 -11.14
C LEU A 142 -6.77 -2.89 -12.35
N ALA A 143 -5.88 -3.44 -13.16
CA ALA A 143 -5.39 -2.76 -14.34
C ALA A 143 -6.54 -2.12 -15.12
N THR A 144 -7.57 -2.92 -15.39
CA THR A 144 -8.73 -2.42 -16.13
C THR A 144 -9.42 -1.29 -15.39
N TRP A 145 -9.49 -1.42 -14.06
CA TRP A 145 -10.12 -0.40 -13.24
C TRP A 145 -9.40 0.93 -13.36
N LEU A 146 -8.10 0.93 -13.06
CA LEU A 146 -7.29 2.13 -13.14
C LEU A 146 -7.16 2.61 -14.59
N ARG A 147 -7.35 1.68 -15.53
CA ARG A 147 -7.24 2.00 -16.95
C ARG A 147 -8.53 2.65 -17.45
N ARG A 148 -9.65 2.28 -16.86
CA ARG A 148 -10.94 2.83 -17.25
C ARG A 148 -11.17 4.20 -16.61
N ARG A 149 -10.62 4.38 -15.41
CA ARG A 149 -10.76 5.63 -14.69
C ARG A 149 -9.76 6.66 -15.19
N GLY A 150 -8.70 6.19 -15.84
CA GLY A 150 -7.69 7.08 -16.36
C GLY A 150 -6.54 7.28 -15.39
N GLY A 151 -6.85 7.33 -14.10
CA GLY A 151 -5.82 7.51 -13.09
C GLY A 151 -6.39 7.65 -11.70
N TRP A 152 -5.52 7.87 -10.72
CA TRP A 152 -5.95 8.03 -9.33
C TRP A 152 -6.44 9.45 -9.08
N THR A 153 -6.30 10.32 -10.07
CA THR A 153 -6.72 11.71 -9.95
C THR A 153 -8.16 11.79 -9.45
N ASP A 154 -8.91 10.72 -9.65
CA ASP A 154 -10.31 10.68 -9.23
C ASP A 154 -10.44 11.04 -7.76
N VAL A 155 -9.59 10.42 -6.93
CA VAL A 155 -9.60 10.68 -5.50
C VAL A 155 -9.15 12.10 -5.18
N LEU A 156 -8.62 12.78 -6.19
CA LEU A 156 -8.13 14.14 -6.03
C LEU A 156 -9.21 15.16 -6.42
N LYS A 157 -10.33 14.65 -6.91
CA LYS A 157 -11.43 15.51 -7.33
C LYS A 157 -12.44 15.70 -6.19
N CYS A 158 -12.50 14.72 -5.29
CA CYS A 158 -13.42 14.78 -4.16
C CYS A 158 -12.82 14.08 -2.95
N PRO A 3 3.79 6.53 -20.88
CA PRO A 3 2.35 6.36 -20.76
C PRO A 3 1.94 4.90 -20.60
N THR A 4 0.65 4.62 -20.77
CA THR A 4 0.13 3.27 -20.65
C THR A 4 0.17 2.80 -19.20
N ASP A 5 0.17 1.49 -19.01
CA ASP A 5 0.21 0.91 -17.67
C ASP A 5 1.25 1.61 -16.80
N LYS A 6 2.31 2.10 -17.45
CA LYS A 6 3.37 2.79 -16.73
C LYS A 6 2.81 3.76 -15.71
N GLU A 7 1.78 4.50 -16.10
CA GLU A 7 1.15 5.47 -15.21
C GLU A 7 0.64 4.78 -13.94
N LEU A 8 -0.15 3.72 -14.13
CA LEU A 8 -0.70 2.97 -13.01
C LEU A 8 0.40 2.36 -12.16
N VAL A 9 1.23 1.54 -12.78
CA VAL A 9 2.33 0.88 -12.08
C VAL A 9 3.17 1.89 -11.32
N ALA A 10 3.68 2.89 -12.03
CA ALA A 10 4.49 3.94 -11.41
C ALA A 10 3.81 4.52 -10.19
N GLN A 11 2.57 4.97 -10.37
CA GLN A 11 1.79 5.56 -9.29
C GLN A 11 1.68 4.60 -8.11
N ALA A 12 1.20 3.40 -8.38
CA ALA A 12 1.04 2.38 -7.35
C ALA A 12 2.32 2.22 -6.54
N LYS A 13 3.46 2.28 -7.22
CA LYS A 13 4.75 2.14 -6.57
C LYS A 13 5.00 3.30 -5.61
N ALA A 14 4.93 4.52 -6.14
CA ALA A 14 5.15 5.73 -5.34
C ALA A 14 4.18 5.78 -4.17
N LEU A 15 2.89 5.60 -4.44
CA LEU A 15 1.87 5.63 -3.41
C LEU A 15 2.18 4.61 -2.31
N GLY A 16 2.23 3.34 -2.70
CA GLY A 16 2.51 2.29 -1.73
C GLY A 16 3.83 2.51 -1.01
N ARG A 17 4.88 2.71 -1.78
CA ARG A 17 6.21 2.93 -1.20
C ARG A 17 6.16 3.97 -0.09
N GLU A 18 5.82 5.21 -0.46
CA GLU A 18 5.74 6.30 0.50
C GLU A 18 4.85 5.90 1.68
N TYR A 19 3.80 5.14 1.40
CA TYR A 19 2.88 4.70 2.44
C TYR A 19 3.61 3.90 3.52
N VAL A 20 4.11 2.73 3.14
CA VAL A 20 4.83 1.87 4.07
C VAL A 20 5.91 2.67 4.83
N HIS A 21 6.72 3.41 4.09
CA HIS A 21 7.78 4.21 4.69
C HIS A 21 7.22 5.14 5.76
N ALA A 22 6.12 5.80 5.44
CA ALA A 22 5.48 6.72 6.39
C ALA A 22 5.10 6.01 7.67
N ARG A 23 4.25 5.00 7.56
CA ARG A 23 3.80 4.23 8.73
C ARG A 23 4.99 3.65 9.48
N LEU A 24 5.95 3.12 8.74
CA LEU A 24 7.14 2.53 9.32
C LEU A 24 7.92 3.56 10.14
N LEU A 25 8.24 4.69 9.51
CA LEU A 25 8.98 5.75 10.19
C LEU A 25 8.12 6.42 11.27
N ARG A 26 6.81 6.22 11.16
CA ARG A 26 5.88 6.80 12.13
C ARG A 26 5.94 6.05 13.47
N ALA A 27 5.89 4.72 13.39
CA ALA A 27 5.95 3.89 14.58
C ALA A 27 7.13 4.29 15.48
N GLY A 28 8.25 4.64 14.85
CA GLY A 28 9.42 5.04 15.61
C GLY A 28 10.51 3.97 15.59
N LEU A 29 11.45 4.11 14.67
CA LEU A 29 12.54 3.15 14.55
C LEU A 29 13.59 3.64 13.56
N SER A 30 14.54 2.77 13.23
CA SER A 30 15.61 3.11 12.30
C SER A 30 15.33 2.50 10.92
N TRP A 31 15.09 3.35 9.94
CA TRP A 31 14.82 2.89 8.57
C TRP A 31 15.88 3.40 7.62
N SER A 32 16.20 2.59 6.61
CA SER A 32 17.20 2.96 5.62
C SER A 32 16.74 2.58 4.21
N ALA A 33 16.31 3.58 3.45
CA ALA A 33 15.83 3.36 2.09
C ALA A 33 16.83 2.52 1.30
N PRO A 34 16.35 1.90 0.20
CA PRO A 34 17.19 1.06 -0.65
C PRO A 34 18.22 1.88 -1.44
N GLU A 35 17.76 2.95 -2.07
CA GLU A 35 18.64 3.81 -2.85
C GLU A 35 18.53 5.26 -2.39
N ARG A 36 17.44 5.92 -2.77
CA ARG A 36 17.21 7.30 -2.41
C ARG A 36 15.89 7.81 -2.97
N ALA A 37 15.67 9.12 -2.88
CA ALA A 37 14.44 9.73 -3.39
C ALA A 37 14.28 9.47 -4.89
N ALA A 38 13.29 10.13 -5.48
CA ALA A 38 13.02 9.96 -6.91
C ALA A 38 12.09 11.07 -7.42
N PRO A 39 12.09 11.26 -8.74
CA PRO A 39 11.25 12.28 -9.38
C PRO A 39 9.77 11.94 -9.33
N VAL A 40 8.92 12.96 -9.40
CA VAL A 40 7.48 12.75 -9.35
C VAL A 40 6.74 14.06 -9.58
N PRO A 41 5.71 14.02 -10.46
CA PRO A 41 4.91 15.20 -10.79
C PRO A 41 4.02 15.64 -9.62
N GLY A 42 3.12 16.58 -9.89
CA GLY A 42 2.22 17.06 -8.86
C GLY A 42 1.05 16.13 -8.63
N ARG A 43 0.61 15.47 -9.69
CA ARG A 43 -0.52 14.56 -9.62
C ARG A 43 -0.27 13.48 -8.55
N LEU A 44 0.82 12.73 -8.73
CA LEU A 44 1.18 11.68 -7.79
C LEU A 44 1.24 12.21 -6.36
N ALA A 45 2.04 13.26 -6.16
CA ALA A 45 2.18 13.86 -4.85
C ALA A 45 0.83 14.18 -4.24
N GLU A 46 -0.08 14.69 -5.05
CA GLU A 46 -1.42 15.05 -4.59
C GLU A 46 -2.17 13.82 -4.09
N VAL A 47 -2.36 12.84 -4.98
CA VAL A 47 -3.06 11.61 -4.63
C VAL A 47 -2.40 10.93 -3.43
N ALA A 48 -1.10 10.68 -3.55
CA ALA A 48 -0.34 10.03 -2.47
C ALA A 48 -0.55 10.76 -1.15
N ALA A 49 -0.56 12.08 -1.20
CA ALA A 49 -0.75 12.89 0.00
C ALA A 49 -2.10 12.61 0.64
N VAL A 50 -3.17 12.78 -0.14
CA VAL A 50 -4.52 12.55 0.36
C VAL A 50 -4.63 11.19 1.06
N LEU A 51 -4.01 10.18 0.46
CA LEU A 51 -4.03 8.83 1.02
C LEU A 51 -3.25 8.78 2.33
N LEU A 52 -2.06 9.37 2.32
CA LEU A 52 -1.21 9.39 3.51
C LEU A 52 -1.95 9.96 4.71
N ARG A 53 -2.37 11.23 4.58
CA ARG A 53 -3.09 11.89 5.65
C ARG A 53 -4.32 11.09 6.07
N LEU A 54 -5.08 10.61 5.08
CA LEU A 54 -6.28 9.83 5.33
C LEU A 54 -5.98 8.68 6.30
N GLY A 55 -5.10 7.77 5.87
CA GLY A 55 -4.74 6.64 6.71
C GLY A 55 -4.11 7.07 8.01
N ASP A 56 -3.22 8.05 7.96
CA ASP A 56 -2.54 8.55 9.15
C ASP A 56 -3.55 9.00 10.19
N GLU A 57 -4.39 9.96 9.83
CA GLU A 57 -5.40 10.48 10.73
C GLU A 57 -6.20 9.35 11.37
N LEU A 58 -6.68 8.43 10.54
CA LEU A 58 -7.45 7.29 11.02
C LEU A 58 -6.63 6.44 11.98
N GLU A 59 -5.40 6.13 11.60
CA GLU A 59 -4.51 5.34 12.44
C GLU A 59 -4.24 6.03 13.78
N MET A 60 -4.38 7.35 13.78
CA MET A 60 -4.16 8.13 15.00
C MET A 60 -5.42 8.20 15.84
N ILE A 61 -6.58 8.17 15.18
CA ILE A 61 -7.85 8.23 15.89
C ILE A 61 -8.12 6.94 16.64
N ARG A 62 -8.24 5.84 15.91
CA ARG A 62 -8.50 4.54 16.51
C ARG A 62 -8.66 3.46 15.44
N PRO A 63 -7.53 3.05 14.85
CA PRO A 63 -7.52 2.03 13.80
C PRO A 63 -7.86 0.64 14.34
N SER A 64 -8.67 -0.10 13.59
CA SER A 64 -9.07 -1.44 14.00
C SER A 64 -7.87 -2.38 14.05
N VAL A 65 -7.15 -2.46 12.93
CA VAL A 65 -5.98 -3.33 12.85
C VAL A 65 -5.00 -2.82 11.79
N TYR A 66 -4.28 -1.75 12.12
CA TYR A 66 -3.31 -1.16 11.19
C TYR A 66 -1.90 -1.65 11.50
N ARG A 67 -1.80 -2.88 11.99
CA ARG A 67 -0.50 -3.45 12.33
C ARG A 67 -0.68 -4.87 12.90
N ASN A 68 -1.75 -5.08 13.64
CA ASN A 68 -2.03 -6.37 14.24
C ASN A 68 -2.86 -7.25 13.31
N VAL A 69 -3.40 -6.63 12.26
CA VAL A 69 -4.22 -7.34 11.28
C VAL A 69 -3.55 -8.63 10.86
N ALA A 70 -2.24 -8.58 10.63
CA ALA A 70 -1.49 -9.75 10.22
C ALA A 70 -1.83 -10.96 11.09
N ARG A 71 -1.80 -10.77 12.41
CA ARG A 71 -2.10 -11.84 13.34
C ARG A 71 -3.54 -12.33 13.16
N GLN A 72 -4.44 -11.41 12.83
CA GLN A 72 -5.84 -11.74 12.63
C GLN A 72 -6.00 -12.75 11.50
N LEU A 73 -4.97 -12.87 10.67
CA LEU A 73 -5.00 -13.79 9.55
C LEU A 73 -3.78 -14.71 9.57
N HIS A 74 -3.01 -14.64 10.64
CA HIS A 74 -1.81 -15.45 10.78
C HIS A 74 -1.00 -15.46 9.49
N ILE A 75 -0.91 -14.31 8.84
CA ILE A 75 -0.17 -14.18 7.59
C ILE A 75 1.22 -14.80 7.72
N SER A 76 1.85 -14.59 8.87
CA SER A 76 3.19 -15.12 9.12
C SER A 76 4.21 -14.50 8.17
N LEU A 77 4.70 -13.32 8.53
CA LEU A 77 5.68 -12.62 7.70
C LEU A 77 6.99 -13.41 7.63
N GLN A 78 7.13 -14.40 8.49
CA GLN A 78 8.32 -15.24 8.52
C GLN A 78 8.66 -15.76 7.13
N SER A 79 7.63 -15.93 6.31
CA SER A 79 7.82 -16.43 4.94
C SER A 79 7.51 -15.34 3.92
N GLU A 80 7.86 -15.60 2.67
CA GLU A 80 7.63 -14.64 1.59
C GLU A 80 6.46 -15.08 0.70
N ARG A 81 6.42 -16.37 0.41
CA ARG A 81 5.36 -16.93 -0.43
C ARG A 81 4.01 -16.86 0.28
N VAL A 82 4.04 -16.99 1.60
CA VAL A 82 2.83 -16.95 2.41
C VAL A 82 2.27 -15.53 2.49
N VAL A 83 3.14 -14.58 2.82
CA VAL A 83 2.75 -13.18 2.93
C VAL A 83 2.21 -12.65 1.60
N THR A 84 2.88 -13.02 0.52
CA THR A 84 2.47 -12.59 -0.81
C THR A 84 1.15 -13.22 -1.22
N ASP A 85 1.08 -14.55 -1.12
CA ASP A 85 -0.12 -15.29 -1.48
C ASP A 85 -1.31 -14.85 -0.62
N ALA A 86 -1.11 -14.85 0.70
CA ALA A 86 -2.16 -14.45 1.63
C ALA A 86 -2.67 -13.06 1.30
N PHE A 87 -1.76 -12.08 1.27
CA PHE A 87 -2.12 -10.70 0.98
C PHE A 87 -2.80 -10.60 -0.39
N LEU A 88 -2.19 -11.19 -1.40
CA LEU A 88 -2.74 -11.16 -2.75
C LEU A 88 -4.18 -11.68 -2.76
N ALA A 89 -4.39 -12.80 -2.09
CA ALA A 89 -5.72 -13.41 -2.01
C ALA A 89 -6.73 -12.44 -1.40
N VAL A 90 -6.40 -11.90 -0.23
CA VAL A 90 -7.27 -10.97 0.46
C VAL A 90 -7.54 -9.73 -0.40
N ALA A 91 -6.52 -9.29 -1.12
CA ALA A 91 -6.64 -8.12 -1.98
C ALA A 91 -7.66 -8.37 -3.09
N GLY A 92 -7.36 -9.33 -3.96
CA GLY A 92 -8.25 -9.64 -5.05
C GLY A 92 -9.62 -10.09 -4.58
N HIS A 93 -9.69 -10.62 -3.36
CA HIS A 93 -10.95 -11.08 -2.80
C HIS A 93 -11.84 -9.90 -2.43
N ILE A 94 -11.26 -8.91 -1.77
CA ILE A 94 -12.01 -7.71 -1.36
C ILE A 94 -12.21 -6.77 -2.53
N PHE A 95 -11.27 -6.78 -3.47
CA PHE A 95 -11.34 -5.92 -4.64
C PHE A 95 -12.20 -6.56 -5.73
N SER A 96 -12.36 -7.88 -5.66
CA SER A 96 -13.15 -8.61 -6.64
C SER A 96 -14.50 -7.93 -6.86
N ALA A 97 -15.17 -7.62 -5.76
CA ALA A 97 -16.48 -6.97 -5.85
C ALA A 97 -16.45 -5.59 -5.18
N GLY A 98 -15.24 -5.05 -5.00
CA GLY A 98 -15.11 -3.75 -4.38
C GLY A 98 -13.82 -3.05 -4.80
N ILE A 99 -13.81 -2.51 -6.00
CA ILE A 99 -12.64 -1.80 -6.52
C ILE A 99 -12.71 -0.31 -6.18
N THR A 100 -13.76 0.08 -5.48
CA THR A 100 -13.94 1.48 -5.08
C THR A 100 -12.65 2.05 -4.49
N TRP A 101 -12.59 3.37 -4.39
CA TRP A 101 -11.42 4.04 -3.84
C TRP A 101 -11.26 3.72 -2.36
N GLY A 102 -12.37 3.76 -1.63
CA GLY A 102 -12.34 3.48 -0.20
C GLY A 102 -11.55 2.22 0.12
N LYS A 103 -11.69 1.20 -0.72
CA LYS A 103 -10.99 -0.05 -0.53
C LYS A 103 -9.48 0.13 -0.68
N VAL A 104 -9.09 0.94 -1.66
CA VAL A 104 -7.68 1.20 -1.92
C VAL A 104 -7.03 1.89 -0.72
N VAL A 105 -7.79 2.75 -0.05
CA VAL A 105 -7.29 3.48 1.11
C VAL A 105 -7.09 2.55 2.30
N SER A 106 -8.15 1.83 2.66
CA SER A 106 -8.10 0.91 3.79
C SER A 106 -7.03 -0.17 3.56
N LEU A 107 -7.02 -0.74 2.36
CA LEU A 107 -6.06 -1.78 2.02
C LEU A 107 -4.63 -1.27 2.17
N TYR A 108 -4.34 -0.14 1.53
CA TYR A 108 -3.02 0.45 1.60
C TYR A 108 -2.56 0.61 3.05
N ALA A 109 -3.44 1.15 3.88
CA ALA A 109 -3.13 1.34 5.30
C ALA A 109 -2.71 0.03 5.95
N VAL A 110 -3.53 -1.00 5.77
CA VAL A 110 -3.24 -2.31 6.34
C VAL A 110 -1.85 -2.80 5.95
N ALA A 111 -1.60 -2.85 4.65
CA ALA A 111 -0.31 -3.30 4.14
C ALA A 111 0.84 -2.59 4.85
N ALA A 112 0.74 -1.27 4.94
CA ALA A 112 1.76 -0.47 5.60
C ALA A 112 2.04 -0.98 7.01
N GLY A 113 0.96 -1.22 7.76
CA GLY A 113 1.10 -1.71 9.13
C GLY A 113 1.92 -2.97 9.21
N LEU A 114 1.59 -3.97 8.39
CA LEU A 114 2.30 -5.24 8.38
C LEU A 114 3.79 -5.01 8.12
N ALA A 115 4.09 -4.23 7.09
CA ALA A 115 5.48 -3.94 6.74
C ALA A 115 6.23 -3.34 7.93
N VAL A 116 5.57 -2.46 8.66
CA VAL A 116 6.18 -1.82 9.82
C VAL A 116 6.58 -2.86 10.87
N ASP A 117 5.61 -3.65 11.32
CA ASP A 117 5.87 -4.68 12.31
C ASP A 117 7.04 -5.56 11.90
N ALA A 118 7.06 -5.96 10.63
CA ALA A 118 8.13 -6.81 10.11
C ALA A 118 9.48 -6.11 10.22
N VAL A 119 9.56 -4.89 9.69
CA VAL A 119 10.80 -4.12 9.75
C VAL A 119 11.28 -3.93 11.18
N ARG A 120 10.33 -3.86 12.10
CA ARG A 120 10.66 -3.68 13.51
C ARG A 120 11.24 -4.96 14.11
N GLN A 121 10.73 -6.10 13.64
CA GLN A 121 11.20 -7.39 14.13
C GLN A 121 12.30 -7.95 13.23
N ALA A 122 12.97 -7.06 12.51
CA ALA A 122 14.04 -7.46 11.60
C ALA A 122 13.51 -8.29 10.45
N GLN A 123 12.67 -7.68 9.61
CA GLN A 123 12.08 -8.37 8.47
C GLN A 123 11.52 -7.37 7.47
N PRO A 124 12.39 -6.54 6.90
CA PRO A 124 12.00 -5.52 5.92
C PRO A 124 11.58 -6.14 4.59
N ALA A 125 11.79 -7.44 4.45
CA ALA A 125 11.43 -8.15 3.24
C ALA A 125 9.96 -7.97 2.90
N MET A 126 9.15 -7.69 3.93
CA MET A 126 7.72 -7.50 3.76
C MET A 126 7.44 -6.23 2.94
N VAL A 127 8.32 -5.24 3.06
CA VAL A 127 8.17 -3.99 2.34
C VAL A 127 8.21 -4.22 0.83
N HIS A 128 9.28 -4.85 0.36
CA HIS A 128 9.45 -5.13 -1.05
C HIS A 128 8.44 -6.18 -1.52
N ALA A 129 8.19 -7.17 -0.67
CA ALA A 129 7.25 -8.23 -1.00
C ALA A 129 5.83 -7.68 -1.17
N LEU A 130 5.36 -6.97 -0.16
CA LEU A 130 4.02 -6.38 -0.19
C LEU A 130 3.89 -5.40 -1.36
N VAL A 131 4.78 -4.43 -1.41
CA VAL A 131 4.75 -3.43 -2.48
C VAL A 131 4.71 -4.10 -3.85
N ASP A 132 5.52 -5.13 -4.03
CA ASP A 132 5.57 -5.86 -5.29
C ASP A 132 4.21 -6.47 -5.62
N ALA A 133 3.64 -7.16 -4.65
CA ALA A 133 2.34 -7.80 -4.83
C ALA A 133 1.26 -6.77 -5.15
N LEU A 134 1.21 -5.71 -4.36
CA LEU A 134 0.23 -4.65 -4.56
C LEU A 134 0.29 -4.12 -5.98
N GLY A 135 1.46 -3.61 -6.37
CA GLY A 135 1.63 -3.08 -7.71
C GLY A 135 1.21 -4.06 -8.79
N GLU A 136 1.84 -5.23 -8.79
CA GLU A 136 1.53 -6.26 -9.78
C GLU A 136 0.03 -6.58 -9.78
N PHE A 137 -0.59 -6.48 -8.60
CA PHE A 137 -2.01 -6.77 -8.46
C PHE A 137 -2.85 -5.60 -8.94
N VAL A 138 -2.25 -4.40 -8.93
CA VAL A 138 -2.94 -3.20 -9.36
C VAL A 138 -2.89 -3.05 -10.88
N ARG A 139 -1.84 -3.58 -11.48
CA ARG A 139 -1.66 -3.51 -12.93
C ARG A 139 -2.03 -4.83 -13.58
N LYS A 140 -2.87 -5.61 -12.91
CA LYS A 140 -3.31 -6.91 -13.43
C LYS A 140 -4.80 -7.10 -13.18
N THR A 141 -5.20 -7.04 -11.92
CA THR A 141 -6.60 -7.22 -11.56
C THR A 141 -7.34 -5.89 -11.53
N LEU A 142 -6.66 -4.85 -11.07
CA LEU A 142 -7.25 -3.51 -10.99
C LEU A 142 -6.83 -2.67 -12.18
N ALA A 143 -5.95 -3.21 -13.02
CA ALA A 143 -5.47 -2.51 -14.20
C ALA A 143 -6.63 -1.89 -14.97
N THR A 144 -7.57 -2.73 -15.39
CA THR A 144 -8.73 -2.26 -16.15
C THR A 144 -9.42 -1.11 -15.43
N TRP A 145 -9.82 -1.35 -14.19
CA TRP A 145 -10.50 -0.33 -13.39
C TRP A 145 -9.71 0.97 -13.40
N LEU A 146 -8.46 0.91 -12.95
CA LEU A 146 -7.60 2.09 -12.91
C LEU A 146 -7.44 2.69 -14.30
N ARG A 147 -7.65 1.88 -15.32
CA ARG A 147 -7.53 2.34 -16.70
C ARG A 147 -8.77 3.12 -17.13
N ARG A 148 -9.94 2.56 -16.83
CA ARG A 148 -11.20 3.20 -17.18
C ARG A 148 -11.36 4.54 -16.46
N ARG A 149 -10.76 4.63 -15.28
CA ARG A 149 -10.82 5.85 -14.48
C ARG A 149 -9.82 6.88 -14.99
N GLY A 150 -8.80 6.42 -15.70
CA GLY A 150 -7.78 7.31 -16.22
C GLY A 150 -6.60 7.46 -15.28
N GLY A 151 -6.88 7.47 -13.98
CA GLY A 151 -5.82 7.61 -13.00
C GLY A 151 -6.35 7.70 -11.58
N TRP A 152 -5.46 7.93 -10.62
CA TRP A 152 -5.84 8.05 -9.23
C TRP A 152 -6.35 9.45 -8.91
N THR A 153 -6.03 10.40 -9.78
CA THR A 153 -6.45 11.78 -9.60
C THR A 153 -7.96 11.87 -9.40
N ASP A 154 -8.67 10.82 -9.79
CA ASP A 154 -10.12 10.78 -9.65
C ASP A 154 -10.54 11.13 -8.23
N VAL A 155 -9.81 10.59 -7.25
CA VAL A 155 -10.12 10.85 -5.84
C VAL A 155 -9.94 12.32 -5.51
N LEU A 156 -9.07 12.99 -6.25
CA LEU A 156 -8.81 14.42 -6.03
C LEU A 156 -9.97 15.27 -6.57
N LYS A 157 -10.85 14.64 -7.34
CA LYS A 157 -11.99 15.33 -7.92
C LYS A 157 -13.12 15.45 -6.90
N CYS A 158 -13.15 14.53 -5.94
CA CYS A 158 -14.18 14.53 -4.91
C CYS A 158 -13.82 15.49 -3.78
N PRO A 3 2.27 4.27 -22.36
CA PRO A 3 2.63 3.60 -21.10
C PRO A 3 1.59 2.59 -20.65
N THR A 4 0.34 3.04 -20.59
CA THR A 4 -0.77 2.18 -20.18
C THR A 4 -0.58 1.71 -18.74
N ASP A 5 0.21 0.66 -18.55
CA ASP A 5 0.47 0.12 -17.22
C ASP A 5 1.53 0.94 -16.51
N LYS A 6 2.58 1.32 -17.23
CA LYS A 6 3.67 2.11 -16.67
C LYS A 6 3.12 3.24 -15.80
N GLU A 7 2.02 3.84 -16.23
CA GLU A 7 1.40 4.93 -15.49
C GLU A 7 0.90 4.46 -14.14
N LEU A 8 0.12 3.38 -14.13
CA LEU A 8 -0.42 2.83 -12.91
C LEU A 8 0.69 2.28 -12.02
N VAL A 9 1.51 1.41 -12.58
CA VAL A 9 2.62 0.82 -11.84
C VAL A 9 3.45 1.89 -11.14
N ALA A 10 3.92 2.85 -11.90
CA ALA A 10 4.72 3.94 -11.36
C ALA A 10 3.97 4.67 -10.25
N GLN A 11 2.72 5.03 -10.53
CA GLN A 11 1.89 5.73 -9.55
C GLN A 11 1.74 4.91 -8.27
N ALA A 12 1.10 3.75 -8.38
CA ALA A 12 0.89 2.88 -7.23
C ALA A 12 2.18 2.66 -6.46
N LYS A 13 3.26 2.41 -7.19
CA LYS A 13 4.57 2.19 -6.57
C LYS A 13 4.94 3.35 -5.65
N ALA A 14 4.96 4.55 -6.22
CA ALA A 14 5.29 5.75 -5.45
C ALA A 14 4.36 5.91 -4.25
N LEU A 15 3.06 5.77 -4.49
CA LEU A 15 2.07 5.90 -3.43
C LEU A 15 2.35 4.92 -2.30
N GLY A 16 2.33 3.63 -2.62
CA GLY A 16 2.58 2.61 -1.62
C GLY A 16 3.95 2.76 -0.98
N ARG A 17 4.97 2.89 -1.80
CA ARG A 17 6.34 3.04 -1.30
C ARG A 17 6.41 4.12 -0.22
N GLU A 18 6.14 5.36 -0.62
CA GLU A 18 6.16 6.49 0.31
C GLU A 18 5.33 6.19 1.56
N TYR A 19 4.16 5.59 1.35
CA TYR A 19 3.27 5.25 2.46
C TYR A 19 3.98 4.36 3.47
N VAL A 20 4.36 3.17 3.03
CA VAL A 20 5.05 2.22 3.90
C VAL A 20 6.17 2.90 4.68
N HIS A 21 7.02 3.63 3.97
CA HIS A 21 8.14 4.33 4.59
C HIS A 21 7.64 5.26 5.69
N ALA A 22 6.55 5.97 5.42
CA ALA A 22 5.98 6.89 6.39
C ALA A 22 5.61 6.17 7.69
N ARG A 23 4.71 5.20 7.58
CA ARG A 23 4.27 4.44 8.75
C ARG A 23 5.44 3.75 9.42
N LEU A 24 6.32 3.15 8.61
CA LEU A 24 7.49 2.46 9.13
C LEU A 24 8.34 3.39 9.98
N LEU A 25 8.63 4.57 9.45
CA LEU A 25 9.43 5.56 10.17
C LEU A 25 8.62 6.21 11.29
N ARG A 26 7.31 6.12 11.20
CA ARG A 26 6.42 6.69 12.20
C ARG A 26 6.51 5.91 13.51
N ALA A 27 6.37 4.60 13.43
CA ALA A 27 6.43 3.75 14.61
C ALA A 27 7.68 4.05 15.43
N GLY A 28 8.74 4.48 14.76
CA GLY A 28 9.98 4.80 15.46
C GLY A 28 10.99 3.66 15.38
N LEU A 29 11.76 3.63 14.29
CA LEU A 29 12.77 2.60 14.10
C LEU A 29 13.93 3.12 13.27
N SER A 30 14.87 2.24 12.96
CA SER A 30 16.04 2.62 12.17
C SER A 30 15.81 2.34 10.68
N TRP A 31 15.72 3.40 9.90
CA TRP A 31 15.50 3.27 8.46
C TRP A 31 16.12 4.44 7.71
N SER A 32 16.84 4.12 6.65
CA SER A 32 17.51 5.15 5.83
C SER A 32 17.08 5.05 4.37
N ALA A 33 16.22 4.07 4.08
CA ALA A 33 15.74 3.86 2.72
C ALA A 33 16.88 3.48 1.78
N PRO A 34 16.53 2.84 0.66
CA PRO A 34 17.51 2.40 -0.35
C PRO A 34 18.13 3.58 -1.10
N GLU A 35 17.28 4.48 -1.58
CA GLU A 35 17.74 5.65 -2.32
C GLU A 35 17.05 6.91 -1.83
N ARG A 36 16.49 6.84 -0.62
CA ARG A 36 15.80 7.98 -0.03
C ARG A 36 14.57 8.35 -0.85
N ALA A 37 13.79 9.31 -0.35
CA ALA A 37 12.58 9.75 -1.04
C ALA A 37 12.88 10.17 -2.47
N ALA A 38 11.85 10.52 -3.22
CA ALA A 38 12.00 10.93 -4.60
C ALA A 38 10.93 11.95 -4.99
N PRO A 39 11.19 12.69 -6.08
CA PRO A 39 10.26 13.71 -6.57
C PRO A 39 9.00 13.11 -7.18
N VAL A 40 7.92 13.88 -7.17
CA VAL A 40 6.65 13.41 -7.72
C VAL A 40 5.82 14.58 -8.24
N PRO A 41 5.01 14.31 -9.27
CA PRO A 41 4.14 15.32 -9.89
C PRO A 41 3.00 15.75 -8.97
N GLY A 42 2.02 16.44 -9.53
CA GLY A 42 0.89 16.89 -8.75
C GLY A 42 -0.16 15.81 -8.54
N ARG A 43 -0.37 14.99 -9.57
CA ARG A 43 -1.34 13.91 -9.50
C ARG A 43 -0.92 12.87 -8.46
N LEU A 44 0.33 12.45 -8.52
CA LEU A 44 0.86 11.46 -7.59
C LEU A 44 0.95 12.04 -6.18
N ALA A 45 1.69 13.14 -6.05
CA ALA A 45 1.86 13.79 -4.75
C ALA A 45 0.51 14.01 -4.07
N GLU A 46 -0.48 14.45 -4.83
CA GLU A 46 -1.82 14.69 -4.29
C GLU A 46 -2.44 13.40 -3.80
N VAL A 47 -2.54 12.42 -4.68
CA VAL A 47 -3.12 11.12 -4.33
C VAL A 47 -2.42 10.52 -3.12
N ALA A 48 -1.10 10.37 -3.22
CA ALA A 48 -0.30 9.81 -2.13
C ALA A 48 -0.64 10.49 -0.80
N ALA A 49 -0.60 11.81 -0.79
CA ALA A 49 -0.90 12.58 0.41
C ALA A 49 -2.27 12.21 0.96
N VAL A 50 -3.28 12.22 0.10
CA VAL A 50 -4.64 11.89 0.51
C VAL A 50 -4.69 10.57 1.27
N LEU A 51 -3.99 9.56 0.74
CA LEU A 51 -3.94 8.26 1.38
C LEU A 51 -3.20 8.32 2.71
N LEU A 52 -2.13 9.10 2.75
CA LEU A 52 -1.34 9.25 3.97
C LEU A 52 -2.17 9.86 5.09
N ARG A 53 -2.67 11.07 4.87
CA ARG A 53 -3.48 11.76 5.86
C ARG A 53 -4.70 10.91 6.24
N LEU A 54 -5.40 10.40 5.23
CA LEU A 54 -6.58 9.58 5.48
C LEU A 54 -6.27 8.45 6.43
N GLY A 55 -5.41 7.52 6.01
CA GLY A 55 -5.04 6.40 6.84
C GLY A 55 -4.43 6.83 8.16
N ASP A 56 -3.58 7.86 8.12
CA ASP A 56 -2.92 8.37 9.31
C ASP A 56 -3.95 8.80 10.35
N GLU A 57 -4.83 9.72 9.96
CA GLU A 57 -5.86 10.22 10.87
C GLU A 57 -6.62 9.06 11.50
N LEU A 58 -6.99 8.08 10.68
CA LEU A 58 -7.73 6.91 11.17
C LEU A 58 -6.88 6.08 12.11
N GLU A 59 -5.62 5.87 11.73
CA GLU A 59 -4.70 5.09 12.56
C GLU A 59 -4.35 5.83 13.85
N MET A 60 -4.59 7.14 13.85
CA MET A 60 -4.30 7.96 15.03
C MET A 60 -5.51 8.03 15.95
N ILE A 61 -6.70 7.99 15.36
CA ILE A 61 -7.94 8.04 16.12
C ILE A 61 -8.23 6.70 16.80
N ARG A 62 -8.43 5.67 15.99
CA ARG A 62 -8.72 4.34 16.50
C ARG A 62 -8.96 3.35 15.35
N PRO A 63 -7.87 2.87 14.75
CA PRO A 63 -7.93 1.92 13.63
C PRO A 63 -8.42 0.54 14.08
N SER A 64 -9.06 -0.18 13.17
CA SER A 64 -9.58 -1.50 13.47
C SER A 64 -8.48 -2.41 14.01
N VAL A 65 -7.41 -2.55 13.24
CA VAL A 65 -6.27 -3.38 13.64
C VAL A 65 -5.01 -2.99 12.90
N TYR A 66 -4.85 -1.68 12.66
CA TYR A 66 -3.68 -1.18 11.96
C TYR A 66 -2.40 -1.52 12.71
N ARG A 67 -2.54 -1.89 13.97
CA ARG A 67 -1.40 -2.26 14.80
C ARG A 67 -0.73 -3.53 14.30
N ASN A 68 -1.50 -4.61 14.23
CA ASN A 68 -0.99 -5.89 13.76
C ASN A 68 -2.09 -6.69 13.07
N VAL A 69 -2.82 -6.05 12.18
CA VAL A 69 -3.90 -6.72 11.45
C VAL A 69 -3.44 -8.04 10.86
N ALA A 70 -2.25 -8.02 10.25
CA ALA A 70 -1.69 -9.22 9.64
C ALA A 70 -1.72 -10.40 10.62
N ARG A 71 -1.27 -10.15 11.85
CA ARG A 71 -1.24 -11.19 12.87
C ARG A 71 -2.62 -11.82 13.04
N GLN A 72 -3.66 -11.02 12.85
CA GLN A 72 -5.04 -11.49 12.99
C GLN A 72 -5.32 -12.61 11.99
N LEU A 73 -4.73 -12.50 10.81
CA LEU A 73 -4.92 -13.51 9.76
C LEU A 73 -3.75 -14.49 9.73
N HIS A 74 -2.88 -14.39 10.73
CA HIS A 74 -1.72 -15.28 10.81
C HIS A 74 -0.98 -15.32 9.48
N ILE A 75 -0.93 -14.19 8.79
CA ILE A 75 -0.26 -14.11 7.50
C ILE A 75 1.15 -14.70 7.58
N SER A 76 1.80 -14.50 8.72
CA SER A 76 3.16 -15.01 8.92
C SER A 76 4.14 -14.31 7.99
N LEU A 77 4.58 -13.12 8.37
CA LEU A 77 5.53 -12.36 7.57
C LEU A 77 6.87 -13.08 7.47
N GLN A 78 7.05 -14.09 8.31
CA GLN A 78 8.29 -14.86 8.32
C GLN A 78 8.53 -15.52 6.96
N SER A 79 7.46 -15.63 6.16
CA SER A 79 7.55 -16.24 4.84
C SER A 79 7.32 -15.21 3.75
N GLU A 80 7.68 -15.55 2.53
CA GLU A 80 7.51 -14.65 1.39
C GLU A 80 6.32 -15.08 0.54
N ARG A 81 6.27 -16.37 0.21
CA ARG A 81 5.18 -16.91 -0.61
C ARG A 81 3.85 -16.80 0.12
N VAL A 82 3.91 -16.88 1.45
CA VAL A 82 2.71 -16.80 2.28
C VAL A 82 2.20 -15.37 2.37
N VAL A 83 3.09 -14.45 2.73
CA VAL A 83 2.73 -13.04 2.86
C VAL A 83 2.15 -12.51 1.55
N THR A 84 2.77 -12.88 0.43
CA THR A 84 2.33 -12.45 -0.88
C THR A 84 0.98 -13.07 -1.24
N ASP A 85 0.93 -14.40 -1.18
CA ASP A 85 -0.29 -15.13 -1.50
C ASP A 85 -1.45 -14.65 -0.63
N ALA A 86 -1.26 -14.69 0.69
CA ALA A 86 -2.29 -14.25 1.61
C ALA A 86 -2.78 -12.85 1.28
N PHE A 87 -1.86 -11.91 1.20
CA PHE A 87 -2.20 -10.53 0.89
C PHE A 87 -2.94 -10.43 -0.44
N LEU A 88 -2.34 -10.99 -1.49
CA LEU A 88 -2.94 -10.97 -2.82
C LEU A 88 -4.37 -11.52 -2.77
N ALA A 89 -4.53 -12.64 -2.08
CA ALA A 89 -5.85 -13.28 -1.96
C ALA A 89 -6.86 -12.30 -1.36
N VAL A 90 -6.51 -11.69 -0.24
CA VAL A 90 -7.39 -10.75 0.43
C VAL A 90 -7.71 -9.56 -0.46
N ALA A 91 -6.73 -9.14 -1.25
CA ALA A 91 -6.89 -8.02 -2.16
C ALA A 91 -7.92 -8.34 -3.24
N GLY A 92 -7.60 -9.31 -4.08
CA GLY A 92 -8.50 -9.69 -5.15
C GLY A 92 -9.86 -10.13 -4.64
N HIS A 93 -9.88 -10.67 -3.42
CA HIS A 93 -11.13 -11.13 -2.82
C HIS A 93 -12.03 -9.95 -2.48
N ILE A 94 -11.46 -8.96 -1.80
CA ILE A 94 -12.22 -7.77 -1.40
C ILE A 94 -12.51 -6.89 -2.61
N PHE A 95 -11.59 -6.87 -3.56
CA PHE A 95 -11.75 -6.07 -4.77
C PHE A 95 -12.62 -6.79 -5.79
N SER A 96 -12.78 -8.10 -5.61
CA SER A 96 -13.58 -8.91 -6.52
C SER A 96 -14.98 -8.32 -6.69
N ALA A 97 -15.62 -8.01 -5.56
CA ALA A 97 -16.96 -7.44 -5.58
C ALA A 97 -16.94 -6.01 -6.11
N GLY A 98 -15.74 -5.45 -6.26
CA GLY A 98 -15.60 -4.10 -6.75
C GLY A 98 -14.37 -3.39 -6.21
N ILE A 99 -13.57 -2.83 -7.12
CA ILE A 99 -12.35 -2.14 -6.72
C ILE A 99 -12.66 -0.96 -5.79
N THR A 100 -13.32 0.05 -6.33
CA THR A 100 -13.68 1.23 -5.55
C THR A 100 -12.43 1.92 -5.01
N TRP A 101 -12.60 3.18 -4.60
CA TRP A 101 -11.49 3.95 -4.05
C TRP A 101 -11.28 3.64 -2.57
N GLY A 102 -12.38 3.62 -1.82
CA GLY A 102 -12.29 3.34 -0.39
C GLY A 102 -11.46 2.11 -0.10
N LYS A 103 -11.57 1.09 -0.95
CA LYS A 103 -10.81 -0.14 -0.78
C LYS A 103 -9.32 0.12 -0.90
N VAL A 104 -8.93 0.96 -1.85
CA VAL A 104 -7.53 1.29 -2.07
C VAL A 104 -6.96 2.04 -0.87
N VAL A 105 -7.79 2.85 -0.24
CA VAL A 105 -7.38 3.63 0.92
C VAL A 105 -7.10 2.73 2.12
N SER A 106 -8.11 2.00 2.54
CA SER A 106 -7.98 1.09 3.68
C SER A 106 -6.88 0.07 3.44
N LEU A 107 -6.87 -0.51 2.24
CA LEU A 107 -5.86 -1.51 1.89
C LEU A 107 -4.45 -0.94 2.05
N TYR A 108 -4.22 0.22 1.45
CA TYR A 108 -2.92 0.87 1.52
C TYR A 108 -2.47 1.02 2.98
N ALA A 109 -3.32 1.63 3.79
CA ALA A 109 -3.01 1.84 5.20
C ALA A 109 -2.57 0.53 5.86
N VAL A 110 -3.36 -0.52 5.66
CA VAL A 110 -3.06 -1.83 6.23
C VAL A 110 -1.67 -2.31 5.81
N ALA A 111 -1.41 -2.29 4.50
CA ALA A 111 -0.13 -2.72 3.97
C ALA A 111 1.03 -2.07 4.73
N ALA A 112 0.94 -0.75 4.91
CA ALA A 112 1.98 -0.01 5.62
C ALA A 112 2.21 -0.59 7.02
N GLY A 113 1.12 -0.86 7.72
CA GLY A 113 1.22 -1.41 9.07
C GLY A 113 1.99 -2.71 9.09
N LEU A 114 1.68 -3.61 8.14
CA LEU A 114 2.35 -4.90 8.06
C LEU A 114 3.85 -4.73 7.87
N ALA A 115 4.22 -3.85 6.94
CA ALA A 115 5.63 -3.60 6.66
C ALA A 115 6.37 -3.12 7.90
N VAL A 116 5.72 -2.26 8.68
CA VAL A 116 6.31 -1.73 9.90
C VAL A 116 6.60 -2.85 10.90
N ASP A 117 5.57 -3.62 11.23
CA ASP A 117 5.72 -4.73 12.17
C ASP A 117 6.82 -5.67 11.72
N ALA A 118 6.93 -5.86 10.41
CA ALA A 118 7.94 -6.75 9.85
C ALA A 118 9.35 -6.23 10.11
N VAL A 119 9.65 -5.04 9.58
CA VAL A 119 10.95 -4.43 9.75
C VAL A 119 11.33 -4.37 11.23
N ARG A 120 10.32 -4.27 12.10
CA ARG A 120 10.54 -4.20 13.53
C ARG A 120 10.84 -5.58 14.11
N GLN A 121 10.23 -6.60 13.52
CA GLN A 121 10.43 -7.98 13.97
C GLN A 121 11.53 -8.67 13.16
N ALA A 122 12.40 -7.87 12.56
CA ALA A 122 13.49 -8.40 11.75
C ALA A 122 12.97 -9.03 10.46
N GLN A 123 12.24 -8.25 9.69
CA GLN A 123 11.67 -8.73 8.43
C GLN A 123 11.40 -7.57 7.48
N PRO A 124 12.48 -6.84 7.11
CA PRO A 124 12.37 -5.70 6.19
C PRO A 124 12.05 -6.12 4.77
N ALA A 125 12.06 -7.42 4.53
CA ALA A 125 11.78 -7.96 3.20
C ALA A 125 10.29 -7.84 2.88
N MET A 126 9.47 -7.76 3.91
CA MET A 126 8.03 -7.64 3.74
C MET A 126 7.67 -6.40 2.93
N VAL A 127 8.34 -5.29 3.23
CA VAL A 127 8.10 -4.04 2.53
C VAL A 127 8.17 -4.24 1.02
N HIS A 128 9.26 -4.83 0.55
CA HIS A 128 9.45 -5.07 -0.87
C HIS A 128 8.40 -6.05 -1.39
N ALA A 129 8.19 -7.14 -0.67
CA ALA A 129 7.22 -8.16 -1.06
C ALA A 129 5.84 -7.53 -1.24
N LEU A 130 5.32 -6.93 -0.18
CA LEU A 130 4.01 -6.29 -0.23
C LEU A 130 3.90 -5.33 -1.40
N VAL A 131 4.84 -4.39 -1.48
CA VAL A 131 4.85 -3.41 -2.56
C VAL A 131 4.74 -4.09 -3.92
N ASP A 132 5.45 -5.21 -4.07
CA ASP A 132 5.44 -5.95 -5.32
C ASP A 132 4.04 -6.48 -5.63
N ALA A 133 3.44 -7.14 -4.63
CA ALA A 133 2.10 -7.70 -4.80
C ALA A 133 1.08 -6.60 -5.07
N LEU A 134 1.16 -5.51 -4.31
CA LEU A 134 0.24 -4.39 -4.46
C LEU A 134 0.29 -3.86 -5.89
N GLY A 135 1.45 -3.37 -6.29
CA GLY A 135 1.61 -2.83 -7.63
C GLY A 135 1.15 -3.80 -8.70
N GLU A 136 1.66 -5.02 -8.66
CA GLU A 136 1.30 -6.04 -9.64
C GLU A 136 -0.20 -6.24 -9.68
N PHE A 137 -0.80 -6.42 -8.50
CA PHE A 137 -2.24 -6.63 -8.39
C PHE A 137 -3.00 -5.42 -8.91
N VAL A 138 -2.39 -4.24 -8.79
CA VAL A 138 -3.01 -3.01 -9.25
C VAL A 138 -2.81 -2.81 -10.76
N ARG A 139 -1.78 -3.45 -11.30
CA ARG A 139 -1.47 -3.34 -12.71
C ARG A 139 -1.90 -4.60 -13.46
N LYS A 140 -2.56 -5.51 -12.74
CA LYS A 140 -3.03 -6.75 -13.33
C LYS A 140 -4.53 -6.93 -13.13
N THR A 141 -4.98 -6.80 -11.88
CA THR A 141 -6.39 -6.93 -11.57
C THR A 141 -7.10 -5.58 -11.60
N LEU A 142 -6.40 -4.54 -11.13
CA LEU A 142 -6.96 -3.20 -11.11
C LEU A 142 -6.47 -2.39 -12.31
N ALA A 143 -5.55 -2.97 -13.08
CA ALA A 143 -5.01 -2.30 -14.25
C ALA A 143 -6.12 -1.71 -15.12
N THR A 144 -7.12 -2.52 -15.43
CA THR A 144 -8.24 -2.07 -16.24
C THR A 144 -9.04 -0.98 -15.54
N TRP A 145 -9.21 -1.13 -14.24
CA TRP A 145 -9.96 -0.16 -13.45
C TRP A 145 -9.31 1.22 -13.55
N LEU A 146 -8.04 1.31 -13.16
CA LEU A 146 -7.32 2.57 -13.19
C LEU A 146 -7.12 3.04 -14.64
N ARG A 147 -7.09 2.08 -15.56
CA ARG A 147 -6.91 2.40 -16.98
C ARG A 147 -8.18 3.00 -17.56
N ARG A 148 -9.33 2.55 -17.07
CA ARG A 148 -10.61 3.05 -17.54
C ARG A 148 -10.94 4.41 -16.92
N ARG A 149 -10.50 4.61 -15.68
CA ARG A 149 -10.74 5.86 -14.98
C ARG A 149 -9.76 6.94 -15.44
N GLY A 150 -8.65 6.52 -16.03
CA GLY A 150 -7.66 7.47 -16.51
C GLY A 150 -6.53 7.67 -15.51
N GLY A 151 -6.87 7.66 -14.23
CA GLY A 151 -5.87 7.86 -13.19
C GLY A 151 -6.48 7.95 -11.81
N TRP A 152 -5.64 8.21 -10.81
CA TRP A 152 -6.10 8.33 -9.43
C TRP A 152 -6.67 9.72 -9.17
N THR A 153 -6.57 10.59 -10.17
CA THR A 153 -7.08 11.95 -10.04
C THR A 153 -8.52 11.96 -9.54
N ASP A 154 -9.22 10.84 -9.73
CA ASP A 154 -10.60 10.72 -9.31
C ASP A 154 -10.75 11.08 -7.83
N VAL A 155 -9.89 10.50 -6.99
CA VAL A 155 -9.92 10.77 -5.56
C VAL A 155 -9.49 12.19 -5.26
N LEU A 156 -8.93 12.87 -6.26
CA LEU A 156 -8.48 14.24 -6.09
C LEU A 156 -9.60 15.23 -6.40
N LYS A 157 -10.73 14.71 -6.88
CA LYS A 157 -11.87 15.54 -7.22
C LYS A 157 -12.75 15.77 -5.99
N CYS A 158 -12.70 14.84 -5.04
CA CYS A 158 -13.49 14.94 -3.82
C CYS A 158 -12.91 16.01 -2.89
N PRO A 3 4.15 2.80 -21.92
CA PRO A 3 3.95 4.00 -21.11
C PRO A 3 2.63 3.98 -20.36
N THR A 4 1.58 3.50 -21.01
CA THR A 4 0.26 3.42 -20.41
C THR A 4 0.32 2.73 -19.05
N ASP A 5 0.66 1.45 -19.06
CA ASP A 5 0.77 0.66 -17.83
C ASP A 5 1.78 1.28 -16.88
N LYS A 6 2.88 1.77 -17.43
CA LYS A 6 3.93 2.38 -16.63
C LYS A 6 3.35 3.43 -15.69
N GLU A 7 2.32 4.13 -16.14
CA GLU A 7 1.67 5.16 -15.34
C GLU A 7 1.03 4.55 -14.10
N LEU A 8 0.17 3.56 -14.30
CA LEU A 8 -0.51 2.89 -13.19
C LEU A 8 0.49 2.21 -12.27
N VAL A 9 1.49 1.57 -12.87
CA VAL A 9 2.51 0.87 -12.10
C VAL A 9 3.33 1.85 -11.27
N ALA A 10 4.05 2.73 -11.95
CA ALA A 10 4.89 3.73 -11.28
C ALA A 10 4.09 4.49 -10.23
N GLN A 11 2.82 4.75 -10.53
CA GLN A 11 1.93 5.47 -9.61
C GLN A 11 1.58 4.61 -8.41
N ALA A 12 0.94 3.47 -8.67
CA ALA A 12 0.54 2.56 -7.60
C ALA A 12 1.73 2.25 -6.68
N LYS A 13 2.86 1.91 -7.27
CA LYS A 13 4.06 1.60 -6.51
C LYS A 13 4.55 2.82 -5.74
N ALA A 14 4.49 3.98 -6.38
CA ALA A 14 4.93 5.22 -5.76
C ALA A 14 4.18 5.48 -4.45
N LEU A 15 2.87 5.27 -4.47
CA LEU A 15 2.04 5.47 -3.29
C LEU A 15 2.35 4.43 -2.22
N GLY A 16 2.14 3.16 -2.56
CA GLY A 16 2.41 2.09 -1.61
C GLY A 16 3.80 2.17 -1.02
N ARG A 17 4.78 2.48 -1.86
CA ARG A 17 6.16 2.58 -1.42
C ARG A 17 6.33 3.73 -0.43
N GLU A 18 6.07 4.95 -0.89
CA GLU A 18 6.19 6.12 -0.04
C GLU A 18 5.37 5.96 1.24
N TYR A 19 4.24 5.29 1.12
CA TYR A 19 3.37 5.08 2.27
C TYR A 19 4.06 4.22 3.33
N VAL A 20 4.40 2.99 2.96
CA VAL A 20 5.06 2.06 3.86
C VAL A 20 6.25 2.73 4.55
N HIS A 21 7.07 3.41 3.77
CA HIS A 21 8.24 4.10 4.30
C HIS A 21 7.84 5.14 5.33
N ALA A 22 6.77 5.87 5.03
CA ALA A 22 6.28 6.91 5.95
C ALA A 22 5.87 6.31 7.29
N ARG A 23 4.89 5.40 7.26
CA ARG A 23 4.42 4.77 8.47
C ARG A 23 5.57 4.10 9.23
N LEU A 24 6.54 3.60 8.48
CA LEU A 24 7.70 2.94 9.08
C LEU A 24 8.60 3.95 9.78
N LEU A 25 8.93 5.03 9.07
CA LEU A 25 9.79 6.07 9.62
C LEU A 25 9.10 6.79 10.77
N ARG A 26 7.78 6.89 10.70
CA ARG A 26 7.01 7.56 11.74
C ARG A 26 6.71 6.59 12.89
N ALA A 27 6.73 5.30 12.59
CA ALA A 27 6.47 4.28 13.59
C ALA A 27 7.36 4.48 14.82
N GLY A 28 8.62 4.11 14.69
CA GLY A 28 9.56 4.26 15.81
C GLY A 28 10.86 3.52 15.57
N LEU A 29 11.51 3.82 14.46
CA LEU A 29 12.78 3.17 14.11
C LEU A 29 13.46 3.88 12.96
N SER A 30 14.73 3.53 12.72
CA SER A 30 15.49 4.14 11.64
C SER A 30 15.44 3.29 10.38
N TRP A 31 15.19 3.93 9.25
CA TRP A 31 15.11 3.23 7.97
C TRP A 31 15.91 3.96 6.90
N SER A 32 16.52 3.19 6.00
CA SER A 32 17.33 3.75 4.93
C SER A 32 16.91 3.20 3.57
N ALA A 33 16.10 3.97 2.84
CA ALA A 33 15.63 3.55 1.53
C ALA A 33 16.80 3.18 0.62
N PRO A 34 16.50 2.39 -0.43
CA PRO A 34 17.51 1.95 -1.40
C PRO A 34 18.02 3.09 -2.26
N GLU A 35 17.10 3.87 -2.82
CA GLU A 35 17.47 4.99 -3.67
C GLU A 35 17.16 6.32 -2.98
N ARG A 36 16.88 6.26 -1.69
CA ARG A 36 16.57 7.44 -0.91
C ARG A 36 15.34 8.15 -1.48
N ALA A 37 15.09 9.37 -1.00
CA ALA A 37 13.95 10.15 -1.47
C ALA A 37 13.91 10.23 -2.99
N ALA A 38 12.81 10.75 -3.52
CA ALA A 38 12.65 10.87 -4.96
C ALA A 38 11.64 11.97 -5.31
N PRO A 39 11.69 12.44 -6.56
CA PRO A 39 10.79 13.50 -7.05
C PRO A 39 9.35 13.01 -7.18
N VAL A 40 8.45 13.91 -7.55
CA VAL A 40 7.04 13.57 -7.72
C VAL A 40 6.25 14.77 -8.22
N PRO A 41 5.40 14.54 -9.24
CA PRO A 41 4.56 15.59 -9.83
C PRO A 41 3.46 16.05 -8.88
N GLY A 42 2.49 16.78 -9.43
CA GLY A 42 1.39 17.27 -8.62
C GLY A 42 0.32 16.21 -8.39
N ARG A 43 -0.02 15.48 -9.45
CA ARG A 43 -1.03 14.43 -9.36
C ARG A 43 -0.64 13.38 -8.32
N LEU A 44 0.51 12.75 -8.53
CA LEU A 44 1.00 11.73 -7.62
C LEU A 44 0.95 12.22 -6.17
N ALA A 45 1.63 13.33 -5.90
CA ALA A 45 1.66 13.90 -4.57
C ALA A 45 0.25 14.07 -4.01
N GLU A 46 -0.68 14.47 -4.87
CA GLU A 46 -2.07 14.67 -4.47
C GLU A 46 -2.67 13.38 -3.93
N VAL A 47 -2.68 12.35 -4.77
CA VAL A 47 -3.23 11.05 -4.37
C VAL A 47 -2.50 10.49 -3.15
N ALA A 48 -1.18 10.40 -3.25
CA ALA A 48 -0.37 9.89 -2.15
C ALA A 48 -0.71 10.59 -0.84
N ALA A 49 -0.73 11.92 -0.88
CA ALA A 49 -1.04 12.71 0.31
C ALA A 49 -2.39 12.32 0.89
N VAL A 50 -3.41 12.25 0.04
CA VAL A 50 -4.75 11.89 0.47
C VAL A 50 -4.73 10.58 1.26
N LEU A 51 -4.03 9.59 0.72
CA LEU A 51 -3.94 8.28 1.38
C LEU A 51 -3.16 8.39 2.69
N LEU A 52 -2.15 9.26 2.72
CA LEU A 52 -1.34 9.45 3.90
C LEU A 52 -2.15 10.07 5.03
N ARG A 53 -2.70 11.26 4.79
CA ARG A 53 -3.51 11.95 5.78
C ARG A 53 -4.69 11.08 6.22
N LEU A 54 -5.40 10.52 5.25
CA LEU A 54 -6.55 9.67 5.52
C LEU A 54 -6.17 8.54 6.47
N GLY A 55 -5.28 7.67 6.01
CA GLY A 55 -4.85 6.55 6.84
C GLY A 55 -4.23 6.99 8.15
N ASP A 56 -3.42 8.04 8.10
CA ASP A 56 -2.77 8.56 9.29
C ASP A 56 -3.81 8.98 10.33
N GLU A 57 -4.77 9.79 9.90
CA GLU A 57 -5.82 10.26 10.79
C GLU A 57 -6.54 9.09 11.46
N LEU A 58 -6.94 8.11 10.65
CA LEU A 58 -7.64 6.94 11.17
C LEU A 58 -6.75 6.15 12.12
N GLU A 59 -5.53 5.86 11.67
CA GLU A 59 -4.58 5.10 12.48
C GLU A 59 -4.21 5.88 13.75
N MET A 60 -4.43 7.19 13.71
CA MET A 60 -4.12 8.04 14.86
C MET A 60 -5.28 8.08 15.84
N ILE A 61 -6.51 8.00 15.32
CA ILE A 61 -7.70 8.02 16.16
C ILE A 61 -7.88 6.70 16.89
N ARG A 62 -8.06 5.62 16.13
CA ARG A 62 -8.25 4.30 16.71
C ARG A 62 -8.49 3.26 15.62
N PRO A 63 -7.41 2.81 14.97
CA PRO A 63 -7.49 1.82 13.89
C PRO A 63 -7.86 0.43 14.41
N SER A 64 -8.70 -0.27 13.67
CA SER A 64 -9.13 -1.60 14.05
C SER A 64 -7.97 -2.58 14.06
N VAL A 65 -7.27 -2.66 12.92
CA VAL A 65 -6.13 -3.55 12.79
C VAL A 65 -5.15 -3.05 11.73
N TYR A 66 -4.45 -1.96 12.05
CA TYR A 66 -3.49 -1.38 11.13
C TYR A 66 -2.08 -1.90 11.40
N ARG A 67 -2.00 -3.12 11.90
CA ARG A 67 -0.71 -3.73 12.21
C ARG A 67 -0.90 -5.14 12.79
N ASN A 68 -1.97 -5.31 13.57
CA ASN A 68 -2.27 -6.60 14.19
C ASN A 68 -3.09 -7.48 13.24
N VAL A 69 -3.64 -6.86 12.20
CA VAL A 69 -4.44 -7.59 11.23
C VAL A 69 -3.77 -8.90 10.82
N ALA A 70 -2.45 -8.86 10.69
CA ALA A 70 -1.68 -10.04 10.32
C ALA A 70 -2.11 -11.25 11.14
N ARG A 71 -2.14 -11.09 12.45
CA ARG A 71 -2.53 -12.17 13.35
C ARG A 71 -3.97 -12.61 13.08
N GLN A 72 -4.82 -11.67 12.70
CA GLN A 72 -6.22 -11.95 12.41
C GLN A 72 -6.34 -12.99 11.31
N LEU A 73 -5.27 -13.15 10.53
CA LEU A 73 -5.26 -14.12 9.43
C LEU A 73 -3.99 -14.96 9.47
N HIS A 74 -3.24 -14.87 10.57
CA HIS A 74 -2.02 -15.63 10.73
C HIS A 74 -1.19 -15.59 9.45
N ILE A 75 -1.17 -14.44 8.79
CA ILE A 75 -0.41 -14.28 7.56
C ILE A 75 1.01 -14.80 7.70
N SER A 76 1.60 -14.58 8.87
CA SER A 76 2.95 -15.04 9.15
C SER A 76 3.96 -14.32 8.24
N LEU A 77 4.38 -13.13 8.67
CA LEU A 77 5.34 -12.34 7.90
C LEU A 77 6.69 -13.04 7.83
N GLN A 78 6.87 -14.07 8.65
CA GLN A 78 8.10 -14.82 8.69
C GLN A 78 8.38 -15.48 7.34
N SER A 79 7.34 -15.59 6.51
CA SER A 79 7.47 -16.20 5.20
C SER A 79 7.26 -15.18 4.10
N GLU A 80 7.71 -15.50 2.89
CA GLU A 80 7.57 -14.61 1.75
C GLU A 80 6.43 -15.04 0.85
N ARG A 81 6.38 -16.34 0.54
CA ARG A 81 5.34 -16.88 -0.31
C ARG A 81 3.97 -16.81 0.37
N VAL A 82 3.98 -16.92 1.70
CA VAL A 82 2.74 -16.86 2.47
C VAL A 82 2.21 -15.43 2.55
N VAL A 83 3.10 -14.51 2.91
CA VAL A 83 2.72 -13.09 3.02
C VAL A 83 2.20 -12.56 1.69
N THR A 84 2.86 -12.95 0.61
CA THR A 84 2.47 -12.50 -0.73
C THR A 84 1.14 -13.13 -1.15
N ASP A 85 1.10 -14.46 -1.14
CA ASP A 85 -0.11 -15.19 -1.51
C ASP A 85 -1.30 -14.75 -0.66
N ALA A 86 -1.10 -14.74 0.65
CA ALA A 86 -2.16 -14.34 1.58
C ALA A 86 -2.65 -12.92 1.27
N PHE A 87 -1.72 -11.98 1.22
CA PHE A 87 -2.05 -10.59 0.94
C PHE A 87 -2.77 -10.46 -0.39
N LEU A 88 -2.16 -11.01 -1.44
CA LEU A 88 -2.75 -10.96 -2.78
C LEU A 88 -4.19 -11.47 -2.76
N ALA A 89 -4.40 -12.60 -2.10
CA ALA A 89 -5.73 -13.20 -2.00
C ALA A 89 -6.72 -12.23 -1.37
N VAL A 90 -6.37 -11.72 -0.19
CA VAL A 90 -7.23 -10.78 0.53
C VAL A 90 -7.51 -9.54 -0.32
N ALA A 91 -6.50 -9.08 -1.04
CA ALA A 91 -6.62 -7.91 -1.89
C ALA A 91 -7.60 -8.16 -3.03
N GLY A 92 -7.26 -9.10 -3.90
CA GLY A 92 -8.11 -9.43 -5.03
C GLY A 92 -9.50 -9.85 -4.60
N HIS A 93 -9.60 -10.38 -3.38
CA HIS A 93 -10.89 -10.82 -2.85
C HIS A 93 -11.77 -9.63 -2.48
N ILE A 94 -11.22 -8.71 -1.71
CA ILE A 94 -11.96 -7.52 -1.29
C ILE A 94 -12.16 -6.56 -2.46
N PHE A 95 -11.28 -6.65 -3.45
CA PHE A 95 -11.37 -5.79 -4.62
C PHE A 95 -12.19 -6.45 -5.73
N SER A 96 -12.33 -7.77 -5.65
CA SER A 96 -13.10 -8.52 -6.63
C SER A 96 -14.46 -7.88 -6.87
N ALA A 97 -15.14 -7.54 -5.78
CA ALA A 97 -16.46 -6.92 -5.87
C ALA A 97 -16.45 -5.52 -5.25
N GLY A 98 -15.25 -4.98 -5.05
CA GLY A 98 -15.13 -3.65 -4.46
C GLY A 98 -13.86 -2.95 -4.89
N ILE A 99 -13.83 -2.46 -6.13
CA ILE A 99 -12.67 -1.77 -6.65
C ILE A 99 -12.72 -0.28 -6.32
N THR A 100 -13.77 0.13 -5.60
CA THR A 100 -13.93 1.52 -5.21
C THR A 100 -12.65 2.09 -4.61
N TRP A 101 -12.60 3.41 -4.46
CA TRP A 101 -11.44 4.08 -3.90
C TRP A 101 -11.28 3.73 -2.42
N GLY A 102 -12.40 3.58 -1.73
CA GLY A 102 -12.36 3.24 -0.31
C GLY A 102 -11.46 2.06 -0.02
N LYS A 103 -11.55 1.03 -0.86
CA LYS A 103 -10.74 -0.18 -0.69
C LYS A 103 -9.25 0.16 -0.80
N VAL A 104 -8.90 1.00 -1.75
CA VAL A 104 -7.52 1.40 -1.97
C VAL A 104 -6.96 2.12 -0.74
N VAL A 105 -7.81 2.91 -0.08
CA VAL A 105 -7.41 3.65 1.11
C VAL A 105 -7.13 2.71 2.27
N SER A 106 -8.13 1.92 2.65
CA SER A 106 -8.00 0.98 3.75
C SER A 106 -6.88 -0.02 3.47
N LEU A 107 -6.89 -0.58 2.27
CA LEU A 107 -5.88 -1.56 1.87
C LEU A 107 -4.47 -0.99 2.04
N TYR A 108 -4.24 0.19 1.47
CA TYR A 108 -2.94 0.84 1.55
C TYR A 108 -2.49 0.96 3.01
N ALA A 109 -3.36 1.53 3.84
CA ALA A 109 -3.05 1.71 5.26
C ALA A 109 -2.58 0.40 5.89
N VAL A 110 -3.35 -0.66 5.67
CA VAL A 110 -3.02 -1.97 6.22
C VAL A 110 -1.62 -2.41 5.78
N ALA A 111 -1.38 -2.39 4.47
CA ALA A 111 -0.09 -2.79 3.93
C ALA A 111 1.05 -2.13 4.69
N ALA A 112 0.97 -0.81 4.84
CA ALA A 112 1.99 -0.06 5.56
C ALA A 112 2.19 -0.60 6.98
N GLY A 113 1.08 -0.93 7.64
CA GLY A 113 1.15 -1.46 8.98
C GLY A 113 1.95 -2.74 9.07
N LEU A 114 1.58 -3.72 8.26
CA LEU A 114 2.27 -5.01 8.24
C LEU A 114 3.76 -4.82 7.99
N ALA A 115 4.09 -4.01 7.00
CA ALA A 115 5.48 -3.74 6.66
C ALA A 115 6.24 -3.20 7.86
N VAL A 116 5.64 -2.24 8.56
CA VAL A 116 6.27 -1.64 9.73
C VAL A 116 6.57 -2.69 10.79
N ASP A 117 5.56 -3.47 11.16
CA ASP A 117 5.72 -4.51 12.17
C ASP A 117 6.84 -5.48 11.77
N ALA A 118 6.92 -5.77 10.47
CA ALA A 118 7.94 -6.68 9.97
C ALA A 118 9.34 -6.12 10.19
N VAL A 119 9.62 -4.96 9.58
CA VAL A 119 10.91 -4.32 9.72
C VAL A 119 11.28 -4.12 11.18
N ARG A 120 10.26 -3.95 12.02
CA ARG A 120 10.49 -3.74 13.45
C ARG A 120 10.82 -5.07 14.13
N GLN A 121 10.27 -6.16 13.62
CA GLN A 121 10.52 -7.47 14.19
C GLN A 121 11.67 -8.18 13.47
N ALA A 122 12.51 -7.39 12.82
CA ALA A 122 13.66 -7.93 12.10
C ALA A 122 13.21 -8.73 10.89
N GLN A 123 12.56 -8.05 9.94
CA GLN A 123 12.06 -8.71 8.73
C GLN A 123 11.47 -7.69 7.76
N PRO A 124 12.32 -6.78 7.27
CA PRO A 124 11.90 -5.73 6.33
C PRO A 124 11.55 -6.30 4.95
N ALA A 125 11.81 -7.59 4.77
CA ALA A 125 11.53 -8.25 3.50
C ALA A 125 10.05 -8.10 3.13
N MET A 126 9.21 -7.93 4.15
CA MET A 126 7.77 -7.78 3.93
C MET A 126 7.48 -6.54 3.09
N VAL A 127 8.28 -5.49 3.28
CA VAL A 127 8.11 -4.25 2.54
C VAL A 127 8.23 -4.49 1.04
N HIS A 128 9.30 -5.19 0.65
CA HIS A 128 9.54 -5.48 -0.76
C HIS A 128 8.48 -6.43 -1.31
N ALA A 129 8.17 -7.46 -0.54
CA ALA A 129 7.18 -8.45 -0.95
C ALA A 129 5.81 -7.80 -1.13
N LEU A 130 5.37 -7.05 -0.13
CA LEU A 130 4.09 -6.37 -0.18
C LEU A 130 4.01 -5.42 -1.37
N VAL A 131 4.97 -4.50 -1.44
CA VAL A 131 5.01 -3.54 -2.54
C VAL A 131 4.92 -4.23 -3.89
N ASP A 132 5.66 -5.32 -4.04
CA ASP A 132 5.66 -6.08 -5.29
C ASP A 132 4.26 -6.59 -5.62
N ALA A 133 3.63 -7.26 -4.66
CA ALA A 133 2.29 -7.80 -4.85
C ALA A 133 1.29 -6.67 -5.13
N LEU A 134 1.38 -5.60 -4.35
CA LEU A 134 0.49 -4.46 -4.52
C LEU A 134 0.51 -3.95 -5.97
N GLY A 135 1.70 -3.56 -6.43
CA GLY A 135 1.83 -3.06 -7.78
C GLY A 135 1.35 -4.05 -8.81
N GLU A 136 1.93 -5.25 -8.80
CA GLU A 136 1.56 -6.29 -9.75
C GLU A 136 0.06 -6.55 -9.70
N PHE A 137 -0.55 -6.30 -8.54
CA PHE A 137 -1.99 -6.50 -8.37
C PHE A 137 -2.77 -5.29 -8.85
N VAL A 138 -2.13 -4.13 -8.84
CA VAL A 138 -2.77 -2.89 -9.27
C VAL A 138 -2.70 -2.75 -10.79
N ARG A 139 -1.72 -3.41 -11.40
CA ARG A 139 -1.56 -3.35 -12.85
C ARG A 139 -2.00 -4.66 -13.50
N LYS A 140 -2.90 -5.39 -12.81
CA LYS A 140 -3.40 -6.65 -13.32
C LYS A 140 -4.88 -6.81 -12.99
N THR A 141 -5.22 -6.67 -11.71
CA THR A 141 -6.59 -6.80 -11.25
C THR A 141 -7.30 -5.45 -11.24
N LEU A 142 -6.56 -4.41 -10.86
CA LEU A 142 -7.11 -3.06 -10.81
C LEU A 142 -6.68 -2.24 -12.02
N ALA A 143 -5.76 -2.79 -12.80
CA ALA A 143 -5.27 -2.11 -13.99
C ALA A 143 -6.42 -1.57 -14.83
N THR A 144 -7.39 -2.44 -15.13
CA THR A 144 -8.54 -2.04 -15.93
C THR A 144 -9.29 -0.89 -15.28
N TRP A 145 -9.64 -1.06 -14.01
CA TRP A 145 -10.37 -0.03 -13.28
C TRP A 145 -9.66 1.31 -13.37
N LEU A 146 -8.41 1.35 -12.92
CA LEU A 146 -7.61 2.58 -12.96
C LEU A 146 -7.40 3.04 -14.40
N ARG A 147 -7.53 2.11 -15.34
CA ARG A 147 -7.35 2.42 -16.75
C ARG A 147 -8.61 3.05 -17.34
N ARG A 148 -9.76 2.69 -16.77
CA ARG A 148 -11.04 3.21 -17.24
C ARG A 148 -11.37 4.53 -16.55
N ARG A 149 -10.78 4.75 -15.38
CA ARG A 149 -11.01 5.97 -14.62
C ARG A 149 -10.13 7.10 -15.13
N GLY A 150 -9.04 6.74 -15.81
CA GLY A 150 -8.14 7.74 -16.35
C GLY A 150 -6.95 7.98 -15.45
N GLY A 151 -7.17 7.91 -14.14
CA GLY A 151 -6.09 8.12 -13.20
C GLY A 151 -6.57 8.09 -11.76
N TRP A 152 -5.64 8.22 -10.82
CA TRP A 152 -5.97 8.21 -9.41
C TRP A 152 -6.45 9.58 -8.94
N THR A 153 -6.19 10.60 -9.76
CA THR A 153 -6.60 11.96 -9.44
C THR A 153 -8.10 12.05 -9.19
N ASP A 154 -8.82 11.01 -9.61
CA ASP A 154 -10.26 10.96 -9.44
C ASP A 154 -10.65 11.20 -7.98
N VAL A 155 -9.85 10.67 -7.07
CA VAL A 155 -10.10 10.82 -5.64
C VAL A 155 -9.99 12.28 -5.22
N LEU A 156 -9.27 13.06 -6.01
CA LEU A 156 -9.08 14.48 -5.73
C LEU A 156 -10.26 15.30 -6.25
N LYS A 157 -11.11 14.66 -7.04
CA LYS A 157 -12.28 15.34 -7.60
C LYS A 157 -13.52 15.07 -6.76
N CYS A 158 -13.53 13.93 -6.06
CA CYS A 158 -14.66 13.55 -5.23
C CYS A 158 -14.43 13.98 -3.77
N PRO A 3 4.24 1.55 -22.90
CA PRO A 3 4.06 1.65 -21.46
C PRO A 3 2.66 1.26 -21.01
N THR A 4 1.75 2.23 -21.02
CA THR A 4 0.37 1.98 -20.62
C THR A 4 0.26 1.78 -19.11
N ASP A 5 0.79 0.66 -18.63
CA ASP A 5 0.76 0.35 -17.21
C ASP A 5 1.84 1.10 -16.46
N LYS A 6 2.85 1.56 -17.19
CA LYS A 6 3.97 2.30 -16.61
C LYS A 6 3.45 3.39 -15.67
N GLU A 7 2.49 4.17 -16.16
CA GLU A 7 1.91 5.25 -15.36
C GLU A 7 1.31 4.72 -14.07
N LEU A 8 0.52 3.65 -14.19
CA LEU A 8 -0.13 3.04 -13.03
C LEU A 8 0.91 2.48 -12.06
N VAL A 9 1.70 1.51 -12.54
CA VAL A 9 2.74 0.90 -11.71
C VAL A 9 3.55 1.96 -10.98
N ALA A 10 4.15 2.86 -11.74
CA ALA A 10 4.96 3.93 -11.15
C ALA A 10 4.19 4.67 -10.06
N GLN A 11 2.96 5.06 -10.37
CA GLN A 11 2.12 5.77 -9.42
C GLN A 11 1.89 4.94 -8.16
N ALA A 12 1.26 3.78 -8.33
CA ALA A 12 0.97 2.89 -7.21
C ALA A 12 2.23 2.66 -6.37
N LYS A 13 3.36 2.49 -7.04
CA LYS A 13 4.62 2.27 -6.36
C LYS A 13 4.98 3.43 -5.45
N ALA A 14 4.87 4.65 -5.98
CA ALA A 14 5.16 5.85 -5.20
C ALA A 14 4.28 5.95 -3.97
N LEU A 15 2.99 5.68 -4.15
CA LEU A 15 2.03 5.74 -3.05
C LEU A 15 2.34 4.67 -2.01
N GLY A 16 2.74 3.49 -2.47
CA GLY A 16 3.05 2.40 -1.57
C GLY A 16 4.36 2.63 -0.82
N ARG A 17 5.42 2.90 -1.56
CA ARG A 17 6.73 3.14 -0.95
C ARG A 17 6.65 4.26 0.09
N GLU A 18 5.93 5.32 -0.25
CA GLU A 18 5.78 6.46 0.65
C GLU A 18 4.92 6.08 1.86
N TYR A 19 3.94 5.23 1.64
CA TYR A 19 3.04 4.79 2.71
C TYR A 19 3.81 4.05 3.79
N VAL A 20 4.45 2.94 3.41
CA VAL A 20 5.23 2.14 4.35
C VAL A 20 6.33 2.97 4.99
N HIS A 21 7.08 3.69 4.18
CA HIS A 21 8.15 4.54 4.68
C HIS A 21 7.66 5.45 5.80
N ALA A 22 6.51 6.08 5.57
CA ALA A 22 5.93 6.98 6.56
C ALA A 22 5.59 6.24 7.84
N ARG A 23 4.69 5.26 7.73
CA ARG A 23 4.28 4.48 8.89
C ARG A 23 5.50 3.92 9.64
N LEU A 24 6.50 3.48 8.88
CA LEU A 24 7.71 2.93 9.46
C LEU A 24 8.49 3.99 10.22
N LEU A 25 8.63 5.16 9.61
CA LEU A 25 9.35 6.27 10.23
C LEU A 25 8.58 6.82 11.43
N ARG A 26 7.27 6.55 11.46
CA ARG A 26 6.43 7.01 12.56
C ARG A 26 6.57 6.11 13.77
N ALA A 27 6.53 4.80 13.55
CA ALA A 27 6.65 3.83 14.62
C ALA A 27 7.88 4.12 15.48
N GLY A 28 8.98 4.46 14.83
CA GLY A 28 10.21 4.76 15.55
C GLY A 28 11.30 3.74 15.28
N LEU A 29 11.99 3.90 14.15
CA LEU A 29 13.05 2.99 13.78
C LEU A 29 13.92 3.58 12.66
N SER A 30 15.17 3.14 12.60
CA SER A 30 16.10 3.63 11.59
C SER A 30 15.81 3.02 10.22
N TRP A 31 15.70 3.86 9.21
CA TRP A 31 15.41 3.39 7.86
C TRP A 31 16.10 4.28 6.82
N SER A 32 16.54 3.67 5.72
CA SER A 32 17.22 4.40 4.66
C SER A 32 16.63 4.05 3.30
N ALA A 33 15.72 4.89 2.83
CA ALA A 33 15.08 4.67 1.53
C ALA A 33 16.11 4.44 0.44
N PRO A 34 15.68 3.85 -0.68
CA PRO A 34 16.55 3.55 -1.82
C PRO A 34 17.00 4.82 -2.54
N GLU A 35 17.40 5.83 -1.77
CA GLU A 35 17.86 7.09 -2.34
C GLU A 35 16.71 7.82 -3.02
N ARG A 36 16.27 7.30 -4.16
CA ARG A 36 15.17 7.91 -4.91
C ARG A 36 14.87 7.11 -6.18
N ALA A 37 14.05 7.68 -7.05
CA ALA A 37 13.69 7.02 -8.30
C ALA A 37 12.92 7.98 -9.21
N ALA A 38 13.66 8.82 -9.93
CA ALA A 38 13.05 9.78 -10.85
C ALA A 38 12.19 10.78 -10.09
N PRO A 39 11.88 11.92 -10.75
CA PRO A 39 11.07 12.98 -10.16
C PRO A 39 9.61 12.57 -10.00
N VAL A 40 8.76 13.53 -9.66
CA VAL A 40 7.34 13.27 -9.47
C VAL A 40 6.50 14.49 -9.84
N PRO A 41 5.45 14.27 -10.63
CA PRO A 41 4.55 15.35 -11.08
C PRO A 41 3.70 15.88 -9.93
N GLY A 42 2.74 16.75 -10.28
CA GLY A 42 1.86 17.31 -9.27
C GLY A 42 0.72 16.39 -8.91
N ARG A 43 0.07 15.83 -9.92
CA ARG A 43 -1.06 14.92 -9.70
C ARG A 43 -0.68 13.82 -8.70
N LEU A 44 0.55 13.34 -8.80
CA LEU A 44 1.04 12.28 -7.91
C LEU A 44 1.09 12.78 -6.47
N ALA A 45 1.85 13.85 -6.23
CA ALA A 45 1.98 14.43 -4.91
C ALA A 45 0.61 14.66 -4.27
N GLU A 46 -0.35 15.08 -5.08
CA GLU A 46 -1.70 15.34 -4.60
C GLU A 46 -2.35 14.06 -4.08
N VAL A 47 -2.45 13.06 -4.94
CA VAL A 47 -3.05 11.78 -4.57
C VAL A 47 -2.28 11.14 -3.42
N ALA A 48 -0.97 11.03 -3.57
CA ALA A 48 -0.14 10.43 -2.54
C ALA A 48 -0.40 11.06 -1.18
N ALA A 49 -0.40 12.38 -1.13
CA ALA A 49 -0.65 13.11 0.11
C ALA A 49 -2.01 12.75 0.69
N VAL A 50 -3.06 12.92 -0.11
CA VAL A 50 -4.41 12.62 0.33
C VAL A 50 -4.47 11.27 1.02
N LEU A 51 -3.81 10.27 0.43
CA LEU A 51 -3.80 8.92 0.99
C LEU A 51 -3.02 8.90 2.30
N LEU A 52 -1.82 9.45 2.28
CA LEU A 52 -0.97 9.49 3.48
C LEU A 52 -1.73 10.08 4.66
N ARG A 53 -2.15 11.33 4.52
CA ARG A 53 -2.89 12.00 5.59
C ARG A 53 -4.13 11.20 5.97
N LEU A 54 -4.87 10.74 4.97
CA LEU A 54 -6.08 9.96 5.21
C LEU A 54 -5.82 8.83 6.19
N GLY A 55 -4.95 7.89 5.81
CA GLY A 55 -4.63 6.77 6.67
C GLY A 55 -4.00 7.21 7.98
N ASP A 56 -3.18 8.26 7.92
CA ASP A 56 -2.51 8.77 9.10
C ASP A 56 -3.53 9.21 10.16
N GLU A 57 -4.40 10.14 9.77
CA GLU A 57 -5.43 10.64 10.68
C GLU A 57 -6.24 9.49 11.27
N LEU A 58 -6.62 8.54 10.43
CA LEU A 58 -7.41 7.40 10.88
C LEU A 58 -6.62 6.55 11.87
N GLU A 59 -5.39 6.22 11.50
CA GLU A 59 -4.53 5.41 12.36
C GLU A 59 -4.21 6.15 13.66
N MET A 60 -4.37 7.48 13.64
CA MET A 60 -4.10 8.30 14.82
C MET A 60 -5.33 8.37 15.72
N ILE A 61 -6.51 8.35 15.10
CA ILE A 61 -7.76 8.42 15.85
C ILE A 61 -8.03 7.10 16.57
N ARG A 62 -8.19 6.03 15.82
CA ARG A 62 -8.45 4.72 16.39
C ARG A 62 -8.66 3.67 15.29
N PRO A 63 -7.55 3.21 14.70
CA PRO A 63 -7.59 2.21 13.63
C PRO A 63 -8.02 0.82 14.13
N SER A 64 -8.94 0.20 13.41
CA SER A 64 -9.44 -1.12 13.79
C SER A 64 -8.28 -2.12 13.91
N VAL A 65 -7.53 -2.26 12.82
CA VAL A 65 -6.40 -3.19 12.80
C VAL A 65 -5.37 -2.77 11.74
N TYR A 66 -4.64 -1.71 12.02
CA TYR A 66 -3.62 -1.22 11.09
C TYR A 66 -2.27 -1.81 11.40
N ARG A 67 -2.27 -3.06 11.87
CA ARG A 67 -1.03 -3.76 12.20
C ARG A 67 -1.31 -5.15 12.72
N ASN A 68 -2.25 -5.26 13.65
CA ASN A 68 -2.62 -6.54 14.24
C ASN A 68 -3.44 -7.37 13.25
N VAL A 69 -3.98 -6.71 12.24
CA VAL A 69 -4.78 -7.38 11.21
C VAL A 69 -4.10 -8.65 10.73
N ALA A 70 -2.78 -8.57 10.54
CA ALA A 70 -2.01 -9.72 10.08
C ALA A 70 -2.36 -10.98 10.86
N ARG A 71 -2.39 -10.86 12.18
CA ARG A 71 -2.71 -11.98 13.05
C ARG A 71 -4.11 -12.50 12.76
N GLN A 72 -5.02 -11.59 12.45
CA GLN A 72 -6.40 -11.95 12.15
C GLN A 72 -6.48 -12.93 10.99
N LEU A 73 -5.41 -12.97 10.20
CA LEU A 73 -5.35 -13.86 9.04
C LEU A 73 -4.07 -14.70 9.06
N HIS A 74 -3.34 -14.62 10.17
CA HIS A 74 -2.10 -15.37 10.31
C HIS A 74 -1.26 -15.28 9.04
N ILE A 75 -1.13 -14.07 8.50
CA ILE A 75 -0.36 -13.86 7.28
C ILE A 75 1.01 -14.50 7.39
N SER A 76 1.64 -14.38 8.55
CA SER A 76 2.96 -14.95 8.79
C SER A 76 4.00 -14.28 7.89
N LEU A 77 4.53 -13.16 8.36
CA LEU A 77 5.54 -12.42 7.61
C LEU A 77 6.85 -13.18 7.57
N GLN A 78 6.94 -14.26 8.35
CA GLN A 78 8.15 -15.07 8.39
C GLN A 78 8.60 -15.47 7.00
N SER A 79 7.65 -15.85 6.15
CA SER A 79 7.95 -16.25 4.79
C SER A 79 7.61 -15.13 3.81
N GLU A 80 7.74 -15.43 2.51
CA GLU A 80 7.46 -14.45 1.48
C GLU A 80 6.30 -14.90 0.59
N ARG A 81 6.22 -16.22 0.38
CA ARG A 81 5.15 -16.78 -0.45
C ARG A 81 3.81 -16.73 0.28
N VAL A 82 3.85 -16.87 1.60
CA VAL A 82 2.65 -16.82 2.41
C VAL A 82 2.08 -15.41 2.51
N VAL A 83 2.98 -14.44 2.69
CA VAL A 83 2.59 -13.04 2.80
C VAL A 83 2.05 -12.51 1.47
N THR A 84 2.72 -12.89 0.39
CA THR A 84 2.30 -12.45 -0.94
C THR A 84 0.99 -13.12 -1.36
N ASP A 85 0.97 -14.45 -1.29
CA ASP A 85 -0.23 -15.20 -1.66
C ASP A 85 -1.42 -14.76 -0.83
N ALA A 86 -1.27 -14.80 0.49
CA ALA A 86 -2.34 -14.40 1.39
C ALA A 86 -2.84 -12.99 1.07
N PHE A 87 -1.91 -12.04 1.02
CA PHE A 87 -2.26 -10.65 0.72
C PHE A 87 -2.99 -10.54 -0.62
N LEU A 88 -2.36 -11.09 -1.66
CA LEU A 88 -2.95 -11.06 -3.00
C LEU A 88 -4.38 -11.60 -2.98
N ALA A 89 -4.57 -12.73 -2.32
CA ALA A 89 -5.89 -13.35 -2.21
C ALA A 89 -6.90 -12.39 -1.60
N VAL A 90 -6.55 -11.83 -0.45
CA VAL A 90 -7.43 -10.90 0.25
C VAL A 90 -7.73 -9.67 -0.62
N ALA A 91 -6.72 -9.21 -1.35
CA ALA A 91 -6.87 -8.05 -2.22
C ALA A 91 -7.92 -8.31 -3.29
N GLY A 92 -7.64 -9.27 -4.17
CA GLY A 92 -8.56 -9.60 -5.23
C GLY A 92 -9.91 -10.07 -4.71
N HIS A 93 -9.91 -10.63 -3.50
CA HIS A 93 -11.14 -11.11 -2.89
C HIS A 93 -12.06 -9.96 -2.52
N ILE A 94 -11.48 -8.93 -1.90
CA ILE A 94 -12.26 -7.76 -1.49
C ILE A 94 -12.58 -6.88 -2.69
N PHE A 95 -11.67 -6.82 -3.65
CA PHE A 95 -11.87 -6.02 -4.85
C PHE A 95 -12.77 -6.74 -5.85
N SER A 96 -12.87 -8.05 -5.70
CA SER A 96 -13.69 -8.86 -6.59
C SER A 96 -15.12 -8.35 -6.64
N ALA A 97 -15.60 -7.85 -5.50
CA ALA A 97 -16.95 -7.32 -5.39
C ALA A 97 -16.97 -5.82 -5.66
N GLY A 98 -15.93 -5.32 -6.30
CA GLY A 98 -15.84 -3.90 -6.59
C GLY A 98 -14.59 -3.26 -6.04
N ILE A 99 -13.77 -2.71 -6.94
CA ILE A 99 -12.52 -2.06 -6.53
C ILE A 99 -12.79 -0.90 -5.58
N THR A 100 -13.42 0.15 -6.10
CA THR A 100 -13.72 1.33 -5.30
C THR A 100 -12.46 1.97 -4.75
N TRP A 101 -12.58 3.23 -4.33
CA TRP A 101 -11.43 3.95 -3.78
C TRP A 101 -11.22 3.61 -2.31
N GLY A 102 -12.33 3.45 -1.58
CA GLY A 102 -12.24 3.12 -0.17
C GLY A 102 -11.35 1.93 0.10
N LYS A 103 -11.62 0.81 -0.56
CA LYS A 103 -10.83 -0.40 -0.40
C LYS A 103 -9.34 -0.10 -0.57
N VAL A 104 -9.03 0.79 -1.51
CA VAL A 104 -7.65 1.16 -1.78
C VAL A 104 -7.01 1.81 -0.56
N VAL A 105 -7.59 2.92 -0.11
CA VAL A 105 -7.08 3.63 1.06
C VAL A 105 -6.86 2.70 2.23
N SER A 106 -7.90 1.95 2.59
CA SER A 106 -7.81 1.01 3.71
C SER A 106 -6.73 -0.05 3.45
N LEU A 107 -6.76 -0.62 2.26
CA LEU A 107 -5.79 -1.65 1.88
C LEU A 107 -4.36 -1.14 2.08
N TYR A 108 -4.06 0.01 1.48
CA TYR A 108 -2.73 0.60 1.58
C TYR A 108 -2.32 0.75 3.05
N ALA A 109 -3.22 1.29 3.86
CA ALA A 109 -2.95 1.49 5.28
C ALA A 109 -2.54 0.18 5.94
N VAL A 110 -3.32 -0.87 5.71
CA VAL A 110 -3.03 -2.18 6.29
C VAL A 110 -1.63 -2.65 5.91
N ALA A 111 -1.34 -2.62 4.61
CA ALA A 111 -0.03 -3.05 4.12
C ALA A 111 1.09 -2.34 4.86
N ALA A 112 0.94 -1.03 5.03
CA ALA A 112 1.95 -0.24 5.73
C ALA A 112 2.19 -0.76 7.14
N GLY A 113 1.11 -1.06 7.84
CA GLY A 113 1.22 -1.58 9.20
C GLY A 113 2.00 -2.87 9.26
N LEU A 114 1.66 -3.81 8.38
CA LEU A 114 2.32 -5.11 8.33
C LEU A 114 3.82 -4.94 8.09
N ALA A 115 4.16 -4.10 7.11
CA ALA A 115 5.56 -3.85 6.77
C ALA A 115 6.33 -3.31 7.97
N VAL A 116 5.74 -2.32 8.66
CA VAL A 116 6.37 -1.73 9.82
C VAL A 116 6.70 -2.78 10.88
N ASP A 117 5.68 -3.53 11.28
CA ASP A 117 5.84 -4.58 12.28
C ASP A 117 6.92 -5.57 11.86
N ALA A 118 6.98 -5.84 10.56
CA ALA A 118 7.95 -6.78 10.01
C ALA A 118 9.37 -6.25 10.17
N VAL A 119 9.64 -5.10 9.56
CA VAL A 119 10.95 -4.48 9.63
C VAL A 119 11.40 -4.31 11.08
N ARG A 120 10.43 -4.13 11.97
CA ARG A 120 10.72 -3.95 13.39
C ARG A 120 11.04 -5.29 14.05
N GLN A 121 10.42 -6.35 13.55
CA GLN A 121 10.63 -7.68 14.10
C GLN A 121 11.71 -8.43 13.32
N ALA A 122 12.58 -7.66 12.66
CA ALA A 122 13.67 -8.25 11.87
C ALA A 122 13.13 -8.98 10.65
N GLN A 123 12.49 -8.22 9.75
CA GLN A 123 11.93 -8.79 8.53
C GLN A 123 11.37 -7.70 7.62
N PRO A 124 12.25 -6.80 7.18
CA PRO A 124 11.86 -5.69 6.30
C PRO A 124 11.49 -6.16 4.89
N ALA A 125 11.70 -7.45 4.63
CA ALA A 125 11.38 -8.03 3.34
C ALA A 125 9.91 -7.81 2.99
N MET A 126 9.09 -7.63 4.02
CA MET A 126 7.65 -7.41 3.82
C MET A 126 7.40 -6.13 3.06
N VAL A 127 8.30 -5.16 3.21
CA VAL A 127 8.17 -3.87 2.53
C VAL A 127 8.14 -4.05 1.03
N HIS A 128 9.22 -4.58 0.46
CA HIS A 128 9.30 -4.80 -0.98
C HIS A 128 8.33 -5.89 -1.42
N ALA A 129 8.12 -6.87 -0.55
CA ALA A 129 7.21 -7.98 -0.85
C ALA A 129 5.78 -7.47 -1.03
N LEU A 130 5.26 -6.80 -0.01
CA LEU A 130 3.90 -6.26 -0.05
C LEU A 130 3.76 -5.26 -1.18
N VAL A 131 4.63 -4.25 -1.20
CA VAL A 131 4.60 -3.22 -2.23
C VAL A 131 4.56 -3.84 -3.62
N ASP A 132 5.38 -4.86 -3.83
CA ASP A 132 5.45 -5.55 -5.12
C ASP A 132 4.11 -6.20 -5.46
N ALA A 133 3.59 -6.98 -4.52
CA ALA A 133 2.32 -7.66 -4.72
C ALA A 133 1.20 -6.67 -5.03
N LEU A 134 1.14 -5.59 -4.25
CA LEU A 134 0.13 -4.57 -4.44
C LEU A 134 0.20 -3.98 -5.85
N GLY A 135 1.37 -3.48 -6.22
CA GLY A 135 1.55 -2.90 -7.53
C GLY A 135 1.10 -3.84 -8.65
N GLU A 136 1.72 -5.02 -8.70
CA GLU A 136 1.38 -6.01 -9.72
C GLU A 136 -0.13 -6.26 -9.75
N PHE A 137 -0.73 -6.36 -8.58
CA PHE A 137 -2.16 -6.61 -8.48
C PHE A 137 -2.96 -5.40 -8.95
N VAL A 138 -2.36 -4.22 -8.82
CA VAL A 138 -3.01 -2.98 -9.23
C VAL A 138 -2.81 -2.74 -10.73
N ARG A 139 -1.77 -3.33 -11.28
CA ARG A 139 -1.47 -3.17 -12.71
C ARG A 139 -1.94 -4.38 -13.50
N LYS A 140 -2.54 -5.35 -12.79
CA LYS A 140 -3.04 -6.56 -13.44
C LYS A 140 -4.54 -6.70 -13.21
N THR A 141 -4.95 -6.68 -11.94
CA THR A 141 -6.36 -6.81 -11.59
C THR A 141 -7.06 -5.47 -11.61
N LEU A 142 -6.46 -4.47 -10.96
CA LEU A 142 -7.01 -3.13 -10.90
C LEU A 142 -6.58 -2.30 -12.10
N ALA A 143 -5.69 -2.86 -12.92
CA ALA A 143 -5.18 -2.19 -14.10
C ALA A 143 -6.34 -1.63 -14.94
N THR A 144 -7.30 -2.48 -15.26
CA THR A 144 -8.45 -2.06 -16.06
C THR A 144 -9.23 -0.97 -15.36
N TRP A 145 -9.51 -1.17 -14.07
CA TRP A 145 -10.26 -0.18 -13.30
C TRP A 145 -9.56 1.17 -13.31
N LEU A 146 -8.31 1.20 -12.86
CA LEU A 146 -7.54 2.44 -12.83
C LEU A 146 -7.40 3.02 -14.23
N ARG A 147 -7.44 2.16 -15.24
CA ARG A 147 -7.32 2.60 -16.63
C ARG A 147 -8.61 3.28 -17.08
N ARG A 148 -9.74 2.65 -16.81
CA ARG A 148 -11.04 3.19 -17.20
C ARG A 148 -11.31 4.51 -16.49
N ARG A 149 -10.77 4.65 -15.28
CA ARG A 149 -10.97 5.86 -14.49
C ARG A 149 -10.08 6.99 -15.02
N GLY A 150 -9.03 6.64 -15.75
CA GLY A 150 -8.14 7.64 -16.29
C GLY A 150 -6.97 7.93 -15.37
N GLY A 151 -7.22 7.88 -14.07
CA GLY A 151 -6.17 8.15 -13.09
C GLY A 151 -6.68 8.11 -11.67
N TRP A 152 -5.79 8.42 -10.72
CA TRP A 152 -6.15 8.41 -9.31
C TRP A 152 -6.85 9.72 -8.93
N THR A 153 -6.84 10.67 -9.84
CA THR A 153 -7.46 11.97 -9.59
C THR A 153 -8.89 11.81 -9.06
N ASP A 154 -9.55 10.74 -9.50
CA ASP A 154 -10.91 10.47 -9.07
C ASP A 154 -10.98 10.31 -7.55
N VAL A 155 -9.98 9.63 -6.98
CA VAL A 155 -9.93 9.41 -5.54
C VAL A 155 -9.83 10.73 -4.79
N LEU A 156 -9.47 11.79 -5.50
CA LEU A 156 -9.34 13.11 -4.90
C LEU A 156 -10.70 13.76 -4.69
N LYS A 157 -11.70 13.29 -5.46
CA LYS A 157 -13.05 13.82 -5.35
C LYS A 157 -13.79 13.22 -4.16
N CYS A 158 -13.38 12.01 -3.78
CA CYS A 158 -14.00 11.32 -2.64
C CYS A 158 -12.97 11.01 -1.57
N PRO A 3 3.54 3.75 -22.36
CA PRO A 3 2.98 5.02 -21.90
C PRO A 3 1.59 4.86 -21.29
N THR A 4 1.19 3.61 -21.10
CA THR A 4 -0.12 3.32 -20.53
C THR A 4 0.01 2.71 -19.14
N ASP A 5 0.53 1.49 -19.08
CA ASP A 5 0.72 0.79 -17.81
C ASP A 5 1.80 1.47 -16.98
N LYS A 6 2.83 1.98 -17.65
CA LYS A 6 3.93 2.65 -16.97
C LYS A 6 3.41 3.67 -15.97
N GLU A 7 2.38 4.42 -16.38
CA GLU A 7 1.79 5.43 -15.51
C GLU A 7 1.16 4.80 -14.27
N LEU A 8 0.37 3.76 -14.49
CA LEU A 8 -0.29 3.06 -13.40
C LEU A 8 0.72 2.45 -12.44
N VAL A 9 1.54 1.55 -12.95
CA VAL A 9 2.57 0.89 -12.14
C VAL A 9 3.40 1.91 -11.39
N ALA A 10 4.00 2.85 -12.11
CA ALA A 10 4.82 3.88 -11.50
C ALA A 10 4.08 4.56 -10.36
N GLN A 11 2.82 4.92 -10.60
CA GLN A 11 2.01 5.58 -9.59
C GLN A 11 1.79 4.68 -8.38
N ALA A 12 1.21 3.51 -8.63
CA ALA A 12 0.95 2.55 -7.56
C ALA A 12 2.21 2.31 -6.72
N LYS A 13 3.33 2.09 -7.40
CA LYS A 13 4.60 1.85 -6.73
C LYS A 13 4.97 3.01 -5.81
N ALA A 14 5.12 4.19 -6.39
CA ALA A 14 5.47 5.38 -5.62
C ALA A 14 4.49 5.60 -4.48
N LEU A 15 3.21 5.38 -4.75
CA LEU A 15 2.17 5.56 -3.74
C LEU A 15 2.42 4.64 -2.55
N GLY A 16 2.41 3.33 -2.80
CA GLY A 16 2.63 2.37 -1.73
C GLY A 16 3.99 2.54 -1.08
N ARG A 17 5.03 2.64 -1.90
CA ARG A 17 6.39 2.80 -1.39
C ARG A 17 6.45 3.91 -0.35
N GLU A 18 6.15 5.13 -0.76
CA GLU A 18 6.17 6.28 0.14
C GLU A 18 5.27 6.04 1.34
N TYR A 19 4.06 5.56 1.08
CA TYR A 19 3.09 5.28 2.14
C TYR A 19 3.72 4.42 3.24
N VAL A 20 4.06 3.19 2.88
CA VAL A 20 4.67 2.25 3.82
C VAL A 20 5.85 2.90 4.55
N HIS A 21 6.69 3.59 3.79
CA HIS A 21 7.86 4.25 4.36
C HIS A 21 7.44 5.25 5.44
N ALA A 22 6.40 6.03 5.16
CA ALA A 22 5.90 7.01 6.10
C ALA A 22 5.50 6.36 7.42
N ARG A 23 4.62 5.37 7.33
CA ARG A 23 4.15 4.66 8.52
C ARG A 23 5.30 3.93 9.21
N LEU A 24 6.18 3.33 8.41
CA LEU A 24 7.33 2.60 8.95
C LEU A 24 8.24 3.53 9.74
N LEU A 25 8.53 4.69 9.17
CA LEU A 25 9.40 5.67 9.82
C LEU A 25 8.69 6.31 11.01
N ARG A 26 7.46 6.74 10.79
CA ARG A 26 6.68 7.38 11.85
C ARG A 26 6.43 6.41 13.00
N ALA A 27 6.49 5.12 12.71
CA ALA A 27 6.28 4.09 13.72
C ALA A 27 7.57 3.81 14.49
N GLY A 28 8.67 4.42 14.04
CA GLY A 28 9.95 4.23 14.70
C GLY A 28 11.02 3.75 13.74
N LEU A 29 11.98 3.00 14.27
CA LEU A 29 13.08 2.48 13.45
C LEU A 29 13.92 3.62 12.89
N SER A 30 15.09 3.27 12.36
CA SER A 30 16.00 4.26 11.78
C SER A 30 16.12 4.07 10.28
N TRP A 31 15.02 3.64 9.65
CA TRP A 31 15.00 3.42 8.22
C TRP A 31 15.59 4.61 7.48
N SER A 32 16.41 4.33 6.47
CA SER A 32 17.05 5.38 5.68
C SER A 32 16.85 5.14 4.19
N ALA A 33 16.13 4.06 3.86
CA ALA A 33 15.86 3.72 2.47
C ALA A 33 17.15 3.39 1.73
N PRO A 34 17.03 2.64 0.63
CA PRO A 34 18.18 2.23 -0.19
C PRO A 34 18.79 3.41 -0.94
N GLU A 35 17.95 4.19 -1.61
CA GLU A 35 18.41 5.34 -2.37
C GLU A 35 17.84 6.64 -1.80
N ARG A 36 17.40 6.57 -0.54
CA ARG A 36 16.84 7.74 0.13
C ARG A 36 15.55 8.20 -0.56
N ALA A 37 15.08 9.38 -0.19
CA ALA A 37 13.86 9.93 -0.77
C ALA A 37 13.95 9.97 -2.30
N ALA A 38 12.87 10.39 -2.94
CA ALA A 38 12.83 10.47 -4.39
C ALA A 38 11.83 11.52 -4.86
N PRO A 39 11.97 11.96 -6.12
CA PRO A 39 11.09 12.98 -6.71
C PRO A 39 9.67 12.46 -6.93
N VAL A 40 8.79 13.35 -7.39
CA VAL A 40 7.41 12.98 -7.65
C VAL A 40 6.63 14.14 -8.27
N PRO A 41 5.88 13.84 -9.33
CA PRO A 41 5.07 14.84 -10.04
C PRO A 41 3.89 15.33 -9.21
N GLY A 42 2.99 16.07 -9.85
CA GLY A 42 1.83 16.60 -9.15
C GLY A 42 0.76 15.55 -8.94
N ARG A 43 0.42 14.83 -10.00
CA ARG A 43 -0.60 13.79 -9.94
C ARG A 43 -0.34 12.84 -8.77
N LEU A 44 0.86 12.27 -8.73
CA LEU A 44 1.24 11.35 -7.66
C LEU A 44 1.21 12.05 -6.30
N ALA A 45 1.76 13.26 -6.25
CA ALA A 45 1.80 14.03 -5.02
C ALA A 45 0.40 14.16 -4.41
N GLU A 46 -0.58 14.48 -5.25
CA GLU A 46 -1.96 14.63 -4.80
C GLU A 46 -2.51 13.31 -4.27
N VAL A 47 -2.43 12.27 -5.10
CA VAL A 47 -2.91 10.95 -4.71
C VAL A 47 -2.22 10.46 -3.44
N ALA A 48 -0.91 10.31 -3.51
CA ALA A 48 -0.13 9.85 -2.36
C ALA A 48 -0.51 10.62 -1.10
N ALA A 49 -0.53 11.95 -1.21
CA ALA A 49 -0.88 12.81 -0.07
C ALA A 49 -2.22 12.39 0.54
N VAL A 50 -3.23 12.27 -0.31
CA VAL A 50 -4.56 11.88 0.13
C VAL A 50 -4.51 10.62 0.98
N LEU A 51 -3.75 9.63 0.52
CA LEU A 51 -3.61 8.37 1.24
C LEU A 51 -2.86 8.57 2.56
N LEU A 52 -1.84 9.43 2.53
CA LEU A 52 -1.05 9.71 3.71
C LEU A 52 -1.91 10.33 4.81
N ARG A 53 -2.49 11.49 4.51
CA ARG A 53 -3.34 12.18 5.48
C ARG A 53 -4.48 11.28 5.95
N LEU A 54 -5.17 10.65 4.99
CA LEU A 54 -6.28 9.77 5.30
C LEU A 54 -5.88 8.74 6.36
N GLY A 55 -4.93 7.87 6.00
CA GLY A 55 -4.48 6.85 6.93
C GLY A 55 -4.05 7.43 8.26
N ASP A 56 -3.09 8.33 8.24
CA ASP A 56 -2.59 8.96 9.46
C ASP A 56 -3.75 9.39 10.36
N GLU A 57 -4.65 10.19 9.80
CA GLU A 57 -5.81 10.67 10.55
C GLU A 57 -6.51 9.52 11.27
N LEU A 58 -6.67 8.41 10.56
CA LEU A 58 -7.32 7.23 11.14
C LEU A 58 -6.55 6.70 12.33
N GLU A 59 -5.22 6.65 12.19
CA GLU A 59 -4.37 6.16 13.26
C GLU A 59 -4.48 7.04 14.50
N MET A 60 -4.77 8.32 14.29
CA MET A 60 -4.91 9.27 15.38
C MET A 60 -6.26 9.09 16.09
N ILE A 61 -7.30 8.84 15.30
CA ILE A 61 -8.63 8.65 15.85
C ILE A 61 -8.74 7.33 16.61
N ARG A 62 -8.66 6.22 15.89
CA ARG A 62 -8.75 4.91 16.50
C ARG A 62 -8.78 3.81 15.43
N PRO A 63 -7.59 3.42 14.95
CA PRO A 63 -7.46 2.37 13.93
C PRO A 63 -7.83 0.99 14.46
N SER A 64 -8.66 0.27 13.70
CA SER A 64 -9.08 -1.06 14.10
C SER A 64 -7.88 -1.93 14.49
N VAL A 65 -6.91 -2.02 13.58
CA VAL A 65 -5.71 -2.80 13.83
C VAL A 65 -4.51 -2.22 13.11
N TYR A 66 -4.67 -1.95 11.81
CA TYR A 66 -3.60 -1.38 11.01
C TYR A 66 -2.26 -2.03 11.34
N ARG A 67 -2.30 -3.33 11.64
CA ARG A 67 -1.08 -4.06 11.99
C ARG A 67 -1.43 -5.46 12.48
N ASN A 68 -2.28 -5.54 13.49
CA ASN A 68 -2.69 -6.82 14.06
C ASN A 68 -3.50 -7.63 13.05
N VAL A 69 -3.97 -6.96 12.01
CA VAL A 69 -4.76 -7.61 10.97
C VAL A 69 -4.09 -8.89 10.49
N ALA A 70 -2.77 -8.83 10.30
CA ALA A 70 -2.01 -9.97 9.85
C ALA A 70 -2.36 -11.23 10.65
N ARG A 71 -2.38 -11.09 11.98
CA ARG A 71 -2.70 -12.20 12.86
C ARG A 71 -4.11 -12.71 12.59
N GLN A 72 -5.02 -11.79 12.27
CA GLN A 72 -6.41 -12.15 12.00
C GLN A 72 -6.50 -13.13 10.83
N LEU A 73 -5.44 -13.18 10.04
CA LEU A 73 -5.39 -14.07 8.88
C LEU A 73 -4.18 -14.99 8.94
N HIS A 74 -3.44 -14.91 10.04
CA HIS A 74 -2.25 -15.74 10.23
C HIS A 74 -1.36 -15.71 8.99
N ILE A 75 -1.24 -14.52 8.39
CA ILE A 75 -0.42 -14.37 7.19
C ILE A 75 0.99 -14.88 7.42
N SER A 76 1.52 -14.64 8.61
CA SER A 76 2.87 -15.07 8.96
C SER A 76 3.90 -14.34 8.13
N LEU A 77 4.46 -13.27 8.69
CA LEU A 77 5.47 -12.48 7.99
C LEU A 77 6.86 -13.07 8.20
N GLN A 78 6.98 -14.38 7.99
CA GLN A 78 8.26 -15.07 8.15
C GLN A 78 8.74 -15.63 6.82
N SER A 79 7.83 -15.70 5.85
CA SER A 79 8.18 -16.23 4.53
C SER A 79 7.96 -15.16 3.46
N GLU A 80 8.03 -15.57 2.19
CA GLU A 80 7.84 -14.66 1.07
C GLU A 80 6.62 -15.04 0.26
N ARG A 81 6.58 -16.27 -0.22
CA ARG A 81 5.46 -16.75 -1.02
C ARG A 81 4.17 -16.71 -0.21
N VAL A 82 4.29 -16.86 1.11
CA VAL A 82 3.14 -16.83 1.99
C VAL A 82 2.57 -15.42 2.12
N VAL A 83 3.39 -14.51 2.64
CA VAL A 83 2.97 -13.13 2.82
C VAL A 83 2.42 -12.54 1.52
N THR A 84 3.07 -12.86 0.41
CA THR A 84 2.65 -12.37 -0.90
C THR A 84 1.33 -13.00 -1.32
N ASP A 85 1.28 -14.34 -1.29
CA ASP A 85 0.08 -15.06 -1.66
C ASP A 85 -1.12 -14.61 -0.82
N ALA A 86 -0.96 -14.67 0.50
CA ALA A 86 -2.02 -14.27 1.41
C ALA A 86 -2.50 -12.85 1.11
N PHE A 87 -1.57 -11.91 1.11
CA PHE A 87 -1.90 -10.51 0.83
C PHE A 87 -2.59 -10.38 -0.52
N LEU A 88 -2.00 -10.98 -1.55
CA LEU A 88 -2.56 -10.92 -2.90
C LEU A 88 -3.98 -11.47 -2.92
N ALA A 89 -4.18 -12.58 -2.21
CA ALA A 89 -5.50 -13.21 -2.15
C ALA A 89 -6.53 -12.29 -1.52
N VAL A 90 -6.30 -11.92 -0.27
CA VAL A 90 -7.21 -11.03 0.45
C VAL A 90 -7.45 -9.75 -0.34
N ALA A 91 -6.45 -9.32 -1.10
CA ALA A 91 -6.56 -8.11 -1.90
C ALA A 91 -7.58 -8.29 -3.03
N GLY A 92 -7.27 -9.19 -3.96
CA GLY A 92 -8.17 -9.44 -5.06
C GLY A 92 -9.55 -9.87 -4.61
N HIS A 93 -9.61 -10.53 -3.45
CA HIS A 93 -10.88 -11.01 -2.91
C HIS A 93 -11.74 -9.84 -2.46
N ILE A 94 -11.17 -8.97 -1.63
CA ILE A 94 -11.88 -7.80 -1.12
C ILE A 94 -12.13 -6.78 -2.23
N PHE A 95 -11.31 -6.82 -3.27
CA PHE A 95 -11.43 -5.91 -4.39
C PHE A 95 -12.39 -6.46 -5.44
N SER A 96 -12.56 -7.78 -5.44
CA SER A 96 -13.44 -8.44 -6.41
C SER A 96 -14.89 -8.01 -6.19
N ALA A 97 -15.19 -7.56 -4.97
CA ALA A 97 -16.54 -7.11 -4.65
C ALA A 97 -16.56 -5.63 -4.27
N GLY A 98 -15.51 -4.92 -4.66
CA GLY A 98 -15.41 -3.50 -4.35
C GLY A 98 -14.04 -2.93 -4.66
N ILE A 99 -13.91 -2.27 -5.79
CA ILE A 99 -12.64 -1.67 -6.20
C ILE A 99 -12.63 -0.17 -5.94
N THR A 100 -13.77 0.35 -5.48
CA THR A 100 -13.89 1.77 -5.20
C THR A 100 -12.67 2.30 -4.44
N TRP A 101 -12.44 3.60 -4.54
CA TRP A 101 -11.30 4.23 -3.87
C TRP A 101 -11.25 3.82 -2.40
N GLY A 102 -12.43 3.62 -1.81
CA GLY A 102 -12.49 3.22 -0.41
C GLY A 102 -11.62 2.03 -0.10
N LYS A 103 -11.79 0.96 -0.85
CA LYS A 103 -11.00 -0.26 -0.65
C LYS A 103 -9.51 0.03 -0.80
N VAL A 104 -9.17 0.96 -1.69
CA VAL A 104 -7.78 1.33 -1.92
C VAL A 104 -7.15 1.92 -0.67
N VAL A 105 -7.82 2.90 -0.09
CA VAL A 105 -7.33 3.55 1.12
C VAL A 105 -7.18 2.55 2.26
N SER A 106 -8.24 1.78 2.51
CA SER A 106 -8.23 0.79 3.58
C SER A 106 -7.13 -0.24 3.35
N LEU A 107 -7.15 -0.87 2.18
CA LEU A 107 -6.15 -1.88 1.84
C LEU A 107 -4.74 -1.34 2.05
N TYR A 108 -4.46 -0.17 1.48
CA TYR A 108 -3.14 0.44 1.61
C TYR A 108 -2.73 0.54 3.07
N ALA A 109 -3.60 1.12 3.90
CA ALA A 109 -3.32 1.27 5.32
C ALA A 109 -2.91 -0.06 5.94
N VAL A 110 -3.70 -1.10 5.68
CA VAL A 110 -3.40 -2.42 6.22
C VAL A 110 -1.99 -2.87 5.85
N ALA A 111 -1.70 -2.86 4.56
CA ALA A 111 -0.38 -3.26 4.07
C ALA A 111 0.73 -2.55 4.84
N ALA A 112 0.60 -1.23 4.97
CA ALA A 112 1.59 -0.43 5.68
C ALA A 112 1.81 -0.96 7.10
N GLY A 113 0.72 -1.32 7.76
CA GLY A 113 0.81 -1.83 9.11
C GLY A 113 1.65 -3.09 9.20
N LEU A 114 1.37 -4.05 8.33
CA LEU A 114 2.10 -5.30 8.31
C LEU A 114 3.59 -5.06 8.09
N ALA A 115 3.91 -4.21 7.13
CA ALA A 115 5.31 -3.89 6.83
C ALA A 115 6.01 -3.31 8.05
N VAL A 116 5.33 -2.40 8.74
CA VAL A 116 5.90 -1.77 9.94
C VAL A 116 6.25 -2.81 10.99
N ASP A 117 5.25 -3.61 11.39
CA ASP A 117 5.45 -4.64 12.39
C ASP A 117 6.59 -5.57 11.98
N ALA A 118 6.71 -5.83 10.70
CA ALA A 118 7.76 -6.71 10.18
C ALA A 118 9.14 -6.10 10.42
N VAL A 119 9.37 -4.93 9.82
CA VAL A 119 10.66 -4.25 9.97
C VAL A 119 11.01 -4.05 11.44
N ARG A 120 9.98 -3.95 12.28
CA ARG A 120 10.19 -3.76 13.71
C ARG A 120 10.55 -5.08 14.39
N GLN A 121 10.02 -6.17 13.85
CA GLN A 121 10.28 -7.50 14.41
C GLN A 121 11.45 -8.18 13.70
N ALA A 122 12.31 -7.36 13.09
CA ALA A 122 13.46 -7.88 12.37
C ALA A 122 13.04 -8.64 11.12
N GLN A 123 12.40 -7.93 10.19
CA GLN A 123 11.94 -8.54 8.94
C GLN A 123 11.35 -7.49 8.01
N PRO A 124 12.19 -6.53 7.59
CA PRO A 124 11.77 -5.45 6.69
C PRO A 124 11.49 -5.95 5.28
N ALA A 125 11.81 -7.22 5.04
CA ALA A 125 11.58 -7.81 3.72
C ALA A 125 10.11 -7.75 3.33
N MET A 126 9.25 -7.64 4.34
CA MET A 126 7.81 -7.57 4.09
C MET A 126 7.45 -6.33 3.30
N VAL A 127 8.22 -5.26 3.50
CA VAL A 127 7.99 -4.01 2.79
C VAL A 127 8.16 -4.18 1.28
N HIS A 128 9.24 -4.83 0.90
CA HIS A 128 9.53 -5.07 -0.52
C HIS A 128 8.56 -6.08 -1.11
N ALA A 129 8.30 -7.16 -0.37
CA ALA A 129 7.37 -8.19 -0.83
C ALA A 129 5.96 -7.64 -0.95
N LEU A 130 5.51 -6.91 0.05
CA LEU A 130 4.18 -6.33 0.05
C LEU A 130 4.02 -5.34 -1.10
N VAL A 131 4.89 -4.34 -1.15
CA VAL A 131 4.85 -3.34 -2.20
C VAL A 131 4.85 -3.98 -3.58
N ASP A 132 5.69 -4.99 -3.75
CA ASP A 132 5.79 -5.70 -5.03
C ASP A 132 4.45 -6.35 -5.39
N ALA A 133 3.87 -7.05 -4.43
CA ALA A 133 2.59 -7.73 -4.64
C ALA A 133 1.48 -6.72 -4.92
N LEU A 134 1.41 -5.69 -4.09
CA LEU A 134 0.39 -4.65 -4.24
C LEU A 134 0.43 -4.06 -5.65
N GLY A 135 1.56 -3.44 -6.00
CA GLY A 135 1.70 -2.85 -7.31
C GLY A 135 1.43 -3.83 -8.43
N GLU A 136 2.01 -5.02 -8.31
CA GLU A 136 1.82 -6.05 -9.33
C GLU A 136 0.35 -6.46 -9.43
N PHE A 137 -0.37 -6.33 -8.33
CA PHE A 137 -1.79 -6.69 -8.29
C PHE A 137 -2.65 -5.50 -8.72
N VAL A 138 -2.09 -4.30 -8.63
CA VAL A 138 -2.81 -3.09 -9.00
C VAL A 138 -2.76 -2.86 -10.50
N ARG A 139 -1.57 -3.06 -11.09
CA ARG A 139 -1.39 -2.87 -12.52
C ARG A 139 -1.91 -4.07 -13.30
N LYS A 140 -2.38 -5.08 -12.58
CA LYS A 140 -2.91 -6.29 -13.19
C LYS A 140 -4.42 -6.39 -13.00
N THR A 141 -4.85 -6.55 -11.75
CA THR A 141 -6.26 -6.65 -11.42
C THR A 141 -6.94 -5.29 -11.52
N LEU A 142 -6.40 -4.30 -10.80
CA LEU A 142 -6.96 -2.96 -10.80
C LEU A 142 -6.59 -2.21 -12.09
N ALA A 143 -5.78 -2.86 -12.92
CA ALA A 143 -5.35 -2.26 -14.18
C ALA A 143 -6.55 -1.75 -14.97
N THR A 144 -7.57 -2.59 -15.11
CA THR A 144 -8.78 -2.22 -15.85
C THR A 144 -9.52 -1.08 -15.15
N TRP A 145 -9.73 -1.23 -13.84
CA TRP A 145 -10.44 -0.22 -13.06
C TRP A 145 -9.85 1.17 -13.33
N LEU A 146 -8.58 1.33 -13.02
CA LEU A 146 -7.91 2.62 -13.22
C LEU A 146 -7.90 2.99 -14.70
N ARG A 147 -7.59 2.03 -15.55
CA ARG A 147 -7.55 2.26 -16.99
C ARG A 147 -8.86 2.87 -17.48
N ARG A 148 -9.96 2.53 -16.79
CA ARG A 148 -11.28 3.04 -17.16
C ARG A 148 -11.54 4.39 -16.50
N ARG A 149 -10.98 4.57 -15.31
CA ARG A 149 -11.16 5.82 -14.56
C ARG A 149 -10.29 6.92 -15.15
N GLY A 150 -9.25 6.53 -15.87
CA GLY A 150 -8.35 7.51 -16.48
C GLY A 150 -7.12 7.76 -15.63
N GLY A 151 -7.29 7.74 -14.31
CA GLY A 151 -6.18 7.97 -13.41
C GLY A 151 -6.59 8.00 -11.96
N TRP A 152 -5.64 8.27 -11.08
CA TRP A 152 -5.92 8.33 -9.64
C TRP A 152 -6.50 9.68 -9.25
N THR A 153 -6.44 10.63 -10.17
CA THR A 153 -6.96 11.98 -9.92
C THR A 153 -8.37 11.92 -9.35
N ASP A 154 -9.14 10.91 -9.76
CA ASP A 154 -10.50 10.74 -9.27
C ASP A 154 -10.53 10.60 -7.76
N VAL A 155 -9.58 9.84 -7.22
CA VAL A 155 -9.49 9.63 -5.79
C VAL A 155 -9.26 10.93 -5.04
N LEU A 156 -8.85 11.96 -5.78
CA LEU A 156 -8.59 13.27 -5.19
C LEU A 156 -9.90 14.02 -4.96
N LYS A 157 -10.93 13.65 -5.69
CA LYS A 157 -12.24 14.29 -5.57
C LYS A 157 -12.85 14.01 -4.20
N CYS A 158 -12.47 12.89 -3.60
CA CYS A 158 -12.98 12.51 -2.29
C CYS A 158 -12.01 12.94 -1.18
N PRO A 3 2.07 5.38 -22.77
CA PRO A 3 2.35 5.26 -21.33
C PRO A 3 2.22 3.82 -20.83
N THR A 4 1.12 3.17 -21.19
CA THR A 4 0.88 1.80 -20.79
C THR A 4 0.71 1.69 -19.27
N ASP A 5 0.81 0.46 -18.76
CA ASP A 5 0.66 0.23 -17.32
C ASP A 5 1.70 1.03 -16.54
N LYS A 6 2.74 1.48 -17.23
CA LYS A 6 3.81 2.25 -16.60
C LYS A 6 3.23 3.30 -15.66
N GLU A 7 2.27 4.07 -16.17
CA GLU A 7 1.64 5.12 -15.38
C GLU A 7 1.08 4.55 -14.07
N LEU A 8 0.40 3.42 -14.18
CA LEU A 8 -0.19 2.76 -13.01
C LEU A 8 0.89 2.23 -12.09
N VAL A 9 1.73 1.34 -12.62
CA VAL A 9 2.81 0.75 -11.84
C VAL A 9 3.62 1.82 -11.11
N ALA A 10 4.01 2.86 -11.85
CA ALA A 10 4.78 3.95 -11.27
C ALA A 10 4.01 4.63 -10.15
N GLN A 11 2.74 4.91 -10.40
CA GLN A 11 1.89 5.57 -9.41
C GLN A 11 1.70 4.70 -8.19
N ALA A 12 1.10 3.53 -8.38
CA ALA A 12 0.86 2.60 -7.29
C ALA A 12 2.14 2.36 -6.48
N LYS A 13 3.26 2.22 -7.18
CA LYS A 13 4.55 1.98 -6.55
C LYS A 13 4.92 3.16 -5.63
N ALA A 14 5.08 4.33 -6.22
CA ALA A 14 5.43 5.53 -5.46
C ALA A 14 4.50 5.71 -4.26
N LEU A 15 3.23 5.38 -4.46
CA LEU A 15 2.24 5.52 -3.40
C LEU A 15 2.46 4.46 -2.32
N GLY A 16 2.66 3.21 -2.74
CA GLY A 16 2.88 2.13 -1.80
C GLY A 16 4.18 2.30 -1.02
N ARG A 17 5.25 2.64 -1.73
CA ARG A 17 6.56 2.82 -1.09
C ARG A 17 6.53 4.01 -0.14
N GLU A 18 6.18 5.17 -0.66
CA GLU A 18 6.12 6.39 0.15
C GLU A 18 5.28 6.16 1.41
N TYR A 19 4.20 5.39 1.26
CA TYR A 19 3.32 5.09 2.39
C TYR A 19 4.03 4.24 3.43
N VAL A 20 4.41 3.03 3.05
CA VAL A 20 5.11 2.12 3.95
C VAL A 20 6.23 2.83 4.70
N HIS A 21 7.06 3.55 3.95
CA HIS A 21 8.18 4.28 4.55
C HIS A 21 7.68 5.29 5.58
N ALA A 22 6.65 6.04 5.22
CA ALA A 22 6.08 7.04 6.12
C ALA A 22 5.76 6.43 7.47
N ARG A 23 4.88 5.43 7.48
CA ARG A 23 4.48 4.76 8.71
C ARG A 23 5.68 4.10 9.38
N LEU A 24 6.48 3.41 8.58
CA LEU A 24 7.67 2.72 9.09
C LEU A 24 8.56 3.69 9.88
N LEU A 25 8.78 4.87 9.31
CA LEU A 25 9.61 5.88 9.95
C LEU A 25 8.85 6.60 11.06
N ARG A 26 7.52 6.55 10.98
CA ARG A 26 6.67 7.19 11.97
C ARG A 26 6.82 6.51 13.33
N ALA A 27 6.74 5.18 13.34
CA ALA A 27 6.87 4.41 14.58
C ALA A 27 8.13 4.82 15.33
N GLY A 28 9.27 4.35 14.86
CA GLY A 28 10.54 4.67 15.52
C GLY A 28 11.55 3.57 15.37
N LEU A 29 12.39 3.67 14.33
CA LEU A 29 13.43 2.67 14.08
C LEU A 29 14.39 3.15 13.01
N SER A 30 15.52 2.46 12.88
CA SER A 30 16.52 2.81 11.89
C SER A 30 16.08 2.41 10.48
N TRP A 31 16.25 3.32 9.53
CA TRP A 31 15.85 3.07 8.15
C TRP A 31 16.32 4.18 7.24
N SER A 32 16.65 3.84 5.99
CA SER A 32 17.12 4.80 5.01
C SER A 32 16.32 4.70 3.72
N ALA A 33 16.35 3.53 3.11
CA ALA A 33 15.64 3.29 1.86
C ALA A 33 15.87 1.88 1.34
N PRO A 34 15.00 1.42 0.43
CA PRO A 34 15.08 0.08 -0.15
C PRO A 34 16.27 -0.05 -1.09
N GLU A 35 16.42 0.91 -2.00
CA GLU A 35 17.53 0.88 -2.95
C GLU A 35 17.95 2.31 -3.33
N ARG A 36 17.08 2.99 -4.06
CA ARG A 36 17.37 4.37 -4.48
C ARG A 36 16.11 5.23 -4.40
N ALA A 37 16.19 6.43 -4.96
CA ALA A 37 15.06 7.36 -4.95
C ALA A 37 14.63 7.71 -6.36
N ALA A 38 13.74 8.69 -6.49
CA ALA A 38 13.25 9.11 -7.79
C ALA A 38 12.27 10.28 -7.65
N PRO A 39 12.05 11.00 -8.75
CA PRO A 39 11.14 12.15 -8.78
C PRO A 39 9.68 11.73 -8.65
N VAL A 40 8.77 12.68 -8.85
CA VAL A 40 7.34 12.41 -8.78
C VAL A 40 6.53 13.59 -9.29
N PRO A 41 5.54 13.30 -10.15
CA PRO A 41 4.67 14.32 -10.74
C PRO A 41 3.72 14.93 -9.72
N GLY A 42 2.78 15.73 -10.19
CA GLY A 42 1.83 16.37 -9.30
C GLY A 42 0.69 15.44 -8.92
N ARG A 43 0.12 14.76 -9.90
CA ARG A 43 -0.98 13.83 -9.65
C ARG A 43 -0.64 12.86 -8.54
N LEU A 44 0.55 12.27 -8.61
CA LEU A 44 1.00 11.33 -7.60
C LEU A 44 1.03 11.97 -6.22
N ALA A 45 1.68 13.14 -6.13
CA ALA A 45 1.77 13.85 -4.87
C ALA A 45 0.41 14.01 -4.22
N GLU A 46 -0.58 14.43 -5.01
CA GLU A 46 -1.93 14.62 -4.51
C GLU A 46 -2.51 13.32 -3.97
N VAL A 47 -2.47 12.28 -4.80
CA VAL A 47 -2.98 10.97 -4.40
C VAL A 47 -2.30 10.47 -3.13
N ALA A 48 -0.98 10.41 -3.17
CA ALA A 48 -0.20 9.94 -2.03
C ALA A 48 -0.60 10.68 -0.76
N ALA A 49 -0.73 12.01 -0.87
CA ALA A 49 -1.11 12.83 0.27
C ALA A 49 -2.45 12.39 0.84
N VAL A 50 -3.45 12.26 -0.03
CA VAL A 50 -4.78 11.85 0.40
C VAL A 50 -4.73 10.54 1.19
N LEU A 51 -4.09 9.53 0.61
CA LEU A 51 -3.97 8.23 1.26
C LEU A 51 -3.35 8.37 2.65
N LEU A 52 -2.16 8.96 2.70
CA LEU A 52 -1.45 9.15 3.96
C LEU A 52 -2.32 9.95 4.94
N ARG A 53 -3.18 10.80 4.40
CA ARG A 53 -4.07 11.63 5.22
C ARG A 53 -5.10 10.75 5.95
N LEU A 54 -6.06 10.24 5.19
CA LEU A 54 -7.10 9.40 5.75
C LEU A 54 -6.51 8.28 6.59
N GLY A 55 -5.32 7.83 6.23
CA GLY A 55 -4.66 6.77 6.96
C GLY A 55 -4.04 7.26 8.26
N ASP A 56 -3.41 8.44 8.20
CA ASP A 56 -2.77 9.02 9.39
C ASP A 56 -3.81 9.34 10.46
N GLU A 57 -4.88 10.01 10.05
CA GLU A 57 -5.94 10.39 10.98
C GLU A 57 -6.61 9.15 11.57
N LEU A 58 -6.90 8.17 10.71
CA LEU A 58 -7.54 6.94 11.13
C LEU A 58 -6.62 6.15 12.05
N GLU A 59 -5.37 5.96 11.62
CA GLU A 59 -4.40 5.21 12.42
C GLU A 59 -4.07 5.96 13.71
N MET A 60 -4.34 7.26 13.73
CA MET A 60 -4.07 8.08 14.89
C MET A 60 -5.25 8.07 15.85
N ILE A 61 -6.46 8.17 15.31
CA ILE A 61 -7.67 8.16 16.12
C ILE A 61 -7.88 6.80 16.79
N ARG A 62 -8.10 5.78 15.98
CA ARG A 62 -8.32 4.43 16.49
C ARG A 62 -8.63 3.47 15.35
N PRO A 63 -7.57 2.96 14.70
CA PRO A 63 -7.70 2.01 13.59
C PRO A 63 -8.20 0.65 14.04
N SER A 64 -9.09 0.05 13.26
CA SER A 64 -9.65 -1.26 13.59
C SER A 64 -8.54 -2.29 13.78
N VAL A 65 -7.68 -2.41 12.77
CA VAL A 65 -6.57 -3.37 12.83
C VAL A 65 -5.44 -2.94 11.89
N TYR A 66 -4.92 -1.74 12.11
CA TYR A 66 -3.84 -1.21 11.28
C TYR A 66 -2.50 -1.80 11.71
N ARG A 67 -2.53 -2.63 12.75
CA ARG A 67 -1.32 -3.25 13.27
C ARG A 67 -1.65 -4.49 14.10
N ASN A 68 -2.29 -5.46 13.46
CA ASN A 68 -2.67 -6.69 14.14
C ASN A 68 -3.45 -7.61 13.21
N VAL A 69 -4.13 -7.01 12.23
CA VAL A 69 -4.91 -7.77 11.27
C VAL A 69 -4.15 -9.00 10.78
N ALA A 70 -2.88 -8.82 10.46
CA ALA A 70 -2.04 -9.91 9.99
C ALA A 70 -2.18 -11.14 10.90
N ARG A 71 -2.10 -10.91 12.21
CA ARG A 71 -2.22 -11.99 13.18
C ARG A 71 -3.57 -12.70 13.05
N GLN A 72 -4.61 -11.93 12.73
CA GLN A 72 -5.94 -12.48 12.59
C GLN A 72 -5.97 -13.59 11.55
N LEU A 73 -5.00 -13.55 10.63
CA LEU A 73 -4.91 -14.55 9.57
C LEU A 73 -3.54 -15.21 9.58
N HIS A 74 -2.75 -14.93 10.61
CA HIS A 74 -1.42 -15.51 10.73
C HIS A 74 -0.66 -15.42 9.41
N ILE A 75 -0.60 -14.21 8.86
CA ILE A 75 0.10 -13.99 7.60
C ILE A 75 1.50 -14.57 7.63
N SER A 76 2.13 -14.55 8.81
CA SER A 76 3.47 -15.08 8.98
C SER A 76 4.47 -14.28 8.15
N LEU A 77 4.75 -13.06 8.58
CA LEU A 77 5.69 -12.19 7.89
C LEU A 77 7.05 -12.85 7.76
N GLN A 78 7.31 -13.82 8.63
CA GLN A 78 8.58 -14.54 8.62
C GLN A 78 8.90 -15.06 7.23
N SER A 79 7.86 -15.37 6.46
CA SER A 79 8.03 -15.88 5.10
C SER A 79 7.65 -14.82 4.06
N GLU A 80 7.73 -15.18 2.80
CA GLU A 80 7.41 -14.27 1.71
C GLU A 80 6.24 -14.80 0.88
N ARG A 81 6.27 -16.10 0.60
CA ARG A 81 5.20 -16.73 -0.18
C ARG A 81 3.86 -16.63 0.54
N VAL A 82 3.81 -17.14 1.77
CA VAL A 82 2.59 -17.11 2.55
C VAL A 82 2.02 -15.69 2.63
N VAL A 83 2.91 -14.71 2.79
CA VAL A 83 2.49 -13.32 2.88
C VAL A 83 2.00 -12.81 1.53
N THR A 84 2.88 -12.83 0.52
CA THR A 84 2.52 -12.37 -0.81
C THR A 84 1.22 -13.01 -1.28
N ASP A 85 1.13 -14.33 -1.14
CA ASP A 85 -0.06 -15.06 -1.55
C ASP A 85 -1.28 -14.61 -0.75
N ALA A 86 -1.20 -14.74 0.57
CA ALA A 86 -2.29 -14.34 1.44
C ALA A 86 -2.77 -12.94 1.12
N PHE A 87 -1.86 -11.97 1.18
CA PHE A 87 -2.20 -10.58 0.89
C PHE A 87 -2.85 -10.45 -0.48
N LEU A 88 -2.20 -11.00 -1.50
CA LEU A 88 -2.73 -10.95 -2.85
C LEU A 88 -4.16 -11.47 -2.92
N ALA A 89 -4.39 -12.60 -2.27
CA ALA A 89 -5.71 -13.21 -2.25
C ALA A 89 -6.74 -12.25 -1.65
N VAL A 90 -6.41 -11.69 -0.49
CA VAL A 90 -7.30 -10.76 0.20
C VAL A 90 -7.54 -9.52 -0.65
N ALA A 91 -6.49 -9.03 -1.29
CA ALA A 91 -6.58 -7.85 -2.14
C ALA A 91 -7.61 -8.04 -3.24
N GLY A 92 -7.43 -9.08 -4.05
CA GLY A 92 -8.35 -9.36 -5.13
C GLY A 92 -9.73 -9.72 -4.63
N HIS A 93 -9.80 -10.40 -3.50
CA HIS A 93 -11.06 -10.81 -2.91
C HIS A 93 -11.89 -9.60 -2.48
N ILE A 94 -11.20 -8.59 -1.96
CA ILE A 94 -11.86 -7.36 -1.51
C ILE A 94 -12.32 -6.52 -2.70
N PHE A 95 -11.40 -6.27 -3.62
CA PHE A 95 -11.70 -5.47 -4.80
C PHE A 95 -12.63 -6.23 -5.75
N SER A 96 -12.71 -7.55 -5.56
CA SER A 96 -13.54 -8.39 -6.41
C SER A 96 -14.98 -7.89 -6.40
N ALA A 97 -15.42 -7.37 -5.26
CA ALA A 97 -16.77 -6.85 -5.12
C ALA A 97 -16.85 -5.37 -5.45
N GLY A 98 -15.84 -4.88 -6.18
CA GLY A 98 -15.81 -3.49 -6.57
C GLY A 98 -14.55 -2.79 -6.09
N ILE A 99 -13.75 -2.29 -7.03
CA ILE A 99 -12.51 -1.60 -6.70
C ILE A 99 -12.78 -0.42 -5.77
N THR A 100 -13.42 0.61 -6.30
CA THR A 100 -13.73 1.81 -5.52
C THR A 100 -12.47 2.46 -4.97
N TRP A 101 -12.58 3.71 -4.56
CA TRP A 101 -11.44 4.44 -4.03
C TRP A 101 -11.26 4.14 -2.54
N GLY A 102 -12.36 4.11 -1.80
CA GLY A 102 -12.31 3.84 -0.38
C GLY A 102 -11.51 2.58 -0.06
N LYS A 103 -11.90 1.48 -0.69
CA LYS A 103 -11.22 0.20 -0.47
C LYS A 103 -9.71 0.35 -0.69
N VAL A 104 -9.34 1.19 -1.64
CA VAL A 104 -7.93 1.43 -1.95
C VAL A 104 -7.21 2.06 -0.76
N VAL A 105 -7.74 3.17 -0.26
CA VAL A 105 -7.15 3.86 0.87
C VAL A 105 -6.96 2.92 2.05
N SER A 106 -8.01 2.17 2.39
CA SER A 106 -7.95 1.23 3.50
C SER A 106 -6.87 0.18 3.28
N LEU A 107 -6.92 -0.48 2.12
CA LEU A 107 -5.95 -1.51 1.79
C LEU A 107 -4.52 -0.97 1.93
N TYR A 108 -4.29 0.22 1.40
CA TYR A 108 -2.98 0.84 1.48
C TYR A 108 -2.51 0.97 2.92
N ALA A 109 -3.34 1.62 3.74
CA ALA A 109 -3.01 1.81 5.15
C ALA A 109 -2.61 0.50 5.81
N VAL A 110 -3.41 -0.54 5.58
CA VAL A 110 -3.14 -1.86 6.14
C VAL A 110 -1.74 -2.35 5.75
N ALA A 111 -1.47 -2.36 4.45
CA ALA A 111 -0.19 -2.80 3.94
C ALA A 111 0.96 -2.13 4.68
N ALA A 112 0.87 -0.81 4.83
CA ALA A 112 1.90 -0.05 5.52
C ALA A 112 2.10 -0.56 6.94
N GLY A 113 1.01 -0.84 7.64
CA GLY A 113 1.10 -1.33 9.00
C GLY A 113 1.84 -2.65 9.09
N LEU A 114 1.40 -3.62 8.30
CA LEU A 114 2.03 -4.94 8.29
C LEU A 114 3.53 -4.82 8.03
N ALA A 115 3.89 -3.99 7.05
CA ALA A 115 5.28 -3.79 6.71
C ALA A 115 6.07 -3.25 7.89
N VAL A 116 5.51 -2.25 8.56
CA VAL A 116 6.17 -1.65 9.71
C VAL A 116 6.47 -2.69 10.79
N ASP A 117 5.48 -3.53 11.08
CA ASP A 117 5.63 -4.57 12.09
C ASP A 117 6.71 -5.56 11.68
N ALA A 118 6.76 -5.88 10.39
CA ALA A 118 7.75 -6.82 9.87
C ALA A 118 9.17 -6.31 10.09
N VAL A 119 9.45 -5.12 9.56
CA VAL A 119 10.77 -4.51 9.71
C VAL A 119 11.15 -4.36 11.18
N ARG A 120 10.16 -4.01 12.00
CA ARG A 120 10.39 -3.83 13.43
C ARG A 120 10.70 -5.16 14.11
N GLN A 121 10.15 -6.24 13.56
CA GLN A 121 10.36 -7.57 14.12
C GLN A 121 11.49 -8.29 13.39
N ALA A 122 12.37 -7.52 12.76
CA ALA A 122 13.50 -8.07 12.03
C ALA A 122 13.03 -8.82 10.79
N GLN A 123 12.41 -8.09 9.86
CA GLN A 123 11.92 -8.68 8.63
C GLN A 123 11.34 -7.61 7.71
N PRO A 124 12.19 -6.68 7.27
CA PRO A 124 11.78 -5.58 6.38
C PRO A 124 11.46 -6.07 4.98
N ALA A 125 11.74 -7.34 4.72
CA ALA A 125 11.48 -7.94 3.41
C ALA A 125 10.01 -7.81 3.04
N MET A 126 9.15 -7.71 4.05
CA MET A 126 7.72 -7.58 3.83
C MET A 126 7.39 -6.28 3.09
N VAL A 127 8.24 -5.27 3.28
CA VAL A 127 8.05 -3.98 2.63
C VAL A 127 8.12 -4.11 1.12
N HIS A 128 9.22 -4.68 0.63
CA HIS A 128 9.41 -4.86 -0.81
C HIS A 128 8.43 -5.90 -1.36
N ALA A 129 8.19 -6.94 -0.58
CA ALA A 129 7.27 -8.01 -0.99
C ALA A 129 5.84 -7.48 -1.13
N LEU A 130 5.38 -6.78 -0.09
CA LEU A 130 4.03 -6.22 -0.10
C LEU A 130 3.87 -5.20 -1.22
N VAL A 131 4.74 -4.19 -1.21
CA VAL A 131 4.70 -3.15 -2.23
C VAL A 131 4.68 -3.74 -3.63
N ASP A 132 5.55 -4.71 -3.86
CA ASP A 132 5.64 -5.37 -5.16
C ASP A 132 4.30 -6.01 -5.54
N ALA A 133 3.76 -6.82 -4.62
CA ALA A 133 2.49 -7.49 -4.85
C ALA A 133 1.38 -6.49 -5.15
N LEU A 134 1.25 -5.49 -4.28
CA LEU A 134 0.23 -4.46 -4.45
C LEU A 134 0.31 -3.83 -5.83
N GLY A 135 1.45 -3.23 -6.14
CA GLY A 135 1.64 -2.59 -7.43
C GLY A 135 1.26 -3.50 -8.58
N GLU A 136 1.92 -4.66 -8.66
CA GLU A 136 1.65 -5.62 -9.73
C GLU A 136 0.16 -5.96 -9.78
N PHE A 137 -0.37 -6.44 -8.68
CA PHE A 137 -1.78 -6.82 -8.60
C PHE A 137 -2.68 -5.64 -9.01
N VAL A 138 -2.18 -4.42 -8.79
CA VAL A 138 -2.93 -3.22 -9.15
C VAL A 138 -2.75 -2.89 -10.63
N ARG A 139 -1.64 -3.31 -11.20
CA ARG A 139 -1.35 -3.06 -12.61
C ARG A 139 -1.96 -4.14 -13.49
N LYS A 140 -2.66 -5.08 -12.87
CA LYS A 140 -3.29 -6.18 -13.60
C LYS A 140 -4.77 -6.29 -13.23
N THR A 141 -5.04 -6.61 -11.97
CA THR A 141 -6.41 -6.75 -11.50
C THR A 141 -7.12 -5.40 -11.47
N LEU A 142 -6.49 -4.42 -10.84
CA LEU A 142 -7.06 -3.08 -10.74
C LEU A 142 -6.67 -2.23 -11.95
N ALA A 143 -5.82 -2.79 -12.80
CA ALA A 143 -5.36 -2.07 -14.00
C ALA A 143 -6.55 -1.60 -14.83
N THR A 144 -7.47 -2.51 -15.12
CA THR A 144 -8.64 -2.18 -15.91
C THR A 144 -9.42 -1.02 -15.30
N TRP A 145 -9.80 -1.17 -14.04
CA TRP A 145 -10.54 -0.14 -13.33
C TRP A 145 -9.80 1.18 -13.37
N LEU A 146 -8.59 1.19 -12.83
CA LEU A 146 -7.77 2.40 -12.81
C LEU A 146 -7.57 2.96 -14.21
N ARG A 147 -7.69 2.09 -15.21
CA ARG A 147 -7.52 2.48 -16.60
C ARG A 147 -8.79 3.15 -17.13
N ARG A 148 -9.94 2.62 -16.74
CA ARG A 148 -11.22 3.16 -17.17
C ARG A 148 -11.50 4.50 -16.49
N ARG A 149 -10.90 4.70 -15.33
CA ARG A 149 -11.08 5.94 -14.57
C ARG A 149 -10.20 7.05 -15.13
N GLY A 150 -9.15 6.67 -15.85
CA GLY A 150 -8.25 7.64 -16.43
C GLY A 150 -7.01 7.86 -15.58
N GLY A 151 -7.18 7.80 -14.26
CA GLY A 151 -6.05 8.00 -13.36
C GLY A 151 -6.48 8.02 -11.91
N TRP A 152 -5.52 8.27 -11.03
CA TRP A 152 -5.80 8.32 -9.59
C TRP A 152 -6.37 9.67 -9.19
N THR A 153 -6.24 10.65 -10.07
CA THR A 153 -6.74 12.00 -9.81
C THR A 153 -8.18 11.95 -9.33
N ASP A 154 -8.94 10.97 -9.80
CA ASP A 154 -10.33 10.82 -9.42
C ASP A 154 -10.46 10.67 -7.91
N VAL A 155 -9.55 9.91 -7.30
CA VAL A 155 -9.56 9.68 -5.86
C VAL A 155 -9.38 10.99 -5.10
N LEU A 156 -8.90 12.01 -5.80
CA LEU A 156 -8.69 13.32 -5.19
C LEU A 156 -10.00 14.08 -5.06
N LYS A 157 -10.98 13.73 -5.89
CA LYS A 157 -12.28 14.37 -5.86
C LYS A 157 -13.21 13.69 -4.87
N CYS A 158 -12.98 12.40 -4.64
CA CYS A 158 -13.79 11.63 -3.71
C CYS A 158 -15.27 11.78 -4.04
N PRO A 3 4.01 3.94 -21.21
CA PRO A 3 3.03 5.02 -21.29
C PRO A 3 1.61 4.54 -20.98
N THR A 4 1.42 3.23 -21.03
CA THR A 4 0.11 2.64 -20.75
C THR A 4 0.07 2.02 -19.37
N ASP A 5 0.73 0.89 -19.20
CA ASP A 5 0.77 0.19 -17.92
C ASP A 5 1.75 0.89 -16.96
N LYS A 6 2.85 1.38 -17.50
CA LYS A 6 3.85 2.07 -16.70
C LYS A 6 3.20 3.11 -15.78
N GLU A 7 2.18 3.78 -16.30
CA GLU A 7 1.47 4.80 -15.54
C GLU A 7 0.91 4.22 -14.24
N LEU A 8 0.09 3.17 -14.37
CA LEU A 8 -0.51 2.53 -13.21
C LEU A 8 0.55 1.85 -12.35
N VAL A 9 1.46 1.13 -13.00
CA VAL A 9 2.53 0.44 -12.28
C VAL A 9 3.33 1.41 -11.41
N ALA A 10 3.92 2.41 -12.05
CA ALA A 10 4.71 3.41 -11.33
C ALA A 10 3.89 4.08 -10.24
N GLN A 11 2.70 4.55 -10.60
CA GLN A 11 1.82 5.21 -9.65
C GLN A 11 1.56 4.33 -8.44
N ALA A 12 0.97 3.16 -8.68
CA ALA A 12 0.67 2.21 -7.61
C ALA A 12 1.87 2.02 -6.70
N LYS A 13 3.03 1.80 -7.30
CA LYS A 13 4.26 1.59 -6.55
C LYS A 13 4.50 2.75 -5.58
N ALA A 14 4.41 3.97 -6.09
CA ALA A 14 4.62 5.16 -5.28
C ALA A 14 3.68 5.17 -4.08
N LEU A 15 2.41 4.90 -4.32
CA LEU A 15 1.41 4.89 -3.26
C LEU A 15 1.81 3.91 -2.16
N GLY A 16 2.22 2.70 -2.56
CA GLY A 16 2.63 1.70 -1.60
C GLY A 16 3.92 2.07 -0.88
N ARG A 17 4.99 2.20 -1.65
CA ARG A 17 6.29 2.54 -1.09
C ARG A 17 6.18 3.74 -0.15
N GLU A 18 5.43 4.75 -0.57
CA GLU A 18 5.25 5.96 0.23
C GLU A 18 4.51 5.64 1.53
N TYR A 19 3.45 4.85 1.43
CA TYR A 19 2.67 4.46 2.59
C TYR A 19 3.54 3.76 3.63
N VAL A 20 4.13 2.63 3.24
CA VAL A 20 4.98 1.88 4.13
C VAL A 20 6.01 2.77 4.80
N HIS A 21 6.68 3.59 4.00
CA HIS A 21 7.70 4.50 4.53
C HIS A 21 7.13 5.38 5.63
N ALA A 22 5.97 5.97 5.37
CA ALA A 22 5.32 6.83 6.34
C ALA A 22 5.06 6.10 7.65
N ARG A 23 4.28 5.02 7.58
CA ARG A 23 3.96 4.23 8.76
C ARG A 23 5.24 3.76 9.46
N LEU A 24 6.20 3.31 8.68
CA LEU A 24 7.47 2.83 9.23
C LEU A 24 8.18 3.94 9.99
N LEU A 25 8.38 5.09 9.34
CA LEU A 25 9.04 6.22 9.97
C LEU A 25 8.17 6.81 11.07
N ARG A 26 6.88 6.50 11.04
CA ARG A 26 5.95 6.99 12.05
C ARG A 26 6.14 6.27 13.37
N ALA A 27 6.23 4.94 13.31
CA ALA A 27 6.42 4.13 14.51
C ALA A 27 7.56 4.66 15.37
N GLY A 28 8.56 5.23 14.71
CA GLY A 28 9.71 5.76 15.43
C GLY A 28 10.87 4.79 15.48
N LEU A 29 11.41 4.46 14.31
CA LEU A 29 12.54 3.55 14.22
C LEU A 29 13.59 4.06 13.24
N SER A 30 14.64 3.27 13.02
CA SER A 30 15.71 3.65 12.11
C SER A 30 15.42 3.15 10.70
N TRP A 31 15.58 4.03 9.72
CA TRP A 31 15.34 3.69 8.32
C TRP A 31 15.90 4.76 7.39
N SER A 32 16.35 4.34 6.22
CA SER A 32 16.90 5.27 5.24
C SER A 32 16.22 5.09 3.88
N ALA A 33 16.36 3.90 3.31
CA ALA A 33 15.76 3.62 2.01
C ALA A 33 16.11 2.20 1.54
N PRO A 34 15.33 1.68 0.60
CA PRO A 34 15.54 0.34 0.05
C PRO A 34 16.81 0.25 -0.80
N GLU A 35 16.95 1.19 -1.73
CA GLU A 35 18.11 1.23 -2.61
C GLU A 35 18.42 2.65 -3.05
N ARG A 36 17.44 3.31 -3.67
CA ARG A 36 17.61 4.67 -4.14
C ARG A 36 16.29 5.43 -4.07
N ALA A 37 16.27 6.63 -4.67
CA ALA A 37 15.07 7.45 -4.68
C ALA A 37 14.74 7.93 -6.09
N ALA A 38 13.80 8.85 -6.19
CA ALA A 38 13.39 9.39 -7.50
C ALA A 38 12.40 10.53 -7.32
N PRO A 39 12.27 11.36 -8.37
CA PRO A 39 11.36 12.51 -8.37
C PRO A 39 9.89 12.09 -8.39
N VAL A 40 9.01 13.06 -8.58
CA VAL A 40 7.57 12.80 -8.62
C VAL A 40 6.79 14.04 -9.02
N PRO A 41 5.85 13.88 -9.96
CA PRO A 41 5.02 14.97 -10.45
C PRO A 41 4.01 15.45 -9.40
N GLY A 42 3.09 16.30 -9.82
CA GLY A 42 2.09 16.83 -8.91
C GLY A 42 0.95 15.84 -8.67
N ARG A 43 0.48 15.21 -9.74
CA ARG A 43 -0.61 14.25 -9.64
C ARG A 43 -0.31 13.20 -8.58
N LEU A 44 0.86 12.58 -8.68
CA LEU A 44 1.27 11.56 -7.72
C LEU A 44 1.34 12.12 -6.31
N ALA A 45 2.06 13.23 -6.14
CA ALA A 45 2.20 13.87 -4.84
C ALA A 45 0.84 14.13 -4.21
N GLU A 46 -0.06 14.74 -4.98
CA GLU A 46 -1.40 15.05 -4.50
C GLU A 46 -2.09 13.80 -3.98
N VAL A 47 -2.13 12.76 -4.81
CA VAL A 47 -2.76 11.49 -4.44
C VAL A 47 -2.10 10.90 -3.20
N ALA A 48 -0.81 10.64 -3.31
CA ALA A 48 -0.05 10.06 -2.19
C ALA A 48 -0.33 10.82 -0.90
N ALA A 49 -0.56 12.13 -1.01
CA ALA A 49 -0.83 12.96 0.15
C ALA A 49 -2.20 12.62 0.76
N VAL A 50 -3.24 12.77 -0.05
CA VAL A 50 -4.60 12.49 0.40
C VAL A 50 -4.68 11.12 1.09
N LEU A 51 -4.05 10.13 0.48
CA LEU A 51 -4.04 8.77 1.03
C LEU A 51 -3.30 8.73 2.34
N LEU A 52 -2.07 9.27 2.35
CA LEU A 52 -1.25 9.29 3.55
C LEU A 52 -2.02 9.86 4.73
N ARG A 53 -2.40 11.14 4.62
CA ARG A 53 -3.15 11.80 5.68
C ARG A 53 -4.40 11.01 6.04
N LEU A 54 -5.10 10.52 5.03
CA LEU A 54 -6.32 9.74 5.24
C LEU A 54 -6.07 8.58 6.21
N GLY A 55 -5.21 7.66 5.80
CA GLY A 55 -4.90 6.52 6.64
C GLY A 55 -4.26 6.92 7.96
N ASP A 56 -3.32 7.86 7.89
CA ASP A 56 -2.64 8.34 9.08
C ASP A 56 -3.62 8.83 10.12
N GLU A 57 -4.42 9.83 9.74
CA GLU A 57 -5.42 10.40 10.64
C GLU A 57 -6.28 9.30 11.27
N LEU A 58 -6.72 8.36 10.44
CA LEU A 58 -7.55 7.25 10.92
C LEU A 58 -6.77 6.36 11.88
N GLU A 59 -5.51 6.10 11.56
CA GLU A 59 -4.66 5.27 12.40
C GLU A 59 -4.37 5.96 13.73
N MET A 60 -4.50 7.28 13.74
CA MET A 60 -4.25 8.06 14.95
C MET A 60 -5.51 8.17 15.80
N ILE A 61 -6.66 8.21 15.13
CA ILE A 61 -7.94 8.32 15.82
C ILE A 61 -8.32 7.00 16.48
N ARG A 62 -8.49 5.96 15.67
CA ARG A 62 -8.86 4.64 16.18
C ARG A 62 -9.05 3.66 15.03
N PRO A 63 -7.94 3.14 14.50
CA PRO A 63 -7.97 2.17 13.40
C PRO A 63 -8.51 0.82 13.82
N SER A 64 -9.47 0.30 13.07
CA SER A 64 -10.07 -0.99 13.36
C SER A 64 -9.00 -2.05 13.55
N VAL A 65 -7.97 -2.00 12.71
CA VAL A 65 -6.88 -2.97 12.78
C VAL A 65 -5.81 -2.65 11.73
N TYR A 66 -4.97 -1.67 12.04
CA TYR A 66 -3.90 -1.27 11.13
C TYR A 66 -2.55 -1.85 11.58
N ARG A 67 -2.60 -2.75 12.55
CA ARG A 67 -1.39 -3.38 13.07
C ARG A 67 -1.73 -4.59 13.93
N ASN A 68 -2.35 -5.59 13.31
CA ASN A 68 -2.73 -6.80 14.03
C ASN A 68 -3.48 -7.76 13.11
N VAL A 69 -4.06 -7.22 12.05
CA VAL A 69 -4.80 -8.04 11.09
C VAL A 69 -4.01 -9.28 10.69
N ALA A 70 -2.72 -9.10 10.42
CA ALA A 70 -1.86 -10.21 10.04
C ALA A 70 -2.02 -11.38 11.00
N ARG A 71 -2.03 -11.09 12.29
CA ARG A 71 -2.17 -12.12 13.32
C ARG A 71 -3.51 -12.84 13.18
N GLN A 72 -4.54 -12.09 12.77
CA GLN A 72 -5.87 -12.66 12.60
C GLN A 72 -5.84 -13.82 11.61
N LEU A 73 -4.83 -13.84 10.75
CA LEU A 73 -4.70 -14.89 9.76
C LEU A 73 -3.30 -15.50 9.81
N HIS A 74 -2.54 -15.17 10.85
CA HIS A 74 -1.19 -15.69 11.01
C HIS A 74 -0.44 -15.66 9.68
N ILE A 75 -0.44 -14.51 9.03
CA ILE A 75 0.25 -14.35 7.76
C ILE A 75 1.67 -14.90 7.82
N SER A 76 2.33 -14.68 8.95
CA SER A 76 3.70 -15.15 9.14
C SER A 76 4.65 -14.47 8.17
N LEU A 77 5.07 -13.25 8.52
CA LEU A 77 5.99 -12.49 7.68
C LEU A 77 7.32 -13.22 7.52
N GLN A 78 7.55 -14.19 8.39
CA GLN A 78 8.79 -14.96 8.35
C GLN A 78 9.07 -15.50 6.94
N SER A 79 7.99 -15.74 6.19
CA SER A 79 8.11 -16.25 4.83
C SER A 79 7.84 -15.14 3.81
N GLU A 80 8.01 -15.47 2.54
CA GLU A 80 7.78 -14.50 1.46
C GLU A 80 6.61 -14.93 0.59
N ARG A 81 6.60 -16.20 0.19
CA ARG A 81 5.54 -16.74 -0.65
C ARG A 81 4.19 -16.72 0.08
N VAL A 82 4.25 -16.86 1.40
CA VAL A 82 3.04 -16.86 2.22
C VAL A 82 2.45 -15.45 2.34
N VAL A 83 3.29 -14.50 2.75
CA VAL A 83 2.86 -13.12 2.90
C VAL A 83 2.31 -12.57 1.59
N THR A 84 3.00 -12.88 0.50
CA THR A 84 2.59 -12.42 -0.82
C THR A 84 1.29 -13.09 -1.26
N ASP A 85 1.28 -14.42 -1.23
CA ASP A 85 0.10 -15.19 -1.62
C ASP A 85 -1.11 -14.78 -0.79
N ALA A 86 -0.96 -14.80 0.53
CA ALA A 86 -2.04 -14.43 1.43
C ALA A 86 -2.55 -13.02 1.14
N PHE A 87 -1.63 -12.06 1.11
CA PHE A 87 -1.99 -10.67 0.85
C PHE A 87 -2.71 -10.55 -0.50
N LEU A 88 -2.09 -11.11 -1.54
CA LEU A 88 -2.66 -11.05 -2.88
C LEU A 88 -4.10 -11.55 -2.87
N ALA A 89 -4.32 -12.68 -2.21
CA ALA A 89 -5.66 -13.27 -2.13
C ALA A 89 -6.64 -12.31 -1.47
N VAL A 90 -6.28 -11.80 -0.30
CA VAL A 90 -7.13 -10.87 0.42
C VAL A 90 -7.39 -9.61 -0.40
N ALA A 91 -6.35 -9.12 -1.07
CA ALA A 91 -6.48 -7.93 -1.89
C ALA A 91 -7.50 -8.12 -3.00
N GLY A 92 -7.22 -9.05 -3.91
CA GLY A 92 -8.13 -9.31 -5.01
C GLY A 92 -9.51 -9.74 -4.53
N HIS A 93 -9.56 -10.35 -3.35
CA HIS A 93 -10.82 -10.80 -2.78
C HIS A 93 -11.70 -9.62 -2.40
N ILE A 94 -11.12 -8.64 -1.71
CA ILE A 94 -11.85 -7.47 -1.30
C ILE A 94 -12.11 -6.52 -2.47
N PHE A 95 -11.19 -6.53 -3.43
CA PHE A 95 -11.33 -5.67 -4.62
C PHE A 95 -12.30 -6.29 -5.61
N SER A 96 -12.44 -7.60 -5.56
CA SER A 96 -13.33 -8.32 -6.47
C SER A 96 -14.79 -7.97 -6.18
N ALA A 97 -15.05 -7.52 -4.96
CA ALA A 97 -16.40 -7.15 -4.55
C ALA A 97 -16.57 -5.64 -4.51
N GLY A 98 -15.45 -4.92 -4.66
CA GLY A 98 -15.50 -3.47 -4.63
C GLY A 98 -14.15 -2.84 -4.89
N ILE A 99 -14.04 -2.11 -6.00
CA ILE A 99 -12.79 -1.47 -6.37
C ILE A 99 -12.80 0.01 -5.97
N THR A 100 -13.88 0.43 -5.32
CA THR A 100 -14.02 1.81 -4.87
C THR A 100 -12.73 2.31 -4.22
N TRP A 101 -12.57 3.63 -4.17
CA TRP A 101 -11.38 4.23 -3.57
C TRP A 101 -11.24 3.82 -2.12
N GLY A 102 -12.34 3.92 -1.36
CA GLY A 102 -12.31 3.55 0.04
C GLY A 102 -11.60 2.23 0.28
N LYS A 103 -11.75 1.30 -0.66
CA LYS A 103 -11.12 -0.01 -0.54
C LYS A 103 -9.60 0.11 -0.65
N VAL A 104 -9.14 0.93 -1.59
CA VAL A 104 -7.71 1.13 -1.80
C VAL A 104 -7.07 1.81 -0.60
N VAL A 105 -7.84 2.66 0.07
CA VAL A 105 -7.35 3.38 1.24
C VAL A 105 -7.12 2.43 2.41
N SER A 106 -8.17 1.69 2.78
CA SER A 106 -8.09 0.75 3.88
C SER A 106 -7.00 -0.30 3.63
N LEU A 107 -7.00 -0.84 2.42
CA LEU A 107 -6.03 -1.86 2.04
C LEU A 107 -4.61 -1.33 2.21
N TYR A 108 -4.33 -0.19 1.60
CA TYR A 108 -3.00 0.42 1.69
C TYR A 108 -2.56 0.54 3.14
N ALA A 109 -3.46 1.02 3.99
CA ALA A 109 -3.16 1.19 5.41
C ALA A 109 -2.73 -0.13 6.04
N VAL A 110 -3.49 -1.19 5.78
CA VAL A 110 -3.19 -2.51 6.32
C VAL A 110 -1.79 -2.96 5.92
N ALA A 111 -1.52 -2.93 4.61
CA ALA A 111 -0.21 -3.32 4.10
C ALA A 111 0.91 -2.62 4.85
N ALA A 112 0.79 -1.31 4.99
CA ALA A 112 1.80 -0.51 5.68
C ALA A 112 2.03 -1.03 7.09
N GLY A 113 0.94 -1.35 7.79
CA GLY A 113 1.05 -1.85 9.15
C GLY A 113 1.88 -3.12 9.23
N LEU A 114 1.56 -4.09 8.39
CA LEU A 114 2.29 -5.36 8.38
C LEU A 114 3.77 -5.14 8.11
N ALA A 115 4.07 -4.36 7.07
CA ALA A 115 5.45 -4.06 6.72
C ALA A 115 6.21 -3.47 7.91
N VAL A 116 5.62 -2.48 8.55
CA VAL A 116 6.24 -1.85 9.72
C VAL A 116 6.58 -2.87 10.79
N ASP A 117 5.57 -3.64 11.20
CA ASP A 117 5.75 -4.66 12.23
C ASP A 117 6.96 -5.53 11.91
N ALA A 118 7.00 -6.05 10.69
CA ALA A 118 8.10 -6.91 10.26
C ALA A 118 9.43 -6.17 10.35
N VAL A 119 9.48 -4.97 9.80
CA VAL A 119 10.70 -4.16 9.82
C VAL A 119 11.28 -4.07 11.23
N ARG A 120 10.40 -3.84 12.21
CA ARG A 120 10.82 -3.72 13.60
C ARG A 120 11.13 -5.09 14.18
N GLN A 121 10.52 -6.13 13.60
CA GLN A 121 10.73 -7.50 14.07
C GLN A 121 11.87 -8.17 13.29
N ALA A 122 12.72 -7.36 12.67
CA ALA A 122 13.83 -7.88 11.89
C ALA A 122 13.34 -8.63 10.66
N GLN A 123 12.66 -7.92 9.77
CA GLN A 123 12.14 -8.53 8.55
C GLN A 123 11.51 -7.47 7.64
N PRO A 124 12.33 -6.53 7.18
CA PRO A 124 11.88 -5.45 6.29
C PRO A 124 11.51 -5.95 4.90
N ALA A 125 11.80 -7.22 4.64
CA ALA A 125 11.51 -7.82 3.35
C ALA A 125 10.04 -7.64 2.98
N MET A 126 9.19 -7.50 4.00
CA MET A 126 7.76 -7.30 3.78
C MET A 126 7.50 -6.05 2.95
N VAL A 127 8.37 -5.06 3.10
CA VAL A 127 8.23 -3.80 2.37
C VAL A 127 8.29 -4.03 0.87
N HIS A 128 9.37 -4.66 0.41
CA HIS A 128 9.55 -4.94 -1.00
C HIS A 128 8.55 -5.99 -1.48
N ALA A 129 8.29 -6.98 -0.64
CA ALA A 129 7.35 -8.05 -0.98
C ALA A 129 5.95 -7.48 -1.19
N LEU A 130 5.48 -6.70 -0.22
CA LEU A 130 4.16 -6.10 -0.28
C LEU A 130 4.04 -5.17 -1.49
N VAL A 131 4.95 -4.21 -1.58
CA VAL A 131 4.95 -3.26 -2.69
C VAL A 131 4.90 -3.97 -4.03
N ASP A 132 5.68 -5.04 -4.16
CA ASP A 132 5.72 -5.82 -5.39
C ASP A 132 4.36 -6.43 -5.69
N ALA A 133 3.81 -7.15 -4.72
CA ALA A 133 2.51 -7.78 -4.87
C ALA A 133 1.43 -6.76 -5.21
N LEU A 134 1.38 -5.68 -4.45
CA LEU A 134 0.40 -4.63 -4.67
C LEU A 134 0.46 -4.11 -6.11
N GLY A 135 1.65 -3.69 -6.53
CA GLY A 135 1.82 -3.19 -7.87
C GLY A 135 1.33 -4.17 -8.92
N GLU A 136 1.91 -5.37 -8.93
CA GLU A 136 1.53 -6.40 -9.89
C GLU A 136 0.02 -6.66 -9.84
N PHE A 137 -0.56 -6.48 -8.65
CA PHE A 137 -1.99 -6.71 -8.47
C PHE A 137 -2.79 -5.50 -8.94
N VAL A 138 -2.14 -4.34 -8.99
CA VAL A 138 -2.80 -3.12 -9.43
C VAL A 138 -2.80 -3.01 -10.94
N ARG A 139 -1.77 -3.56 -11.58
CA ARG A 139 -1.65 -3.52 -13.02
C ARG A 139 -2.26 -4.76 -13.65
N LYS A 140 -3.04 -5.50 -12.86
CA LYS A 140 -3.69 -6.71 -13.34
C LYS A 140 -5.16 -6.74 -12.93
N THR A 141 -5.42 -6.48 -11.65
CA THR A 141 -6.78 -6.47 -11.14
C THR A 141 -7.38 -5.07 -11.18
N LEU A 142 -6.53 -4.06 -11.04
CA LEU A 142 -6.97 -2.68 -11.07
C LEU A 142 -6.60 -2.00 -12.38
N ALA A 143 -5.87 -2.73 -13.23
CA ALA A 143 -5.45 -2.21 -14.52
C ALA A 143 -6.64 -1.64 -15.30
N THR A 144 -7.67 -2.46 -15.46
CA THR A 144 -8.87 -2.04 -16.17
C THR A 144 -9.57 -0.89 -15.46
N TRP A 145 -9.89 -1.10 -14.19
CA TRP A 145 -10.56 -0.09 -13.39
C TRP A 145 -9.84 1.25 -13.49
N LEU A 146 -8.58 1.28 -13.05
CA LEU A 146 -7.79 2.50 -13.10
C LEU A 146 -7.73 3.07 -14.51
N ARG A 147 -7.68 2.17 -15.50
CA ARG A 147 -7.63 2.58 -16.89
C ARG A 147 -8.91 3.29 -17.31
N ARG A 148 -10.05 2.77 -16.84
CA ARG A 148 -11.34 3.36 -17.16
C ARG A 148 -11.51 4.71 -16.47
N ARG A 149 -10.90 4.85 -15.29
CA ARG A 149 -10.99 6.09 -14.54
C ARG A 149 -10.02 7.14 -15.09
N GLY A 150 -9.00 6.67 -15.81
CA GLY A 150 -8.03 7.57 -16.38
C GLY A 150 -6.85 7.84 -15.45
N GLY A 151 -7.13 7.87 -14.15
CA GLY A 151 -6.09 8.12 -13.17
C GLY A 151 -6.62 8.22 -11.76
N TRP A 152 -5.72 8.42 -10.80
CA TRP A 152 -6.12 8.53 -9.40
C TRP A 152 -6.62 9.93 -9.08
N THR A 153 -6.57 10.82 -10.07
CA THR A 153 -7.02 12.19 -9.90
C THR A 153 -8.42 12.24 -9.29
N ASP A 154 -9.16 11.15 -9.44
CA ASP A 154 -10.52 11.07 -8.91
C ASP A 154 -10.55 11.44 -7.43
N VAL A 155 -9.65 10.84 -6.66
CA VAL A 155 -9.57 11.11 -5.22
C VAL A 155 -9.07 12.53 -4.97
N LEU A 156 -8.61 13.19 -6.02
CA LEU A 156 -8.11 14.56 -5.89
C LEU A 156 -9.21 15.57 -6.24
N LYS A 157 -10.36 15.06 -6.65
CA LYS A 157 -11.49 15.91 -7.01
C LYS A 157 -12.57 15.86 -5.94
N CYS A 158 -12.62 14.77 -5.19
CA CYS A 158 -13.59 14.60 -4.13
C CYS A 158 -13.39 15.64 -3.03
N PRO A 3 3.50 2.53 -21.93
CA PRO A 3 3.27 3.81 -21.24
C PRO A 3 2.04 3.77 -20.35
N THR A 4 0.93 3.28 -20.89
CA THR A 4 -0.31 3.19 -20.15
C THR A 4 -0.10 2.50 -18.81
N ASP A 5 0.21 1.21 -18.85
CA ASP A 5 0.45 0.44 -17.64
C ASP A 5 1.53 1.08 -16.78
N LYS A 6 2.58 1.57 -17.43
CA LYS A 6 3.68 2.22 -16.74
C LYS A 6 3.17 3.27 -15.75
N GLU A 7 2.14 4.00 -16.15
CA GLU A 7 1.56 5.03 -15.31
C GLU A 7 0.97 4.43 -14.04
N LEU A 8 0.30 3.30 -14.19
CA LEU A 8 -0.33 2.61 -13.06
C LEU A 8 0.73 2.04 -12.13
N VAL A 9 1.53 1.11 -12.64
CA VAL A 9 2.58 0.47 -11.85
C VAL A 9 3.43 1.53 -11.14
N ALA A 10 3.84 2.56 -11.87
CA ALA A 10 4.64 3.63 -11.30
C ALA A 10 3.89 4.36 -10.20
N GLN A 11 2.62 4.66 -10.46
CA GLN A 11 1.79 5.36 -9.50
C GLN A 11 1.57 4.52 -8.24
N ALA A 12 0.94 3.36 -8.42
CA ALA A 12 0.68 2.47 -7.31
C ALA A 12 1.93 2.24 -6.47
N LYS A 13 3.05 2.00 -7.14
CA LYS A 13 4.32 1.77 -6.46
C LYS A 13 4.72 2.99 -5.63
N ALA A 14 4.64 4.17 -6.24
CA ALA A 14 4.99 5.40 -5.55
C ALA A 14 4.15 5.58 -4.28
N LEU A 15 2.84 5.47 -4.42
CA LEU A 15 1.93 5.61 -3.29
C LEU A 15 2.29 4.64 -2.18
N GLY A 16 2.23 3.35 -2.49
CA GLY A 16 2.56 2.34 -1.49
C GLY A 16 3.94 2.53 -0.89
N ARG A 17 4.94 2.70 -1.75
CA ARG A 17 6.31 2.89 -1.30
C ARG A 17 6.37 3.95 -0.21
N GLU A 18 5.98 5.17 -0.55
CA GLU A 18 5.99 6.28 0.40
C GLU A 18 5.10 5.98 1.60
N TYR A 19 4.09 5.16 1.38
CA TYR A 19 3.16 4.80 2.44
C TYR A 19 3.89 4.07 3.58
N VAL A 20 4.40 2.89 3.27
CA VAL A 20 5.13 2.10 4.26
C VAL A 20 6.31 2.87 4.83
N HIS A 21 7.08 3.51 3.95
CA HIS A 21 8.23 4.29 4.36
C HIS A 21 7.86 5.29 5.45
N ALA A 22 6.81 6.06 5.21
CA ALA A 22 6.34 7.04 6.17
C ALA A 22 5.92 6.39 7.48
N ARG A 23 4.93 5.50 7.40
CA ARG A 23 4.43 4.80 8.58
C ARG A 23 5.58 4.16 9.36
N LEU A 24 6.60 3.70 8.63
CA LEU A 24 7.75 3.06 9.25
C LEU A 24 8.65 4.10 9.91
N LEU A 25 9.23 4.98 9.09
CA LEU A 25 10.12 6.02 9.60
C LEU A 25 9.45 6.81 10.71
N ARG A 26 8.12 6.91 10.65
CA ARG A 26 7.36 7.65 11.65
C ARG A 26 7.02 6.75 12.84
N ALA A 27 6.91 5.45 12.57
CA ALA A 27 6.60 4.48 13.61
C ALA A 27 7.54 4.61 14.79
N GLY A 28 8.76 5.08 14.52
CA GLY A 28 9.74 5.25 15.58
C GLY A 28 10.62 4.03 15.74
N LEU A 29 11.22 3.58 14.65
CA LEU A 29 12.10 2.42 14.68
C LEU A 29 13.40 2.70 13.93
N SER A 30 14.22 1.66 13.76
CA SER A 30 15.50 1.79 13.07
C SER A 30 15.43 1.15 11.69
N TRP A 31 15.27 1.99 10.67
CA TRP A 31 15.19 1.51 9.29
C TRP A 31 16.55 1.58 8.60
N SER A 32 17.05 0.43 8.16
CA SER A 32 18.34 0.37 7.50
C SER A 32 18.19 -0.06 6.04
N ALA A 33 18.34 0.90 5.13
CA ALA A 33 18.22 0.62 3.71
C ALA A 33 18.48 1.88 2.88
N PRO A 34 18.64 1.70 1.56
CA PRO A 34 18.91 2.80 0.63
C PRO A 34 17.68 3.71 0.45
N GLU A 35 16.54 3.26 0.96
CA GLU A 35 15.30 4.02 0.85
C GLU A 35 15.00 4.37 -0.60
N ARG A 36 14.19 3.53 -1.24
CA ARG A 36 13.81 3.75 -2.64
C ARG A 36 13.36 5.19 -2.86
N ALA A 37 12.08 5.45 -2.62
CA ALA A 37 11.52 6.79 -2.79
C ALA A 37 11.72 7.27 -4.22
N ALA A 38 11.08 8.39 -4.55
CA ALA A 38 11.18 8.97 -5.88
C ALA A 38 10.31 10.21 -6.01
N PRO A 39 10.63 11.06 -7.00
CA PRO A 39 9.89 12.30 -7.26
C PRO A 39 8.49 12.04 -7.81
N VAL A 40 7.65 13.07 -7.80
CA VAL A 40 6.29 12.95 -8.30
C VAL A 40 5.70 14.32 -8.62
N PRO A 41 4.90 14.39 -9.69
CA PRO A 41 4.25 15.63 -10.12
C PRO A 41 3.16 16.08 -9.16
N GLY A 42 2.32 17.01 -9.62
CA GLY A 42 1.25 17.52 -8.78
C GLY A 42 0.16 16.48 -8.57
N ARG A 43 -0.32 15.90 -9.66
CA ARG A 43 -1.37 14.89 -9.59
C ARG A 43 -0.95 13.72 -8.70
N LEU A 44 0.16 13.10 -9.05
CA LEU A 44 0.68 11.97 -8.28
C LEU A 44 0.86 12.34 -6.81
N ALA A 45 1.69 13.35 -6.56
CA ALA A 45 1.95 13.80 -5.20
C ALA A 45 0.65 14.10 -4.47
N GLU A 46 -0.33 14.66 -5.18
CA GLU A 46 -1.62 14.99 -4.59
C GLU A 46 -2.30 13.74 -4.04
N VAL A 47 -2.42 12.72 -4.88
CA VAL A 47 -3.06 11.47 -4.46
C VAL A 47 -2.31 10.84 -3.29
N ALA A 48 -1.00 10.69 -3.43
CA ALA A 48 -0.17 10.11 -2.39
C ALA A 48 -0.41 10.81 -1.05
N ALA A 49 -0.48 12.14 -1.08
CA ALA A 49 -0.71 12.92 0.13
C ALA A 49 -2.07 12.60 0.74
N VAL A 50 -3.12 12.71 -0.07
CA VAL A 50 -4.48 12.43 0.39
C VAL A 50 -4.55 11.10 1.14
N LEU A 51 -3.88 10.09 0.57
CA LEU A 51 -3.87 8.76 1.18
C LEU A 51 -3.08 8.77 2.49
N LEU A 52 -1.91 9.38 2.47
CA LEU A 52 -1.07 9.46 3.66
C LEU A 52 -1.84 10.05 4.83
N ARG A 53 -2.31 11.28 4.66
CA ARG A 53 -3.06 11.96 5.71
C ARG A 53 -4.30 11.16 6.10
N LEU A 54 -5.01 10.66 5.10
CA LEU A 54 -6.21 9.87 5.34
C LEU A 54 -5.92 8.69 6.28
N GLY A 55 -5.07 7.78 5.82
CA GLY A 55 -4.72 6.63 6.63
C GLY A 55 -4.07 7.02 7.94
N ASP A 56 -3.15 7.97 7.88
CA ASP A 56 -2.45 8.44 9.07
C ASP A 56 -3.44 8.91 10.13
N GLU A 57 -4.26 9.89 9.76
CA GLU A 57 -5.25 10.44 10.68
C GLU A 57 -6.07 9.34 11.33
N LEU A 58 -6.55 8.40 10.51
CA LEU A 58 -7.34 7.28 11.00
C LEU A 58 -6.53 6.41 11.95
N GLU A 59 -5.29 6.11 11.54
CA GLU A 59 -4.40 5.28 12.36
C GLU A 59 -4.04 5.98 13.66
N MET A 60 -4.19 7.31 13.67
CA MET A 60 -3.87 8.10 14.85
C MET A 60 -5.08 8.22 15.77
N ILE A 61 -6.27 8.22 15.18
CA ILE A 61 -7.51 8.33 15.94
C ILE A 61 -7.83 7.02 16.64
N ARG A 62 -8.04 5.96 15.87
CA ARG A 62 -8.36 4.65 16.42
C ARG A 62 -8.62 3.64 15.31
N PRO A 63 -7.54 3.14 14.69
CA PRO A 63 -7.62 2.17 13.61
C PRO A 63 -8.08 0.80 14.10
N SER A 64 -8.93 0.15 13.30
CA SER A 64 -9.47 -1.16 13.65
C SER A 64 -8.33 -2.18 13.78
N VAL A 65 -7.53 -2.30 12.73
CA VAL A 65 -6.42 -3.24 12.73
C VAL A 65 -5.33 -2.80 11.74
N TYR A 66 -4.70 -1.67 12.04
CA TYR A 66 -3.65 -1.15 11.19
C TYR A 66 -2.27 -1.64 11.63
N ARG A 67 -2.27 -2.73 12.40
CA ARG A 67 -1.02 -3.31 12.90
C ARG A 67 -1.30 -4.55 13.73
N ASN A 68 -2.01 -5.51 13.15
CA ASN A 68 -2.34 -6.75 13.84
C ASN A 68 -3.19 -7.66 12.96
N VAL A 69 -3.93 -7.05 12.04
CA VAL A 69 -4.79 -7.81 11.14
C VAL A 69 -4.07 -9.04 10.59
N ALA A 70 -2.79 -8.87 10.26
CA ALA A 70 -1.99 -9.97 9.74
C ALA A 70 -2.14 -11.22 10.58
N ARG A 71 -2.03 -11.06 11.90
CA ARG A 71 -2.15 -12.17 12.83
C ARG A 71 -3.52 -12.82 12.71
N GLN A 72 -4.53 -12.00 12.45
CA GLN A 72 -5.90 -12.50 12.32
C GLN A 72 -6.00 -13.53 11.20
N LEU A 73 -5.05 -13.50 10.28
CA LEU A 73 -5.02 -14.43 9.16
C LEU A 73 -3.73 -15.23 9.14
N HIS A 74 -2.93 -15.09 10.19
CA HIS A 74 -1.65 -15.79 10.30
C HIS A 74 -0.86 -15.69 9.00
N ILE A 75 -0.82 -14.47 8.45
CA ILE A 75 -0.09 -14.23 7.20
C ILE A 75 1.32 -14.81 7.28
N SER A 76 1.94 -14.69 8.44
CA SER A 76 3.30 -15.19 8.64
C SER A 76 4.30 -14.43 7.78
N LEU A 77 4.73 -13.27 8.28
CA LEU A 77 5.69 -12.45 7.55
C LEU A 77 7.06 -13.11 7.49
N GLN A 78 7.22 -14.19 8.25
CA GLN A 78 8.48 -14.92 8.29
C GLN A 78 8.95 -15.26 6.87
N SER A 79 8.03 -15.74 6.04
CA SER A 79 8.34 -16.10 4.67
C SER A 79 8.01 -14.97 3.71
N GLU A 80 8.05 -15.25 2.42
CA GLU A 80 7.75 -14.25 1.40
C GLU A 80 6.57 -14.70 0.54
N ARG A 81 6.65 -15.90 0.01
CA ARG A 81 5.59 -16.45 -0.84
C ARG A 81 4.27 -16.54 -0.07
N VAL A 82 4.38 -16.60 1.26
CA VAL A 82 3.19 -16.69 2.11
C VAL A 82 2.53 -15.33 2.27
N VAL A 83 3.34 -14.30 2.49
CA VAL A 83 2.83 -12.95 2.66
C VAL A 83 2.32 -12.38 1.33
N THR A 84 3.00 -12.73 0.24
CA THR A 84 2.62 -12.27 -1.08
C THR A 84 1.34 -12.96 -1.57
N ASP A 85 1.33 -14.29 -1.47
CA ASP A 85 0.18 -15.08 -1.89
C ASP A 85 -1.05 -14.74 -1.05
N ALA A 86 -0.86 -14.76 0.27
CA ALA A 86 -1.96 -14.46 1.19
C ALA A 86 -2.51 -13.06 0.96
N PHE A 87 -1.62 -12.07 0.94
CA PHE A 87 -2.02 -10.68 0.72
C PHE A 87 -2.73 -10.53 -0.62
N LEU A 88 -2.12 -11.05 -1.67
CA LEU A 88 -2.69 -10.97 -3.01
C LEU A 88 -4.10 -11.54 -3.04
N ALA A 89 -4.27 -12.71 -2.41
CA ALA A 89 -5.58 -13.35 -2.36
C ALA A 89 -6.61 -12.46 -1.69
N VAL A 90 -6.29 -11.99 -0.50
CA VAL A 90 -7.19 -11.12 0.25
C VAL A 90 -7.52 -9.86 -0.54
N ALA A 91 -6.51 -9.27 -1.16
CA ALA A 91 -6.70 -8.06 -1.96
C ALA A 91 -7.72 -8.28 -3.06
N GLY A 92 -7.42 -9.22 -3.96
CA GLY A 92 -8.32 -9.52 -5.06
C GLY A 92 -9.67 -10.04 -4.59
N HIS A 93 -9.67 -10.64 -3.39
CA HIS A 93 -10.90 -11.18 -2.82
C HIS A 93 -11.86 -10.07 -2.42
N ILE A 94 -11.31 -9.00 -1.82
CA ILE A 94 -12.11 -7.87 -1.40
C ILE A 94 -12.49 -6.98 -2.57
N PHE A 95 -11.57 -6.89 -3.54
CA PHE A 95 -11.81 -6.06 -4.72
C PHE A 95 -12.62 -6.83 -5.76
N SER A 96 -12.68 -8.14 -5.60
CA SER A 96 -13.42 -8.99 -6.54
C SER A 96 -14.86 -8.52 -6.67
N ALA A 97 -15.43 -8.04 -5.56
CA ALA A 97 -16.80 -7.57 -5.55
C ALA A 97 -16.87 -6.06 -5.80
N GLY A 98 -15.79 -5.52 -6.37
CA GLY A 98 -15.73 -4.10 -6.65
C GLY A 98 -14.48 -3.45 -6.11
N ILE A 99 -13.82 -2.66 -6.97
CA ILE A 99 -12.59 -1.98 -6.57
C ILE A 99 -12.89 -0.85 -5.59
N THR A 100 -13.55 0.20 -6.07
CA THR A 100 -13.89 1.33 -5.24
C THR A 100 -12.64 2.03 -4.72
N TRP A 101 -12.78 3.29 -4.32
CA TRP A 101 -11.67 4.06 -3.79
C TRP A 101 -11.44 3.75 -2.31
N GLY A 102 -12.52 3.69 -1.55
CA GLY A 102 -12.42 3.41 -0.14
C GLY A 102 -11.60 2.16 0.15
N LYS A 103 -11.96 1.05 -0.48
CA LYS A 103 -11.26 -0.21 -0.29
C LYS A 103 -9.76 -0.02 -0.53
N VAL A 104 -9.41 0.87 -1.45
CA VAL A 104 -8.01 1.14 -1.77
C VAL A 104 -7.30 1.78 -0.58
N VAL A 105 -7.84 2.90 -0.11
CA VAL A 105 -7.25 3.62 1.02
C VAL A 105 -7.02 2.68 2.20
N SER A 106 -8.06 1.94 2.58
CA SER A 106 -7.97 1.01 3.70
C SER A 106 -6.91 -0.06 3.43
N LEU A 107 -6.95 -0.64 2.24
CA LEU A 107 -5.99 -1.68 1.86
C LEU A 107 -4.56 -1.18 2.06
N TYR A 108 -4.25 -0.04 1.48
CA TYR A 108 -2.91 0.53 1.60
C TYR A 108 -2.49 0.67 3.06
N ALA A 109 -3.38 1.26 3.86
CA ALA A 109 -3.11 1.44 5.29
C ALA A 109 -2.70 0.13 5.95
N VAL A 110 -3.46 -0.93 5.67
CA VAL A 110 -3.17 -2.24 6.23
C VAL A 110 -1.78 -2.72 5.84
N ALA A 111 -1.49 -2.68 4.54
CA ALA A 111 -0.20 -3.11 4.04
C ALA A 111 0.94 -2.43 4.80
N ALA A 112 0.79 -1.13 5.03
CA ALA A 112 1.80 -0.35 5.73
C ALA A 112 1.98 -0.87 7.15
N GLY A 113 0.87 -1.18 7.82
CA GLY A 113 0.94 -1.68 9.17
C GLY A 113 1.71 -2.99 9.28
N LEU A 114 1.52 -3.87 8.30
CA LEU A 114 2.21 -5.15 8.29
C LEU A 114 3.69 -4.98 8.01
N ALA A 115 4.02 -4.08 7.09
CA ALA A 115 5.41 -3.81 6.74
C ALA A 115 6.18 -3.25 7.93
N VAL A 116 5.64 -2.20 8.54
CA VAL A 116 6.28 -1.57 9.69
C VAL A 116 6.47 -2.57 10.82
N ASP A 117 5.42 -3.34 11.10
CA ASP A 117 5.47 -4.34 12.17
C ASP A 117 6.64 -5.30 11.96
N ALA A 118 6.69 -5.90 10.78
CA ALA A 118 7.76 -6.84 10.45
C ALA A 118 9.13 -6.19 10.60
N VAL A 119 9.28 -4.99 10.06
CA VAL A 119 10.53 -4.26 10.14
C VAL A 119 11.05 -4.19 11.58
N ARG A 120 10.16 -3.79 12.48
CA ARG A 120 10.52 -3.68 13.89
C ARG A 120 10.83 -5.05 14.49
N GLN A 121 10.20 -6.09 13.94
CA GLN A 121 10.40 -7.44 14.40
C GLN A 121 11.51 -8.14 13.62
N ALA A 122 12.36 -7.34 12.97
CA ALA A 122 13.45 -7.87 12.18
C ALA A 122 12.94 -8.62 10.95
N GLN A 123 12.25 -7.89 10.07
CA GLN A 123 11.71 -8.47 8.85
C GLN A 123 11.24 -7.39 7.89
N PRO A 124 12.18 -6.55 7.44
CA PRO A 124 11.88 -5.46 6.51
C PRO A 124 11.52 -5.96 5.12
N ALA A 125 11.71 -7.26 4.89
CA ALA A 125 11.40 -7.86 3.61
C ALA A 125 9.95 -7.63 3.22
N MET A 126 9.10 -7.41 4.22
CA MET A 126 7.69 -7.18 3.99
C MET A 126 7.47 -5.88 3.20
N VAL A 127 8.40 -4.94 3.38
CA VAL A 127 8.31 -3.65 2.69
C VAL A 127 8.29 -3.84 1.17
N HIS A 128 9.37 -4.42 0.64
CA HIS A 128 9.48 -4.66 -0.80
C HIS A 128 8.49 -5.73 -1.24
N ALA A 129 8.27 -6.72 -0.38
CA ALA A 129 7.34 -7.81 -0.69
C ALA A 129 5.93 -7.28 -0.90
N LEU A 130 5.40 -6.59 0.11
CA LEU A 130 4.06 -6.04 0.05
C LEU A 130 3.94 -5.06 -1.12
N VAL A 131 4.83 -4.08 -1.17
CA VAL A 131 4.83 -3.09 -2.22
C VAL A 131 4.77 -3.74 -3.60
N ASP A 132 5.56 -4.79 -3.78
CA ASP A 132 5.60 -5.52 -5.05
C ASP A 132 4.25 -6.14 -5.36
N ALA A 133 3.72 -6.92 -4.41
CA ALA A 133 2.43 -7.57 -4.58
C ALA A 133 1.33 -6.55 -4.88
N LEU A 134 1.23 -5.54 -4.02
CA LEU A 134 0.23 -4.50 -4.20
C LEU A 134 0.27 -3.92 -5.60
N GLY A 135 1.43 -3.40 -5.99
CA GLY A 135 1.59 -2.82 -7.30
C GLY A 135 1.11 -3.75 -8.40
N GLU A 136 1.70 -4.94 -8.46
CA GLU A 136 1.33 -5.92 -9.48
C GLU A 136 -0.18 -6.15 -9.49
N PHE A 137 -0.75 -6.32 -8.31
CA PHE A 137 -2.18 -6.56 -8.17
C PHE A 137 -2.98 -5.35 -8.66
N VAL A 138 -2.35 -4.17 -8.62
CA VAL A 138 -3.00 -2.95 -9.07
C VAL A 138 -2.96 -2.83 -10.59
N ARG A 139 -1.90 -3.36 -11.20
CA ARG A 139 -1.74 -3.31 -12.64
C ARG A 139 -2.18 -4.62 -13.28
N LYS A 140 -2.65 -5.55 -12.46
CA LYS A 140 -3.10 -6.85 -12.94
C LYS A 140 -4.61 -7.01 -12.74
N THR A 141 -5.06 -6.86 -11.50
CA THR A 141 -6.47 -6.99 -11.17
C THR A 141 -7.19 -5.65 -11.30
N LEU A 142 -6.66 -4.63 -10.63
CA LEU A 142 -7.26 -3.31 -10.67
C LEU A 142 -6.83 -2.56 -11.93
N ALA A 143 -5.95 -3.17 -12.71
CA ALA A 143 -5.47 -2.57 -13.94
C ALA A 143 -6.63 -2.02 -14.78
N THR A 144 -7.63 -2.86 -15.02
CA THR A 144 -8.79 -2.46 -15.81
C THR A 144 -9.50 -1.28 -15.16
N TRP A 145 -9.81 -1.42 -13.87
CA TRP A 145 -10.50 -0.36 -13.13
C TRP A 145 -9.78 0.97 -13.30
N LEU A 146 -8.52 1.02 -12.89
CA LEU A 146 -7.73 2.23 -12.99
C LEU A 146 -7.55 2.64 -14.45
N ARG A 147 -7.67 1.68 -15.36
CA ARG A 147 -7.52 1.93 -16.78
C ARG A 147 -8.77 2.60 -17.34
N ARG A 148 -9.92 2.29 -16.76
CA ARG A 148 -11.19 2.86 -17.21
C ARG A 148 -11.41 4.24 -16.58
N ARG A 149 -10.87 4.44 -15.39
CA ARG A 149 -11.02 5.71 -14.69
C ARG A 149 -10.03 6.74 -15.23
N GLY A 150 -8.98 6.26 -15.88
CA GLY A 150 -7.97 7.15 -16.44
C GLY A 150 -6.84 7.42 -15.47
N GLY A 151 -7.16 7.50 -14.18
CA GLY A 151 -6.15 7.76 -13.17
C GLY A 151 -6.74 7.91 -11.79
N TRP A 152 -5.88 8.19 -10.81
CA TRP A 152 -6.32 8.35 -9.43
C TRP A 152 -6.88 9.74 -9.20
N THR A 153 -6.83 10.58 -10.23
CA THR A 153 -7.33 11.95 -10.14
C THR A 153 -8.75 11.98 -9.57
N ASP A 154 -9.46 10.86 -9.70
CA ASP A 154 -10.81 10.76 -9.19
C ASP A 154 -10.88 11.17 -7.72
N VAL A 155 -9.99 10.60 -6.92
CA VAL A 155 -9.96 10.90 -5.48
C VAL A 155 -9.48 12.34 -5.24
N LEU A 156 -8.96 12.97 -6.29
CA LEU A 156 -8.48 14.34 -6.20
C LEU A 156 -9.60 15.33 -6.44
N LYS A 157 -10.76 14.82 -6.84
CA LYS A 157 -11.92 15.67 -7.10
C LYS A 157 -12.52 16.19 -5.80
N CYS A 158 -12.34 15.43 -4.72
CA CYS A 158 -12.87 15.81 -3.42
C CYS A 158 -11.73 16.14 -2.46
#